data_4XMN
#
_entry.id   4XMN
#
_cell.length_a   117.130
_cell.length_b   179.950
_cell.length_c   441.180
_cell.angle_alpha   90.00
_cell.angle_beta   90.00
_cell.angle_gamma   90.00
#
_symmetry.space_group_name_H-M   'P 21 21 21'
#
loop_
_entity.id
_entity.type
_entity.pdbx_description
1 polymer 'Protein transport protein SEC13'
2 polymer 'Nucleoporin NUP145'
3 polymer 'Nucleoporin NUP84'
4 polymer 'Nucleoporin NUP120'
5 polymer 'Nucleoporin NUP85'
6 polymer 'Antibody 87 light chain'
7 polymer 'Antibody 87 heavy chain'
#
loop_
_entity_poly.entity_id
_entity_poly.type
_entity_poly.pdbx_seq_one_letter_code
_entity_poly.pdbx_strand_id
1 'polypeptide(L)'
;(MSE)VVIANAHNELIHDAVLDYYGKRLATCSSDKTIKIFEVEGETHKLIDTLTGHEGPVWRVDWAHPKFGTILASCSYD
GKVLIWKEENGRWSQIAVHAVHSASVNSVQWAPHEYGPLLLVASSDGKVSVVEFKENGTTSPIIIDAHAIGVNSASWAPA
TIEEDGEHNGTKESRKFVTGGADNLVKIWKYNSDAQTYVLESTLEGHSDWVRDVAWSPTVLLRSYLASVSQDRTCIIWTQ
DNEQGPWKKTLLKEEKFPDVLWRASWSLSGNVLALSGGDNKVTLWKENLEGKWEPAGEVHQ
;
A
2 'polypeptide(L)'
;(MSE)GSSHHHHHHSDQPDADFEGIEASPKLDVSKDWVEQLILAGSSLRSVFATSKEFDGPCQNEIDLLFSECNDEIDNA
KLI(MSE)KERRFTASYTFAKFSTGS(MSE)LLTKDIVGKSGVSIKRLPTELQRKFLFDDVYLDKEIEKVTIEARKSNPY
PQISESSLLFKDALDY(MSE)EKTSSDYNLWKLSSILFDPVSYPYKTDNDQVK(MSE)ALLKKERHCRLTSWIVSQIGPE
IEEKIRNSSNEIEQIFLYLLLNDVVRASKLAIESKNGHLSVLISYLGSNDPRIRDLAELQLQKWSTGGCSIDKNISKIYK
LLSGSPFEGLFSLKELESEFSWLCLLNLTLCYGQIDEYSLESLVQSHLDKFSLPYDDPIGVIFQLYAANENTEKLYKEVR
QRTNALDVQFCWYLIQTLRFNGTRVFSKETSDEATFAFAAQLEFAQLHGHSLFVSCFLNDDKAAEDTIKRLV(MSE)REI
TLLRASTNDHILNRLKIPSQLIFNAQALKDRYEGNYLSEVQNLLLGSSYDLAE(MSE)AIVTSLGPRLLLSNNPVQNNEL
KTLREILNEFPDSERDKWSVSINVFEVYLKLVLDNVETQETIDSLISG(MSE)KIFYDQYKHCREVAACCNV(MSE)SQE
IVSKILEKNNPSIGDSKAKLLELPLGQPEKAYLRGEFAQDL(MSE)KCTYKI
;
B
3 'polypeptide(L)'
;GPH(MSE)ELSPTYQTERFTKFSDTLKEFKIEQNNEQNPIDPFNIIREFRSAAGQLALDLANSGDESNVISSKDWELEAR
FWHLVELLLVFRNADLDLDE(MSE)ELHPYNSRGLFEKKL(MSE)QDNKQLYQIWIV(MSE)VWLKENTYV(MSE)ERPK
NVPTSKWLNSITSGGLKSCDLDFPLRENTNVLDVKDKEEDHIFFKYIYELILAGAIDEALEEAKLSDNISIC(MSE)ILC
GIQEYLNPVIDTQIANEFNTQQGIKKHSLWRRTVYSLSQQAGLDPYERAIYSYLSGAIPNQEVLQYSDWESDLHIHLNQI
LQTEIENYLLENNQVGTDELILPLPSHALTVQEVLNRVASRHPSESEHPIRVL(MSE)ASVILDSLPSVIHSSVE(MSE)
LLDVVKGTEASNDIIDKPYLLRIVTHLAICLDIINPGSVEEVDKSKLITTYISLLKLQGLYENIPIYATFLNESDCLEAC
SFILSS
;
F
4 'polypeptide(L)'
;MHHHHHHSMACLSRIDANLLQYYEKPEPNNTVDLYVSNNSNNNGLKEGDKSISTPVPQPYGSEYSNCLLLSNSEYICYHF
SSRSTLLTFYPLSDAYHGKTINIHLPNASMNQRYTLTIQEVEQQLLVNVILKDGSFLTLQLPLSFLFSSANTLNGEWFHL
QNPYDFTVRVPHFLFYVSPQFSVVFLEDGGLLGLKKVDGVHYEPLLFNDNSYLKSLTRFFSRSSKSDYDSVISCKLFHER
YLIVLTQNCHLKIWDLTSFTLIQDYDMVSQSDSDPSHFRKVEAVGEYLSLYNNTLVTLLPLENGLFQMGTLLVDSSGILT
YTFQNNIPTNLSASAIWSIVDLVLTRPLELNVEASYLNLIVLWKSGTASKLQILNVNDESFKNYEWIESVNKSLVDLQSE
HDLDIVTKTGDVERGFCNLKSRYGTQIFERAQQILSENKIIMAHNEDEEYLANLETILRDVKTAFNEASSITLYGDEIIL
VNCFQPYNHSLYKLNTTVENWFYNMHSETDGSELFKYLRTLNGFASTLSNDVLRSISKKFLDIITGELPDSMTTVEKFTD
IFKNCLENQFEITNLKILFDELNSFDIPVVLNDLINNQMKPGIFWKKDFISAIKFDGFTSIISLESLHQLLSIHYRITLQ
VLLTFVLFDLDTEIFGQHISTLLDLHYKQFLLLNLYRQDKCLLAEVLLKDSSEFSFGVKFFNYGQLIAYIDSLNSNVYNA
SITENSFFMTFFRSYIIENTSHKNIRFFLENVECPFYLRHNEVQEFMFAMTLFSCGNFDQSYEIFQLHDYPEAINDKLPT
FLEDLKSENYHGDSIWKDLLCTFTVPYRHSAFYYQLSLLFDRNNSQEFALKCISKSAEYSLKEIQIEELQDFKEKQHIHY
LNLLIHFRMFEEVLDVLRLGHECLSDTVRTNFLQLLLQEDIYSRDFFSTLLRLCNAHSDNGELYLRTVDIKIVDSILSQN
LRSGDWECFKKLYCFRMLNKSERAAAEVLYQYILMQADLDVIRKRKCYLMVINVLSSFDSAYDQWILNGSKVVTLTDLRD
ELRGL
;
E
5 'polypeptide(L)'
;(MSE)GSSHHHHHHSDQPLSYQN(MSE)AFITAKDKYKLYPVRIPRLDTSKEFSAYVSGLFEIYRDLGDDRVFNVPTIGV
VNSNFAKEHNATVNLA(MSE)EAILNELEVFIGRVKDQDGRVNRFYELEESLTVLNCLRT(MSE)YFILDGQDVEENRSE
FIESLLNWINRSDGEPDEEYIEQVFSVKDSTAGKKVFETQYFWKLLNQLVLRGLLSQAIGCIERSDLLPYLSDTCAVSFD
AVSDSIELLKQYPKDSSSTFREWKNLVLKLSQAFGSSATDISGELRDYIEDFLLVIGGNQRKILQYSRTWYESFCGFLLY
YIPSLELSAEYLQ(MSE)SLEANVVDITNDWEQPCVDIISGKIHSILPV(MSE)ESLDSCTAAFTA(MSE)ICEAKGLIE
NIFEGEKNSDDYSNEDNE(MSE)LEDLFSYRNG(MSE)ASY(MSE)LNSFAFELCSLGDKELWPVAIGLIALSATGTRSA
KK(MSE)VIAELLPHYPFVTNDDIEW(MSE)LSICVEWRLPEIAKEIYTTLGNQ(MSE)LSAHNIIESIANFSRAGKYEL
VKSYSWLLFEASC(MSE)EGQKLDDPVLNAIVSKNSPAEDDVIIPQDILDCVVTNS(MSE)RQTLAPYAVLSQFYELRDR
EDWGQALRLLLLLIEFPYLPKHYLVLLVAKFLYPIFLLDDKKL(MSE)DEDSVATVIEVIETKWDDADEKSSNLYETIIE
ADKSLPSS(MSE)ATLLKNLRKKLNFKLCQAF(MSE)
;
D
6 'polypeptide(L)'
;MASDIQMTQSPSSLSASVGDRVTITCRASQSVSSAVAWYQQKPGKAPKLLIYSASSLYSGVPSRFSGSRSGTDFTLTISS
LQPEDFATYYCQQSSSSLITFGQGTKVEIKRTVAAPSVFIFPPSDSQLKSGTASVVCLLNNFYPREAKVQWKVDNALQSG
NSQESVTEQDSKDSTYSLSSTLTLSKADYEKHKVYACEVTHQGLSSPVTKSFNRGEC
;
L
7 'polypeptide(L)'
;MKKNIAFLLASMFVFSIATNAYAEISEVQLVESGGGLVQPGGSLRLSCAASGFNFSSSSIHWVRQAPGKGLEWVASISSY
YGYTSYADSVKGRFTISADTSKNTAYLQMNSLRAEDTAVYYCARYETLYWPYQNSGMDYWGQGTLVTVSSASTKGPSVFP
LAPSSKSTSGGTAALGCLVKDYFPEPVTVSWNSGALTSGVHTFPAVLQSSGLYSLSSVVTVPSSSLGTQTYICNVNHKPS
NTKVDKKVEPKSCDKTHTGGSHHHHHH
;
H
#
# COMPACT_ATOMS: atom_id res chain seq x y z
N HIS A 8 -37.59 -33.70 -14.26
CA HIS A 8 -37.84 -35.07 -13.82
C HIS A 8 -38.04 -35.20 -12.32
N ASN A 9 -39.29 -35.45 -11.94
CA ASN A 9 -39.65 -35.70 -10.56
C ASN A 9 -41.01 -36.41 -10.60
N GLU A 10 -40.96 -37.70 -10.90
CA GLU A 10 -42.16 -38.51 -11.08
C GLU A 10 -42.82 -39.04 -9.81
N LEU A 11 -42.15 -38.93 -8.66
CA LEU A 11 -42.65 -39.56 -7.43
C LEU A 11 -41.94 -39.04 -6.18
N ILE A 12 -42.41 -37.88 -5.71
CA ILE A 12 -42.08 -37.37 -4.39
C ILE A 12 -42.92 -38.03 -3.31
N HIS A 13 -42.29 -38.39 -2.19
CA HIS A 13 -42.96 -39.12 -1.13
C HIS A 13 -43.44 -38.19 -0.03
N ASP A 14 -42.71 -37.11 0.23
CA ASP A 14 -43.19 -36.22 1.29
C ASP A 14 -42.79 -34.77 1.03
N ALA A 15 -43.56 -33.85 1.57
CA ALA A 15 -43.23 -32.44 1.51
C ALA A 15 -43.66 -31.77 2.80
N VAL A 16 -42.91 -30.77 3.23
CA VAL A 16 -43.28 -30.05 4.46
C VAL A 16 -43.13 -28.56 4.26
N LEU A 17 -44.01 -27.82 4.92
CA LEU A 17 -43.95 -26.37 5.02
C LEU A 17 -43.46 -25.90 6.38
N ASP A 18 -42.66 -24.82 6.37
CA ASP A 18 -42.17 -24.22 7.61
C ASP A 18 -43.23 -23.39 8.30
N TYR A 19 -43.01 -23.11 9.58
CA TYR A 19 -43.91 -22.34 10.44
C TYR A 19 -44.61 -21.18 9.72
N TYR A 20 -43.82 -20.39 8.99
CA TYR A 20 -44.28 -19.20 8.27
C TYR A 20 -44.59 -19.42 6.79
N GLY A 21 -44.36 -20.63 6.33
CA GLY A 21 -44.69 -21.06 4.97
C GLY A 21 -43.95 -20.38 3.82
N LYS A 22 -42.69 -20.03 4.03
CA LYS A 22 -41.89 -19.37 2.98
C LYS A 22 -40.94 -20.35 2.29
N ARG A 23 -40.74 -21.49 2.94
CA ARG A 23 -39.68 -22.41 2.53
C ARG A 23 -40.24 -23.82 2.56
N LEU A 24 -40.41 -24.38 1.38
CA LEU A 24 -40.95 -25.72 1.20
C LEU A 24 -39.84 -26.74 1.07
N ALA A 25 -40.04 -27.94 1.60
CA ALA A 25 -39.01 -28.96 1.50
C ALA A 25 -39.62 -30.27 1.06
N THR A 26 -39.48 -30.56 -0.24
CA THR A 26 -39.91 -31.85 -0.78
C THR A 26 -38.80 -32.89 -0.72
N CYS A 27 -39.20 -34.15 -0.60
CA CYS A 27 -38.30 -35.28 -0.64
C CYS A 27 -38.90 -36.43 -1.44
N SER A 28 -38.06 -36.96 -2.33
CA SER A 28 -38.42 -37.94 -3.35
C SER A 28 -37.70 -39.27 -3.16
N SER A 29 -37.74 -40.10 -4.19
CA SER A 29 -37.08 -41.40 -4.18
C SER A 29 -35.63 -41.40 -4.67
N ASP A 30 -35.25 -40.43 -5.50
CA ASP A 30 -33.85 -40.33 -5.93
C ASP A 30 -32.88 -39.89 -4.84
N LYS A 31 -33.36 -39.79 -3.60
CA LYS A 31 -32.56 -39.61 -2.38
C LYS A 31 -32.35 -38.14 -2.06
N THR A 32 -32.67 -37.28 -3.02
CA THR A 32 -32.40 -35.85 -2.85
C THR A 32 -33.56 -35.16 -2.17
N ILE A 33 -33.24 -34.12 -1.41
CA ILE A 33 -34.23 -33.30 -0.72
C ILE A 33 -34.16 -31.88 -1.27
N LYS A 34 -35.17 -31.47 -2.02
CA LYS A 34 -35.15 -30.14 -2.62
C LYS A 34 -35.87 -29.10 -1.78
N ILE A 35 -35.20 -27.97 -1.57
CA ILE A 35 -35.74 -26.85 -0.83
C ILE A 35 -36.16 -25.73 -1.80
N PHE A 36 -37.37 -25.20 -1.61
CA PHE A 36 -37.91 -24.17 -2.48
C PHE A 36 -38.31 -22.90 -1.73
N GLU A 37 -38.16 -21.76 -2.39
CA GLU A 37 -38.65 -20.49 -1.83
C GLU A 37 -40.02 -20.23 -2.48
N VAL A 38 -41.10 -20.52 -1.77
CA VAL A 38 -42.42 -20.43 -2.38
C VAL A 38 -42.92 -18.99 -2.46
N GLU A 39 -43.72 -18.69 -3.48
CA GLU A 39 -44.38 -17.41 -3.67
C GLU A 39 -45.54 -17.56 -4.66
N GLY A 40 -46.69 -17.96 -4.13
CA GLY A 40 -47.88 -18.29 -4.92
C GLY A 40 -47.69 -19.35 -6.01
N GLU A 41 -47.67 -18.90 -7.27
CA GLU A 41 -47.39 -19.78 -8.41
C GLU A 41 -45.95 -20.22 -8.26
N THR A 42 -45.05 -19.25 -8.37
CA THR A 42 -43.61 -19.53 -8.48
C THR A 42 -42.82 -20.01 -7.19
N HIS A 43 -42.58 -21.33 -7.06
CA HIS A 43 -41.60 -21.88 -6.11
C HIS A 43 -40.23 -22.05 -6.77
N LYS A 44 -39.33 -21.10 -6.54
CA LYS A 44 -37.99 -21.15 -7.10
C LYS A 44 -37.09 -22.10 -6.32
N LEU A 45 -36.58 -23.12 -7.02
CA LEU A 45 -35.62 -24.06 -6.45
C LEU A 45 -34.39 -23.32 -5.95
N ILE A 46 -34.12 -23.46 -4.65
CA ILE A 46 -32.97 -22.85 -4.02
C ILE A 46 -31.88 -23.86 -3.63
N ASP A 47 -32.25 -25.12 -3.48
CA ASP A 47 -31.28 -26.11 -3.00
C ASP A 47 -31.60 -27.53 -3.45
N THR A 48 -30.58 -28.39 -3.39
CA THR A 48 -30.75 -29.83 -3.46
C THR A 48 -29.86 -30.46 -2.41
N LEU A 49 -30.37 -31.45 -1.69
CA LEU A 49 -29.60 -32.07 -0.62
C LEU A 49 -29.41 -33.58 -0.81
N THR A 50 -28.18 -33.99 -1.10
CA THR A 50 -27.85 -35.39 -1.33
C THR A 50 -27.04 -35.92 -0.15
N GLY A 51 -27.64 -36.80 0.65
CA GLY A 51 -26.92 -37.45 1.73
C GLY A 51 -27.55 -38.75 2.21
N HIS A 52 -28.45 -39.29 1.41
CA HIS A 52 -29.15 -40.51 1.78
C HIS A 52 -28.83 -41.66 0.84
N GLU A 53 -28.98 -42.89 1.34
CA GLU A 53 -28.70 -44.07 0.53
C GLU A 53 -29.99 -44.84 0.27
N GLY A 54 -31.00 -44.11 -0.19
CA GLY A 54 -32.30 -44.68 -0.50
C GLY A 54 -33.35 -43.58 -0.52
N PRO A 55 -34.57 -43.92 -0.96
CA PRO A 55 -35.65 -42.95 -1.12
C PRO A 55 -35.94 -42.22 0.18
N VAL A 56 -36.00 -40.89 0.13
CA VAL A 56 -36.30 -40.13 1.34
C VAL A 56 -37.81 -40.15 1.53
N TRP A 57 -38.24 -40.84 2.58
CA TRP A 57 -39.66 -41.03 2.85
C TRP A 57 -40.34 -39.80 3.39
N ARG A 58 -39.68 -39.14 4.34
CA ARG A 58 -40.28 -37.98 4.99
C ARG A 58 -39.26 -36.91 5.33
N VAL A 59 -39.74 -35.67 5.38
CA VAL A 59 -38.98 -34.52 5.84
C VAL A 59 -39.84 -33.80 6.84
N ASP A 60 -39.26 -32.90 7.63
CA ASP A 60 -40.01 -32.19 8.67
C ASP A 60 -39.17 -31.09 9.32
N TRP A 61 -39.58 -29.83 9.11
CA TRP A 61 -38.91 -28.71 9.73
C TRP A 61 -39.15 -28.73 11.23
N ALA A 62 -38.27 -28.11 11.99
CA ALA A 62 -38.48 -27.94 13.42
C ALA A 62 -38.97 -26.54 13.70
N HIS A 63 -39.27 -26.25 14.96
CA HIS A 63 -39.78 -24.94 15.33
C HIS A 63 -38.61 -23.96 15.17
N PRO A 64 -38.86 -22.81 14.52
CA PRO A 64 -37.87 -21.78 14.20
C PRO A 64 -37.17 -21.20 15.43
N LYS A 65 -37.78 -21.42 16.59
CA LYS A 65 -37.11 -21.26 17.87
C LYS A 65 -35.74 -21.96 17.90
N PHE A 66 -35.60 -23.01 17.10
CA PHE A 66 -34.33 -23.73 16.99
C PHE A 66 -33.62 -23.42 15.67
N GLY A 67 -33.77 -22.20 15.18
CA GLY A 67 -33.14 -21.80 13.93
C GLY A 67 -33.82 -22.49 12.78
N THR A 68 -33.03 -22.92 11.80
CA THR A 68 -33.58 -23.61 10.66
C THR A 68 -33.04 -25.04 10.67
N ILE A 69 -33.85 -25.94 11.22
CA ILE A 69 -33.47 -27.34 11.32
C ILE A 69 -34.52 -28.17 10.60
N LEU A 70 -34.06 -29.24 9.96
CA LEU A 70 -34.93 -30.12 9.21
C LEU A 70 -34.48 -31.55 9.34
N ALA A 71 -35.31 -32.37 9.98
CA ALA A 71 -34.95 -33.76 10.18
C ALA A 71 -35.64 -34.56 9.10
N SER A 72 -34.86 -35.32 8.36
CA SER A 72 -35.41 -36.14 7.30
C SER A 72 -35.15 -37.60 7.60
N CYS A 73 -36.05 -38.47 7.15
CA CYS A 73 -35.80 -39.89 7.29
C CYS A 73 -35.99 -40.59 5.96
N SER A 74 -35.05 -41.49 5.68
CA SER A 74 -34.94 -42.16 4.40
C SER A 74 -34.83 -43.67 4.54
N TYR A 75 -34.89 -44.33 3.40
CA TYR A 75 -34.83 -45.78 3.29
C TYR A 75 -33.52 -46.41 3.78
N ASP A 76 -32.44 -45.62 3.82
CA ASP A 76 -31.17 -46.13 4.30
C ASP A 76 -31.09 -46.35 5.82
N GLY A 77 -32.23 -46.34 6.49
CA GLY A 77 -32.28 -46.66 7.90
C GLY A 77 -31.78 -45.56 8.82
N LYS A 78 -31.35 -44.46 8.21
CA LYS A 78 -30.70 -43.39 8.96
C LYS A 78 -31.59 -42.16 9.00
N VAL A 79 -31.68 -41.53 10.18
CA VAL A 79 -32.29 -40.22 10.26
C VAL A 79 -31.20 -39.18 10.10
N LEU A 80 -31.41 -38.23 9.19
CA LEU A 80 -30.43 -37.16 8.99
C LEU A 80 -30.98 -35.80 9.37
N ILE A 81 -30.36 -35.19 10.37
CA ILE A 81 -30.68 -33.81 10.71
C ILE A 81 -29.86 -32.84 9.87
N TRP A 82 -30.55 -31.90 9.23
CA TRP A 82 -29.92 -30.87 8.42
C TRP A 82 -30.12 -29.50 9.07
N LYS A 83 -29.37 -28.51 8.58
CA LYS A 83 -29.51 -27.14 9.09
C LYS A 83 -28.95 -26.13 8.09
N GLU A 84 -29.73 -25.11 7.77
CA GLU A 84 -29.21 -24.03 6.92
C GLU A 84 -28.32 -23.12 7.75
N GLU A 85 -27.18 -22.76 7.18
CA GLU A 85 -26.14 -22.04 7.88
C GLU A 85 -25.55 -20.96 6.99
N ASN A 86 -26.03 -19.74 7.19
CA ASN A 86 -25.63 -18.56 6.42
C ASN A 86 -26.00 -18.66 4.95
N GLY A 87 -27.04 -19.45 4.69
CA GLY A 87 -27.48 -19.77 3.34
C GLY A 87 -26.79 -20.94 2.66
N ARG A 88 -26.25 -21.86 3.45
CA ARG A 88 -25.59 -23.05 2.92
C ARG A 88 -25.92 -24.24 3.82
N TRP A 89 -26.62 -25.23 3.29
CA TRP A 89 -27.07 -26.38 4.09
C TRP A 89 -25.95 -27.38 4.39
N SER A 90 -26.09 -28.03 5.54
CA SER A 90 -25.05 -28.86 6.16
C SER A 90 -25.70 -29.89 7.09
N GLN A 91 -25.38 -31.16 6.88
CA GLN A 91 -25.86 -32.22 7.75
C GLN A 91 -25.20 -32.22 9.11
N ILE A 92 -25.82 -31.56 10.09
CA ILE A 92 -25.17 -31.37 11.38
C ILE A 92 -25.19 -32.64 12.23
N ALA A 93 -26.29 -33.40 12.18
CA ALA A 93 -26.28 -34.65 12.91
C ALA A 93 -26.92 -35.82 12.17
N VAL A 94 -26.90 -36.98 12.82
CA VAL A 94 -27.49 -38.19 12.29
C VAL A 94 -27.85 -39.14 13.43
N HIS A 95 -28.92 -39.90 13.24
CA HIS A 95 -29.38 -40.84 14.25
C HIS A 95 -29.96 -42.10 13.61
N ALA A 96 -29.13 -43.13 13.53
CA ALA A 96 -29.52 -44.39 12.90
C ALA A 96 -29.35 -45.58 13.85
N VAL A 97 -30.02 -45.54 14.99
CA VAL A 97 -30.04 -46.68 15.91
C VAL A 97 -31.24 -47.58 15.59
N HIS A 98 -31.54 -47.67 14.30
CA HIS A 98 -32.66 -48.45 13.81
C HIS A 98 -32.18 -49.31 12.66
N SER A 99 -32.45 -50.61 12.76
CA SER A 99 -31.90 -51.59 11.83
C SER A 99 -32.72 -51.79 10.55
N ALA A 100 -33.66 -50.88 10.29
CA ALA A 100 -34.43 -50.96 9.05
C ALA A 100 -34.89 -49.60 8.56
N SER A 101 -35.66 -49.60 7.47
CA SER A 101 -36.13 -48.39 6.82
C SER A 101 -36.92 -47.50 7.77
N VAL A 102 -36.46 -46.27 7.97
CA VAL A 102 -37.16 -45.30 8.81
C VAL A 102 -38.29 -44.61 8.06
N ASN A 103 -39.49 -44.64 8.65
CA ASN A 103 -40.69 -44.19 7.95
C ASN A 103 -41.11 -42.79 8.33
N SER A 104 -41.43 -42.55 9.60
CA SER A 104 -41.85 -41.22 10.00
C SER A 104 -40.81 -40.52 10.88
N VAL A 105 -40.91 -39.19 10.89
CA VAL A 105 -40.05 -38.33 11.69
C VAL A 105 -40.77 -37.00 11.91
N GLN A 106 -41.14 -36.72 13.16
CA GLN A 106 -41.97 -35.57 13.43
C GLN A 106 -41.56 -34.92 14.74
N TRP A 107 -41.28 -33.62 14.70
CA TRP A 107 -40.84 -32.89 15.89
C TRP A 107 -41.96 -32.75 16.90
N ALA A 108 -41.57 -32.53 18.15
CA ALA A 108 -42.52 -32.35 19.23
C ALA A 108 -43.04 -30.92 19.25
N PRO A 109 -44.03 -30.63 20.11
CA PRO A 109 -44.32 -29.25 20.47
C PRO A 109 -43.11 -28.57 21.11
N HIS A 110 -42.79 -27.38 20.63
CA HIS A 110 -41.55 -26.69 20.98
C HIS A 110 -41.39 -26.41 22.47
N GLU A 111 -42.42 -26.70 23.25
CA GLU A 111 -42.35 -26.57 24.70
C GLU A 111 -41.58 -27.73 25.32
N TYR A 112 -41.49 -28.84 24.58
CA TYR A 112 -40.78 -30.02 25.05
C TYR A 112 -39.27 -29.97 24.89
N GLY A 113 -38.78 -28.90 24.27
CA GLY A 113 -37.38 -28.84 23.89
C GLY A 113 -37.28 -29.01 22.39
N PRO A 114 -36.19 -29.63 21.91
CA PRO A 114 -36.07 -29.90 20.48
C PRO A 114 -36.26 -31.38 20.13
N LEU A 115 -37.17 -32.05 20.83
CA LEU A 115 -37.33 -33.49 20.70
C LEU A 115 -37.77 -33.91 19.30
N LEU A 116 -37.25 -35.04 18.86
CA LEU A 116 -37.60 -35.62 17.56
C LEU A 116 -38.33 -36.95 17.77
N LEU A 117 -39.18 -37.33 16.83
CA LEU A 117 -39.88 -38.61 16.94
C LEU A 117 -39.68 -39.48 15.71
N VAL A 118 -38.77 -40.44 15.82
CA VAL A 118 -38.44 -41.33 14.72
C VAL A 118 -39.22 -42.63 14.82
N ALA A 119 -39.62 -43.21 13.68
CA ALA A 119 -40.37 -44.46 13.74
C ALA A 119 -40.02 -45.42 12.59
N SER A 120 -39.29 -46.47 12.93
CA SER A 120 -38.70 -47.36 11.92
C SER A 120 -39.33 -48.77 11.89
N SER A 121 -39.03 -49.52 10.83
CA SER A 121 -39.62 -50.83 10.59
C SER A 121 -39.09 -51.93 11.53
N ASP A 122 -38.02 -51.64 12.26
CA ASP A 122 -37.51 -52.58 13.27
C ASP A 122 -38.33 -52.48 14.55
N GLY A 123 -39.57 -52.03 14.42
CA GLY A 123 -40.49 -51.95 15.54
C GLY A 123 -40.00 -51.02 16.63
N LYS A 124 -39.38 -49.92 16.22
CA LYS A 124 -38.85 -48.99 17.20
C LYS A 124 -39.30 -47.57 16.89
N VAL A 125 -39.23 -46.74 17.92
CA VAL A 125 -39.62 -45.33 17.87
C VAL A 125 -38.76 -44.59 18.87
N SER A 126 -37.99 -43.62 18.39
CA SER A 126 -37.11 -42.91 19.31
C SER A 126 -37.50 -41.45 19.52
N VAL A 127 -37.00 -40.90 20.62
CA VAL A 127 -37.17 -39.50 20.95
C VAL A 127 -35.78 -38.92 21.19
N VAL A 128 -35.23 -38.34 20.13
CA VAL A 128 -33.87 -37.84 20.13
C VAL A 128 -33.79 -36.42 20.66
N GLU A 129 -33.32 -36.27 21.90
CA GLU A 129 -33.03 -34.93 22.42
C GLU A 129 -31.68 -34.45 21.90
N PHE A 130 -31.53 -33.14 21.81
CA PHE A 130 -30.27 -32.55 21.35
C PHE A 130 -29.72 -31.72 22.51
N LYS A 131 -28.65 -32.21 23.13
CA LYS A 131 -28.21 -31.64 24.40
C LYS A 131 -27.56 -30.27 24.26
N GLU A 132 -26.74 -29.94 25.24
CA GLU A 132 -26.05 -28.66 25.32
C GLU A 132 -24.93 -28.55 24.30
N ASN A 133 -24.24 -29.66 24.06
CA ASN A 133 -23.25 -29.73 22.99
C ASN A 133 -23.89 -29.92 21.61
N GLY A 134 -25.22 -29.86 21.55
CA GLY A 134 -25.96 -30.20 20.35
C GLY A 134 -25.93 -31.67 19.99
N THR A 135 -25.36 -32.50 20.86
CA THR A 135 -25.23 -33.91 20.57
C THR A 135 -26.49 -34.66 20.96
N THR A 136 -26.70 -35.83 20.35
CA THR A 136 -27.96 -36.55 20.48
C THR A 136 -28.03 -37.35 21.79
N SER A 137 -29.24 -37.42 22.36
CA SER A 137 -29.45 -38.14 23.62
C SER A 137 -30.53 -39.21 23.51
N PRO A 138 -30.28 -40.26 22.71
CA PRO A 138 -31.37 -41.17 22.31
C PRO A 138 -31.95 -42.00 23.46
N ILE A 139 -33.28 -41.96 23.59
CA ILE A 139 -33.97 -42.83 24.52
C ILE A 139 -35.10 -43.44 23.71
N ILE A 140 -34.91 -44.73 23.40
CA ILE A 140 -35.73 -45.44 22.43
C ILE A 140 -36.70 -46.38 23.14
N ILE A 141 -37.74 -46.80 22.42
CA ILE A 141 -38.66 -47.84 22.86
C ILE A 141 -39.07 -48.72 21.72
N ASP A 142 -39.44 -49.95 22.06
CA ASP A 142 -40.09 -50.85 21.11
C ASP A 142 -41.56 -50.51 20.99
N ALA A 143 -42.04 -50.34 19.76
CA ALA A 143 -43.41 -49.89 19.53
C ALA A 143 -44.28 -51.00 18.99
N HIS A 144 -43.90 -51.59 17.85
CA HIS A 144 -44.76 -52.57 17.24
C HIS A 144 -44.01 -53.79 16.69
N ALA A 145 -44.72 -54.90 16.64
CA ALA A 145 -44.15 -56.20 16.26
C ALA A 145 -43.52 -56.24 14.87
N ILE A 146 -44.37 -56.22 13.85
CA ILE A 146 -43.93 -56.44 12.47
C ILE A 146 -43.49 -55.13 11.79
N GLY A 147 -43.42 -54.05 12.55
CA GLY A 147 -42.96 -52.77 12.03
C GLY A 147 -43.88 -51.58 12.28
N VAL A 148 -43.30 -50.38 12.28
CA VAL A 148 -44.05 -49.15 12.52
C VAL A 148 -44.14 -48.26 11.28
N ASN A 149 -45.34 -47.97 10.80
CA ASN A 149 -45.46 -47.13 9.60
C ASN A 149 -45.46 -45.63 9.91
N SER A 150 -45.96 -45.24 11.08
CA SER A 150 -46.08 -43.83 11.42
C SER A 150 -46.13 -43.56 12.93
N ALA A 151 -45.85 -42.32 13.31
CA ALA A 151 -45.93 -41.90 14.71
C ALA A 151 -46.14 -40.38 14.82
N SER A 152 -47.28 -39.97 15.36
CA SER A 152 -47.57 -38.53 15.51
C SER A 152 -47.58 -38.04 16.96
N TRP A 153 -47.09 -36.82 17.15
CA TRP A 153 -47.05 -36.16 18.45
C TRP A 153 -48.41 -35.63 18.87
N ALA A 154 -48.56 -35.39 20.17
CA ALA A 154 -49.76 -34.77 20.72
C ALA A 154 -49.47 -33.44 21.39
N PRO A 155 -50.32 -32.43 21.14
CA PRO A 155 -50.01 -31.25 21.95
C PRO A 155 -50.68 -31.44 23.30
N ALA A 156 -50.27 -30.65 24.30
CA ALA A 156 -50.84 -30.77 25.63
C ALA A 156 -50.35 -29.66 26.54
N THR A 157 -51.05 -29.48 27.66
CA THR A 157 -50.73 -28.41 28.61
C THR A 157 -50.39 -28.98 29.98
N SER A 170 -46.87 -35.11 31.28
CA SER A 170 -48.10 -35.58 30.67
C SER A 170 -48.05 -35.45 29.15
N ARG A 171 -46.91 -35.79 28.57
CA ARG A 171 -46.71 -35.74 27.13
C ARG A 171 -47.17 -37.06 26.56
N LYS A 172 -47.58 -37.08 25.30
CA LYS A 172 -48.00 -38.32 24.67
C LYS A 172 -47.79 -38.29 23.17
N PHE A 173 -47.78 -39.48 22.58
CA PHE A 173 -47.83 -39.58 21.12
C PHE A 173 -48.58 -40.83 20.67
N VAL A 174 -48.86 -40.90 19.37
CA VAL A 174 -49.54 -42.05 18.81
C VAL A 174 -48.60 -42.73 17.80
N THR A 175 -48.79 -44.03 17.63
CA THR A 175 -48.04 -44.83 16.66
C THR A 175 -48.94 -45.79 15.89
N GLY A 176 -48.77 -45.85 14.57
CA GLY A 176 -49.52 -46.80 13.77
C GLY A 176 -48.64 -47.94 13.33
N GLY A 177 -49.15 -49.16 13.54
CA GLY A 177 -48.30 -50.34 13.38
C GLY A 177 -48.54 -51.19 12.14
N ALA A 178 -47.68 -52.19 11.97
CA ALA A 178 -47.85 -53.21 10.94
C ALA A 178 -48.61 -54.43 11.45
N ASP A 179 -48.94 -54.39 12.74
CA ASP A 179 -49.79 -55.39 13.35
C ASP A 179 -51.18 -54.81 13.55
N ASN A 180 -51.46 -53.72 12.83
CA ASN A 180 -52.78 -53.10 12.81
C ASN A 180 -53.16 -52.43 14.13
N LEU A 181 -52.16 -52.13 14.96
CA LEU A 181 -52.44 -51.46 16.22
C LEU A 181 -52.25 -49.95 16.11
N VAL A 182 -52.80 -49.25 17.09
CA VAL A 182 -52.64 -47.81 17.22
C VAL A 182 -52.37 -47.50 18.68
N LYS A 183 -51.12 -47.14 18.99
CA LYS A 183 -50.70 -47.01 20.39
C LYS A 183 -50.51 -45.58 20.88
N ILE A 184 -50.86 -45.36 22.13
CA ILE A 184 -50.79 -44.06 22.77
C ILE A 184 -49.86 -44.11 23.98
N TRP A 185 -48.67 -43.56 23.78
CA TRP A 185 -47.57 -43.60 24.75
C TRP A 185 -47.56 -42.31 25.55
N LYS A 186 -47.07 -42.38 26.79
CA LYS A 186 -46.94 -41.21 27.66
C LYS A 186 -45.62 -41.20 28.43
N TYR A 187 -45.05 -40.01 28.61
CA TYR A 187 -43.80 -39.87 29.35
C TYR A 187 -43.99 -40.16 30.84
N ASN A 188 -42.95 -40.71 31.47
CA ASN A 188 -42.99 -41.04 32.89
C ASN A 188 -41.61 -40.79 33.51
N SER A 189 -41.57 -39.95 34.54
CA SER A 189 -40.32 -39.64 35.24
C SER A 189 -39.76 -40.83 36.01
N ASP A 190 -40.63 -41.75 36.41
CA ASP A 190 -40.20 -42.98 37.06
C ASP A 190 -39.41 -43.86 36.09
N ALA A 191 -39.91 -43.97 34.86
CA ALA A 191 -39.30 -44.84 33.86
C ALA A 191 -38.19 -44.17 33.04
N GLN A 192 -38.28 -42.85 32.84
CA GLN A 192 -37.38 -42.09 31.94
C GLN A 192 -37.53 -42.50 30.48
N THR A 193 -38.28 -43.56 30.25
CA THR A 193 -38.63 -43.96 28.90
C THR A 193 -40.14 -43.85 28.82
N TYR A 194 -40.66 -43.48 27.67
CA TYR A 194 -42.09 -43.34 27.47
C TYR A 194 -42.81 -44.64 27.78
N VAL A 195 -43.77 -44.59 28.70
CA VAL A 195 -44.47 -45.82 29.08
C VAL A 195 -45.76 -45.89 28.28
N LEU A 196 -46.00 -47.06 27.69
CA LEU A 196 -47.24 -47.28 26.94
C LEU A 196 -48.43 -47.18 27.90
N GLU A 197 -49.47 -46.45 27.51
CA GLU A 197 -50.61 -46.34 28.39
C GLU A 197 -51.88 -46.89 27.74
N SER A 198 -52.00 -46.80 26.42
CA SER A 198 -53.17 -47.44 25.82
C SER A 198 -53.02 -47.81 24.36
N THR A 199 -53.38 -49.05 24.04
CA THR A 199 -53.41 -49.54 22.67
C THR A 199 -54.83 -49.73 22.12
N LEU A 200 -55.02 -49.51 20.81
CA LEU A 200 -56.33 -49.59 20.18
C LEU A 200 -56.32 -50.36 18.86
N GLU A 201 -57.29 -51.27 18.76
CA GLU A 201 -57.42 -52.27 17.69
C GLU A 201 -58.64 -52.01 16.80
N GLY A 202 -58.45 -51.84 15.50
CA GLY A 202 -59.59 -51.71 14.61
C GLY A 202 -59.38 -51.89 13.12
N HIS A 203 -58.16 -52.25 12.71
CA HIS A 203 -57.83 -52.37 11.30
C HIS A 203 -57.41 -53.80 10.94
N SER A 204 -57.67 -54.21 9.71
CA SER A 204 -57.30 -55.54 9.24
C SER A 204 -56.03 -55.56 8.39
N ASP A 205 -55.32 -54.44 8.34
CA ASP A 205 -54.09 -54.33 7.57
C ASP A 205 -53.25 -53.15 8.04
N TRP A 206 -51.99 -53.15 7.61
CA TRP A 206 -50.95 -52.23 8.08
C TRP A 206 -51.51 -50.82 8.31
N VAL A 207 -51.48 -50.36 9.56
CA VAL A 207 -51.89 -48.98 9.86
C VAL A 207 -50.89 -47.97 9.29
N ARG A 208 -51.21 -47.44 8.12
CA ARG A 208 -50.33 -46.53 7.40
C ARG A 208 -49.98 -45.28 8.17
N ASP A 209 -50.97 -44.47 8.51
CA ASP A 209 -50.70 -43.20 9.17
C ASP A 209 -51.60 -42.99 10.38
N VAL A 210 -51.09 -42.30 11.39
CA VAL A 210 -51.88 -41.89 12.54
C VAL A 210 -51.65 -40.41 12.83
N ALA A 211 -52.72 -39.71 13.18
CA ALA A 211 -52.65 -38.28 13.45
C ALA A 211 -53.37 -37.80 14.71
N TRP A 212 -52.66 -37.10 15.58
CA TRP A 212 -53.29 -36.41 16.69
C TRP A 212 -53.70 -35.01 16.25
N SER A 213 -54.90 -34.60 16.64
CA SER A 213 -55.45 -33.29 16.30
C SER A 213 -55.04 -32.18 17.27
N PRO A 214 -54.67 -31.01 16.72
CA PRO A 214 -54.21 -29.91 17.56
C PRO A 214 -55.34 -29.09 18.19
N THR A 215 -56.51 -29.71 18.35
CA THR A 215 -57.66 -28.98 18.86
C THR A 215 -57.72 -29.00 20.39
N VAL A 216 -57.39 -27.88 21.04
CA VAL A 216 -57.49 -27.81 22.49
C VAL A 216 -58.96 -27.57 22.85
N LEU A 217 -59.82 -28.49 22.43
CA LEU A 217 -61.27 -28.36 22.59
C LEU A 217 -61.76 -29.49 23.52
N LEU A 218 -63.01 -29.39 23.97
CA LEU A 218 -63.65 -30.37 24.87
C LEU A 218 -63.18 -31.82 24.82
N ARG A 219 -62.86 -32.31 23.64
CA ARG A 219 -62.36 -33.67 23.50
C ARG A 219 -61.14 -33.74 22.59
N SER A 220 -60.56 -34.93 22.47
CA SER A 220 -59.42 -35.13 21.59
C SER A 220 -59.80 -36.09 20.46
N TYR A 221 -59.22 -35.87 19.29
CA TYR A 221 -59.57 -36.62 18.09
C TYR A 221 -58.34 -37.29 17.49
N LEU A 222 -58.49 -38.55 17.09
CA LEU A 222 -57.45 -39.24 16.34
C LEU A 222 -57.97 -39.86 15.04
N ALA A 223 -57.37 -39.49 13.91
CA ALA A 223 -57.73 -40.10 12.63
C ALA A 223 -56.71 -41.15 12.19
N SER A 224 -57.14 -42.42 12.22
CA SER A 224 -56.27 -43.53 11.88
C SER A 224 -56.62 -44.20 10.54
N VAL A 225 -55.94 -43.74 9.49
CA VAL A 225 -56.04 -44.30 8.15
C VAL A 225 -55.31 -45.65 8.07
N SER A 226 -55.71 -46.52 7.16
CA SER A 226 -55.10 -47.86 7.08
C SER A 226 -55.11 -48.44 5.67
N GLN A 227 -54.43 -49.57 5.50
CA GLN A 227 -54.33 -50.27 4.22
C GLN A 227 -55.65 -50.91 3.82
N ASP A 228 -56.41 -51.38 4.82
CA ASP A 228 -57.71 -52.00 4.56
C ASP A 228 -58.79 -50.99 4.17
N ARG A 229 -58.35 -49.81 3.72
CA ARG A 229 -59.25 -48.78 3.18
C ARG A 229 -60.30 -48.33 4.19
N THR A 230 -59.87 -48.18 5.44
CA THR A 230 -60.74 -47.63 6.49
C THR A 230 -60.06 -46.40 7.09
N CYS A 231 -60.84 -45.60 7.80
CA CYS A 231 -60.30 -44.51 8.59
C CYS A 231 -61.07 -44.41 9.89
N ILE A 232 -60.55 -45.06 10.94
CA ILE A 232 -61.21 -45.00 12.24
C ILE A 232 -60.91 -43.69 12.95
N ILE A 233 -61.89 -43.18 13.70
CA ILE A 233 -61.67 -41.95 14.44
C ILE A 233 -61.86 -42.17 15.94
N TRP A 234 -60.76 -42.07 16.67
CA TRP A 234 -60.81 -42.29 18.12
C TRP A 234 -61.05 -40.98 18.85
N THR A 235 -62.28 -40.76 19.27
CA THR A 235 -62.62 -39.55 19.99
C THR A 235 -62.70 -39.87 21.47
N GLN A 236 -61.75 -39.35 22.25
CA GLN A 236 -61.80 -39.60 23.68
C GLN A 236 -62.58 -38.47 24.32
N ASP A 237 -63.45 -38.83 25.26
CA ASP A 237 -64.32 -37.87 25.93
C ASP A 237 -63.48 -36.87 26.70
N ASN A 238 -62.63 -37.41 27.57
CA ASN A 238 -61.66 -36.63 28.29
C ASN A 238 -60.51 -37.51 28.78
N GLU A 239 -59.81 -37.01 29.78
CA GLU A 239 -58.65 -37.68 30.37
C GLU A 239 -58.94 -39.08 30.90
N GLN A 240 -60.20 -39.38 31.22
CA GLN A 240 -60.56 -40.68 31.79
C GLN A 240 -61.10 -41.68 30.76
N GLY A 241 -62.40 -41.57 30.50
CA GLY A 241 -63.16 -42.47 29.64
C GLY A 241 -62.48 -42.80 28.33
N PRO A 242 -62.28 -44.10 28.04
CA PRO A 242 -61.46 -44.50 26.90
C PRO A 242 -62.00 -43.99 25.57
N TRP A 243 -61.33 -44.38 24.48
CA TRP A 243 -61.60 -43.80 23.18
C TRP A 243 -62.94 -44.30 22.64
N LYS A 244 -63.35 -43.81 21.49
CA LYS A 244 -64.60 -44.26 20.89
C LYS A 244 -64.38 -44.53 19.41
N LYS A 245 -64.54 -45.80 19.03
CA LYS A 245 -64.37 -46.23 17.66
C LYS A 245 -65.47 -45.68 16.75
N THR A 246 -65.06 -45.04 15.65
CA THR A 246 -66.01 -44.51 14.69
C THR A 246 -65.48 -44.58 13.26
N LEU A 247 -65.81 -45.67 12.56
CA LEU A 247 -65.48 -45.80 11.14
C LEU A 247 -66.08 -44.62 10.36
N LEU A 248 -65.22 -43.65 10.05
CA LEU A 248 -65.58 -42.43 9.31
C LEU A 248 -66.79 -42.58 8.39
N LYS A 249 -66.64 -43.43 7.38
CA LYS A 249 -67.79 -43.94 6.65
C LYS A 249 -67.70 -45.46 6.65
N GLU A 250 -68.82 -46.14 6.48
CA GLU A 250 -68.83 -47.60 6.56
C GLU A 250 -68.80 -48.30 5.21
N GLU A 251 -68.00 -47.77 4.30
CA GLU A 251 -67.68 -48.39 3.03
C GLU A 251 -66.22 -48.23 2.75
N LYS A 252 -65.60 -49.29 2.25
CA LYS A 252 -64.19 -49.25 1.89
C LYS A 252 -63.98 -48.24 0.77
N PHE A 253 -62.93 -47.44 0.90
CA PHE A 253 -62.56 -46.45 -0.11
C PHE A 253 -62.07 -47.17 -1.37
N PRO A 254 -62.30 -46.60 -2.56
CA PRO A 254 -61.97 -47.30 -3.81
C PRO A 254 -60.54 -47.85 -3.87
N ASP A 255 -59.61 -47.24 -3.15
CA ASP A 255 -58.24 -47.77 -3.05
C ASP A 255 -57.64 -47.52 -1.66
N VAL A 256 -56.59 -48.27 -1.35
CA VAL A 256 -55.84 -48.13 -0.10
C VAL A 256 -55.54 -46.68 0.27
N LEU A 257 -55.78 -46.32 1.52
CA LEU A 257 -55.50 -44.98 2.02
C LEU A 257 -54.08 -44.85 2.60
N TRP A 258 -53.47 -43.67 2.44
CA TRP A 258 -52.09 -43.44 2.87
C TRP A 258 -52.00 -42.45 4.03
N ARG A 259 -52.36 -41.19 3.79
CA ARG A 259 -52.12 -40.14 4.77
C ARG A 259 -53.43 -39.61 5.36
N ALA A 260 -53.32 -39.04 6.56
CA ALA A 260 -54.47 -38.51 7.29
C ALA A 260 -54.06 -37.34 8.20
N SER A 261 -54.40 -36.12 7.80
CA SER A 261 -53.96 -34.92 8.52
C SER A 261 -55.07 -34.04 9.08
N TRP A 262 -54.88 -33.57 10.30
CA TRP A 262 -55.82 -32.61 10.89
C TRP A 262 -55.47 -31.18 10.50
N SER A 263 -56.48 -30.30 10.56
CA SER A 263 -56.27 -28.86 10.40
C SER A 263 -56.14 -28.22 11.77
N LEU A 264 -55.32 -27.17 11.88
CA LEU A 264 -55.17 -26.48 13.16
C LEU A 264 -56.44 -25.74 13.55
N SER A 265 -56.79 -24.71 12.79
CA SER A 265 -58.05 -24.00 12.97
C SER A 265 -59.21 -24.76 12.36
N GLY A 266 -60.01 -25.43 13.16
CA GLY A 266 -61.24 -25.99 12.63
C GLY A 266 -61.51 -27.46 12.89
N ASN A 267 -60.45 -28.26 13.01
CA ASN A 267 -60.59 -29.71 13.19
C ASN A 267 -61.10 -30.44 11.95
N VAL A 268 -60.81 -29.89 10.78
CA VAL A 268 -61.02 -30.56 9.50
C VAL A 268 -60.05 -31.73 9.29
N LEU A 269 -60.53 -32.81 8.69
CA LEU A 269 -59.67 -33.95 8.35
C LEU A 269 -59.44 -34.16 6.86
N ALA A 270 -58.17 -34.20 6.47
CA ALA A 270 -57.76 -34.44 5.10
C ALA A 270 -57.27 -35.89 4.92
N LEU A 271 -57.87 -36.60 3.96
CA LEU A 271 -57.54 -37.99 3.70
C LEU A 271 -56.92 -38.19 2.31
N SER A 272 -55.66 -38.60 2.29
CA SER A 272 -54.98 -38.94 1.03
C SER A 272 -55.08 -40.39 0.60
N GLY A 273 -56.21 -40.75 0.00
CA GLY A 273 -56.37 -42.10 -0.53
C GLY A 273 -55.58 -42.28 -1.81
N GLY A 274 -55.21 -43.52 -2.14
CA GLY A 274 -54.52 -43.84 -3.38
C GLY A 274 -55.42 -43.74 -4.62
N ASP A 275 -56.48 -42.95 -4.50
CA ASP A 275 -57.45 -42.67 -5.55
C ASP A 275 -57.36 -41.24 -6.10
N ASN A 276 -56.16 -40.66 -6.00
CA ASN A 276 -55.78 -39.42 -6.71
C ASN A 276 -56.57 -38.16 -6.44
N LYS A 277 -57.49 -38.21 -5.48
CA LYS A 277 -58.03 -36.99 -4.91
C LYS A 277 -57.79 -37.05 -3.39
N VAL A 278 -57.91 -35.93 -2.71
CA VAL A 278 -57.81 -35.92 -1.25
C VAL A 278 -59.20 -35.54 -0.80
N THR A 279 -59.79 -36.37 0.05
CA THR A 279 -61.11 -36.04 0.59
C THR A 279 -61.01 -35.26 1.87
N LEU A 280 -62.12 -34.63 2.26
CA LEU A 280 -62.11 -33.81 3.45
C LEU A 280 -63.39 -34.03 4.26
N TRP A 281 -63.22 -34.26 5.54
CA TRP A 281 -64.32 -34.70 6.40
C TRP A 281 -64.37 -33.81 7.64
N LYS A 282 -65.57 -33.35 7.98
CA LYS A 282 -65.79 -32.44 9.09
C LYS A 282 -66.81 -33.05 10.05
N GLU A 283 -66.65 -32.79 11.35
CA GLU A 283 -67.59 -33.31 12.32
C GLU A 283 -68.83 -32.41 12.42
N ASN A 284 -70.00 -33.03 12.46
CA ASN A 284 -71.26 -32.32 12.64
C ASN A 284 -71.87 -32.57 14.02
N LEU A 285 -73.04 -31.98 14.27
CA LEU A 285 -73.64 -32.04 15.59
C LEU A 285 -74.20 -33.41 15.95
N GLU A 286 -74.32 -34.30 14.97
CA GLU A 286 -74.50 -35.74 15.24
C GLU A 286 -73.30 -36.39 15.90
N GLY A 287 -72.15 -35.75 15.82
CA GLY A 287 -70.92 -36.37 16.24
C GLY A 287 -70.30 -37.16 15.10
N LYS A 288 -71.07 -37.39 14.05
CA LYS A 288 -70.56 -38.17 12.93
C LYS A 288 -69.97 -37.24 11.89
N TRP A 289 -69.29 -37.82 10.90
CA TRP A 289 -68.43 -37.03 10.02
C TRP A 289 -68.99 -36.95 8.59
N GLU A 290 -68.83 -35.80 7.95
CA GLU A 290 -69.48 -35.50 6.68
C GLU A 290 -68.48 -34.88 5.71
N PRO A 291 -68.58 -35.23 4.42
CA PRO A 291 -67.61 -34.64 3.47
C PRO A 291 -67.76 -33.14 3.29
N ALA A 292 -66.67 -32.48 2.91
CA ALA A 292 -66.65 -31.05 2.63
C ALA A 292 -65.63 -30.75 1.54
N GLY A 293 -66.01 -29.92 0.57
CA GLY A 293 -65.07 -29.53 -0.47
C GLY A 293 -65.73 -28.72 -1.58
N TYR B 89 -49.83 -43.79 -5.20
CA TYR B 89 -49.49 -43.16 -3.93
C TYR B 89 -49.77 -41.66 -3.93
N THR B 90 -50.27 -41.17 -2.80
CA THR B 90 -50.60 -39.77 -2.65
C THR B 90 -50.14 -39.38 -1.25
N PHE B 91 -49.86 -38.10 -1.03
CA PHE B 91 -49.65 -37.60 0.32
C PHE B 91 -50.35 -36.26 0.48
N ALA B 92 -50.87 -35.99 1.67
CA ALA B 92 -51.39 -34.67 1.97
C ALA B 92 -51.59 -34.34 3.45
N LYS B 93 -51.00 -33.24 3.90
CA LYS B 93 -51.16 -32.79 5.29
C LYS B 93 -51.61 -31.34 5.29
N PHE B 94 -52.04 -30.85 6.45
CA PHE B 94 -52.48 -29.46 6.56
C PHE B 94 -51.33 -28.54 6.91
N SER B 95 -51.33 -27.37 6.28
CA SER B 95 -50.32 -26.36 6.50
C SER B 95 -50.49 -25.67 7.84
N THR B 96 -49.43 -25.03 8.28
CA THR B 96 -49.50 -24.09 9.39
C THR B 96 -50.62 -23.10 9.06
N GLY B 97 -50.49 -22.45 7.89
CA GLY B 97 -51.50 -21.52 7.42
C GLY B 97 -52.69 -22.27 6.83
N SER B 98 -53.40 -23.01 7.70
CA SER B 98 -54.33 -24.09 7.33
C SER B 98 -54.74 -24.18 5.86
N MSE B 99 -53.90 -24.82 5.06
CA MSE B 99 -54.18 -25.16 3.67
C MSE B 99 -53.41 -26.42 3.30
O MSE B 99 -52.60 -26.90 4.08
CB MSE B 99 -53.84 -23.98 2.75
CG MSE B 99 -52.38 -23.60 2.73
SE MSE B 99 -52.15 -21.85 1.94
CE MSE B 99 -50.93 -21.09 3.25
N LEU B 100 -53.66 -26.96 2.11
CA LEU B 100 -53.30 -28.36 1.86
C LEU B 100 -52.28 -28.51 0.73
N LEU B 101 -51.24 -29.31 0.99
CA LEU B 101 -50.29 -29.71 -0.06
C LEU B 101 -50.55 -31.17 -0.45
N THR B 102 -50.63 -31.41 -1.76
CA THR B 102 -50.83 -32.73 -2.33
C THR B 102 -49.85 -33.05 -3.46
N LYS B 103 -49.62 -34.34 -3.71
CA LYS B 103 -48.81 -34.74 -4.85
C LYS B 103 -49.43 -34.19 -6.11
N ASP B 104 -48.57 -33.61 -6.93
CA ASP B 104 -48.95 -32.95 -8.16
C ASP B 104 -47.74 -32.94 -9.08
N ILE B 105 -47.80 -33.71 -10.16
CA ILE B 105 -46.66 -33.87 -11.03
C ILE B 105 -46.75 -32.95 -12.25
N VAL B 106 -47.74 -32.05 -12.23
CA VAL B 106 -47.91 -31.01 -13.24
C VAL B 106 -47.20 -29.68 -12.89
N GLY B 107 -46.97 -29.47 -11.59
CA GLY B 107 -46.20 -28.34 -11.11
C GLY B 107 -44.69 -28.42 -11.24
N LYS B 108 -43.99 -27.53 -10.55
CA LYS B 108 -42.55 -27.51 -10.62
C LYS B 108 -41.98 -28.23 -9.43
N SER B 109 -42.67 -28.12 -8.29
CA SER B 109 -42.10 -28.66 -7.06
C SER B 109 -42.42 -30.13 -6.82
N GLY B 110 -43.53 -30.59 -7.39
CA GLY B 110 -44.04 -31.92 -7.12
C GLY B 110 -45.12 -31.90 -6.06
N VAL B 111 -45.65 -30.70 -5.80
CA VAL B 111 -46.74 -30.46 -4.86
C VAL B 111 -47.59 -29.28 -5.30
N SER B 112 -48.74 -29.09 -4.65
CA SER B 112 -49.66 -28.06 -5.06
C SER B 112 -50.10 -27.24 -3.84
N ILE B 113 -49.91 -25.93 -3.94
CA ILE B 113 -50.32 -24.98 -2.92
C ILE B 113 -51.80 -24.68 -3.10
N LYS B 114 -52.65 -25.45 -2.41
CA LYS B 114 -54.07 -25.31 -2.62
C LYS B 114 -54.69 -24.38 -1.60
N ARG B 115 -55.32 -23.32 -2.11
CA ARG B 115 -56.17 -22.46 -1.31
C ARG B 115 -57.42 -23.25 -0.94
N LEU B 116 -57.45 -23.72 0.30
CA LEU B 116 -58.60 -24.46 0.83
C LEU B 116 -59.92 -23.74 0.57
N PRO B 117 -60.86 -24.43 -0.11
CA PRO B 117 -62.18 -23.91 -0.50
C PRO B 117 -62.90 -23.42 0.74
N THR B 118 -63.21 -22.13 0.78
CA THR B 118 -63.80 -21.55 1.96
C THR B 118 -65.32 -21.55 1.92
N GLU B 119 -65.94 -22.08 2.97
CA GLU B 119 -67.39 -22.13 3.07
C GLU B 119 -67.92 -20.71 3.18
N LEU B 120 -67.06 -19.83 3.70
CA LEU B 120 -67.39 -18.44 4.01
C LEU B 120 -67.87 -17.67 2.79
N GLN B 121 -69.13 -17.77 2.42
CA GLN B 121 -69.53 -17.13 1.17
C GLN B 121 -70.41 -15.91 1.48
N ARG B 122 -69.75 -14.75 1.56
CA ARG B 122 -70.40 -13.46 1.85
C ARG B 122 -69.44 -12.29 1.57
N LYS B 123 -69.64 -11.62 0.45
CA LYS B 123 -68.65 -10.77 -0.19
C LYS B 123 -67.94 -9.75 0.71
N PHE B 124 -68.72 -8.94 1.42
CA PHE B 124 -68.18 -7.80 2.18
C PHE B 124 -67.14 -8.17 3.23
N LEU B 125 -67.06 -9.46 3.54
CA LEU B 125 -66.07 -9.98 4.47
C LEU B 125 -64.63 -9.85 3.99
N PHE B 126 -64.41 -9.92 2.68
CA PHE B 126 -63.05 -9.78 2.16
C PHE B 126 -62.60 -8.32 2.04
N ASP B 127 -63.55 -7.40 2.21
CA ASP B 127 -63.27 -5.96 2.26
C ASP B 127 -62.97 -5.45 3.70
N ASP B 128 -61.76 -4.92 3.91
CA ASP B 128 -61.29 -4.54 5.25
C ASP B 128 -61.99 -3.32 5.89
N VAL B 129 -62.82 -2.63 5.11
CA VAL B 129 -63.50 -1.45 5.62
C VAL B 129 -64.59 -1.91 6.58
N TYR B 130 -65.32 -2.94 6.15
CA TYR B 130 -66.35 -3.52 6.97
C TYR B 130 -65.76 -3.86 8.33
N LEU B 131 -64.67 -4.61 8.34
CA LEU B 131 -64.02 -4.97 9.60
C LEU B 131 -63.62 -3.76 10.44
N ASP B 132 -63.16 -2.68 9.80
CA ASP B 132 -62.75 -1.53 10.60
C ASP B 132 -63.95 -0.92 11.31
N LYS B 133 -65.02 -0.71 10.53
CA LYS B 133 -66.21 -0.07 11.08
C LYS B 133 -66.83 -0.99 12.12
N GLU B 134 -66.60 -2.30 11.96
CA GLU B 134 -67.16 -3.27 12.89
C GLU B 134 -66.37 -3.25 14.19
N ILE B 135 -65.10 -2.84 14.14
CA ILE B 135 -64.33 -2.82 15.39
C ILE B 135 -64.69 -1.51 16.09
N GLU B 136 -65.10 -0.52 15.31
CA GLU B 136 -65.51 0.76 15.90
C GLU B 136 -66.73 0.60 16.81
N LYS B 137 -67.43 -0.53 16.66
CA LYS B 137 -68.66 -0.76 17.40
C LYS B 137 -68.43 -1.62 18.63
N VAL B 138 -67.18 -1.76 19.06
CA VAL B 138 -66.90 -2.69 20.12
C VAL B 138 -66.01 -2.09 21.19
N THR B 139 -66.19 -2.56 22.42
CA THR B 139 -65.41 -2.14 23.55
C THR B 139 -64.73 -3.38 24.08
N ILE B 140 -63.40 -3.38 23.96
CA ILE B 140 -62.55 -4.49 24.33
C ILE B 140 -61.89 -4.28 25.68
N GLU B 141 -61.99 -5.30 26.53
CA GLU B 141 -61.47 -5.19 27.88
C GLU B 141 -60.63 -6.45 28.08
N ALA B 142 -59.57 -6.35 28.86
CA ALA B 142 -58.74 -7.51 29.12
C ALA B 142 -59.43 -8.45 30.10
N ARG B 143 -59.08 -9.72 30.06
CA ARG B 143 -59.75 -10.69 30.91
C ARG B 143 -59.38 -10.55 32.37
N LYS B 144 -60.19 -11.20 33.19
CA LYS B 144 -59.99 -11.21 34.63
C LYS B 144 -59.22 -12.47 35.04
N SER B 145 -58.82 -13.26 34.05
CA SER B 145 -57.92 -14.39 34.29
C SER B 145 -56.66 -14.41 33.40
N ASN B 146 -56.52 -13.42 32.53
CA ASN B 146 -55.30 -13.24 31.73
C ASN B 146 -55.33 -11.91 30.98
N PRO B 147 -54.19 -11.48 30.40
CA PRO B 147 -54.29 -10.16 29.76
C PRO B 147 -54.90 -10.13 28.35
N TYR B 148 -55.33 -11.27 27.83
CA TYR B 148 -55.85 -11.32 26.46
C TYR B 148 -57.20 -10.64 26.23
N PRO B 149 -57.36 -9.96 25.08
CA PRO B 149 -58.57 -9.20 24.79
C PRO B 149 -59.80 -10.12 24.70
N GLN B 150 -60.95 -9.61 25.14
CA GLN B 150 -62.26 -10.21 24.90
C GLN B 150 -63.34 -9.12 25.04
N ILE B 151 -64.46 -9.29 24.32
CA ILE B 151 -65.38 -8.18 24.11
C ILE B 151 -66.24 -7.89 25.34
N SER B 152 -66.31 -6.61 25.69
CA SER B 152 -67.06 -6.15 26.85
C SER B 152 -68.35 -5.49 26.39
N GLU B 153 -68.27 -4.67 25.34
CA GLU B 153 -69.47 -4.07 24.76
C GLU B 153 -69.58 -4.23 23.25
N SER B 154 -70.75 -4.60 22.77
CA SER B 154 -70.98 -4.62 21.33
C SER B 154 -72.26 -3.88 20.99
N SER B 155 -72.19 -3.07 19.94
CA SER B 155 -73.35 -2.34 19.46
C SER B 155 -73.71 -2.85 18.07
N LEU B 156 -73.28 -4.07 17.76
CA LEU B 156 -73.59 -4.65 16.47
C LEU B 156 -75.06 -4.97 16.40
N LEU B 157 -75.65 -4.66 15.26
CA LEU B 157 -77.07 -4.87 15.02
C LEU B 157 -77.23 -5.48 13.65
N PHE B 158 -78.23 -6.35 13.47
CA PHE B 158 -78.52 -6.91 12.15
C PHE B 158 -78.63 -5.76 11.15
N LYS B 159 -79.20 -4.66 11.61
CA LYS B 159 -79.29 -3.40 10.88
C LYS B 159 -78.00 -2.98 10.16
N ASP B 160 -76.87 -3.12 10.86
CA ASP B 160 -75.60 -2.56 10.40
C ASP B 160 -75.06 -3.16 9.10
N ALA B 161 -75.23 -4.47 8.95
CA ALA B 161 -74.80 -5.20 7.76
C ALA B 161 -75.54 -4.81 6.48
N LEU B 162 -76.71 -4.20 6.61
CA LEU B 162 -77.62 -4.03 5.47
C LEU B 162 -77.06 -3.15 4.37
N ASP B 163 -76.23 -2.17 4.74
CA ASP B 163 -75.59 -1.29 3.77
C ASP B 163 -74.68 -2.04 2.79
N TYR B 164 -74.13 -3.16 3.24
CA TYR B 164 -73.16 -3.92 2.45
C TYR B 164 -73.80 -5.02 1.61
N MSE B 165 -75.13 -5.03 1.56
CA MSE B 165 -75.83 -6.04 0.79
C MSE B 165 -76.86 -5.41 -0.15
O MSE B 165 -77.30 -4.28 0.06
CB MSE B 165 -76.54 -7.02 1.72
CG MSE B 165 -75.98 -7.02 3.14
SE MSE B 165 -76.79 -8.32 4.33
CE MSE B 165 -75.50 -9.76 4.08
N GLU B 166 -77.21 -6.14 -1.21
CA GLU B 166 -78.19 -5.67 -2.17
C GLU B 166 -79.59 -5.78 -1.59
N LYS B 167 -80.38 -4.72 -1.70
CA LYS B 167 -81.73 -4.71 -1.16
C LYS B 167 -82.62 -5.73 -1.86
N THR B 168 -82.14 -6.27 -2.98
CA THR B 168 -82.89 -7.23 -3.77
C THR B 168 -82.64 -8.68 -3.33
N SER B 169 -81.47 -8.95 -2.74
CA SER B 169 -81.08 -10.33 -2.44
C SER B 169 -81.91 -10.89 -1.29
N SER B 170 -82.13 -12.20 -1.31
CA SER B 170 -82.83 -12.90 -0.24
C SER B 170 -82.10 -12.76 1.09
N ASP B 171 -80.77 -12.67 1.00
CA ASP B 171 -79.93 -12.48 2.17
C ASP B 171 -80.37 -11.20 2.87
N TYR B 172 -80.52 -10.13 2.10
CA TYR B 172 -80.92 -8.82 2.63
C TYR B 172 -82.23 -8.97 3.37
N ASN B 173 -83.11 -9.82 2.84
CA ASN B 173 -84.39 -10.07 3.47
C ASN B 173 -84.19 -10.74 4.83
N LEU B 174 -83.35 -11.76 4.88
CA LEU B 174 -83.01 -12.40 6.15
C LEU B 174 -82.51 -11.41 7.19
N TRP B 175 -81.54 -10.58 6.81
CA TRP B 175 -80.91 -9.67 7.76
C TRP B 175 -81.89 -8.58 8.18
N LYS B 176 -82.71 -8.15 7.23
CA LYS B 176 -83.69 -7.09 7.48
C LYS B 176 -84.74 -7.58 8.47
N LEU B 177 -85.45 -8.65 8.10
CA LEU B 177 -86.42 -9.28 9.00
C LEU B 177 -85.85 -9.53 10.40
N SER B 178 -84.60 -9.99 10.44
CA SER B 178 -83.90 -10.19 11.70
C SER B 178 -83.72 -8.89 12.48
N SER B 179 -83.45 -7.80 11.76
CA SER B 179 -83.37 -6.48 12.37
C SER B 179 -84.72 -6.06 12.96
N ILE B 180 -85.77 -6.21 12.16
CA ILE B 180 -87.12 -5.84 12.55
C ILE B 180 -87.52 -6.56 13.85
N LEU B 181 -87.27 -7.86 13.90
CA LEU B 181 -87.66 -8.64 15.08
C LEU B 181 -86.72 -8.52 16.29
N PHE B 182 -85.42 -8.35 16.08
CA PHE B 182 -84.47 -8.45 17.20
C PHE B 182 -83.77 -7.15 17.59
N ASP B 183 -83.51 -6.27 16.64
CA ASP B 183 -82.77 -5.06 16.98
C ASP B 183 -83.68 -4.18 17.81
N PRO B 184 -83.11 -3.49 18.81
CA PRO B 184 -84.00 -2.70 19.65
C PRO B 184 -84.60 -1.56 18.84
N VAL B 185 -85.88 -1.27 19.10
CA VAL B 185 -86.50 -0.11 18.52
C VAL B 185 -86.25 1.02 19.50
N SER B 186 -86.13 2.24 19.00
CA SER B 186 -86.18 3.38 19.89
C SER B 186 -87.43 4.18 19.60
N TYR B 187 -87.98 4.75 20.65
CA TYR B 187 -89.18 5.57 20.55
C TYR B 187 -88.78 6.94 21.05
N PRO B 188 -88.59 7.88 20.13
CA PRO B 188 -87.94 9.12 20.55
C PRO B 188 -88.81 9.97 21.45
N TYR B 189 -90.13 9.83 21.42
CA TYR B 189 -90.85 10.84 22.15
C TYR B 189 -91.06 10.37 23.60
N LYS B 190 -91.11 11.35 24.50
CA LYS B 190 -91.27 11.16 25.95
C LYS B 190 -92.63 10.51 26.24
N THR B 191 -92.68 9.62 27.21
CA THR B 191 -93.91 8.96 27.61
C THR B 191 -94.20 9.07 29.10
N ASP B 192 -95.45 9.47 29.41
CA ASP B 192 -95.96 9.68 30.77
C ASP B 192 -95.35 8.59 31.65
N ASN B 193 -95.58 7.30 31.39
CA ASN B 193 -94.93 6.34 32.26
C ASN B 193 -94.27 5.32 31.33
N ASP B 194 -93.59 4.33 31.90
CA ASP B 194 -92.80 3.40 31.10
C ASP B 194 -93.49 2.15 30.52
N GLN B 195 -94.71 1.87 30.97
CA GLN B 195 -95.45 0.71 30.45
C GLN B 195 -96.19 1.11 29.19
N VAL B 196 -96.52 2.39 29.12
CA VAL B 196 -97.05 2.96 27.90
C VAL B 196 -95.94 2.83 26.88
N LYS B 197 -94.73 3.24 27.25
CA LYS B 197 -93.60 3.19 26.33
C LYS B 197 -93.51 1.79 25.78
N MSE B 198 -93.42 0.80 26.68
CA MSE B 198 -93.38 -0.60 26.25
C MSE B 198 -94.45 -0.93 25.20
O MSE B 198 -94.17 -1.55 24.16
CB MSE B 198 -93.56 -1.53 27.45
CG MSE B 198 -92.29 -1.77 28.24
SE MSE B 198 -90.81 -2.23 27.06
CE MSE B 198 -89.63 -0.73 27.47
N ALA B 199 -95.67 -0.44 25.45
CA ALA B 199 -96.80 -0.68 24.55
C ALA B 199 -96.64 -0.07 23.16
N LEU B 200 -96.14 1.17 23.13
CA LEU B 200 -95.87 1.86 21.88
C LEU B 200 -94.79 1.15 21.11
N LEU B 201 -93.72 0.76 21.80
CA LEU B 201 -92.64 0.04 21.15
C LEU B 201 -93.18 -1.25 20.51
N LYS B 202 -94.11 -1.90 21.21
CA LYS B 202 -94.73 -3.10 20.65
C LYS B 202 -95.50 -2.77 19.37
N LYS B 203 -96.21 -1.64 19.38
CA LYS B 203 -97.01 -1.28 18.22
C LYS B 203 -96.09 -0.99 17.04
N GLU B 204 -95.10 -0.13 17.26
CA GLU B 204 -94.10 0.18 16.25
C GLU B 204 -93.53 -1.09 15.60
N ARG B 205 -92.98 -1.97 16.43
CA ARG B 205 -92.37 -3.21 15.91
C ARG B 205 -93.39 -3.96 15.06
N HIS B 206 -94.61 -4.08 15.58
CA HIS B 206 -95.67 -4.83 14.92
C HIS B 206 -95.98 -4.26 13.54
N CYS B 207 -96.05 -2.94 13.48
CA CYS B 207 -96.36 -2.22 12.25
C CYS B 207 -95.26 -2.41 11.20
N ARG B 208 -94.01 -2.43 11.65
CA ARG B 208 -92.91 -2.59 10.71
C ARG B 208 -92.88 -4.03 10.19
N LEU B 209 -93.15 -4.98 11.09
CA LEU B 209 -93.12 -6.38 10.70
C LEU B 209 -94.19 -6.62 9.65
N THR B 210 -95.35 -5.99 9.84
CA THR B 210 -96.50 -6.33 9.01
C THR B 210 -96.40 -5.59 7.66
N SER B 211 -95.82 -4.39 7.69
CA SER B 211 -95.48 -3.70 6.45
C SER B 211 -94.47 -4.51 5.63
N TRP B 212 -93.59 -5.22 6.33
CA TRP B 212 -92.54 -5.93 5.62
C TRP B 212 -93.17 -7.16 4.98
N ILE B 213 -93.99 -7.87 5.75
CA ILE B 213 -94.59 -9.09 5.23
C ILE B 213 -95.40 -8.70 3.99
N VAL B 214 -96.05 -7.54 4.06
CA VAL B 214 -96.86 -7.10 2.93
C VAL B 214 -95.95 -6.80 1.73
N SER B 215 -94.75 -6.30 2.01
CA SER B 215 -93.75 -6.12 0.96
C SER B 215 -93.45 -7.44 0.26
N GLN B 216 -93.34 -8.52 1.04
CA GLN B 216 -92.97 -9.82 0.47
C GLN B 216 -94.11 -10.45 -0.33
N ILE B 217 -95.27 -10.60 0.31
CA ILE B 217 -96.40 -11.25 -0.33
C ILE B 217 -96.98 -10.41 -1.47
N GLY B 218 -96.61 -9.13 -1.51
CA GLY B 218 -97.15 -8.17 -2.46
C GLY B 218 -97.47 -8.66 -3.88
N PRO B 219 -96.44 -9.04 -4.63
CA PRO B 219 -96.65 -9.56 -6.00
C PRO B 219 -97.50 -10.84 -6.08
N GLU B 220 -97.28 -11.80 -5.19
CA GLU B 220 -98.12 -13.00 -5.10
C GLU B 220 -99.61 -12.66 -5.19
N ILE B 221 -100.01 -11.75 -4.30
CA ILE B 221 -101.41 -11.45 -4.09
C ILE B 221 -101.85 -10.61 -5.27
N GLU B 222 -101.08 -9.60 -5.63
CA GLU B 222 -101.42 -8.77 -6.80
C GLU B 222 -101.68 -9.61 -8.05
N GLU B 223 -100.90 -10.68 -8.23
CA GLU B 223 -101.11 -11.66 -9.29
C GLU B 223 -102.50 -12.29 -9.13
N LYS B 224 -102.79 -12.67 -7.89
CA LYS B 224 -104.04 -13.38 -7.60
C LYS B 224 -105.23 -12.45 -7.88
N ILE B 225 -105.08 -11.17 -7.57
CA ILE B 225 -106.12 -10.18 -7.81
C ILE B 225 -106.26 -9.99 -9.31
N ARG B 226 -105.13 -10.01 -10.01
CA ARG B 226 -105.15 -9.97 -11.48
C ARG B 226 -106.05 -11.05 -12.06
N ASN B 227 -106.01 -12.24 -11.49
CA ASN B 227 -106.75 -13.35 -12.12
C ASN B 227 -108.16 -13.64 -11.58
N SER B 228 -108.51 -13.06 -10.43
CA SER B 228 -109.84 -13.26 -9.88
C SER B 228 -110.94 -12.80 -10.85
N SER B 229 -112.08 -13.49 -10.82
CA SER B 229 -113.23 -13.10 -11.63
C SER B 229 -114.44 -12.70 -10.78
N ASN B 230 -114.19 -12.43 -9.50
CA ASN B 230 -115.24 -12.27 -8.52
C ASN B 230 -114.80 -11.12 -7.62
N GLU B 231 -115.69 -10.18 -7.36
CA GLU B 231 -115.33 -8.96 -6.65
C GLU B 231 -115.06 -9.18 -5.16
N ILE B 232 -115.88 -10.00 -4.51
CA ILE B 232 -115.77 -10.22 -3.07
C ILE B 232 -114.45 -10.93 -2.73
N GLU B 233 -114.03 -11.82 -3.62
CA GLU B 233 -112.73 -12.46 -3.53
C GLU B 233 -111.60 -11.44 -3.61
N GLN B 234 -111.71 -10.51 -4.55
CA GLN B 234 -110.76 -9.40 -4.61
C GLN B 234 -110.69 -8.62 -3.32
N ILE B 235 -111.85 -8.31 -2.75
CA ILE B 235 -111.93 -7.62 -1.47
C ILE B 235 -111.12 -8.37 -0.41
N PHE B 236 -111.29 -9.69 -0.42
CA PHE B 236 -110.56 -10.54 0.51
C PHE B 236 -109.05 -10.42 0.26
N LEU B 237 -108.64 -10.56 -0.98
CA LEU B 237 -107.22 -10.44 -1.34
C LEU B 237 -106.62 -9.09 -0.92
N TYR B 238 -107.43 -8.03 -0.99
CA TYR B 238 -106.96 -6.72 -0.57
C TYR B 238 -106.74 -6.78 0.92
N LEU B 239 -107.56 -7.58 1.62
CA LEU B 239 -107.32 -7.74 3.04
C LEU B 239 -106.05 -8.56 3.26
N LEU B 240 -105.73 -9.41 2.29
CA LEU B 240 -104.50 -10.20 2.33
C LEU B 240 -103.26 -9.30 2.19
N LEU B 241 -103.44 -8.13 1.57
CA LEU B 241 -102.35 -7.15 1.52
C LEU B 241 -102.46 -6.11 2.62
N ASN B 242 -103.32 -6.38 3.60
CA ASN B 242 -103.51 -5.50 4.75
C ASN B 242 -103.87 -4.09 4.31
N ASP B 243 -104.62 -4.01 3.22
CA ASP B 243 -105.14 -2.75 2.71
C ASP B 243 -106.62 -2.71 3.00
N VAL B 244 -106.96 -2.29 4.22
CA VAL B 244 -108.34 -2.28 4.67
C VAL B 244 -109.14 -1.30 3.83
N VAL B 245 -108.54 -0.14 3.56
CA VAL B 245 -109.20 0.91 2.81
C VAL B 245 -109.58 0.54 1.36
N ARG B 246 -108.69 -0.11 0.61
CA ARG B 246 -109.05 -0.49 -0.75
C ARG B 246 -110.10 -1.58 -0.81
N ALA B 247 -110.12 -2.38 0.23
CA ALA B 247 -111.10 -3.44 0.35
C ALA B 247 -112.44 -2.76 0.55
N SER B 248 -112.46 -1.84 1.51
CA SER B 248 -113.66 -1.10 1.86
C SER B 248 -114.19 -0.41 0.60
N LYS B 249 -113.27 0.12 -0.21
CA LYS B 249 -113.63 0.90 -1.38
C LYS B 249 -114.25 0.00 -2.44
N LEU B 250 -113.64 -1.17 -2.64
CA LEU B 250 -114.16 -2.11 -3.61
C LEU B 250 -115.53 -2.62 -3.18
N ALA B 251 -115.65 -2.99 -1.91
CA ALA B 251 -116.94 -3.31 -1.31
C ALA B 251 -117.98 -2.24 -1.67
N ILE B 252 -117.68 -0.99 -1.31
CA ILE B 252 -118.55 0.15 -1.62
C ILE B 252 -118.98 0.09 -3.08
N GLU B 253 -118.00 -0.09 -3.95
CA GLU B 253 -118.18 -0.02 -5.40
C GLU B 253 -118.98 -1.20 -5.93
N SER B 254 -118.73 -2.38 -5.37
CA SER B 254 -119.39 -3.60 -5.79
C SER B 254 -120.74 -3.81 -5.10
N LYS B 255 -121.20 -2.79 -4.37
CA LYS B 255 -122.58 -2.71 -3.89
C LYS B 255 -122.73 -3.58 -2.62
N ASN B 256 -121.61 -4.13 -2.17
CA ASN B 256 -121.56 -4.75 -0.85
C ASN B 256 -121.29 -3.76 0.29
N GLY B 257 -122.31 -2.99 0.66
CA GLY B 257 -122.15 -1.86 1.57
C GLY B 257 -121.99 -2.22 3.04
N HIS B 258 -122.80 -3.19 3.48
CA HIS B 258 -122.74 -3.67 4.86
C HIS B 258 -121.35 -4.23 5.12
N LEU B 259 -120.90 -5.05 4.18
CA LEU B 259 -119.60 -5.69 4.26
C LEU B 259 -118.62 -4.57 4.47
N SER B 260 -118.64 -3.62 3.53
CA SER B 260 -117.79 -2.44 3.57
C SER B 260 -117.69 -1.90 4.99
N VAL B 261 -118.84 -1.76 5.66
CA VAL B 261 -118.86 -1.17 7.01
C VAL B 261 -118.04 -2.06 7.93
N LEU B 262 -118.35 -3.35 7.87
CA LEU B 262 -117.70 -4.36 8.71
C LEU B 262 -116.17 -4.33 8.58
N ILE B 263 -115.70 -4.35 7.33
CA ILE B 263 -114.28 -4.24 6.99
C ILE B 263 -113.54 -3.15 7.75
N SER B 264 -114.16 -1.97 7.89
CA SER B 264 -113.53 -0.84 8.57
C SER B 264 -113.07 -1.16 10.00
N TYR B 265 -113.54 -2.28 10.55
CA TYR B 265 -113.14 -2.69 11.89
C TYR B 265 -111.81 -3.42 11.90
N LEU B 266 -111.45 -4.00 10.76
CA LEU B 266 -110.21 -4.77 10.65
C LEU B 266 -108.98 -3.98 11.07
N GLY B 267 -108.43 -4.38 12.20
CA GLY B 267 -107.18 -3.89 12.74
C GLY B 267 -107.42 -3.10 14.01
N SER B 268 -108.67 -2.89 14.35
CA SER B 268 -109.02 -2.51 15.71
C SER B 268 -109.37 -3.84 16.35
N ASN B 269 -109.01 -4.07 17.60
CA ASN B 269 -109.17 -5.43 18.07
C ASN B 269 -110.45 -5.60 18.90
N ASP B 270 -111.52 -4.93 18.49
CA ASP B 270 -112.71 -4.71 19.32
C ASP B 270 -113.35 -6.06 19.67
N PRO B 271 -113.18 -6.53 20.92
CA PRO B 271 -113.66 -7.88 21.24
C PRO B 271 -115.17 -8.09 21.03
N ARG B 272 -115.94 -7.00 21.07
CA ARG B 272 -117.38 -7.08 20.81
C ARG B 272 -117.59 -7.61 19.40
N ILE B 273 -116.96 -6.93 18.45
CA ILE B 273 -117.03 -7.29 17.04
C ILE B 273 -116.50 -8.70 16.82
N ARG B 274 -115.46 -9.05 17.56
CA ARG B 274 -114.85 -10.38 17.45
C ARG B 274 -115.88 -11.47 17.74
N ASP B 275 -116.54 -11.32 18.89
CA ASP B 275 -117.48 -12.35 19.34
C ASP B 275 -118.77 -12.31 18.53
N LEU B 276 -119.12 -11.13 18.02
CA LEU B 276 -120.30 -11.01 17.18
C LEU B 276 -120.07 -11.73 15.86
N ALA B 277 -118.89 -11.51 15.26
CA ALA B 277 -118.54 -12.13 14.00
C ALA B 277 -118.55 -13.64 14.16
N GLU B 278 -117.97 -14.11 15.26
CA GLU B 278 -117.91 -15.55 15.48
C GLU B 278 -119.33 -16.09 15.62
N LEU B 279 -120.18 -15.36 16.35
CA LEU B 279 -121.57 -15.75 16.55
C LEU B 279 -122.30 -15.92 15.21
N GLN B 280 -122.14 -14.92 14.35
CA GLN B 280 -122.76 -14.93 13.02
C GLN B 280 -122.31 -16.18 12.28
N LEU B 281 -121.02 -16.48 12.40
CA LEU B 281 -120.45 -17.67 11.75
C LEU B 281 -121.05 -18.97 12.27
N GLN B 282 -121.24 -19.09 13.58
CA GLN B 282 -121.89 -20.28 14.12
C GLN B 282 -123.35 -20.44 13.67
N LYS B 283 -124.07 -19.31 13.65
CA LYS B 283 -125.46 -19.31 13.23
C LYS B 283 -125.55 -19.78 11.80
N TRP B 284 -124.66 -19.29 10.95
CA TRP B 284 -124.66 -19.78 9.57
C TRP B 284 -124.30 -21.26 9.60
N SER B 285 -123.25 -21.62 10.35
CA SER B 285 -122.76 -22.98 10.36
C SER B 285 -123.63 -23.87 11.26
N THR B 286 -124.92 -23.60 11.26
CA THR B 286 -125.93 -24.39 11.96
C THR B 286 -127.25 -24.06 11.28
N GLY B 287 -127.45 -24.69 10.13
CA GLY B 287 -128.54 -24.36 9.23
C GLY B 287 -127.89 -23.58 8.10
N GLY B 288 -127.95 -22.25 8.24
CA GLY B 288 -127.56 -21.30 7.21
C GLY B 288 -127.47 -21.72 5.75
N CYS B 289 -128.62 -21.93 5.11
CA CYS B 289 -128.72 -22.67 3.84
C CYS B 289 -127.55 -22.45 2.86
N SER B 290 -127.03 -21.23 2.82
CA SER B 290 -125.91 -20.87 1.95
C SER B 290 -125.37 -19.49 2.31
N ILE B 291 -124.06 -19.38 2.47
CA ILE B 291 -123.40 -18.08 2.60
C ILE B 291 -122.23 -18.03 1.62
N ASP B 292 -122.07 -16.90 0.92
CA ASP B 292 -120.98 -16.72 -0.03
C ASP B 292 -119.63 -17.13 0.58
N LYS B 293 -118.85 -17.90 -0.17
CA LYS B 293 -117.57 -18.43 0.28
C LYS B 293 -116.53 -17.42 0.78
N ASN B 294 -116.52 -16.22 0.22
CA ASN B 294 -115.53 -15.21 0.63
C ASN B 294 -116.01 -14.26 1.71
N ILE B 295 -117.32 -14.08 1.79
CA ILE B 295 -117.92 -13.28 2.83
C ILE B 295 -117.66 -13.97 4.17
N SER B 296 -117.75 -15.30 4.14
CA SER B 296 -117.48 -16.08 5.34
C SER B 296 -116.00 -15.94 5.71
N LYS B 297 -115.12 -15.97 4.71
CA LYS B 297 -113.70 -15.75 4.97
C LYS B 297 -113.45 -14.42 5.68
N ILE B 298 -114.11 -13.38 5.18
CA ILE B 298 -113.94 -12.04 5.75
C ILE B 298 -114.46 -11.98 7.19
N TYR B 299 -115.59 -12.65 7.43
CA TYR B 299 -116.14 -12.68 8.77
C TYR B 299 -115.16 -13.40 9.68
N LYS B 300 -114.54 -14.45 9.15
CA LYS B 300 -113.59 -15.25 9.91
C LYS B 300 -112.39 -14.38 10.30
N LEU B 301 -111.97 -13.52 9.39
CA LEU B 301 -110.95 -12.51 9.72
C LEU B 301 -111.42 -11.59 10.85
N LEU B 302 -112.67 -11.13 10.80
CA LEU B 302 -113.18 -10.30 11.89
C LEU B 302 -113.26 -11.06 13.21
N SER B 303 -113.36 -12.38 13.13
CA SER B 303 -113.43 -13.24 14.32
C SER B 303 -112.14 -13.21 15.13
N GLY B 304 -111.04 -12.84 14.47
CA GLY B 304 -109.76 -12.69 15.16
C GLY B 304 -108.97 -13.97 15.27
N SER B 305 -109.53 -15.06 14.74
CA SER B 305 -108.91 -16.38 14.83
C SER B 305 -109.15 -17.18 13.57
N PRO B 306 -108.47 -16.80 12.46
CA PRO B 306 -108.92 -17.22 11.14
C PRO B 306 -108.59 -18.67 10.85
N PHE B 307 -107.65 -19.25 11.59
CA PHE B 307 -107.38 -20.67 11.41
C PHE B 307 -107.81 -21.38 12.68
N GLU B 308 -107.36 -20.85 13.81
CA GLU B 308 -107.74 -21.23 15.17
C GLU B 308 -109.22 -21.58 15.42
N GLY B 309 -109.93 -22.13 14.43
CA GLY B 309 -111.37 -21.90 14.33
C GLY B 309 -112.31 -23.01 13.87
N LEU B 310 -113.60 -22.67 13.86
CA LEU B 310 -114.65 -23.44 13.21
C LEU B 310 -115.35 -22.70 12.06
N PHE B 311 -114.51 -22.36 11.07
CA PHE B 311 -114.89 -21.96 9.73
C PHE B 311 -113.58 -21.63 9.05
N SER B 312 -112.66 -22.59 9.10
CA SER B 312 -111.26 -22.24 9.20
C SER B 312 -110.61 -21.98 7.85
N LEU B 313 -109.76 -20.96 7.84
CA LEU B 313 -108.95 -20.60 6.70
C LEU B 313 -107.73 -21.50 6.57
N LYS B 314 -107.63 -22.53 7.42
CA LYS B 314 -106.48 -23.43 7.37
C LYS B 314 -106.30 -24.05 6.00
N GLU B 315 -107.39 -24.34 5.30
CA GLU B 315 -107.31 -24.96 3.97
C GLU B 315 -106.62 -24.03 2.96
N LEU B 316 -106.62 -22.73 3.24
CA LEU B 316 -105.89 -21.79 2.42
C LEU B 316 -104.38 -22.05 2.48
N GLU B 317 -104.00 -23.05 3.28
CA GLU B 317 -102.63 -23.47 3.44
C GLU B 317 -102.10 -23.83 2.07
N SER B 318 -103.01 -24.37 1.25
CA SER B 318 -102.61 -24.88 -0.05
C SER B 318 -102.69 -23.84 -1.17
N GLU B 319 -103.19 -22.65 -0.85
CA GLU B 319 -103.33 -21.63 -1.87
C GLU B 319 -102.41 -20.42 -1.67
N PHE B 320 -101.79 -20.32 -0.50
CA PHE B 320 -101.00 -19.13 -0.18
C PHE B 320 -99.67 -19.41 0.50
N SER B 321 -98.70 -18.54 0.22
CA SER B 321 -97.43 -18.52 0.95
C SER B 321 -97.73 -18.58 2.45
N TRP B 322 -96.98 -19.38 3.19
CA TRP B 322 -97.16 -19.52 4.64
C TRP B 322 -97.08 -18.13 5.27
N LEU B 323 -96.18 -17.32 4.73
CA LEU B 323 -95.98 -15.94 5.19
C LEU B 323 -97.25 -15.10 5.05
N CYS B 324 -97.97 -15.28 3.95
CA CYS B 324 -99.25 -14.59 3.75
C CYS B 324 -100.28 -14.88 4.86
N LEU B 325 -100.43 -16.16 5.18
CA LEU B 325 -101.35 -16.55 6.25
C LEU B 325 -100.85 -16.04 7.59
N LEU B 326 -99.54 -16.08 7.79
CA LEU B 326 -98.99 -15.57 9.03
C LEU B 326 -99.33 -14.10 9.13
N ASN B 327 -99.30 -13.42 7.98
CA ASN B 327 -99.69 -12.02 7.90
C ASN B 327 -101.11 -11.86 8.44
N LEU B 328 -101.99 -12.76 7.98
CA LEU B 328 -103.37 -12.78 8.51
C LEU B 328 -103.47 -12.89 10.01
N THR B 329 -102.77 -13.85 10.61
CA THR B 329 -102.72 -13.91 12.07
C THR B 329 -102.16 -12.63 12.72
N LEU B 330 -101.08 -12.10 12.18
CA LEU B 330 -100.42 -10.94 12.76
C LEU B 330 -101.21 -9.62 12.68
N CYS B 331 -101.95 -9.44 11.59
CA CYS B 331 -102.70 -8.20 11.36
C CYS B 331 -104.03 -8.16 12.10
N TYR B 332 -104.73 -9.29 12.13
CA TYR B 332 -106.07 -9.38 12.70
C TYR B 332 -105.98 -10.08 14.05
N GLY B 333 -106.27 -11.39 14.04
CA GLY B 333 -105.50 -12.30 14.86
C GLY B 333 -105.48 -12.19 16.38
N GLN B 334 -105.54 -10.97 16.92
CA GLN B 334 -105.72 -10.66 18.37
C GLN B 334 -104.50 -9.95 18.96
N ILE B 335 -104.04 -8.93 18.23
CA ILE B 335 -102.85 -8.12 18.53
C ILE B 335 -102.66 -7.67 19.99
N ASP B 336 -103.72 -7.19 20.64
CA ASP B 336 -103.55 -6.52 21.93
C ASP B 336 -103.34 -7.51 23.08
N GLU B 337 -104.13 -8.57 23.11
CA GLU B 337 -104.09 -9.50 24.24
C GLU B 337 -102.77 -10.30 24.26
N TYR B 338 -102.14 -10.43 23.10
CA TYR B 338 -100.91 -11.22 22.99
C TYR B 338 -99.68 -10.35 22.79
N SER B 339 -98.52 -10.93 23.12
CA SER B 339 -97.26 -10.31 22.79
C SER B 339 -96.97 -10.72 21.36
N LEU B 340 -96.10 -9.98 20.68
CA LEU B 340 -95.73 -10.30 19.31
C LEU B 340 -95.25 -11.75 19.22
N GLU B 341 -94.43 -12.14 20.18
CA GLU B 341 -93.82 -13.46 20.20
C GLU B 341 -94.89 -14.54 20.31
N SER B 342 -95.72 -14.47 21.35
CA SER B 342 -96.67 -15.55 21.59
C SER B 342 -97.76 -15.59 20.52
N LEU B 343 -97.97 -14.46 19.85
CA LEU B 343 -98.87 -14.40 18.69
C LEU B 343 -98.29 -15.18 17.51
N VAL B 344 -97.08 -14.81 17.11
CA VAL B 344 -96.35 -15.53 16.08
C VAL B 344 -96.28 -17.02 16.40
N GLN B 345 -96.07 -17.32 17.67
CA GLN B 345 -95.98 -18.69 18.14
C GLN B 345 -97.32 -19.35 17.90
N SER B 346 -98.39 -18.66 18.29
CA SER B 346 -99.75 -19.14 18.08
C SER B 346 -99.91 -19.58 16.63
N HIS B 347 -99.53 -18.72 15.69
CA HIS B 347 -99.63 -19.06 14.27
C HIS B 347 -98.82 -20.30 13.91
N LEU B 348 -97.56 -20.31 14.33
CA LEU B 348 -96.65 -21.39 13.99
C LEU B 348 -97.15 -22.74 14.51
N ASP B 349 -97.83 -22.70 15.65
CA ASP B 349 -98.41 -23.90 16.25
C ASP B 349 -99.47 -24.54 15.34
N LYS B 350 -99.98 -23.77 14.38
CA LYS B 350 -101.03 -24.25 13.48
C LYS B 350 -100.48 -24.72 12.15
N PHE B 351 -99.24 -24.32 11.83
CA PHE B 351 -98.67 -24.67 10.54
C PHE B 351 -97.18 -25.00 10.61
N SER B 352 -96.84 -26.16 10.08
CA SER B 352 -95.45 -26.54 9.95
C SER B 352 -94.87 -25.72 8.81
N LEU B 353 -93.71 -25.13 9.04
CA LEU B 353 -92.98 -24.45 7.98
C LEU B 353 -91.95 -25.37 7.36
N PRO B 354 -91.53 -25.09 6.11
CA PRO B 354 -90.53 -25.96 5.50
C PRO B 354 -89.21 -25.81 6.24
N TYR B 355 -88.61 -26.96 6.55
CA TYR B 355 -87.40 -27.05 7.36
C TYR B 355 -86.30 -26.14 6.81
N ASP B 356 -86.21 -26.10 5.49
CA ASP B 356 -85.11 -25.44 4.79
C ASP B 356 -85.24 -23.92 4.67
N ASP B 357 -86.45 -23.40 4.88
CA ASP B 357 -86.73 -21.98 4.67
C ASP B 357 -86.23 -21.14 5.86
N PRO B 358 -85.24 -20.26 5.62
CA PRO B 358 -84.60 -19.46 6.68
C PRO B 358 -85.40 -18.29 7.27
N ILE B 359 -86.25 -17.61 6.49
CA ILE B 359 -87.08 -16.56 7.07
C ILE B 359 -88.10 -17.22 8.00
N GLY B 360 -88.45 -18.46 7.68
CA GLY B 360 -89.23 -19.30 8.57
C GLY B 360 -88.50 -19.53 9.89
N VAL B 361 -87.29 -20.07 9.79
CA VAL B 361 -86.41 -20.23 10.94
C VAL B 361 -86.32 -19.01 11.84
N ILE B 362 -86.23 -17.83 11.25
CA ILE B 362 -86.08 -16.63 12.06
C ILE B 362 -87.35 -16.36 12.86
N PHE B 363 -88.50 -16.55 12.21
CA PHE B 363 -89.77 -16.42 12.93
C PHE B 363 -89.85 -17.42 14.07
N GLN B 364 -89.41 -18.65 13.82
CA GLN B 364 -89.44 -19.66 14.87
C GLN B 364 -88.54 -19.28 16.03
N LEU B 365 -87.34 -18.76 15.74
CA LEU B 365 -86.43 -18.37 16.80
C LEU B 365 -86.97 -17.17 17.57
N TYR B 366 -87.65 -16.28 16.86
CA TYR B 366 -88.26 -15.11 17.50
C TYR B 366 -89.38 -15.51 18.45
N ALA B 367 -90.24 -16.41 17.99
CA ALA B 367 -91.41 -16.82 18.76
C ALA B 367 -91.00 -17.70 19.93
N ALA B 368 -89.89 -18.41 19.78
CA ALA B 368 -89.49 -19.42 20.74
C ALA B 368 -89.07 -18.83 22.09
N ASN B 369 -88.71 -17.55 22.08
CA ASN B 369 -88.56 -16.73 23.30
C ASN B 369 -87.95 -17.55 24.46
N GLU B 370 -88.81 -18.10 25.31
CA GLU B 370 -88.39 -18.79 26.54
C GLU B 370 -87.27 -19.82 26.33
N ASN B 371 -87.21 -20.43 25.14
CA ASN B 371 -86.10 -21.34 24.86
C ASN B 371 -85.67 -21.22 23.42
N THR B 372 -85.13 -20.04 23.09
CA THR B 372 -84.53 -19.77 21.81
C THR B 372 -83.39 -20.71 21.58
N GLU B 373 -82.51 -20.83 22.57
CA GLU B 373 -81.36 -21.68 22.42
C GLU B 373 -81.81 -23.07 22.07
N LYS B 374 -82.79 -23.58 22.83
CA LYS B 374 -83.26 -24.93 22.59
C LYS B 374 -83.59 -25.11 21.12
N LEU B 375 -84.38 -24.17 20.61
CA LEU B 375 -84.81 -24.23 19.24
C LEU B 375 -83.60 -24.09 18.33
N TYR B 376 -82.79 -23.08 18.60
CA TYR B 376 -81.58 -22.87 17.82
C TYR B 376 -80.80 -24.17 17.67
N LYS B 377 -80.61 -24.90 18.77
CA LYS B 377 -79.92 -26.18 18.70
C LYS B 377 -80.65 -27.15 17.77
N GLU B 378 -81.97 -27.23 17.93
CA GLU B 378 -82.79 -28.04 17.06
C GLU B 378 -82.57 -27.58 15.63
N VAL B 379 -82.61 -26.27 15.40
CA VAL B 379 -82.49 -25.76 14.03
C VAL B 379 -81.14 -26.17 13.45
N ARG B 380 -80.12 -26.19 14.31
CA ARG B 380 -78.77 -26.54 13.86
C ARG B 380 -78.68 -27.94 13.26
N GLN B 381 -79.20 -28.92 13.98
CA GLN B 381 -79.12 -30.30 13.56
C GLN B 381 -80.06 -30.66 12.41
N ARG B 382 -81.05 -29.78 12.16
CA ARG B 382 -82.06 -30.05 11.13
C ARG B 382 -81.70 -29.44 9.78
N THR B 383 -81.20 -28.20 9.76
CA THR B 383 -81.03 -27.48 8.49
C THR B 383 -79.70 -26.73 8.44
N ASN B 384 -79.32 -26.28 7.25
CA ASN B 384 -78.21 -25.35 7.10
C ASN B 384 -78.61 -23.96 6.62
N ALA B 385 -79.89 -23.62 6.78
CA ALA B 385 -80.43 -22.38 6.25
C ALA B 385 -79.75 -21.19 6.91
N LEU B 386 -79.33 -21.38 8.16
CA LEU B 386 -78.55 -20.38 8.87
C LEU B 386 -77.07 -20.72 8.77
N ASP B 387 -76.30 -19.80 8.20
CA ASP B 387 -74.88 -20.04 7.98
C ASP B 387 -74.05 -19.71 9.22
N VAL B 388 -72.78 -20.07 9.17
CA VAL B 388 -71.87 -19.95 10.31
C VAL B 388 -71.77 -18.50 10.81
N GLN B 389 -71.61 -17.60 9.85
CA GLN B 389 -71.45 -16.19 10.14
C GLN B 389 -72.73 -15.69 10.76
N PHE B 390 -73.86 -16.01 10.14
CA PHE B 390 -75.13 -15.48 10.58
C PHE B 390 -75.37 -15.96 12.00
N CYS B 391 -75.24 -17.27 12.23
CA CYS B 391 -75.47 -17.83 13.57
C CYS B 391 -74.62 -17.15 14.62
N TRP B 392 -73.39 -16.79 14.24
CA TRP B 392 -72.51 -16.13 15.20
C TRP B 392 -72.99 -14.71 15.46
N TYR B 393 -73.25 -13.96 14.41
CA TYR B 393 -73.70 -12.58 14.51
C TYR B 393 -74.97 -12.52 15.36
N LEU B 394 -75.92 -13.37 15.04
CA LEU B 394 -77.18 -13.50 15.77
C LEU B 394 -76.92 -13.68 17.26
N ILE B 395 -76.23 -14.77 17.59
CA ILE B 395 -75.94 -15.09 18.99
C ILE B 395 -75.30 -13.89 19.70
N GLN B 396 -74.36 -13.24 19.04
CA GLN B 396 -73.66 -12.10 19.62
C GLN B 396 -74.56 -10.88 19.85
N THR B 397 -75.36 -10.52 18.85
CA THR B 397 -76.34 -9.44 18.99
C THR B 397 -77.24 -9.69 20.20
N LEU B 398 -77.87 -10.87 20.20
CA LEU B 398 -78.84 -11.19 21.24
C LEU B 398 -78.15 -11.16 22.60
N ARG B 399 -76.91 -11.63 22.64
CA ARG B 399 -76.17 -11.66 23.90
C ARG B 399 -75.95 -10.24 24.41
N PHE B 400 -75.34 -9.42 23.57
CA PHE B 400 -74.95 -8.05 23.94
C PHE B 400 -76.09 -7.04 23.97
N ASN B 401 -77.31 -7.49 23.71
CA ASN B 401 -78.44 -6.57 23.80
C ASN B 401 -79.49 -7.02 24.82
N GLY B 402 -79.13 -8.02 25.63
CA GLY B 402 -80.06 -8.58 26.59
C GLY B 402 -81.28 -9.24 25.98
N THR B 403 -81.36 -9.20 24.65
CA THR B 403 -82.53 -9.66 23.91
C THR B 403 -82.87 -11.11 24.22
N ARG B 404 -81.85 -11.94 24.40
CA ARG B 404 -82.02 -13.37 24.57
C ARG B 404 -80.80 -13.96 25.27
N VAL B 405 -80.85 -15.25 25.59
CA VAL B 405 -79.80 -15.90 26.36
C VAL B 405 -79.23 -17.11 25.65
N PHE B 406 -77.90 -17.20 25.62
CA PHE B 406 -77.22 -18.36 25.04
C PHE B 406 -76.12 -18.87 25.97
N SER B 407 -75.91 -20.18 26.00
CA SER B 407 -74.83 -20.77 26.79
C SER B 407 -73.48 -20.20 26.38
N LYS B 408 -72.60 -19.98 27.35
CA LYS B 408 -71.21 -19.67 27.07
C LYS B 408 -70.63 -20.60 26.02
N GLU B 409 -71.04 -21.87 26.10
CA GLU B 409 -70.52 -22.90 25.21
C GLU B 409 -71.10 -22.82 23.81
N THR B 410 -72.39 -22.48 23.69
CA THR B 410 -72.98 -22.34 22.37
C THR B 410 -72.49 -21.09 21.64
N SER B 411 -72.30 -20.02 22.41
CA SER B 411 -71.77 -18.77 21.87
C SER B 411 -70.32 -18.95 21.44
N ASP B 412 -69.60 -19.76 22.21
CA ASP B 412 -68.21 -20.02 21.89
C ASP B 412 -68.14 -20.97 20.71
N GLU B 413 -69.05 -21.93 20.64
CA GLU B 413 -69.08 -22.87 19.52
C GLU B 413 -69.25 -22.09 18.21
N ALA B 414 -70.31 -21.27 18.16
CA ALA B 414 -70.55 -20.40 17.01
C ALA B 414 -69.31 -19.56 16.68
N THR B 415 -68.68 -19.03 17.73
CA THR B 415 -67.57 -18.11 17.54
C THR B 415 -66.36 -18.82 16.95
N PHE B 416 -65.98 -19.94 17.55
CA PHE B 416 -64.97 -20.83 17.00
C PHE B 416 -65.22 -21.08 15.52
N ALA B 417 -66.41 -21.57 15.21
CA ALA B 417 -66.75 -21.94 13.84
C ALA B 417 -66.51 -20.79 12.85
N PHE B 418 -67.00 -19.60 13.20
CA PHE B 418 -66.87 -18.46 12.30
C PHE B 418 -65.41 -17.99 12.18
N ALA B 419 -64.72 -17.92 13.32
CA ALA B 419 -63.31 -17.56 13.36
C ALA B 419 -62.48 -18.49 12.48
N ALA B 420 -62.84 -19.76 12.50
CA ALA B 420 -62.17 -20.78 11.69
C ALA B 420 -62.42 -20.58 10.21
N GLN B 421 -63.68 -20.47 9.82
CA GLN B 421 -64.03 -20.14 8.42
C GLN B 421 -63.22 -18.94 7.90
N LEU B 422 -63.12 -17.93 8.75
CA LEU B 422 -62.38 -16.71 8.45
C LEU B 422 -60.92 -16.99 8.26
N GLU B 423 -60.36 -17.86 9.09
CA GLU B 423 -58.95 -18.14 9.00
C GLU B 423 -58.67 -18.97 7.75
N PHE B 424 -59.60 -19.86 7.39
CA PHE B 424 -59.53 -20.58 6.11
C PHE B 424 -59.60 -19.63 4.92
N ALA B 425 -60.13 -18.44 5.13
CA ALA B 425 -60.23 -17.47 4.05
C ALA B 425 -59.05 -16.48 4.05
N GLN B 426 -58.02 -16.81 4.83
CA GLN B 426 -56.81 -15.98 4.99
C GLN B 426 -57.17 -14.62 5.55
N LEU B 427 -58.35 -14.53 6.15
CA LEU B 427 -58.77 -13.30 6.78
C LEU B 427 -58.39 -13.31 8.24
N HIS B 428 -57.11 -13.11 8.53
CA HIS B 428 -56.59 -13.36 9.87
C HIS B 428 -57.01 -12.28 10.86
N GLY B 429 -56.92 -11.01 10.47
CA GLY B 429 -57.40 -9.93 11.32
C GLY B 429 -58.84 -10.16 11.75
N HIS B 430 -59.68 -10.56 10.80
CA HIS B 430 -61.10 -10.69 11.04
C HIS B 430 -61.38 -11.90 11.92
N SER B 431 -60.65 -12.98 11.66
CA SER B 431 -60.73 -14.18 12.49
C SER B 431 -60.28 -13.89 13.91
N LEU B 432 -59.33 -12.97 14.05
CA LEU B 432 -58.77 -12.61 15.34
C LEU B 432 -59.83 -11.86 16.12
N PHE B 433 -60.44 -10.89 15.43
CA PHE B 433 -61.50 -10.07 15.99
C PHE B 433 -62.61 -10.96 16.50
N VAL B 434 -63.11 -11.85 15.65
CA VAL B 434 -64.12 -12.81 16.07
C VAL B 434 -63.63 -13.65 17.24
N SER B 435 -62.37 -14.09 17.18
CA SER B 435 -61.78 -14.93 18.22
C SER B 435 -61.88 -14.29 19.58
N CYS B 436 -61.99 -12.97 19.60
CA CYS B 436 -62.07 -12.23 20.85
C CYS B 436 -63.43 -12.44 21.55
N PHE B 437 -64.46 -12.82 20.81
CA PHE B 437 -65.79 -13.03 21.42
C PHE B 437 -65.91 -14.34 22.20
N LEU B 438 -64.79 -15.04 22.39
CA LEU B 438 -64.75 -16.24 23.23
C LEU B 438 -64.94 -15.93 24.71
N ASN B 439 -65.74 -16.76 25.37
CA ASN B 439 -65.95 -16.65 26.81
C ASN B 439 -64.86 -17.41 27.56
N ASP B 440 -64.50 -18.58 27.07
CA ASP B 440 -63.45 -19.38 27.69
C ASP B 440 -62.11 -18.69 27.51
N ASP B 441 -61.58 -18.17 28.60
CA ASP B 441 -60.37 -17.36 28.58
C ASP B 441 -59.16 -18.16 28.10
N LYS B 442 -59.08 -19.41 28.56
CA LYS B 442 -58.02 -20.34 28.17
C LYS B 442 -57.94 -20.49 26.65
N ALA B 443 -59.10 -20.75 26.06
CA ALA B 443 -59.25 -20.98 24.63
C ALA B 443 -58.93 -19.72 23.84
N ALA B 444 -59.44 -18.59 24.33
CA ALA B 444 -59.18 -17.31 23.68
C ALA B 444 -57.69 -17.10 23.64
N GLU B 445 -57.04 -17.27 24.78
CA GLU B 445 -55.60 -17.10 24.90
C GLU B 445 -54.88 -17.93 23.86
N ASP B 446 -55.10 -19.24 23.88
CA ASP B 446 -54.45 -20.13 22.92
C ASP B 446 -54.69 -19.68 21.47
N THR B 447 -55.96 -19.63 21.06
CA THR B 447 -56.33 -19.27 19.68
C THR B 447 -55.59 -18.01 19.21
N ILE B 448 -55.73 -16.95 20.01
CA ILE B 448 -55.22 -15.63 19.70
C ILE B 448 -53.71 -15.76 19.53
N LYS B 449 -53.03 -16.17 20.60
CA LYS B 449 -51.59 -16.35 20.60
C LYS B 449 -51.08 -17.08 19.36
N ARG B 450 -51.53 -18.33 19.23
CA ARG B 450 -51.18 -19.21 18.11
C ARG B 450 -51.24 -18.48 16.77
N LEU B 451 -52.36 -17.78 16.56
CA LEU B 451 -52.59 -17.12 15.29
C LEU B 451 -51.67 -15.91 15.09
N VAL B 452 -51.47 -15.13 16.16
CA VAL B 452 -50.66 -13.93 16.07
C VAL B 452 -49.22 -14.29 15.76
N MSE B 453 -48.70 -15.29 16.45
CA MSE B 453 -47.31 -15.69 16.27
C MSE B 453 -47.11 -16.29 14.89
O MSE B 453 -46.16 -15.95 14.19
CB MSE B 453 -46.87 -16.67 17.35
CG MSE B 453 -47.02 -16.15 18.76
SE MSE B 453 -45.69 -16.88 19.98
CE MSE B 453 -46.38 -18.71 20.09
N ARG B 454 -48.01 -17.19 14.51
CA ARG B 454 -47.92 -17.80 13.18
C ARG B 454 -48.02 -16.77 12.04
N GLU B 455 -48.76 -15.68 12.26
CA GLU B 455 -49.13 -14.78 11.15
C GLU B 455 -48.78 -13.29 11.33
N ILE B 456 -47.89 -13.00 12.27
CA ILE B 456 -47.50 -11.61 12.60
C ILE B 456 -47.20 -10.68 11.42
N THR B 457 -46.53 -11.20 10.40
CA THR B 457 -46.09 -10.37 9.28
C THR B 457 -47.26 -9.67 8.58
N LEU B 458 -48.24 -10.45 8.16
CA LEU B 458 -49.40 -9.92 7.47
C LEU B 458 -50.19 -8.95 8.34
N LEU B 459 -50.21 -9.22 9.64
CA LEU B 459 -50.91 -8.40 10.62
C LEU B 459 -50.21 -7.11 11.04
N ARG B 460 -49.31 -6.60 10.22
CA ARG B 460 -48.58 -5.38 10.59
C ARG B 460 -48.32 -4.48 9.38
N ALA B 461 -49.35 -4.23 8.60
CA ALA B 461 -49.22 -3.50 7.34
C ALA B 461 -49.81 -2.10 7.48
N SER B 462 -51.13 -1.99 7.29
CA SER B 462 -51.79 -0.69 7.30
C SER B 462 -52.27 -0.31 8.70
N THR B 463 -52.93 0.83 8.79
CA THR B 463 -53.58 1.30 10.01
C THR B 463 -54.82 0.45 10.33
N ASN B 464 -55.50 -0.02 9.31
CA ASN B 464 -56.58 -0.98 9.51
C ASN B 464 -56.05 -2.30 10.07
N ASP B 465 -54.76 -2.57 9.85
CA ASP B 465 -54.05 -3.65 10.56
C ASP B 465 -53.47 -3.19 11.90
N HIS B 466 -53.36 -1.87 12.07
CA HIS B 466 -52.79 -1.36 13.30
C HIS B 466 -53.89 -1.45 14.34
N ILE B 467 -54.98 -0.69 14.19
CA ILE B 467 -56.15 -0.84 15.06
C ILE B 467 -56.35 -2.32 15.46
N LEU B 468 -55.88 -3.23 14.59
CA LEU B 468 -56.03 -4.66 14.77
C LEU B 468 -55.15 -5.04 15.94
N ASN B 469 -53.84 -4.85 15.76
CA ASN B 469 -52.95 -5.15 16.88
C ASN B 469 -53.14 -4.17 18.04
N ARG B 470 -53.89 -3.09 17.80
CA ARG B 470 -54.47 -2.31 18.89
C ARG B 470 -55.92 -2.72 19.13
N LEU B 471 -56.23 -4.02 19.06
CA LEU B 471 -57.43 -4.53 19.73
C LEU B 471 -57.21 -4.44 21.23
N LYS B 472 -56.52 -5.44 21.75
CA LYS B 472 -55.70 -5.32 22.96
C LYS B 472 -54.72 -6.46 22.94
N ILE B 473 -54.00 -6.61 21.82
CA ILE B 473 -53.11 -7.74 21.70
C ILE B 473 -51.99 -7.48 22.69
N PRO B 474 -51.69 -8.44 23.58
CA PRO B 474 -50.71 -8.20 24.64
C PRO B 474 -49.34 -7.80 24.09
N SER B 475 -48.75 -6.72 24.61
CA SER B 475 -47.44 -6.23 24.17
C SER B 475 -46.49 -7.41 24.01
N GLN B 476 -46.51 -8.26 25.04
CA GLN B 476 -45.66 -9.41 25.13
C GLN B 476 -45.82 -10.27 23.88
N LEU B 477 -47.01 -10.81 23.67
CA LEU B 477 -47.32 -11.62 22.49
C LEU B 477 -46.81 -11.03 21.17
N ILE B 478 -47.01 -9.71 20.99
CA ILE B 478 -46.70 -9.06 19.72
C ILE B 478 -45.21 -9.06 19.47
N PHE B 479 -44.48 -8.57 20.47
CA PHE B 479 -43.03 -8.56 20.37
C PHE B 479 -42.42 -9.96 20.37
N ASN B 480 -43.00 -10.89 21.13
CA ASN B 480 -42.45 -12.25 21.25
C ASN B 480 -42.50 -12.91 19.89
N ALA B 481 -43.71 -12.90 19.32
CA ALA B 481 -43.95 -13.31 17.97
C ALA B 481 -42.92 -12.67 17.05
N GLN B 482 -42.74 -11.35 17.18
CA GLN B 482 -41.77 -10.65 16.33
C GLN B 482 -40.34 -11.13 16.52
N ALA B 483 -40.05 -11.61 17.72
CA ALA B 483 -38.75 -12.16 18.05
C ALA B 483 -38.51 -13.46 17.29
N LEU B 484 -39.54 -14.30 17.26
CA LEU B 484 -39.48 -15.56 16.55
C LEU B 484 -39.20 -15.39 15.05
N LYS B 485 -39.92 -14.46 14.41
CA LYS B 485 -39.76 -14.15 12.99
C LYS B 485 -38.38 -13.67 12.57
N ASP B 486 -37.63 -13.11 13.51
CA ASP B 486 -36.26 -12.67 13.29
C ASP B 486 -35.22 -13.77 13.45
N ARG B 487 -35.37 -14.58 14.48
CA ARG B 487 -34.54 -15.76 14.66
C ARG B 487 -34.64 -16.68 13.45
N TYR B 488 -35.85 -16.82 12.92
CA TYR B 488 -36.04 -17.66 11.75
C TYR B 488 -35.57 -17.03 10.44
N GLU B 489 -35.62 -15.71 10.35
CA GLU B 489 -35.07 -14.95 9.22
C GLU B 489 -33.65 -14.43 9.40
N GLY B 490 -33.01 -14.80 10.50
CA GLY B 490 -31.58 -14.61 10.64
C GLY B 490 -31.24 -13.17 11.00
N SER B 494 -35.83 -8.56 17.12
CA SER B 494 -35.26 -9.74 17.78
C SER B 494 -34.63 -9.38 19.11
N GLU B 495 -33.57 -8.58 19.05
CA GLU B 495 -32.72 -8.34 20.21
C GLU B 495 -33.47 -7.53 21.25
N VAL B 496 -34.11 -6.46 20.82
CA VAL B 496 -34.93 -5.63 21.69
C VAL B 496 -36.06 -6.47 22.28
N GLN B 497 -36.53 -7.44 21.50
CA GLN B 497 -37.56 -8.35 21.98
C GLN B 497 -37.02 -9.23 23.10
N ASN B 498 -35.96 -9.98 22.81
CA ASN B 498 -35.33 -10.85 23.80
C ASN B 498 -34.97 -10.10 25.09
N LEU B 499 -34.62 -8.82 24.94
CA LEU B 499 -34.27 -7.99 26.08
C LEU B 499 -35.49 -7.70 26.96
N LEU B 500 -36.66 -7.58 26.35
CA LEU B 500 -37.88 -7.28 27.08
C LEU B 500 -38.31 -8.44 27.97
N ASP B 506 -29.00 -19.58 27.43
CA ASP B 506 -29.46 -20.45 26.36
C ASP B 506 -29.73 -19.65 25.09
N LEU B 507 -30.95 -19.14 24.96
CA LEU B 507 -31.33 -18.34 23.79
C LEU B 507 -30.56 -17.03 23.76
N ALA B 508 -30.39 -16.41 24.92
CA ALA B 508 -29.63 -15.17 25.03
C ALA B 508 -28.18 -15.39 24.61
N GLU B 509 -27.64 -16.54 24.99
CA GLU B 509 -26.27 -16.91 24.61
C GLU B 509 -26.15 -17.10 23.11
N MSE B 510 -27.21 -17.64 22.49
CA MSE B 510 -27.23 -17.83 21.05
C MSE B 510 -27.30 -16.48 20.33
O MSE B 510 -26.68 -16.30 19.29
CB MSE B 510 -28.42 -18.71 20.64
N ALA B 511 -28.06 -15.55 20.91
CA ALA B 511 -28.15 -14.20 20.37
C ALA B 511 -26.79 -13.52 20.44
N ILE B 512 -26.12 -13.69 21.58
CA ILE B 512 -24.79 -13.14 21.79
C ILE B 512 -23.79 -13.75 20.81
N VAL B 513 -24.01 -15.02 20.48
CA VAL B 513 -23.18 -15.71 19.49
C VAL B 513 -23.40 -15.13 18.11
N THR B 514 -24.65 -14.81 17.80
CA THR B 514 -25.00 -14.23 16.51
C THR B 514 -24.44 -12.81 16.37
N SER B 515 -24.36 -12.10 17.49
CA SER B 515 -23.95 -10.70 17.48
C SER B 515 -22.45 -10.52 17.22
N LEU B 516 -21.63 -11.42 17.76
CA LEU B 516 -20.18 -11.31 17.64
C LEU B 516 -19.71 -11.59 16.21
N VAL B 527 -20.57 -1.10 17.55
CA VAL B 527 -20.51 -2.41 18.19
C VAL B 527 -20.39 -2.27 19.70
N GLN B 528 -19.53 -1.34 20.14
CA GLN B 528 -19.32 -1.11 21.56
C GLN B 528 -20.57 -0.57 22.25
N ASN B 529 -21.23 0.38 21.58
CA ASN B 529 -22.45 0.97 22.11
C ASN B 529 -23.55 -0.07 22.28
N ASN B 530 -23.68 -0.96 21.31
CA ASN B 530 -24.64 -2.05 21.38
C ASN B 530 -24.37 -2.96 22.56
N GLU B 531 -23.08 -3.25 22.79
CA GLU B 531 -22.66 -4.06 23.91
C GLU B 531 -23.04 -3.39 25.23
N LEU B 532 -22.80 -2.08 25.31
CA LEU B 532 -23.15 -1.31 26.50
C LEU B 532 -24.65 -1.36 26.77
N LYS B 533 -25.44 -1.18 25.71
CA LYS B 533 -26.90 -1.22 25.83
C LYS B 533 -27.37 -2.59 26.32
N THR B 534 -26.78 -3.64 25.76
CA THR B 534 -27.09 -5.00 26.17
C THR B 534 -26.78 -5.20 27.65
N LEU B 535 -25.63 -4.69 28.08
CA LEU B 535 -25.22 -4.77 29.47
C LEU B 535 -26.22 -4.06 30.38
N ARG B 536 -26.68 -2.89 29.95
CA ARG B 536 -27.66 -2.12 30.71
C ARG B 536 -28.98 -2.88 30.83
N GLU B 537 -29.40 -3.49 29.73
CA GLU B 537 -30.62 -4.30 29.74
C GLU B 537 -30.49 -5.47 30.70
N ILE B 538 -29.32 -6.12 30.68
CA ILE B 538 -29.06 -7.25 31.56
C ILE B 538 -29.07 -6.84 33.03
N LEU B 539 -28.51 -5.66 33.31
CA LEU B 539 -28.51 -5.13 34.67
C LEU B 539 -29.93 -4.81 35.13
N ASN B 540 -30.73 -4.29 34.21
CA ASN B 540 -32.12 -4.00 34.49
C ASN B 540 -32.91 -5.27 34.78
N GLU B 541 -32.58 -6.35 34.07
CA GLU B 541 -33.25 -7.63 34.27
C GLU B 541 -32.87 -8.27 35.60
N PHE B 542 -31.61 -8.11 35.99
CA PHE B 542 -31.11 -8.69 37.24
C PHE B 542 -31.74 -8.00 38.45
N VAL B 552 -24.47 -17.75 31.96
CA VAL B 552 -25.00 -16.40 31.85
C VAL B 552 -24.14 -15.41 32.63
N SER B 553 -23.71 -15.81 33.81
CA SER B 553 -22.89 -14.95 34.67
C SER B 553 -21.50 -14.74 34.08
N ILE B 554 -20.96 -15.79 33.46
CA ILE B 554 -19.64 -15.72 32.85
C ILE B 554 -19.59 -14.68 31.74
N ASN B 555 -20.62 -14.68 30.90
CA ASN B 555 -20.74 -13.69 29.84
C ASN B 555 -20.81 -12.28 30.39
N VAL B 556 -21.51 -12.13 31.51
CA VAL B 556 -21.63 -10.83 32.18
C VAL B 556 -20.27 -10.37 32.67
N PHE B 557 -19.51 -11.29 33.24
CA PHE B 557 -18.15 -10.97 33.72
C PHE B 557 -17.26 -10.55 32.55
N GLU B 558 -17.37 -11.27 31.44
CA GLU B 558 -16.62 -10.96 30.24
C GLU B 558 -16.96 -9.56 29.72
N VAL B 559 -18.25 -9.23 29.73
CA VAL B 559 -18.72 -7.92 29.29
C VAL B 559 -18.18 -6.82 30.19
N TYR B 560 -18.24 -7.06 31.50
CA TYR B 560 -17.74 -6.11 32.48
C TYR B 560 -16.24 -5.87 32.28
N LEU B 561 -15.52 -6.93 31.94
CA LEU B 561 -14.10 -6.82 31.65
C LEU B 561 -13.85 -6.01 30.38
N LYS B 562 -14.68 -6.25 29.36
CA LYS B 562 -14.55 -5.56 28.09
C LYS B 562 -14.80 -4.06 28.25
N LEU B 563 -15.76 -3.70 29.08
CA LEU B 563 -16.06 -2.29 29.35
C LEU B 563 -14.88 -1.63 30.05
N VAL B 564 -14.19 -2.39 30.89
CA VAL B 564 -13.03 -1.88 31.62
C VAL B 564 -11.84 -1.69 30.68
N GLN B 571 -8.69 -8.22 39.58
CA GLN B 571 -9.77 -7.95 38.64
C GLN B 571 -9.50 -8.59 37.28
N GLU B 572 -8.26 -8.48 36.83
CA GLU B 572 -7.86 -9.06 35.55
C GLU B 572 -7.91 -10.58 35.61
N THR B 573 -7.44 -11.14 36.71
CA THR B 573 -7.42 -12.59 36.90
C THR B 573 -8.82 -13.18 36.89
N ILE B 574 -9.75 -12.50 37.54
CA ILE B 574 -11.14 -12.93 37.57
C ILE B 574 -11.75 -12.96 36.18
N ASP B 575 -11.47 -11.90 35.41
CA ASP B 575 -11.92 -11.81 34.03
C ASP B 575 -11.33 -12.95 33.20
N SER B 576 -10.07 -13.28 33.47
CA SER B 576 -9.39 -14.37 32.77
C SER B 576 -10.07 -15.71 33.06
N LEU B 577 -10.32 -15.98 34.33
CA LEU B 577 -11.01 -17.20 34.73
C LEU B 577 -12.39 -17.29 34.09
N ILE B 578 -13.09 -16.16 34.05
CA ILE B 578 -14.40 -16.09 33.42
C ILE B 578 -14.33 -16.43 31.94
N SER B 579 -13.34 -15.87 31.25
CA SER B 579 -13.14 -16.13 29.82
C SER B 579 -12.81 -17.59 29.56
N GLY B 580 -11.99 -18.17 30.42
CA GLY B 580 -11.64 -19.58 30.30
C GLY B 580 -12.86 -20.46 30.49
N MSE B 581 -13.68 -20.13 31.48
CA MSE B 581 -14.92 -20.85 31.74
C MSE B 581 -15.86 -20.76 30.55
O MSE B 581 -16.52 -21.73 30.17
CB MSE B 581 -15.61 -20.30 32.99
N LYS B 582 -15.94 -19.57 29.95
CA LYS B 582 -16.76 -19.36 28.75
C LYS B 582 -16.25 -20.20 27.59
N ILE B 583 -14.93 -20.29 27.46
CA ILE B 583 -14.32 -21.10 26.42
C ILE B 583 -14.65 -22.57 26.60
N PHE B 584 -14.67 -23.01 27.86
CA PHE B 584 -15.01 -24.40 28.17
C PHE B 584 -16.45 -24.71 27.77
N TYR B 585 -17.33 -23.72 27.92
CA TYR B 585 -18.73 -23.89 27.57
C TYR B 585 -18.92 -23.95 26.06
N VAL B 594 -19.04 -20.71 16.53
CA VAL B 594 -17.68 -21.14 16.84
C VAL B 594 -16.67 -20.07 16.45
N ALA B 595 -16.91 -19.41 15.32
CA ALA B 595 -16.02 -18.36 14.85
C ALA B 595 -16.03 -17.17 15.81
N ALA B 596 -17.22 -16.82 16.28
CA ALA B 596 -17.40 -15.72 17.23
C ALA B 596 -16.55 -15.92 18.48
N CYS B 597 -16.57 -17.14 19.01
CA CYS B 597 -15.83 -17.48 20.22
C CYS B 597 -14.32 -17.35 20.00
N CYS B 598 -13.86 -17.79 18.84
CA CYS B 598 -12.44 -17.68 18.49
C CYS B 598 -12.03 -16.23 18.39
N ASN B 599 -12.91 -15.40 17.81
CA ASN B 599 -12.67 -13.97 17.71
C ASN B 599 -12.56 -13.33 19.09
N VAL B 600 -13.47 -13.71 19.99
CA VAL B 600 -13.45 -13.19 21.36
C VAL B 600 -12.17 -13.62 22.08
N MSE B 601 -11.75 -14.85 21.84
CA MSE B 601 -10.51 -15.36 22.42
C MSE B 601 -9.32 -14.54 21.93
O MSE B 601 -8.44 -14.17 22.72
CB MSE B 601 -10.31 -16.84 22.06
N SER B 602 -9.29 -14.26 20.63
CA SER B 602 -8.22 -13.46 20.04
C SER B 602 -8.19 -12.06 20.62
N GLN B 603 -9.38 -11.46 20.80
CA GLN B 603 -9.49 -10.12 21.39
C GLN B 603 -8.94 -10.11 22.81
N GLU B 604 -9.34 -11.11 23.60
CA GLU B 604 -8.85 -11.26 24.97
C GLU B 604 -7.32 -11.37 24.99
N ILE B 605 -6.79 -12.15 24.05
CA ILE B 605 -5.34 -12.31 23.91
C ILE B 605 -4.66 -10.98 23.65
N VAL B 606 -5.20 -10.22 22.70
CA VAL B 606 -4.65 -8.90 22.37
C VAL B 606 -4.67 -7.99 23.59
N SER B 607 -5.76 -8.02 24.34
CA SER B 607 -5.89 -7.22 25.55
C SER B 607 -4.82 -7.58 26.58
N LYS B 608 -4.64 -8.88 26.81
CA LYS B 608 -3.64 -9.36 27.76
C LYS B 608 -2.24 -8.92 27.34
N ILE B 609 -1.96 -9.05 26.05
CA ILE B 609 -0.68 -8.61 25.50
C ILE B 609 -0.47 -7.11 25.73
N LEU B 610 -1.55 -6.34 25.60
CA LEU B 610 -1.49 -4.91 25.85
C LEU B 610 -1.21 -4.62 27.32
N GLU B 611 -1.75 -5.47 28.19
CA GLU B 611 -1.58 -5.30 29.64
C GLU B 611 -0.16 -5.61 30.08
N LYS B 612 0.42 -6.66 29.50
CA LYS B 612 1.78 -7.06 29.84
C LYS B 612 2.80 -5.96 29.50
N ASN B 613 2.56 -5.28 28.39
CA ASN B 613 3.44 -4.20 27.95
C ASN B 613 3.38 -2.99 28.88
N LYS B 621 4.29 -7.64 34.54
CA LYS B 621 4.75 -8.62 33.55
C LYS B 621 4.79 -10.03 34.13
N ALA B 622 5.27 -10.14 35.36
CA ALA B 622 5.39 -11.43 36.04
C ALA B 622 4.01 -11.99 36.39
N LYS B 623 3.11 -11.10 36.82
CA LYS B 623 1.74 -11.50 37.12
C LYS B 623 1.03 -12.00 35.87
N LEU B 624 1.27 -11.30 34.76
CA LEU B 624 0.70 -11.69 33.48
C LEU B 624 1.21 -13.06 33.05
N LEU B 625 2.49 -13.32 33.33
CA LEU B 625 3.10 -14.61 33.02
C LEU B 625 2.51 -15.70 33.90
N GLU B 626 2.18 -15.34 35.15
CA GLU B 626 1.60 -16.29 36.09
C GLU B 626 0.18 -16.66 35.70
N LEU B 627 -0.57 -15.68 35.19
CA LEU B 627 -1.95 -15.90 34.78
C LEU B 627 -2.04 -16.86 33.60
N PRO B 628 -1.12 -16.73 32.64
CA PRO B 628 -1.08 -17.55 31.42
C PRO B 628 -0.83 -19.03 31.72
N LEU B 629 0.07 -19.30 32.66
CA LEU B 629 0.42 -20.67 33.02
C LEU B 629 -0.77 -21.38 33.67
N GLN B 643 -4.64 -22.89 14.63
CA GLN B 643 -4.26 -21.49 14.72
C GLN B 643 -4.12 -21.06 16.18
N ASP B 644 -5.02 -21.52 17.02
CA ASP B 644 -4.98 -21.23 18.46
C ASP B 644 -3.68 -21.76 19.06
N LEU B 645 -3.30 -22.95 18.64
CA LEU B 645 -2.06 -23.57 19.10
C LEU B 645 -0.84 -22.79 18.65
N MSE B 646 -0.88 -22.30 17.41
CA MSE B 646 0.22 -21.50 16.87
C MSE B 646 0.39 -20.20 17.64
O MSE B 646 1.51 -19.78 17.93
CB MSE B 646 -0.03 -21.20 15.38
N LYS B 647 -0.74 -19.57 17.97
CA LYS B 647 -0.73 -18.35 18.77
C LYS B 647 -0.15 -18.63 20.15
N CYS B 648 -0.61 -19.72 20.77
CA CYS B 648 -0.13 -20.12 22.09
C CYS B 648 1.38 -20.37 22.08
N THR B 649 1.87 -20.94 20.98
CA THR B 649 3.30 -21.19 20.83
C THR B 649 4.07 -19.89 20.67
N TYR B 650 3.51 -18.97 19.89
CA TYR B 650 4.12 -17.66 19.68
C TYR B 650 4.21 -16.89 20.99
N LYS B 651 3.22 -17.09 21.86
CA LYS B 651 3.18 -16.41 23.15
C LYS B 651 4.28 -16.91 24.08
N ILE B 652 4.46 -18.23 24.11
CA ILE B 652 5.46 -18.85 24.99
C ILE B 652 6.88 -18.47 24.58
N TYR C 10 -160.15 19.52 43.12
CA TYR C 10 -159.11 20.13 43.93
C TYR C 10 -158.08 20.88 43.08
N GLN C 11 -157.69 20.29 41.95
CA GLN C 11 -156.51 20.67 41.16
C GLN C 11 -156.06 22.13 41.21
N THR C 12 -157.03 23.04 41.29
CA THR C 12 -156.84 24.47 41.60
C THR C 12 -156.07 24.67 42.94
N GLU C 13 -155.33 23.63 43.32
CA GLU C 13 -154.30 23.71 44.34
C GLU C 13 -152.97 24.20 43.76
N ARG C 14 -152.60 23.69 42.58
CA ARG C 14 -151.35 24.03 41.86
C ARG C 14 -150.40 25.06 42.49
N PHE C 15 -150.77 26.34 42.51
CA PHE C 15 -149.90 27.42 43.01
C PHE C 15 -149.25 27.11 44.36
N THR C 16 -150.02 26.46 45.22
CA THR C 16 -149.52 25.94 46.49
C THR C 16 -148.24 25.15 46.36
N LYS C 17 -148.27 24.16 45.47
CA LYS C 17 -147.14 23.29 45.23
C LYS C 17 -145.88 24.07 44.94
N PHE C 18 -145.99 25.04 44.05
CA PHE C 18 -144.85 25.82 43.66
C PHE C 18 -144.46 26.69 44.84
N SER C 19 -145.46 27.40 45.36
CA SER C 19 -145.29 28.20 46.57
C SER C 19 -144.67 27.35 47.68
N ASP C 20 -145.17 26.12 47.83
CA ASP C 20 -144.67 25.25 48.87
C ASP C 20 -143.16 25.05 48.81
N THR C 21 -142.65 24.80 47.61
CA THR C 21 -141.21 24.63 47.44
C THR C 21 -140.39 25.82 47.89
N LEU C 22 -140.94 27.00 47.67
CA LEU C 22 -140.25 28.22 48.06
C LEU C 22 -140.22 28.34 49.56
N LYS C 23 -141.32 27.98 50.20
CA LYS C 23 -141.35 27.97 51.65
C LYS C 23 -140.14 27.16 52.13
N GLU C 24 -140.09 25.90 51.71
CA GLU C 24 -139.05 25.00 52.19
C GLU C 24 -137.67 25.58 51.97
N PHE C 25 -137.48 26.25 50.84
CA PHE C 25 -136.16 26.81 50.59
C PHE C 25 -135.84 27.93 51.56
N LYS C 26 -136.72 28.92 51.63
CA LYS C 26 -136.48 30.06 52.51
C LYS C 26 -136.39 29.67 53.99
N ILE C 27 -137.02 28.56 54.36
CA ILE C 27 -137.01 28.09 55.75
C ILE C 27 -135.88 27.13 56.25
N GLU C 28 -135.09 26.51 55.38
CA GLU C 28 -133.90 25.80 55.88
C GLU C 28 -132.57 26.58 55.97
N GLN C 29 -132.61 27.89 55.86
CA GLN C 29 -131.43 28.70 56.21
C GLN C 29 -131.08 28.66 57.70
N ASP C 37 -127.79 23.33 45.34
CA ASP C 37 -128.62 23.35 46.53
C ASP C 37 -129.93 24.12 46.22
N PRO C 38 -129.86 25.43 45.85
CA PRO C 38 -131.08 26.01 45.26
C PRO C 38 -131.58 25.34 43.98
N PHE C 39 -130.74 24.51 43.37
CA PHE C 39 -131.12 23.78 42.17
C PHE C 39 -132.23 22.79 42.48
N ASN C 40 -132.41 22.47 43.76
CA ASN C 40 -133.48 21.59 44.15
C ASN C 40 -134.82 22.24 43.85
N ILE C 41 -134.94 23.54 44.11
CA ILE C 41 -136.15 24.30 43.78
C ILE C 41 -136.68 23.92 42.40
N ILE C 42 -135.79 24.00 41.41
CA ILE C 42 -136.14 23.76 40.03
C ILE C 42 -136.50 22.30 39.86
N ARG C 43 -135.69 21.45 40.48
CA ARG C 43 -135.91 20.02 40.39
C ARG C 43 -137.33 19.73 40.85
N GLU C 44 -137.73 20.46 41.89
CA GLU C 44 -139.05 20.22 42.46
C GLU C 44 -140.07 20.81 41.52
N PHE C 45 -139.83 22.03 41.05
CA PHE C 45 -140.69 22.59 40.02
C PHE C 45 -140.95 21.56 38.92
N ARG C 46 -139.90 20.86 38.50
CA ARG C 46 -140.07 19.87 37.45
C ARG C 46 -141.05 18.80 37.87
N SER C 47 -140.75 18.19 39.00
CA SER C 47 -141.58 17.12 39.51
C SER C 47 -143.01 17.61 39.69
N ALA C 48 -143.15 18.84 40.17
CA ALA C 48 -144.47 19.39 40.39
C ALA C 48 -145.25 19.40 39.10
N ALA C 49 -144.66 20.02 38.08
CA ALA C 49 -145.30 20.09 36.78
C ALA C 49 -145.61 18.69 36.27
N GLY C 50 -144.65 17.78 36.43
CA GLY C 50 -144.87 16.42 35.99
C GLY C 50 -146.04 15.76 36.69
N GLN C 51 -146.12 15.96 38.00
CA GLN C 51 -147.23 15.39 38.75
C GLN C 51 -148.53 15.92 38.18
N LEU C 52 -148.58 17.23 37.96
CA LEU C 52 -149.79 17.83 37.41
C LEU C 52 -150.08 17.31 36.01
N ALA C 53 -149.03 17.12 35.23
CA ALA C 53 -149.18 16.57 33.89
C ALA C 53 -149.94 15.26 33.95
N LEU C 54 -149.65 14.44 34.96
CA LEU C 54 -150.35 13.18 35.14
C LEU C 54 -151.83 13.36 35.45
N ASP C 55 -152.15 14.26 36.37
CA ASP C 55 -153.54 14.53 36.76
C ASP C 55 -154.48 14.81 35.59
N LEU C 56 -154.26 15.94 34.91
CA LEU C 56 -155.07 16.33 33.77
C LEU C 56 -155.12 15.26 32.67
N ALA C 57 -154.12 14.39 32.63
CA ALA C 57 -154.02 13.38 31.56
C ALA C 57 -154.91 12.15 31.76
N ASN C 58 -154.90 11.59 32.98
CA ASN C 58 -155.47 10.26 33.24
C ASN C 58 -156.92 10.14 32.77
N SER C 59 -157.83 10.64 33.59
CA SER C 59 -159.24 10.68 33.25
C SER C 59 -159.56 12.16 33.17
N GLY C 60 -160.06 12.59 32.03
CA GLY C 60 -160.22 14.00 31.76
C GLY C 60 -161.14 14.37 30.63
N ASP C 61 -161.60 15.61 30.65
CA ASP C 61 -162.30 16.17 29.52
C ASP C 61 -161.23 16.41 28.45
N GLU C 62 -161.60 16.25 27.18
CA GLU C 62 -160.65 16.39 26.08
C GLU C 62 -160.25 17.84 25.86
N SER C 63 -160.76 18.71 26.72
CA SER C 63 -160.25 20.06 26.93
C SER C 63 -159.02 20.07 27.83
N ASN C 64 -158.88 19.03 28.64
CA ASN C 64 -157.71 18.83 29.48
C ASN C 64 -156.47 18.24 28.80
N VAL C 65 -156.63 17.46 27.75
CA VAL C 65 -155.45 16.89 27.08
C VAL C 65 -154.49 17.99 26.59
N ILE C 66 -155.05 19.13 26.19
CA ILE C 66 -154.26 20.29 25.77
C ILE C 66 -153.41 20.87 26.89
N SER C 67 -154.07 21.22 27.99
CA SER C 67 -153.34 21.81 29.10
C SER C 67 -152.49 20.77 29.79
N SER C 68 -152.76 19.50 29.49
CA SER C 68 -151.93 18.41 30.00
C SER C 68 -150.59 18.45 29.29
N LYS C 69 -150.65 18.61 27.96
CA LYS C 69 -149.42 18.70 27.20
C LYS C 69 -148.64 19.95 27.55
N ASP C 70 -149.34 21.05 27.85
CA ASP C 70 -148.66 22.26 28.30
C ASP C 70 -147.99 22.12 29.67
N TRP C 71 -148.37 21.08 30.41
CA TRP C 71 -147.73 20.76 31.68
C TRP C 71 -146.54 19.85 31.47
N GLU C 72 -146.69 18.87 30.57
CA GLU C 72 -145.57 17.98 30.31
C GLU C 72 -144.43 18.84 29.77
N LEU C 73 -144.80 19.72 28.85
CA LEU C 73 -143.88 20.68 28.26
C LEU C 73 -143.24 21.54 29.36
N GLU C 74 -144.07 22.15 30.20
CA GLU C 74 -143.61 22.82 31.44
C GLU C 74 -142.46 22.03 32.12
N ALA C 75 -142.74 20.75 32.37
CA ALA C 75 -141.84 19.87 33.11
C ALA C 75 -140.51 19.74 32.39
N ARG C 76 -140.58 19.39 31.11
CA ARG C 76 -139.37 19.28 30.29
C ARG C 76 -138.55 20.57 30.38
N PHE C 77 -139.24 21.70 30.39
CA PHE C 77 -138.55 22.99 30.50
C PHE C 77 -137.76 23.08 31.78
N TRP C 78 -138.39 22.75 32.91
CA TRP C 78 -137.69 22.78 34.19
C TRP C 78 -136.48 21.84 34.16
N HIS C 79 -136.64 20.70 33.51
CA HIS C 79 -135.53 19.75 33.42
C HIS C 79 -134.34 20.31 32.65
N LEU C 80 -134.59 20.74 31.42
CA LEU C 80 -133.59 21.40 30.59
C LEU C 80 -132.87 22.52 31.37
N VAL C 81 -133.65 23.26 32.15
CA VAL C 81 -133.12 24.38 32.92
C VAL C 81 -132.16 23.86 33.98
N GLU C 82 -132.60 22.84 34.70
CA GLU C 82 -131.77 22.23 35.73
C GLU C 82 -130.45 21.81 35.11
N LEU C 83 -130.51 20.92 34.12
CA LEU C 83 -129.33 20.39 33.44
C LEU C 83 -128.31 21.47 33.06
N LEU C 84 -128.80 22.48 32.34
CA LEU C 84 -127.90 23.49 31.82
C LEU C 84 -127.34 24.40 32.90
N LEU C 85 -128.18 24.89 33.80
CA LEU C 85 -127.68 25.79 34.83
C LEU C 85 -126.77 25.05 35.80
N VAL C 86 -127.07 23.78 36.10
CA VAL C 86 -126.17 22.97 36.91
C VAL C 86 -124.78 22.95 36.28
N PHE C 87 -124.72 22.58 34.99
CA PHE C 87 -123.41 22.52 34.33
C PHE C 87 -122.71 23.87 34.28
N ARG C 88 -123.43 24.92 33.88
CA ARG C 88 -122.84 26.24 33.70
C ARG C 88 -122.37 26.85 35.02
N ASN C 89 -123.17 26.67 36.08
CA ASN C 89 -122.98 27.40 37.32
C ASN C 89 -122.17 26.65 38.38
N ALA C 90 -122.50 25.37 38.59
CA ALA C 90 -121.65 24.49 39.40
C ALA C 90 -120.28 24.22 38.75
N ASP C 91 -119.91 25.06 37.80
CA ASP C 91 -118.58 25.08 37.21
C ASP C 91 -117.50 25.53 38.21
N LEU C 92 -116.83 24.53 38.77
CA LEU C 92 -115.63 24.71 39.56
C LEU C 92 -114.54 23.94 38.85
N ASP C 93 -113.49 24.64 38.42
CA ASP C 93 -112.71 24.22 37.27
C ASP C 93 -111.69 23.17 37.68
N LEU C 94 -111.75 22.06 36.95
CA LEU C 94 -110.99 20.85 37.28
C LEU C 94 -109.62 20.92 36.62
N ASP C 95 -108.94 19.78 36.52
CA ASP C 95 -107.62 19.71 35.89
C ASP C 95 -107.63 19.41 34.40
N GLU C 96 -106.85 20.23 33.68
CA GLU C 96 -106.61 20.06 32.25
C GLU C 96 -105.99 18.71 31.88
N MSE C 97 -106.42 18.21 30.73
CA MSE C 97 -105.94 16.95 30.16
C MSE C 97 -104.73 17.11 29.24
O MSE C 97 -104.79 17.88 28.28
CB MSE C 97 -107.08 16.26 29.41
CG MSE C 97 -106.81 14.80 29.09
SE MSE C 97 -108.42 13.73 29.32
CE MSE C 97 -108.81 13.38 27.45
N GLU C 98 -103.63 16.41 29.52
CA GLU C 98 -102.46 16.55 28.66
C GLU C 98 -102.27 15.31 27.79
N LEU C 99 -102.67 15.43 26.53
CA LEU C 99 -102.57 14.32 25.58
C LEU C 99 -101.22 14.29 24.89
N HIS C 100 -100.91 13.17 24.24
CA HIS C 100 -99.77 13.08 23.35
C HIS C 100 -100.25 12.62 21.97
N PRO C 101 -99.40 12.73 20.93
CA PRO C 101 -99.85 12.28 19.61
C PRO C 101 -100.08 10.78 19.52
N TYR C 102 -99.37 10.02 20.34
CA TYR C 102 -99.54 8.57 20.40
C TYR C 102 -100.90 8.16 20.96
N ASN C 103 -101.57 9.08 21.64
CA ASN C 103 -102.87 8.81 22.23
C ASN C 103 -103.94 8.54 21.17
N SER C 104 -104.92 7.73 21.55
CA SER C 104 -106.04 7.33 20.70
C SER C 104 -107.01 8.48 20.45
N ARG C 105 -107.76 8.38 19.35
CA ARG C 105 -108.82 9.32 19.05
C ARG C 105 -109.83 9.44 20.18
N GLY C 106 -110.17 8.32 20.81
CA GLY C 106 -111.06 8.31 21.97
C GLY C 106 -110.75 9.36 23.02
N LEU C 107 -109.47 9.44 23.37
CA LEU C 107 -109.01 10.45 24.30
C LEU C 107 -109.19 11.84 23.75
N PHE C 108 -108.85 12.06 22.49
CA PHE C 108 -109.00 13.40 21.93
C PHE C 108 -110.46 13.85 21.96
N GLU C 109 -111.38 12.94 21.61
CA GLU C 109 -112.80 13.21 21.75
C GLU C 109 -113.15 13.65 23.17
N LYS C 110 -112.67 12.88 24.15
CA LYS C 110 -112.91 13.22 25.55
C LYS C 110 -112.37 14.60 25.89
N LYS C 111 -111.12 14.88 25.50
CA LYS C 111 -110.49 16.18 25.77
C LYS C 111 -111.36 17.28 25.22
N LEU C 112 -111.77 17.12 23.97
CA LEU C 112 -112.64 18.06 23.29
C LEU C 112 -113.85 18.36 24.16
N MSE C 113 -114.54 17.31 24.60
CA MSE C 113 -115.74 17.49 25.41
C MSE C 113 -115.46 18.11 26.78
O MSE C 113 -116.34 18.79 27.34
CB MSE C 113 -116.47 16.16 25.61
CG MSE C 113 -116.67 15.35 24.35
SE MSE C 113 -117.76 16.28 23.02
CE MSE C 113 -119.42 16.39 24.03
N GLN C 114 -114.28 17.89 27.34
CA GLN C 114 -113.91 18.57 28.57
C GLN C 114 -113.70 20.08 28.34
N ASP C 115 -112.81 20.40 27.41
CA ASP C 115 -112.25 21.75 27.28
C ASP C 115 -113.24 22.74 26.70
N ASN C 116 -114.07 22.25 25.77
CA ASN C 116 -115.00 23.09 25.05
C ASN C 116 -116.41 23.02 25.64
N LYS C 117 -116.77 24.03 26.42
CA LYS C 117 -118.00 24.00 27.21
C LYS C 117 -119.19 24.30 26.30
N GLN C 118 -118.96 25.16 25.29
CA GLN C 118 -120.00 25.52 24.32
C GLN C 118 -120.61 24.27 23.70
N LEU C 119 -119.75 23.28 23.50
CA LEU C 119 -120.07 22.10 22.72
C LEU C 119 -120.64 20.99 23.61
N TYR C 120 -119.99 20.79 24.75
CA TYR C 120 -120.59 19.97 25.81
C TYR C 120 -122.02 20.39 26.09
N GLN C 121 -122.29 21.70 26.15
CA GLN C 121 -123.66 22.19 26.28
C GLN C 121 -124.59 21.57 25.24
N ILE C 122 -124.07 21.42 24.03
CA ILE C 122 -124.82 20.81 22.94
C ILE C 122 -125.10 19.37 23.33
N TRP C 123 -124.07 18.69 23.83
CA TRP C 123 -124.28 17.33 24.34
C TRP C 123 -125.41 17.27 25.37
N ILE C 124 -125.30 18.08 26.42
CA ILE C 124 -126.33 18.19 27.47
C ILE C 124 -127.73 18.29 26.88
N VAL C 125 -127.85 19.15 25.88
CA VAL C 125 -129.15 19.44 25.28
C VAL C 125 -129.64 18.21 24.52
N MSE C 126 -128.75 17.59 23.75
CA MSE C 126 -129.09 16.35 23.04
C MSE C 126 -129.55 15.25 23.99
O MSE C 126 -130.49 14.52 23.70
CB MSE C 126 -127.91 15.87 22.21
CG MSE C 126 -127.60 16.74 21.01
SE MSE C 126 -126.28 15.92 19.87
CE MSE C 126 -127.08 14.15 19.71
N VAL C 127 -128.84 15.12 25.12
CA VAL C 127 -129.19 14.17 26.16
C VAL C 127 -130.62 14.42 26.64
N TRP C 128 -130.91 15.68 26.92
CA TRP C 128 -132.25 16.08 27.31
C TRP C 128 -133.27 15.71 26.22
N LEU C 129 -132.91 15.98 24.97
CA LEU C 129 -133.78 15.72 23.83
C LEU C 129 -134.12 14.24 23.75
N LYS C 130 -133.12 13.41 24.01
CA LYS C 130 -133.28 11.97 23.90
C LYS C 130 -134.20 11.52 25.01
N GLU C 131 -133.85 11.96 26.22
CA GLU C 131 -134.61 11.73 27.45
C GLU C 131 -136.12 11.73 27.17
N ASN C 132 -136.56 12.73 26.40
CA ASN C 132 -137.99 12.99 26.17
C ASN C 132 -138.49 12.55 24.80
N THR C 133 -137.88 11.51 24.25
CA THR C 133 -138.24 11.02 22.93
C THR C 133 -139.17 9.83 23.08
N TYR C 134 -140.20 9.75 22.23
CA TYR C 134 -141.13 8.64 22.27
C TYR C 134 -140.56 7.42 21.54
N VAL C 135 -140.72 6.26 22.12
CA VAL C 135 -140.39 5.01 21.44
C VAL C 135 -141.56 4.02 21.44
N MSE C 136 -141.81 3.40 20.29
CA MSE C 136 -142.93 2.48 20.15
C MSE C 136 -142.72 1.31 21.09
O MSE C 136 -141.62 1.08 21.60
CB MSE C 136 -143.07 1.99 18.71
CG MSE C 136 -141.87 1.20 18.20
SE MSE C 136 -141.87 0.93 16.27
CE MSE C 136 -142.94 -0.71 16.18
N GLU C 137 -143.78 0.54 21.36
CA GLU C 137 -143.65 -0.65 22.18
C GLU C 137 -142.93 -1.73 21.37
N ARG C 138 -142.17 -2.58 22.05
CA ARG C 138 -141.36 -3.58 21.37
C ARG C 138 -142.25 -4.42 20.47
N PRO C 139 -141.80 -4.64 19.22
CA PRO C 139 -142.66 -5.39 18.29
C PRO C 139 -142.90 -6.78 18.85
N LYS C 140 -144.15 -7.19 18.83
CA LYS C 140 -144.50 -8.55 19.22
C LYS C 140 -144.41 -9.50 18.04
N ASN C 141 -144.79 -10.74 18.28
CA ASN C 141 -144.62 -11.87 17.35
C ASN C 141 -143.44 -11.81 16.36
N VAL C 142 -142.29 -11.31 16.83
CA VAL C 142 -141.10 -11.19 15.99
C VAL C 142 -140.65 -12.59 15.59
N PRO C 143 -140.15 -12.77 14.36
CA PRO C 143 -139.89 -14.14 13.89
C PRO C 143 -138.60 -14.74 14.42
N THR C 144 -138.67 -16.03 14.73
CA THR C 144 -137.55 -16.91 15.04
C THR C 144 -136.19 -16.48 14.47
N SER C 145 -136.18 -16.07 13.21
CA SER C 145 -134.93 -15.83 12.50
C SER C 145 -135.12 -14.94 11.28
N LYS C 146 -133.99 -14.41 10.78
CA LYS C 146 -134.00 -13.37 9.77
C LYS C 146 -134.31 -13.93 8.38
N TRP C 147 -134.98 -13.10 7.55
CA TRP C 147 -135.34 -13.45 6.18
C TRP C 147 -135.83 -14.88 5.97
N LEU C 148 -136.54 -15.42 6.96
CA LEU C 148 -136.93 -16.82 6.94
C LEU C 148 -137.82 -17.14 5.74
N ASN C 149 -138.66 -16.17 5.37
CA ASN C 149 -139.61 -16.36 4.28
C ASN C 149 -138.91 -16.57 2.94
N SER C 150 -137.89 -15.76 2.69
CA SER C 150 -137.14 -15.83 1.43
C SER C 150 -136.39 -17.15 1.35
N ILE C 151 -135.71 -17.49 2.44
CA ILE C 151 -135.01 -18.77 2.58
C ILE C 151 -135.94 -19.95 2.27
N THR C 152 -137.12 -19.92 2.88
CA THR C 152 -138.14 -20.96 2.67
C THR C 152 -138.69 -21.06 1.24
N SER C 153 -138.94 -19.90 0.61
CA SER C 153 -139.29 -19.82 -0.81
C SER C 153 -138.19 -20.32 -1.76
N GLY C 154 -136.97 -20.40 -1.26
CA GLY C 154 -135.81 -20.66 -2.10
C GLY C 154 -135.45 -19.37 -2.82
N GLY C 155 -134.19 -19.29 -3.24
CA GLY C 155 -133.83 -18.17 -4.06
C GLY C 155 -132.89 -17.19 -3.42
N LEU C 156 -132.69 -17.34 -2.12
CA LEU C 156 -131.56 -16.69 -1.46
C LEU C 156 -130.30 -17.52 -1.58
N LYS C 157 -129.46 -17.14 -2.54
CA LYS C 157 -128.21 -17.85 -2.78
C LYS C 157 -127.13 -17.47 -1.77
N SER C 158 -127.31 -16.32 -1.13
CA SER C 158 -126.43 -15.92 -0.03
C SER C 158 -127.28 -15.25 1.05
N CYS C 159 -126.93 -15.45 2.31
CA CYS C 159 -127.78 -15.02 3.41
C CYS C 159 -127.27 -13.75 4.06
N ASP C 160 -126.61 -12.90 3.27
CA ASP C 160 -125.97 -11.73 3.84
C ASP C 160 -126.67 -10.46 3.37
N LEU C 161 -126.62 -9.43 4.22
CA LEU C 161 -127.37 -8.21 4.03
C LEU C 161 -127.17 -7.60 2.65
N ASP C 162 -126.01 -7.87 2.06
CA ASP C 162 -125.60 -7.21 0.82
C ASP C 162 -126.06 -7.96 -0.43
N PHE C 163 -126.62 -9.15 -0.23
CA PHE C 163 -127.05 -9.98 -1.36
C PHE C 163 -128.09 -9.30 -2.27
N PRO C 164 -129.13 -8.67 -1.67
CA PRO C 164 -130.15 -8.12 -2.56
C PRO C 164 -129.72 -6.76 -3.10
N LEU C 165 -128.58 -6.29 -2.63
CA LEU C 165 -127.96 -5.10 -3.20
C LEU C 165 -127.13 -5.44 -4.43
N ARG C 166 -126.32 -6.49 -4.30
CA ARG C 166 -125.64 -7.14 -5.42
C ARG C 166 -126.48 -7.46 -6.64
N GLU C 167 -127.77 -7.72 -6.43
CA GLU C 167 -128.68 -7.99 -7.55
C GLU C 167 -130.13 -7.85 -7.14
N ASN C 168 -130.93 -7.29 -8.03
CA ASN C 168 -132.33 -6.87 -7.79
C ASN C 168 -132.98 -7.25 -6.45
N THR C 169 -133.65 -6.27 -5.85
CA THR C 169 -134.36 -6.47 -4.58
C THR C 169 -135.50 -7.49 -4.69
N ASN C 170 -135.95 -7.74 -5.91
CA ASN C 170 -136.88 -8.84 -6.20
C ASN C 170 -136.58 -10.18 -5.50
N VAL C 171 -135.32 -10.41 -5.16
CA VAL C 171 -134.91 -11.52 -4.30
C VAL C 171 -135.68 -11.70 -2.98
N LEU C 172 -135.85 -10.63 -2.22
CA LEU C 172 -136.48 -10.75 -0.90
C LEU C 172 -138.01 -10.85 -0.94
N ASP C 173 -138.53 -11.85 -0.21
CA ASP C 173 -139.98 -12.02 -0.02
C ASP C 173 -140.57 -10.73 0.55
N VAL C 174 -141.84 -10.46 0.24
CA VAL C 174 -142.52 -9.27 0.75
C VAL C 174 -142.54 -9.22 2.28
N LYS C 175 -143.01 -10.31 2.90
CA LYS C 175 -143.19 -10.38 4.35
C LYS C 175 -141.89 -10.08 5.09
N ASP C 176 -140.79 -10.59 4.53
CA ASP C 176 -139.47 -10.33 5.07
C ASP C 176 -139.16 -8.84 5.07
N LYS C 177 -139.46 -8.16 3.96
CA LYS C 177 -139.22 -6.73 3.89
C LYS C 177 -140.07 -6.03 4.95
N GLU C 178 -141.32 -6.47 5.08
CA GLU C 178 -142.27 -5.87 6.03
C GLU C 178 -141.78 -5.96 7.48
N GLU C 179 -141.16 -7.10 7.79
CA GLU C 179 -140.61 -7.32 9.12
C GLU C 179 -139.34 -6.52 9.32
N ASP C 180 -138.51 -6.48 8.28
CA ASP C 180 -137.32 -5.64 8.31
C ASP C 180 -137.72 -4.19 8.57
N HIS C 181 -138.86 -3.78 8.03
CA HIS C 181 -139.39 -2.45 8.29
C HIS C 181 -139.74 -2.27 9.76
N ILE C 182 -140.45 -3.25 10.32
CA ILE C 182 -140.82 -3.17 11.73
C ILE C 182 -139.57 -3.01 12.60
N PHE C 183 -138.57 -3.86 12.32
CA PHE C 183 -137.31 -3.85 13.04
C PHE C 183 -136.58 -2.52 12.93
N PHE C 184 -136.30 -2.09 11.70
CA PHE C 184 -135.45 -0.91 11.51
C PHE C 184 -136.13 0.32 12.07
N LYS C 185 -137.46 0.37 11.97
CA LYS C 185 -138.17 1.50 12.55
C LYS C 185 -137.98 1.49 14.07
N TYR C 186 -138.18 0.33 14.68
CA TYR C 186 -138.01 0.24 16.13
C TYR C 186 -136.60 0.60 16.59
N ILE C 187 -135.60 0.12 15.86
CA ILE C 187 -134.21 0.40 16.18
C ILE C 187 -133.95 1.89 16.08
N TYR C 188 -134.49 2.51 15.04
CA TYR C 188 -134.36 3.94 14.84
C TYR C 188 -134.93 4.76 15.98
N GLU C 189 -136.17 4.45 16.36
CA GLU C 189 -136.78 5.12 17.51
C GLU C 189 -135.88 4.94 18.74
N LEU C 190 -135.33 3.75 18.92
CA LEU C 190 -134.49 3.50 20.09
C LEU C 190 -133.22 4.34 20.05
N ILE C 191 -132.70 4.55 18.84
CA ILE C 191 -131.44 5.27 18.66
C ILE C 191 -131.66 6.75 18.96
N LEU C 192 -132.80 7.28 18.52
CA LEU C 192 -133.09 8.69 18.74
C LEU C 192 -133.35 8.98 20.21
N ALA C 193 -133.71 7.94 20.96
CA ALA C 193 -134.01 8.11 22.38
C ALA C 193 -132.76 7.90 23.23
N GLY C 194 -131.65 7.60 22.57
CA GLY C 194 -130.40 7.33 23.27
C GLY C 194 -130.30 5.88 23.72
N ALA C 195 -131.33 5.11 23.41
CA ALA C 195 -131.39 3.71 23.81
C ALA C 195 -130.51 2.83 22.93
N ILE C 196 -129.21 3.14 22.89
CA ILE C 196 -128.31 2.48 21.95
C ILE C 196 -128.14 1.02 22.34
N ASP C 197 -127.94 0.83 23.63
CA ASP C 197 -127.89 -0.48 24.26
C ASP C 197 -129.11 -1.37 24.00
N GLU C 198 -130.31 -0.81 24.09
CA GLU C 198 -131.53 -1.59 23.85
C GLU C 198 -131.53 -1.98 22.39
N ALA C 199 -131.04 -1.09 21.55
CA ALA C 199 -130.95 -1.32 20.13
C ALA C 199 -129.99 -2.48 19.85
N LEU C 200 -128.85 -2.50 20.53
CA LEU C 200 -127.94 -3.64 20.42
C LEU C 200 -128.56 -4.94 20.91
N GLU C 201 -129.29 -4.87 22.01
CA GLU C 201 -130.03 -6.04 22.49
C GLU C 201 -131.02 -6.57 21.48
N GLU C 202 -131.72 -5.64 20.82
CA GLU C 202 -132.74 -6.00 19.87
C GLU C 202 -132.10 -6.63 18.66
N ALA C 203 -131.01 -6.01 18.20
CA ALA C 203 -130.26 -6.53 17.07
C ALA C 203 -129.83 -7.95 17.38
N LYS C 204 -129.06 -8.14 18.45
CA LYS C 204 -128.67 -9.49 18.88
C LYS C 204 -129.84 -10.48 18.86
N LEU C 205 -130.89 -10.14 19.61
CA LEU C 205 -131.93 -11.12 19.93
C LEU C 205 -132.91 -11.38 18.77
N SER C 206 -132.93 -10.50 17.79
CA SER C 206 -133.89 -10.62 16.70
C SER C 206 -133.18 -11.17 15.46
N ASP C 207 -131.97 -11.67 15.68
CA ASP C 207 -131.17 -12.35 14.65
C ASP C 207 -130.67 -11.34 13.58
N ASN C 208 -130.41 -10.11 14.03
CA ASN C 208 -129.76 -9.10 13.19
C ASN C 208 -128.33 -8.78 13.63
N ILE C 209 -127.51 -9.82 13.76
CA ILE C 209 -126.12 -9.68 14.22
C ILE C 209 -125.29 -8.66 13.42
N SER C 210 -125.51 -8.60 12.11
CA SER C 210 -124.64 -7.75 11.29
C SER C 210 -124.95 -6.28 11.52
N ILE C 211 -126.24 -5.99 11.67
CA ILE C 211 -126.69 -4.66 12.02
C ILE C 211 -126.14 -4.26 13.39
N CYS C 212 -126.16 -5.21 14.32
CA CYS C 212 -125.54 -5.03 15.63
C CYS C 212 -124.09 -4.58 15.51
N MSE C 213 -123.30 -5.36 14.78
CA MSE C 213 -121.91 -5.02 14.51
C MSE C 213 -121.78 -3.61 13.98
O MSE C 213 -120.87 -2.88 14.37
CB MSE C 213 -121.30 -6.02 13.53
CG MSE C 213 -121.11 -7.40 14.15
SE MSE C 213 -120.06 -8.63 13.07
CE MSE C 213 -121.43 -9.12 11.79
N ILE C 214 -122.69 -3.22 13.07
CA ILE C 214 -122.66 -1.86 12.57
C ILE C 214 -122.84 -0.85 13.71
N LEU C 215 -123.83 -1.10 14.56
CA LEU C 215 -124.05 -0.30 15.76
C LEU C 215 -122.87 -0.26 16.74
N CYS C 216 -121.99 -1.26 16.69
CA CYS C 216 -120.81 -1.26 17.56
C CYS C 216 -119.76 -0.24 17.12
N GLY C 217 -119.81 0.15 15.85
CA GLY C 217 -118.88 1.12 15.31
C GLY C 217 -119.03 2.53 15.87
N ILE C 218 -120.06 2.74 16.68
CA ILE C 218 -120.33 4.07 17.25
C ILE C 218 -119.20 4.59 18.13
N GLN C 219 -118.43 3.69 18.73
CA GLN C 219 -117.37 4.13 19.63
C GLN C 219 -116.03 4.39 18.95
N GLU C 220 -115.45 5.54 19.30
CA GLU C 220 -114.06 5.86 19.05
C GLU C 220 -113.12 4.91 19.80
N TYR C 221 -111.89 4.78 19.33
CA TYR C 221 -111.00 3.77 19.86
C TYR C 221 -110.37 4.26 21.15
N LEU C 222 -110.34 3.39 22.15
CA LEU C 222 -109.56 3.64 23.35
C LEU C 222 -108.76 2.39 23.69
N ASN C 223 -107.57 2.58 24.25
CA ASN C 223 -106.79 1.46 24.78
C ASN C 223 -106.25 1.83 26.16
N PRO C 224 -106.70 1.12 27.21
CA PRO C 224 -106.36 1.44 28.60
C PRO C 224 -104.85 1.50 28.88
N VAL C 225 -104.06 0.75 28.13
CA VAL C 225 -102.61 0.68 28.36
C VAL C 225 -101.88 1.93 27.90
N ILE C 226 -102.36 2.50 26.80
CA ILE C 226 -101.73 3.66 26.19
C ILE C 226 -102.45 4.91 26.68
N ASP C 227 -103.77 4.92 26.55
CA ASP C 227 -104.58 6.00 27.06
C ASP C 227 -104.78 5.83 28.57
N THR C 228 -103.67 5.84 29.30
CA THR C 228 -103.63 5.82 30.77
C THR C 228 -104.78 6.52 31.50
N GLN C 229 -105.05 7.77 31.13
CA GLN C 229 -106.02 8.59 31.86
C GLN C 229 -107.48 8.11 31.80
N ILE C 230 -107.71 6.95 31.20
CA ILE C 230 -108.99 6.27 31.33
C ILE C 230 -108.82 4.79 31.65
N ALA C 231 -107.66 4.44 32.20
CA ALA C 231 -107.38 3.06 32.61
C ALA C 231 -108.24 2.67 33.81
N ASN C 232 -109.22 3.51 34.13
CA ASN C 232 -110.17 3.27 35.20
C ASN C 232 -111.47 2.75 34.61
N GLU C 233 -111.98 3.46 33.61
CA GLU C 233 -113.21 3.10 32.92
C GLU C 233 -113.10 1.83 32.07
N PHE C 234 -111.89 1.46 31.68
CA PHE C 234 -111.72 0.31 30.80
C PHE C 234 -110.61 -0.62 31.28
N ASN C 235 -110.79 -1.91 31.02
CA ASN C 235 -109.72 -2.89 31.22
C ASN C 235 -109.19 -3.51 29.94
N THR C 236 -109.88 -3.21 28.85
CA THR C 236 -109.61 -3.85 27.58
C THR C 236 -109.81 -2.78 26.51
N GLN C 237 -109.04 -2.85 25.44
CA GLN C 237 -109.21 -1.90 24.35
C GLN C 237 -110.63 -2.05 23.82
N GLN C 238 -111.13 -0.99 23.20
CA GLN C 238 -112.44 -1.04 22.59
C GLN C 238 -112.56 0.12 21.61
N GLY C 239 -113.51 0.00 20.69
CA GLY C 239 -113.84 1.07 19.77
C GLY C 239 -112.99 0.78 18.55
N ILE C 240 -113.13 1.58 17.50
CA ILE C 240 -112.60 1.15 16.21
C ILE C 240 -111.65 2.25 15.68
N LYS C 241 -110.46 1.84 15.25
CA LYS C 241 -109.35 2.76 15.01
C LYS C 241 -109.57 3.64 13.78
N LYS C 242 -110.10 3.04 12.71
CA LYS C 242 -110.24 3.74 11.43
C LYS C 242 -111.63 4.33 11.31
N HIS C 243 -111.95 5.24 12.23
CA HIS C 243 -113.31 5.73 12.40
C HIS C 243 -113.78 6.63 11.27
N SER C 244 -112.92 7.52 10.78
CA SER C 244 -113.31 8.39 9.66
C SER C 244 -113.76 7.53 8.48
N LEU C 245 -113.10 6.39 8.33
CA LEU C 245 -113.48 5.41 7.34
C LEU C 245 -114.85 4.88 7.68
N TRP C 246 -114.96 4.16 8.80
CA TRP C 246 -116.26 3.70 9.30
C TRP C 246 -117.39 4.67 8.94
N ARG C 247 -117.18 5.94 9.29
CA ARG C 247 -118.16 7.01 9.12
C ARG C 247 -118.56 7.29 7.68
N ARG C 248 -117.59 7.50 6.79
CA ARG C 248 -117.92 7.52 5.34
C ARG C 248 -118.57 6.26 4.82
N THR C 249 -118.12 5.12 5.32
CA THR C 249 -118.68 3.84 4.91
C THR C 249 -120.17 3.74 5.24
N VAL C 250 -120.49 4.19 6.45
CA VAL C 250 -121.86 4.19 6.94
C VAL C 250 -122.68 5.20 6.17
N TYR C 251 -122.15 6.41 5.99
CA TYR C 251 -122.85 7.45 5.24
C TYR C 251 -123.18 7.00 3.81
N SER C 252 -122.20 6.38 3.17
CA SER C 252 -122.39 5.86 1.82
C SER C 252 -123.47 4.80 1.87
N LEU C 253 -123.40 3.91 2.86
CA LEU C 253 -124.39 2.86 2.97
C LEU C 253 -125.77 3.50 3.09
N SER C 254 -125.80 4.66 3.76
CA SER C 254 -127.03 5.40 4.05
C SER C 254 -127.63 5.98 2.78
N GLN C 255 -126.76 6.29 1.83
CA GLN C 255 -127.23 6.89 0.58
C GLN C 255 -127.63 5.84 -0.45
N GLN C 256 -127.30 4.59 -0.18
CA GLN C 256 -127.64 3.51 -1.10
C GLN C 256 -129.12 3.14 -0.98
N ALA C 257 -129.87 3.35 -2.05
CA ALA C 257 -131.28 3.02 -2.07
C ALA C 257 -131.51 1.54 -2.32
N GLY C 258 -132.76 1.09 -2.20
CA GLY C 258 -133.06 -0.32 -2.14
C GLY C 258 -132.90 -0.85 -0.73
N LEU C 259 -132.49 0.04 0.16
CA LEU C 259 -132.62 -0.15 1.60
C LEU C 259 -133.86 0.52 2.16
N ASP C 260 -134.37 -0.03 3.26
CA ASP C 260 -135.55 0.48 3.93
C ASP C 260 -135.23 1.92 4.36
N PRO C 261 -136.21 2.84 4.27
CA PRO C 261 -135.96 4.23 4.64
C PRO C 261 -135.51 4.46 6.09
N TYR C 262 -136.02 3.68 7.03
CA TYR C 262 -135.54 3.73 8.41
C TYR C 262 -134.11 3.23 8.61
N GLU C 263 -133.68 2.24 7.84
CA GLU C 263 -132.30 1.77 7.93
C GLU C 263 -131.36 2.88 7.47
N ARG C 264 -131.70 3.46 6.32
CA ARG C 264 -130.95 4.58 5.77
C ARG C 264 -130.96 5.72 6.79
N ALA C 265 -132.10 5.92 7.44
CA ALA C 265 -132.24 6.95 8.45
C ALA C 265 -131.24 6.72 9.58
N ILE C 266 -131.14 5.46 10.02
CA ILE C 266 -130.23 5.09 11.09
C ILE C 266 -128.82 5.48 10.70
N TYR C 267 -128.38 4.99 9.54
CA TYR C 267 -127.01 5.27 9.09
C TYR C 267 -126.75 6.76 8.91
N SER C 268 -127.76 7.49 8.48
CA SER C 268 -127.69 8.95 8.44
C SER C 268 -127.37 9.48 9.82
N TYR C 269 -128.21 9.19 10.82
CA TYR C 269 -127.93 9.64 12.19
C TYR C 269 -126.53 9.28 12.67
N LEU C 270 -126.11 8.05 12.41
CA LEU C 270 -124.78 7.60 12.81
C LEU C 270 -123.63 8.33 12.12
N SER C 271 -123.83 8.76 10.89
CA SER C 271 -122.75 9.43 10.16
C SER C 271 -122.71 10.93 10.45
N GLY C 272 -123.60 11.40 11.33
CA GLY C 272 -123.73 12.82 11.59
C GLY C 272 -124.43 13.53 10.45
N ALA C 273 -125.33 12.82 9.77
CA ALA C 273 -126.03 13.36 8.63
C ALA C 273 -127.51 13.55 8.91
N ILE C 274 -128.24 14.00 7.90
CA ILE C 274 -129.65 14.31 8.05
C ILE C 274 -130.45 13.28 7.27
N PRO C 275 -131.29 12.50 7.98
CA PRO C 275 -131.98 11.36 7.37
C PRO C 275 -132.84 11.74 6.17
N ASN C 276 -133.10 10.75 5.33
CA ASN C 276 -133.92 10.90 4.13
C ASN C 276 -135.29 11.53 4.39
N GLN C 277 -135.87 12.09 3.32
CA GLN C 277 -137.12 12.83 3.43
C GLN C 277 -138.26 11.99 3.96
N GLU C 278 -138.34 10.74 3.53
CA GLU C 278 -139.44 9.84 3.88
C GLU C 278 -139.54 9.67 5.40
N VAL C 279 -138.41 9.77 6.07
CA VAL C 279 -138.34 9.58 7.53
C VAL C 279 -138.39 10.93 8.21
N LEU C 280 -137.63 11.88 7.67
CA LEU C 280 -137.50 13.21 8.27
C LEU C 280 -138.82 13.97 8.30
N GLN C 281 -139.71 13.67 7.35
CA GLN C 281 -140.98 14.38 7.25
C GLN C 281 -141.84 14.22 8.51
N TYR C 282 -141.58 13.17 9.29
CA TYR C 282 -142.38 12.89 10.47
C TYR C 282 -141.72 13.34 11.76
N SER C 283 -140.60 14.04 11.65
CA SER C 283 -139.89 14.44 12.85
C SER C 283 -140.40 15.81 13.29
N ASP C 284 -140.59 15.97 14.59
CA ASP C 284 -141.08 17.20 15.18
C ASP C 284 -139.93 18.07 15.66
N TRP C 285 -140.24 19.33 15.98
CA TRP C 285 -139.28 20.29 16.55
C TRP C 285 -138.16 19.61 17.34
N GLU C 286 -138.54 18.84 18.36
CA GLU C 286 -137.54 18.19 19.20
C GLU C 286 -136.70 17.21 18.38
N SER C 287 -137.38 16.32 17.65
CA SER C 287 -136.70 15.30 16.87
C SER C 287 -135.73 15.90 15.85
N ASP C 288 -136.24 16.85 15.09
CA ASP C 288 -135.49 17.58 14.06
C ASP C 288 -134.26 18.33 14.62
N LEU C 289 -134.52 19.14 15.64
CA LEU C 289 -133.48 19.83 16.41
C LEU C 289 -132.41 18.86 16.87
N HIS C 290 -132.86 17.70 17.35
CA HIS C 290 -131.95 16.68 17.81
C HIS C 290 -131.06 16.26 16.65
N ILE C 291 -131.67 15.80 15.57
CA ILE C 291 -130.93 15.45 14.34
C ILE C 291 -129.84 16.44 13.94
N HIS C 292 -130.17 17.72 14.00
CA HIS C 292 -129.24 18.75 13.54
C HIS C 292 -128.17 19.11 14.56
N LEU C 293 -128.46 18.93 15.83
CA LEU C 293 -127.43 19.11 16.84
C LEU C 293 -126.47 17.94 16.72
N ASN C 294 -127.02 16.76 16.47
CA ASN C 294 -126.20 15.58 16.20
C ASN C 294 -125.22 15.89 15.08
N GLN C 295 -125.73 16.53 14.02
CA GLN C 295 -124.88 16.87 12.88
C GLN C 295 -123.76 17.82 13.31
N ILE C 296 -124.13 18.85 14.08
CA ILE C 296 -123.15 19.85 14.53
C ILE C 296 -122.04 19.13 15.26
N LEU C 297 -122.47 18.27 16.17
CA LEU C 297 -121.59 17.59 17.09
C LEU C 297 -120.59 16.73 16.32
N GLN C 298 -121.13 15.81 15.53
CA GLN C 298 -120.32 14.93 14.69
C GLN C 298 -119.26 15.70 13.87
N THR C 299 -119.72 16.78 13.24
CA THR C 299 -118.83 17.57 12.40
C THR C 299 -117.71 18.19 13.24
N GLU C 300 -118.09 18.82 14.35
CA GLU C 300 -117.13 19.41 15.27
C GLU C 300 -116.08 18.42 15.79
N ILE C 301 -116.49 17.23 16.20
CA ILE C 301 -115.50 16.23 16.61
C ILE C 301 -114.53 15.92 15.49
N GLU C 302 -115.06 15.60 14.31
CA GLU C 302 -114.16 15.15 13.25
C GLU C 302 -113.20 16.27 12.85
N ASN C 303 -113.65 17.52 12.94
CA ASN C 303 -112.77 18.65 12.71
C ASN C 303 -111.70 18.78 13.78
N TYR C 304 -112.10 18.63 15.04
CA TYR C 304 -111.15 18.62 16.15
C TYR C 304 -110.03 17.61 15.91
N LEU C 305 -110.43 16.45 15.40
CA LEU C 305 -109.48 15.38 15.14
C LEU C 305 -108.56 15.71 13.97
N LEU C 306 -109.12 16.25 12.89
CA LEU C 306 -108.28 16.73 11.78
C LEU C 306 -107.27 17.80 12.22
N GLU C 307 -107.70 18.76 13.04
CA GLU C 307 -106.78 19.80 13.50
C GLU C 307 -105.65 19.25 14.36
N ASN C 308 -105.79 18.02 14.85
CA ASN C 308 -104.72 17.40 15.62
C ASN C 308 -104.05 16.22 14.93
N ASN C 309 -104.16 16.14 13.60
CA ASN C 309 -103.58 15.01 12.85
C ASN C 309 -103.80 13.67 13.55
N GLN C 310 -105.07 13.32 13.74
CA GLN C 310 -105.44 12.05 14.35
C GLN C 310 -106.36 11.30 13.38
N VAL C 311 -106.45 11.86 12.18
CA VAL C 311 -107.14 11.23 11.07
C VAL C 311 -106.10 10.87 10.02
N GLY C 312 -106.21 9.69 9.44
CA GLY C 312 -105.28 9.25 8.43
C GLY C 312 -105.86 9.35 7.04
N THR C 313 -105.05 9.86 6.11
CA THR C 313 -105.52 10.33 4.80
C THR C 313 -106.28 9.24 4.04
N ASP C 314 -105.85 7.99 4.21
CA ASP C 314 -106.47 6.85 3.55
C ASP C 314 -107.97 6.81 3.83
N GLU C 315 -108.36 7.22 5.03
CA GLU C 315 -109.74 7.09 5.49
C GLU C 315 -110.68 8.13 4.87
N LEU C 316 -110.14 9.20 4.29
CA LEU C 316 -111.02 10.20 3.70
C LEU C 316 -111.48 9.75 2.31
N ILE C 317 -112.17 8.61 2.31
CA ILE C 317 -112.89 8.03 1.18
C ILE C 317 -113.81 8.99 0.43
N LEU C 318 -114.56 9.79 1.18
CA LEU C 318 -115.70 10.54 0.67
C LEU C 318 -115.85 11.91 1.30
N PRO C 319 -116.55 12.83 0.59
CA PRO C 319 -116.82 14.15 1.16
C PRO C 319 -118.05 14.12 2.05
N LEU C 320 -117.81 14.52 3.30
CA LEU C 320 -118.85 14.94 4.22
C LEU C 320 -118.68 16.42 4.51
N PRO C 321 -119.79 17.11 4.78
CA PRO C 321 -119.67 18.55 5.04
C PRO C 321 -118.87 18.82 6.30
N SER C 322 -118.07 19.89 6.24
CA SER C 322 -117.07 20.20 7.23
C SER C 322 -117.49 21.39 8.06
N HIS C 323 -118.50 22.10 7.58
CA HIS C 323 -118.88 23.36 8.20
C HIS C 323 -120.01 23.15 9.18
N ALA C 324 -119.69 23.35 10.45
CA ALA C 324 -120.63 23.16 11.53
C ALA C 324 -121.53 24.37 11.59
N LEU C 325 -122.81 24.14 11.82
CA LEU C 325 -123.72 25.23 12.12
C LEU C 325 -123.50 25.70 13.55
N THR C 326 -124.07 26.85 13.86
CA THR C 326 -124.12 27.33 15.23
C THR C 326 -125.49 27.00 15.79
N VAL C 327 -125.58 26.87 17.10
CA VAL C 327 -126.81 26.45 17.75
C VAL C 327 -127.89 27.49 17.47
N GLN C 328 -127.49 28.76 17.55
CA GLN C 328 -128.29 29.86 17.07
C GLN C 328 -128.96 29.53 15.72
N GLU C 329 -128.15 29.16 14.75
CA GLU C 329 -128.62 28.97 13.38
C GLU C 329 -129.45 27.69 13.21
N VAL C 330 -129.05 26.62 13.88
CA VAL C 330 -129.82 25.39 13.84
C VAL C 330 -131.20 25.66 14.37
N LEU C 331 -131.26 26.34 15.51
CA LEU C 331 -132.52 26.67 16.15
C LEU C 331 -133.33 27.48 15.15
N ASN C 332 -132.69 28.47 14.54
CA ASN C 332 -133.36 29.33 13.58
C ASN C 332 -134.01 28.58 12.40
N ARG C 333 -133.29 27.59 11.90
CA ARG C 333 -133.76 26.80 10.77
C ARG C 333 -134.89 25.89 11.20
N VAL C 334 -134.66 25.13 12.27
CA VAL C 334 -135.66 24.21 12.78
C VAL C 334 -136.93 24.98 13.10
N ALA C 335 -136.73 26.22 13.54
CA ALA C 335 -137.82 27.11 13.89
C ALA C 335 -138.66 27.35 12.66
N SER C 336 -138.02 27.81 11.59
CA SER C 336 -138.79 28.13 10.38
C SER C 336 -139.42 26.86 9.79
N ARG C 337 -138.86 25.70 10.14
CA ARG C 337 -139.38 24.39 9.72
C ARG C 337 -140.51 23.82 10.58
N HIS C 338 -140.73 24.40 11.75
CA HIS C 338 -141.74 23.92 12.70
C HIS C 338 -142.44 25.03 13.46
N PRO C 339 -142.90 26.06 12.73
CA PRO C 339 -143.39 27.35 13.24
C PRO C 339 -144.38 27.18 14.38
N SER C 340 -145.41 26.38 14.15
CA SER C 340 -146.40 26.08 15.17
C SER C 340 -145.71 25.75 16.49
N GLU C 341 -144.93 24.68 16.45
CA GLU C 341 -144.22 24.20 17.62
C GLU C 341 -143.27 25.26 18.17
N SER C 342 -142.46 25.85 17.28
CA SER C 342 -141.49 26.90 17.64
C SER C 342 -142.09 28.03 18.48
N GLU C 343 -143.25 28.50 18.06
CA GLU C 343 -143.85 29.71 18.60
C GLU C 343 -144.51 29.49 19.95
N HIS C 344 -144.84 28.23 20.25
CA HIS C 344 -145.36 27.83 21.56
C HIS C 344 -144.49 28.48 22.65
N PRO C 345 -145.13 29.19 23.58
CA PRO C 345 -144.41 30.08 24.49
C PRO C 345 -143.41 29.43 25.45
N ILE C 346 -143.63 28.19 25.89
CA ILE C 346 -142.62 27.55 26.72
C ILE C 346 -141.44 27.04 25.89
N ARG C 347 -141.68 26.67 24.64
CA ARG C 347 -140.63 26.21 23.73
C ARG C 347 -139.73 27.36 23.26
N VAL C 348 -140.28 28.56 23.30
CA VAL C 348 -139.51 29.78 23.14
C VAL C 348 -138.57 29.93 24.33
N LEU C 349 -139.07 29.64 25.52
CA LEU C 349 -138.24 29.70 26.71
C LEU C 349 -137.15 28.63 26.60
N MSE C 350 -137.52 27.44 26.17
CA MSE C 350 -136.59 26.34 25.91
C MSE C 350 -135.40 26.80 25.07
O MSE C 350 -134.22 26.59 25.42
CB MSE C 350 -137.29 25.19 25.20
CG MSE C 350 -138.17 24.35 26.10
SE MSE C 350 -138.99 22.88 25.12
CE MSE C 350 -139.69 21.86 26.64
N ALA C 351 -135.71 27.49 23.98
CA ALA C 351 -134.66 27.98 23.09
C ALA C 351 -133.86 29.07 23.80
N SER C 352 -134.58 29.93 24.51
CA SER C 352 -133.96 31.04 25.23
C SER C 352 -132.93 30.56 26.23
N VAL C 353 -133.21 29.40 26.82
CA VAL C 353 -132.36 28.79 27.82
C VAL C 353 -131.16 28.20 27.12
N ILE C 354 -131.44 27.48 26.04
CA ILE C 354 -130.40 26.87 25.22
C ILE C 354 -129.35 27.90 24.76
N LEU C 355 -129.81 29.07 24.33
CA LEU C 355 -128.90 30.13 23.88
C LEU C 355 -128.36 31.03 24.98
N ASP C 356 -128.85 30.83 26.21
CA ASP C 356 -128.54 31.67 27.38
C ASP C 356 -129.19 33.05 27.39
N SER C 357 -129.73 33.48 26.26
CA SER C 357 -130.52 34.71 26.19
C SER C 357 -131.80 34.66 27.04
N LEU C 358 -131.66 34.35 28.33
CA LEU C 358 -132.82 34.06 29.18
C LEU C 358 -133.38 35.27 29.95
N PRO C 359 -132.53 35.99 30.73
CA PRO C 359 -133.03 37.28 31.24
C PRO C 359 -133.51 38.22 30.15
N SER C 360 -132.86 38.14 28.99
CA SER C 360 -133.29 38.86 27.78
C SER C 360 -134.78 38.68 27.54
N VAL C 361 -135.23 37.42 27.59
CA VAL C 361 -136.62 37.07 27.31
C VAL C 361 -137.51 37.36 28.51
N ILE C 362 -136.94 37.30 29.71
CA ILE C 362 -137.70 37.64 30.92
C ILE C 362 -138.17 39.09 30.80
N HIS C 363 -137.20 39.98 30.65
CA HIS C 363 -137.45 41.42 30.50
C HIS C 363 -138.42 41.67 29.35
N SER C 364 -138.26 40.87 28.28
CA SER C 364 -139.15 40.91 27.13
C SER C 364 -140.61 40.64 27.50
N SER C 365 -140.90 39.45 28.01
CA SER C 365 -142.30 39.09 28.29
C SER C 365 -142.85 39.98 29.40
N VAL C 366 -141.93 40.57 30.17
CA VAL C 366 -142.28 41.61 31.14
C VAL C 366 -142.88 42.79 30.40
N GLU C 367 -142.21 43.22 29.33
CA GLU C 367 -142.72 44.35 28.56
C GLU C 367 -143.99 43.98 27.80
N MSE C 368 -144.19 42.70 27.54
CA MSE C 368 -145.45 42.23 26.98
C MSE C 368 -146.60 42.37 27.98
O MSE C 368 -147.75 42.05 27.66
CB MSE C 368 -145.34 40.77 26.54
CG MSE C 368 -145.21 40.55 25.05
SE MSE C 368 -146.75 39.55 24.42
CE MSE C 368 -147.59 40.96 23.36
N LEU C 369 -146.30 42.88 29.17
CA LEU C 369 -147.30 43.37 30.10
C LEU C 369 -147.21 44.88 30.34
N LEU C 370 -147.50 45.68 29.33
CA LEU C 370 -147.23 47.11 29.43
C LEU C 370 -147.92 47.89 28.31
N ASP C 381 -151.40 39.29 24.92
CA ASP C 381 -151.33 37.87 24.55
C ASP C 381 -150.22 37.08 25.24
N ILE C 382 -149.79 37.59 26.39
CA ILE C 382 -149.08 36.89 27.46
C ILE C 382 -150.05 36.52 28.58
N ILE C 383 -150.97 37.45 28.83
CA ILE C 383 -152.08 37.28 29.74
C ILE C 383 -153.07 36.19 29.29
N ASP C 384 -153.24 35.98 27.99
CA ASP C 384 -154.18 34.98 27.49
C ASP C 384 -153.80 33.55 27.93
N LYS C 385 -152.52 33.23 28.05
CA LYS C 385 -152.13 31.86 28.42
C LYS C 385 -151.60 31.85 29.85
N PRO C 386 -152.21 30.98 30.69
CA PRO C 386 -152.09 31.00 32.15
C PRO C 386 -150.72 30.58 32.70
N TYR C 387 -150.20 29.44 32.26
CA TYR C 387 -148.87 28.99 32.67
C TYR C 387 -147.79 30.07 32.59
N LEU C 388 -147.84 30.91 31.56
CA LEU C 388 -146.71 31.76 31.21
C LEU C 388 -146.28 32.69 32.34
N LEU C 389 -147.20 33.56 32.76
CA LEU C 389 -146.92 34.54 33.81
C LEU C 389 -146.38 33.90 35.09
N ARG C 390 -146.93 32.76 35.46
CA ARG C 390 -146.39 31.97 36.57
C ARG C 390 -144.93 31.59 36.30
N ILE C 391 -144.74 30.83 35.23
CA ILE C 391 -143.45 30.23 34.89
C ILE C 391 -142.36 31.28 34.87
N VAL C 392 -142.60 32.38 34.17
CA VAL C 392 -141.60 33.44 34.06
C VAL C 392 -141.23 33.95 35.44
N THR C 393 -142.23 34.20 36.27
CA THR C 393 -142.02 34.67 37.64
C THR C 393 -141.14 33.74 38.47
N HIS C 394 -141.53 32.46 38.53
CA HIS C 394 -140.77 31.49 39.30
C HIS C 394 -139.37 31.26 38.74
N LEU C 395 -139.23 31.35 37.43
CA LEU C 395 -137.94 31.26 36.77
C LEU C 395 -137.06 32.42 37.21
N ALA C 396 -137.61 33.63 37.16
CA ALA C 396 -136.90 34.83 37.58
C ALA C 396 -136.41 34.73 39.02
N ILE C 397 -137.27 34.14 39.86
CA ILE C 397 -136.94 33.93 41.26
C ILE C 397 -135.75 33.00 41.36
N CYS C 398 -135.89 31.83 40.75
CA CYS C 398 -134.82 30.84 40.74
C CYS C 398 -133.50 31.46 40.27
N LEU C 399 -133.57 32.20 39.17
CA LEU C 399 -132.42 32.80 38.53
C LEU C 399 -131.68 33.71 39.50
N ASP C 400 -132.42 34.61 40.14
CA ASP C 400 -131.77 35.55 41.05
C ASP C 400 -131.30 34.86 42.33
N ILE C 401 -131.90 33.73 42.67
CA ILE C 401 -131.39 32.92 43.76
C ILE C 401 -130.02 32.29 43.42
N ILE C 402 -129.95 31.64 42.26
CA ILE C 402 -128.74 30.93 41.84
C ILE C 402 -127.64 31.88 41.39
N ASN C 403 -128.04 32.90 40.64
CA ASN C 403 -127.13 33.95 40.18
C ASN C 403 -127.61 35.34 40.57
N PRO C 404 -127.34 35.76 41.81
CA PRO C 404 -127.73 37.09 42.31
C PRO C 404 -127.35 38.19 41.31
N GLY C 405 -128.30 39.06 40.99
CA GLY C 405 -128.10 40.04 39.92
C GLY C 405 -128.77 39.68 38.59
N SER C 406 -128.87 38.39 38.29
CA SER C 406 -129.41 37.85 37.03
C SER C 406 -130.53 38.63 36.34
N VAL C 407 -131.67 38.78 37.02
CA VAL C 407 -132.82 39.49 36.45
C VAL C 407 -133.02 40.83 37.11
N GLU C 408 -133.28 41.87 36.31
CA GLU C 408 -133.29 43.24 36.81
C GLU C 408 -134.31 43.37 37.93
N GLU C 409 -133.87 43.93 39.06
CA GLU C 409 -134.70 44.24 40.24
C GLU C 409 -136.14 44.64 39.91
N VAL C 410 -136.25 45.53 38.92
CA VAL C 410 -137.54 46.06 38.49
C VAL C 410 -138.37 44.90 37.97
N ASP C 411 -137.81 44.12 37.06
CA ASP C 411 -138.53 43.03 36.43
C ASP C 411 -139.07 42.03 37.48
N LYS C 412 -138.29 41.76 38.53
CA LYS C 412 -138.79 40.94 39.62
C LYS C 412 -140.02 41.62 40.21
N SER C 413 -139.86 42.91 40.53
CA SER C 413 -140.95 43.66 41.14
C SER C 413 -142.26 43.52 40.33
N LYS C 414 -142.17 43.89 39.07
CA LYS C 414 -143.28 43.83 38.11
C LYS C 414 -143.93 42.43 38.03
N LEU C 415 -143.08 41.42 37.96
CA LEU C 415 -143.52 40.03 37.80
C LEU C 415 -144.28 39.55 39.03
N ILE C 416 -143.66 39.74 40.19
CA ILE C 416 -144.26 39.26 41.43
C ILE C 416 -145.53 40.06 41.69
N THR C 417 -145.48 41.38 41.56
CA THR C 417 -146.67 42.22 41.60
C THR C 417 -147.88 41.61 40.89
N THR C 418 -147.65 41.26 39.61
CA THR C 418 -148.75 40.78 38.79
C THR C 418 -149.20 39.37 39.19
N TYR C 419 -148.26 38.49 39.48
CA TYR C 419 -148.61 37.14 39.91
C TYR C 419 -149.36 37.14 41.25
N ILE C 420 -148.91 38.01 42.16
CA ILE C 420 -149.55 38.20 43.46
C ILE C 420 -151.01 38.61 43.28
N SER C 421 -151.25 39.56 42.39
CA SER C 421 -152.63 40.01 42.16
C SER C 421 -153.53 38.88 41.63
N LEU C 422 -152.90 37.85 41.05
CA LEU C 422 -153.61 36.65 40.65
C LEU C 422 -153.78 35.68 41.81
N LEU C 423 -152.83 35.67 42.74
CA LEU C 423 -153.02 34.87 43.95
C LEU C 423 -154.26 35.44 44.66
N LYS C 424 -154.43 36.75 44.58
CA LYS C 424 -155.61 37.42 45.11
C LYS C 424 -156.87 37.03 44.34
N LEU C 425 -156.79 37.03 43.02
CA LEU C 425 -157.96 36.66 42.22
C LEU C 425 -158.36 35.20 42.40
N GLN C 426 -157.42 34.36 42.85
CA GLN C 426 -157.75 32.97 43.12
C GLN C 426 -158.19 32.75 44.57
N GLY C 427 -158.03 33.79 45.39
CA GLY C 427 -158.38 33.72 46.80
C GLY C 427 -157.39 32.92 47.63
N LEU C 428 -156.15 32.86 47.17
CA LEU C 428 -155.08 32.24 47.95
C LEU C 428 -154.11 33.30 48.48
N TYR C 429 -154.64 34.19 49.32
CA TYR C 429 -153.89 35.20 50.02
C TYR C 429 -152.94 34.58 51.04
N GLU C 430 -153.37 33.42 51.55
CA GLU C 430 -152.64 32.58 52.49
C GLU C 430 -151.13 32.51 52.27
N ASN C 431 -150.71 32.35 51.02
CA ASN C 431 -149.31 32.06 50.69
C ASN C 431 -148.62 33.20 49.96
N ILE C 432 -149.13 34.42 50.12
CA ILE C 432 -148.48 35.60 49.54
C ILE C 432 -147.17 36.09 50.23
N PRO C 433 -147.03 35.96 51.57
CA PRO C 433 -145.80 36.46 52.20
C PRO C 433 -144.53 35.87 51.62
N ILE C 434 -144.57 34.59 51.24
CA ILE C 434 -143.40 33.86 50.74
C ILE C 434 -142.83 34.62 49.54
N TYR C 435 -143.72 35.06 48.65
CA TYR C 435 -143.31 35.73 47.42
C TYR C 435 -142.82 37.13 47.71
N ALA C 436 -143.28 37.69 48.83
CA ALA C 436 -142.86 39.02 49.24
C ALA C 436 -141.36 39.10 49.54
N THR C 437 -140.77 37.99 49.97
CA THR C 437 -139.38 37.94 50.44
C THR C 437 -138.35 38.30 49.33
N PHE C 438 -138.61 39.37 48.57
CA PHE C 438 -137.68 39.77 47.50
C PHE C 438 -137.66 41.26 47.21
N LEU C 439 -138.38 42.05 47.99
CA LEU C 439 -138.33 43.49 47.82
C LEU C 439 -138.63 44.21 49.13
N ASN C 440 -138.15 45.44 49.24
CA ASN C 440 -138.70 46.33 50.26
C ASN C 440 -140.04 46.88 49.83
N GLU C 441 -140.35 46.77 48.53
CA GLU C 441 -141.70 47.02 48.06
C GLU C 441 -142.75 46.20 48.79
N SER C 442 -142.34 45.03 49.30
CA SER C 442 -143.23 44.23 50.14
C SER C 442 -143.95 44.98 51.25
N ASP C 443 -143.26 45.95 51.85
CA ASP C 443 -143.86 46.98 52.70
C ASP C 443 -145.31 47.34 52.36
N CYS C 444 -145.57 47.45 51.07
CA CYS C 444 -146.86 47.89 50.55
C CYS C 444 -147.89 46.77 50.49
N LEU C 445 -147.73 45.75 51.33
CA LEU C 445 -148.73 44.70 51.42
C LEU C 445 -149.12 44.42 52.87
N ALA D 10 93.35 21.04 -1.53
CA ALA D 10 92.06 21.72 -1.70
C ALA D 10 91.44 22.03 -0.34
N CYS D 11 91.39 23.31 -0.01
CA CYS D 11 90.98 23.74 1.33
C CYS D 11 89.56 24.33 1.30
N LEU D 12 89.05 24.55 0.09
CA LEU D 12 87.68 25.01 -0.10
C LEU D 12 86.86 24.02 -0.91
N SER D 13 85.55 24.02 -0.71
CA SER D 13 84.65 23.18 -1.47
C SER D 13 83.61 24.04 -2.19
N ARG D 14 82.91 23.43 -3.15
CA ARG D 14 81.92 24.16 -3.93
C ARG D 14 80.51 23.83 -3.50
N ILE D 15 79.77 24.87 -3.13
CA ILE D 15 78.37 24.75 -2.74
C ILE D 15 77.52 25.50 -3.76
N ASP D 16 76.72 24.77 -4.51
CA ASP D 16 75.91 25.38 -5.57
C ASP D 16 74.53 25.81 -5.09
N ALA D 17 74.13 27.01 -5.50
CA ALA D 17 72.87 27.58 -5.05
C ALA D 17 72.00 28.05 -6.21
N ASN D 18 70.88 27.37 -6.39
CA ASN D 18 69.82 27.84 -7.28
C ASN D 18 68.69 28.44 -6.44
N LEU D 19 68.63 29.76 -6.41
CA LEU D 19 67.74 30.50 -5.51
C LEU D 19 66.26 30.14 -5.62
N LEU D 20 65.88 29.44 -6.68
CA LEU D 20 64.48 29.06 -6.89
C LEU D 20 64.21 27.58 -6.62
N GLN D 21 65.23 26.88 -6.13
CA GLN D 21 65.20 25.42 -6.00
C GLN D 21 64.02 24.90 -5.19
N TYR D 22 63.63 25.63 -4.14
CA TYR D 22 62.57 25.19 -3.26
C TYR D 22 61.17 25.31 -3.85
N TYR D 23 61.04 26.09 -4.93
CA TYR D 23 59.72 26.39 -5.46
C TYR D 23 59.45 25.70 -6.78
N GLU D 24 58.17 25.43 -7.05
CA GLU D 24 57.77 24.80 -8.30
C GLU D 24 57.95 25.75 -9.49
N LYS D 25 57.40 26.95 -9.41
CA LYS D 25 57.57 27.91 -10.49
C LYS D 25 59.06 28.21 -10.68
N PRO D 26 59.59 27.93 -11.88
CA PRO D 26 60.97 28.32 -12.19
C PRO D 26 61.10 29.79 -12.55
N GLU D 27 60.10 30.60 -12.21
CA GLU D 27 60.22 32.04 -12.33
C GLU D 27 59.41 32.75 -11.25
N PRO D 28 59.97 33.82 -10.68
CA PRO D 28 59.25 34.67 -9.71
C PRO D 28 57.96 35.24 -10.29
N ASN D 29 56.86 35.17 -9.53
CA ASN D 29 55.58 35.69 -10.01
C ASN D 29 55.68 37.18 -10.30
N ASN D 30 56.47 37.87 -9.47
CA ASN D 30 56.64 39.31 -9.60
C ASN D 30 57.85 39.66 -10.46
N THR D 31 57.61 39.82 -11.75
CA THR D 31 58.63 40.23 -12.70
C THR D 31 58.10 41.44 -13.48
N VAL D 32 58.92 42.47 -13.62
CA VAL D 32 58.48 43.66 -14.30
C VAL D 32 59.43 44.02 -15.44
N ASP D 33 58.83 44.41 -16.56
CA ASP D 33 59.60 44.72 -17.75
C ASP D 33 59.56 46.21 -18.07
N LEU D 34 60.68 46.89 -17.85
CA LEU D 34 60.79 48.30 -18.22
C LEU D 34 61.44 48.42 -19.59
N TYR D 35 61.02 49.43 -20.35
CA TYR D 35 61.40 49.58 -21.74
C TYR D 35 61.94 50.98 -22.00
N VAL D 36 63.04 51.05 -22.73
CA VAL D 36 63.68 52.33 -23.00
C VAL D 36 63.52 52.72 -24.47
N SER D 37 63.13 53.97 -24.69
CA SER D 37 62.89 54.49 -26.03
C SER D 37 64.20 54.85 -26.72
N GLY D 61 69.89 36.75 -18.75
CA GLY D 61 71.07 37.58 -18.87
C GLY D 61 72.36 36.78 -18.80
N SER D 62 72.66 36.06 -19.87
CA SER D 62 73.70 35.04 -19.86
C SER D 62 74.97 35.47 -20.60
N GLU D 63 75.51 36.65 -20.28
CA GLU D 63 76.83 37.04 -20.77
C GLU D 63 77.66 37.75 -19.72
N TYR D 64 77.01 38.48 -18.81
CA TYR D 64 77.72 38.95 -17.63
C TYR D 64 76.80 38.99 -16.43
N SER D 65 77.35 38.73 -15.24
CA SER D 65 76.58 38.89 -14.02
C SER D 65 77.43 39.22 -12.81
N ASN D 66 76.87 40.02 -11.91
CA ASN D 66 77.61 40.48 -10.74
C ASN D 66 76.69 40.82 -9.58
N CYS D 67 77.28 40.98 -8.40
CA CYS D 67 76.53 41.45 -7.24
C CYS D 67 77.08 42.77 -6.75
N LEU D 68 76.21 43.57 -6.15
CA LEU D 68 76.62 44.84 -5.56
C LEU D 68 75.90 45.04 -4.23
N LEU D 69 76.65 45.46 -3.22
CA LEU D 69 76.09 45.69 -1.89
C LEU D 69 75.55 47.11 -1.82
N LEU D 70 74.40 47.26 -1.17
CA LEU D 70 73.75 48.56 -1.08
C LEU D 70 73.68 49.09 0.35
N SER D 71 73.21 50.33 0.49
CA SER D 71 73.01 50.99 1.78
C SER D 71 72.21 50.18 2.78
N ASN D 72 71.26 49.39 2.30
CA ASN D 72 70.37 48.63 3.18
C ASN D 72 70.84 47.24 3.57
N SER D 73 72.13 46.97 3.36
CA SER D 73 72.75 45.69 3.71
C SER D 73 72.29 44.55 2.80
N GLU D 74 71.54 44.89 1.77
CA GLU D 74 71.05 43.88 0.83
C GLU D 74 71.97 43.83 -0.37
N TYR D 75 72.09 42.64 -0.94
CA TYR D 75 72.80 42.45 -2.19
C TYR D 75 71.86 42.45 -3.37
N ILE D 76 72.15 43.30 -4.36
CA ILE D 76 71.41 43.27 -5.59
C ILE D 76 72.26 42.60 -6.66
N CYS D 77 71.62 41.71 -7.41
CA CYS D 77 72.28 41.01 -8.48
C CYS D 77 71.89 41.66 -9.79
N TYR D 78 72.81 41.64 -10.74
CA TYR D 78 72.47 42.09 -12.08
C TYR D 78 73.10 41.22 -13.16
N HIS D 79 72.41 41.16 -14.29
CA HIS D 79 72.82 40.36 -15.44
C HIS D 79 72.72 41.19 -16.72
N PHE D 80 73.73 41.09 -17.56
CA PHE D 80 73.70 41.72 -18.86
C PHE D 80 73.62 40.57 -19.87
N SER D 81 72.64 40.64 -20.75
CA SER D 81 72.34 39.52 -21.65
C SER D 81 73.43 39.29 -22.69
N SER D 82 73.30 38.18 -23.40
CA SER D 82 74.23 37.81 -24.47
C SER D 82 74.41 38.94 -25.48
N ARG D 83 73.29 39.55 -25.85
CA ARG D 83 73.28 40.60 -26.86
C ARG D 83 73.62 41.96 -26.29
N SER D 84 73.65 42.06 -24.96
CA SER D 84 73.88 43.32 -24.26
C SER D 84 72.72 44.27 -24.56
N THR D 85 71.54 43.68 -24.75
CA THR D 85 70.31 44.44 -24.97
C THR D 85 69.38 44.40 -23.77
N LEU D 86 69.65 43.51 -22.82
CA LEU D 86 68.79 43.37 -21.65
C LEU D 86 69.58 43.37 -20.34
N LEU D 87 69.14 44.19 -19.41
CA LEU D 87 69.72 44.25 -18.08
C LEU D 87 68.71 43.74 -17.07
N THR D 88 69.13 42.87 -16.15
CA THR D 88 68.20 42.30 -15.19
C THR D 88 68.69 42.47 -13.76
N PHE D 89 67.78 42.87 -12.87
CA PHE D 89 68.13 43.04 -11.46
C PHE D 89 67.26 42.18 -10.56
N TYR D 90 67.87 41.54 -9.56
CA TYR D 90 67.07 40.83 -8.57
C TYR D 90 67.76 40.75 -7.21
N PRO D 91 66.97 40.75 -6.12
CA PRO D 91 67.54 40.73 -4.77
C PRO D 91 68.04 39.35 -4.34
N LEU D 92 69.35 39.25 -4.09
CA LEU D 92 70.02 38.01 -3.69
C LEU D 92 69.25 37.18 -2.66
N SER D 93 68.75 37.85 -1.62
CA SER D 93 68.22 37.16 -0.45
C SER D 93 66.71 36.91 -0.53
N ASP D 94 66.10 37.24 -1.67
CA ASP D 94 64.66 37.09 -1.84
C ASP D 94 64.27 36.96 -3.31
N ALA D 95 64.91 36.02 -4.01
CA ALA D 95 64.77 35.91 -5.46
C ALA D 95 63.35 35.55 -5.88
N TYR D 96 62.70 34.65 -5.15
CA TYR D 96 61.39 34.15 -5.56
C TYR D 96 60.24 35.13 -5.28
N HIS D 97 60.16 35.62 -4.05
CA HIS D 97 59.06 36.51 -3.68
C HIS D 97 59.35 37.96 -4.04
N GLY D 98 60.64 38.32 -4.05
CA GLY D 98 61.05 39.66 -4.39
C GLY D 98 60.87 39.95 -5.87
N LYS D 99 61.17 41.17 -6.26
CA LYS D 99 60.91 41.62 -7.62
C LYS D 99 62.16 41.48 -8.48
N THR D 100 62.02 40.86 -9.64
CA THR D 100 63.07 40.94 -10.65
C THR D 100 62.65 41.93 -11.73
N ILE D 101 63.60 42.77 -12.13
CA ILE D 101 63.33 43.82 -13.09
C ILE D 101 64.12 43.63 -14.36
N ASN D 102 63.42 43.56 -15.49
CA ASN D 102 64.07 43.51 -16.79
C ASN D 102 63.98 44.86 -17.49
N ILE D 103 65.14 45.46 -17.71
CA ILE D 103 65.25 46.70 -18.45
C ILE D 103 65.71 46.39 -19.86
N HIS D 104 64.85 46.71 -20.83
CA HIS D 104 65.12 46.47 -22.23
C HIS D 104 65.79 47.68 -22.87
N LEU D 105 66.80 47.44 -23.69
CA LEU D 105 67.58 48.52 -24.26
C LEU D 105 67.29 48.62 -25.75
N PRO D 106 67.27 49.85 -26.29
CA PRO D 106 66.94 50.03 -27.71
C PRO D 106 67.95 49.35 -28.63
N ASN D 107 69.22 49.41 -28.25
CA ASN D 107 70.26 48.67 -28.93
C ASN D 107 71.33 48.21 -27.95
N ALA D 108 72.25 47.38 -28.42
CA ALA D 108 73.32 46.87 -27.59
C ALA D 108 74.31 47.97 -27.23
N SER D 109 75.02 47.78 -26.13
CA SER D 109 76.08 48.68 -25.73
C SER D 109 77.26 48.53 -26.68
N MET D 110 78.09 49.56 -26.78
CA MET D 110 79.18 49.59 -27.76
C MET D 110 80.07 48.36 -27.63
N ASN D 111 80.47 48.05 -26.40
CA ASN D 111 81.35 46.94 -26.14
C ASN D 111 80.94 46.22 -24.86
N GLN D 112 79.76 45.59 -24.89
CA GLN D 112 79.29 44.75 -23.79
C GLN D 112 79.26 45.47 -22.44
N ARG D 113 79.36 44.71 -21.35
CA ARG D 113 79.37 45.28 -20.02
C ARG D 113 80.55 46.22 -19.78
N TYR D 114 81.57 46.13 -20.64
CA TYR D 114 82.73 47.00 -20.51
C TYR D 114 82.38 48.44 -20.84
N THR D 115 81.26 48.63 -21.55
CA THR D 115 80.76 49.99 -21.76
C THR D 115 79.58 50.27 -20.86
N LEU D 116 79.58 49.65 -19.69
CA LEU D 116 78.49 49.79 -18.75
C LEU D 116 79.03 49.97 -17.33
N THR D 117 78.38 50.83 -16.56
CA THR D 117 78.76 51.05 -15.18
C THR D 117 77.50 51.06 -14.33
N ILE D 118 77.64 50.65 -13.08
CA ILE D 118 76.53 50.62 -12.13
C ILE D 118 77.06 50.93 -10.74
N GLN D 119 76.56 52.03 -10.16
CA GLN D 119 77.00 52.45 -8.84
C GLN D 119 75.82 53.04 -8.10
N GLU D 120 75.82 52.91 -6.77
CA GLU D 120 74.76 53.52 -5.97
C GLU D 120 75.13 54.92 -5.53
N VAL D 121 74.49 55.91 -6.16
CA VAL D 121 74.70 57.30 -5.83
C VAL D 121 74.06 57.69 -4.48
N GLU D 122 72.80 58.12 -4.49
CA GLU D 122 72.10 58.46 -3.26
C GLU D 122 70.69 57.88 -3.26
N GLN D 123 70.58 56.66 -2.75
CA GLN D 123 69.32 55.92 -2.63
C GLN D 123 68.83 55.48 -4.00
N GLN D 124 69.75 55.48 -4.97
CA GLN D 124 69.43 55.10 -6.33
C GLN D 124 70.55 54.31 -6.99
N LEU D 125 70.18 53.36 -7.82
CA LEU D 125 71.12 52.70 -8.70
C LEU D 125 71.28 53.55 -9.94
N LEU D 126 72.45 54.18 -10.05
CA LEU D 126 72.81 54.94 -11.23
C LEU D 126 73.55 54.02 -12.18
N VAL D 127 73.03 53.91 -13.39
CA VAL D 127 73.57 52.99 -14.38
C VAL D 127 73.87 53.76 -15.64
N ASN D 128 75.12 53.76 -16.10
CA ASN D 128 75.39 54.42 -17.36
C ASN D 128 75.85 53.42 -18.41
N VAL D 129 75.46 53.66 -19.66
CA VAL D 129 75.71 52.72 -20.74
C VAL D 129 75.89 53.44 -22.07
N ILE D 130 77.10 53.36 -22.61
CA ILE D 130 77.36 53.80 -23.96
C ILE D 130 76.85 52.76 -24.95
N LEU D 131 75.94 53.16 -25.82
CA LEU D 131 75.33 52.21 -26.73
C LEU D 131 76.10 52.18 -28.05
N LYS D 132 75.75 51.25 -28.92
CA LYS D 132 76.49 51.03 -30.17
C LYS D 132 76.45 52.25 -31.10
N ASP D 133 75.29 52.88 -31.21
CA ASP D 133 75.13 54.03 -32.10
C ASP D 133 75.89 55.27 -31.64
N GLY D 134 76.34 55.28 -30.39
CA GLY D 134 77.08 56.41 -29.85
C GLY D 134 76.41 57.09 -28.66
N SER D 135 75.12 56.81 -28.46
CA SER D 135 74.36 57.42 -27.38
C SER D 135 74.94 57.10 -26.01
N PHE D 136 74.74 58.00 -25.06
CA PHE D 136 75.12 57.74 -23.68
C PHE D 136 73.87 57.71 -22.81
N LEU D 137 73.44 56.50 -22.47
CA LEU D 137 72.21 56.30 -21.71
C LEU D 137 72.48 56.36 -20.22
N THR D 138 71.61 57.08 -19.51
CA THR D 138 71.62 57.11 -18.06
C THR D 138 70.34 56.48 -17.53
N LEU D 139 70.49 55.59 -16.54
CA LEU D 139 69.38 55.02 -15.82
C LEU D 139 69.44 55.43 -14.35
N GLN D 140 68.30 55.79 -13.80
CA GLN D 140 68.16 56.08 -12.38
C GLN D 140 67.07 55.20 -11.79
N LEU D 141 67.46 54.25 -10.95
CA LEU D 141 66.49 53.33 -10.38
C LEU D 141 66.44 53.49 -8.87
N PRO D 142 65.33 54.03 -8.36
CA PRO D 142 65.27 54.21 -6.90
C PRO D 142 65.39 52.89 -6.16
N LEU D 143 66.17 52.90 -5.08
CA LEU D 143 66.36 51.74 -4.21
C LEU D 143 65.01 51.16 -3.78
N SER D 144 64.11 52.07 -3.41
CA SER D 144 62.75 51.69 -3.04
C SER D 144 62.15 50.85 -4.15
N PHE D 145 62.18 51.37 -5.37
CA PHE D 145 61.61 50.67 -6.51
C PHE D 145 62.21 49.27 -6.66
N LEU D 146 63.49 49.15 -6.29
CA LEU D 146 64.19 47.87 -6.37
C LEU D 146 63.70 46.91 -5.31
N PHE D 147 63.14 47.44 -4.22
CA PHE D 147 62.65 46.57 -3.16
C PHE D 147 61.16 46.76 -2.87
N SER D 148 60.45 47.40 -3.80
CA SER D 148 59.01 47.58 -3.67
C SER D 148 58.22 46.49 -4.37
N SER D 149 56.89 46.55 -4.23
CA SER D 149 55.97 45.66 -4.94
C SER D 149 55.58 46.20 -6.31
N ALA D 150 55.76 47.50 -6.50
CA ALA D 150 55.22 48.22 -7.66
C ALA D 150 55.67 47.63 -9.00
N ASN D 151 54.77 47.66 -9.98
CA ASN D 151 55.09 47.25 -11.34
C ASN D 151 55.18 48.46 -12.27
N THR D 152 55.11 49.65 -11.67
CA THR D 152 55.21 50.90 -12.42
C THR D 152 56.38 51.71 -11.87
N LEU D 153 56.94 52.60 -12.70
CA LEU D 153 57.96 53.53 -12.23
C LEU D 153 57.69 54.94 -12.74
N ASN D 154 57.75 55.90 -11.82
CA ASN D 154 57.48 57.30 -12.11
C ASN D 154 58.73 58.15 -12.30
N GLY D 155 58.57 59.28 -12.98
CA GLY D 155 59.66 60.22 -13.18
C GLY D 155 60.66 59.77 -14.23
N GLU D 156 61.65 60.62 -14.49
CA GLU D 156 62.63 60.33 -15.54
C GLU D 156 63.62 59.30 -15.04
N TRP D 157 63.31 58.03 -15.25
CA TRP D 157 64.23 56.96 -14.87
C TRP D 157 65.30 56.70 -15.94
N PHE D 158 65.20 57.38 -17.07
CA PHE D 158 66.25 57.27 -18.08
C PHE D 158 66.46 58.54 -18.93
N HIS D 159 67.72 58.81 -19.26
CA HIS D 159 68.08 59.93 -20.11
C HIS D 159 68.99 59.49 -21.25
N LEU D 160 68.58 59.75 -22.49
CA LEU D 160 69.47 59.60 -23.62
C LEU D 160 70.23 60.89 -23.88
N GLN D 161 71.39 60.77 -24.51
CA GLN D 161 72.28 61.92 -24.69
C GLN D 161 73.42 61.63 -25.66
N ASN D 162 73.80 62.63 -26.44
CA ASN D 162 74.92 62.51 -27.36
C ASN D 162 75.95 63.60 -27.09
N PRO D 163 76.87 63.34 -26.15
CA PRO D 163 77.86 64.37 -25.82
C PRO D 163 79.04 64.42 -26.78
N TYR D 164 79.52 63.25 -27.22
CA TYR D 164 80.62 63.19 -28.17
C TYR D 164 80.26 62.42 -29.44
N ASP D 165 81.01 62.65 -30.51
CA ASP D 165 80.84 61.89 -31.76
C ASP D 165 81.64 60.60 -31.75
N PHE D 166 81.00 59.50 -31.36
CA PHE D 166 81.64 58.18 -31.29
C PHE D 166 81.61 57.39 -32.59
N THR D 167 81.14 57.98 -33.67
CA THR D 167 81.16 57.31 -34.96
C THR D 167 82.60 57.22 -35.47
N VAL D 168 83.31 58.33 -35.40
CA VAL D 168 84.72 58.39 -35.79
C VAL D 168 85.63 57.60 -34.83
N ARG D 169 85.70 57.97 -33.55
CA ARG D 169 86.63 57.31 -32.63
C ARG D 169 85.81 56.49 -31.65
N VAL D 170 85.83 55.19 -31.88
CA VAL D 170 84.97 54.26 -31.16
C VAL D 170 85.54 53.93 -29.79
N PRO D 171 84.71 54.06 -28.75
CA PRO D 171 85.13 53.72 -27.38
C PRO D 171 84.94 52.23 -27.13
N HIS D 172 85.51 51.73 -26.03
CA HIS D 172 85.33 50.32 -25.71
C HIS D 172 85.31 50.03 -24.21
N PHE D 173 85.58 51.03 -23.39
CA PHE D 173 85.69 50.82 -21.95
C PHE D 173 85.26 52.08 -21.18
N LEU D 174 84.27 51.91 -20.29
CA LEU D 174 83.74 53.02 -19.52
C LEU D 174 84.08 52.85 -18.06
N PHE D 175 84.70 53.86 -17.46
CA PHE D 175 85.14 53.72 -16.06
C PHE D 175 84.60 54.83 -15.17
N TYR D 176 83.78 54.42 -14.20
CA TYR D 176 83.18 55.32 -13.23
C TYR D 176 84.23 55.82 -12.24
N VAL D 177 84.21 57.12 -11.98
CA VAL D 177 85.10 57.73 -11.00
C VAL D 177 84.33 58.38 -9.86
N SER D 178 83.23 59.04 -10.20
CA SER D 178 82.42 59.78 -9.24
C SER D 178 81.02 60.02 -9.82
N PRO D 179 80.04 60.40 -8.97
CA PRO D 179 78.69 60.71 -9.44
C PRO D 179 78.60 61.69 -10.63
N GLN D 180 79.53 62.63 -10.71
CA GLN D 180 79.53 63.63 -11.78
C GLN D 180 80.61 63.41 -12.82
N PHE D 181 81.69 62.73 -12.44
CA PHE D 181 82.83 62.55 -13.33
C PHE D 181 83.15 61.09 -13.59
N SER D 182 83.44 60.78 -14.85
CA SER D 182 83.89 59.44 -15.22
C SER D 182 84.58 59.44 -16.58
N VAL D 183 85.57 58.57 -16.75
CA VAL D 183 86.35 58.58 -17.97
C VAL D 183 85.92 57.52 -18.99
N VAL D 184 86.18 57.83 -20.26
CA VAL D 184 85.97 56.90 -21.37
C VAL D 184 87.31 56.55 -22.01
N PHE D 185 87.47 55.29 -22.36
CA PHE D 185 88.66 54.83 -23.07
C PHE D 185 88.33 54.47 -24.51
N LEU D 186 89.23 54.78 -25.43
CA LEU D 186 88.96 54.61 -26.85
C LEU D 186 89.84 53.53 -27.43
N GLU D 187 89.37 52.93 -28.53
CA GLU D 187 90.06 51.80 -29.15
C GLU D 187 91.42 52.21 -29.71
N ASP D 188 91.49 53.42 -30.27
CA ASP D 188 92.73 53.93 -30.82
C ASP D 188 93.79 54.29 -29.77
N GLY D 189 93.37 54.43 -28.51
CA GLY D 189 94.31 54.65 -27.43
C GLY D 189 94.06 55.91 -26.63
N GLY D 190 93.12 56.72 -27.09
CA GLY D 190 92.88 58.01 -26.47
C GLY D 190 91.90 57.94 -25.32
N LEU D 191 92.03 58.88 -24.39
CA LEU D 191 91.06 58.98 -23.30
C LEU D 191 90.18 60.20 -23.46
N LEU D 192 88.91 60.04 -23.11
CA LEU D 192 87.98 61.15 -23.05
C LEU D 192 87.54 61.31 -21.60
N GLY D 193 87.32 62.55 -21.17
CA GLY D 193 86.75 62.78 -19.86
C GLY D 193 85.27 63.10 -19.95
N LEU D 194 84.52 62.85 -18.89
CA LEU D 194 83.09 63.11 -18.93
C LEU D 194 82.62 63.73 -17.62
N LYS D 195 82.40 65.05 -17.68
CA LYS D 195 82.03 65.84 -16.52
C LYS D 195 80.55 66.25 -16.52
N LYS D 196 79.87 65.99 -15.41
CA LYS D 196 78.46 66.32 -15.23
C LYS D 196 78.28 67.71 -14.63
N VAL D 197 77.58 68.59 -15.33
CA VAL D 197 77.43 69.98 -14.89
C VAL D 197 76.21 70.13 -13.99
N ASP D 198 75.03 69.87 -14.54
CA ASP D 198 73.79 69.90 -13.77
C ASP D 198 73.52 68.52 -13.16
N GLY D 199 72.35 67.97 -13.42
CA GLY D 199 72.02 66.63 -12.95
C GLY D 199 72.01 65.58 -14.05
N VAL D 200 72.09 66.04 -15.30
CA VAL D 200 71.86 65.17 -16.45
C VAL D 200 72.95 65.28 -17.52
N HIS D 201 73.30 66.51 -17.89
CA HIS D 201 74.17 66.74 -19.04
C HIS D 201 75.64 66.43 -18.77
N TYR D 202 76.31 65.90 -19.79
CA TYR D 202 77.72 65.54 -19.69
C TYR D 202 78.54 66.24 -20.76
N GLU D 203 79.78 66.59 -20.45
CA GLU D 203 80.65 67.23 -21.43
C GLU D 203 82.06 66.64 -21.42
N PRO D 204 82.65 66.47 -22.61
CA PRO D 204 84.02 65.98 -22.82
C PRO D 204 85.10 66.90 -22.29
N LEU D 205 85.87 66.42 -21.30
CA LEU D 205 87.08 67.08 -20.84
C LEU D 205 88.29 66.31 -21.32
N LEU D 206 88.85 66.70 -22.46
CA LEU D 206 89.89 65.91 -23.10
C LEU D 206 91.23 65.95 -22.38
N PHE D 207 91.93 64.83 -22.44
CA PHE D 207 93.24 64.69 -21.84
C PHE D 207 94.31 64.98 -22.87
N ASN D 208 95.43 65.55 -22.44
CA ASN D 208 96.57 65.74 -23.33
C ASN D 208 97.18 64.40 -23.74
N ASP D 209 97.27 64.14 -25.05
CA ASP D 209 97.85 62.88 -25.50
C ASP D 209 98.87 63.07 -26.61
N ASN D 210 100.11 62.67 -26.32
CA ASN D 210 101.19 62.71 -27.31
C ASN D 210 101.77 61.34 -27.63
N SER D 211 101.10 60.28 -27.19
CA SER D 211 101.51 58.91 -27.50
C SER D 211 101.40 58.62 -29.00
N TYR D 212 100.37 59.19 -29.61
CA TYR D 212 100.04 58.95 -31.00
C TYR D 212 101.27 59.24 -31.88
N LEU D 213 102.08 60.21 -31.48
CA LEU D 213 103.24 60.65 -32.26
C LEU D 213 104.23 59.51 -32.58
N LYS D 214 104.02 58.33 -32.00
CA LYS D 214 104.85 57.17 -32.37
C LYS D 214 104.55 56.72 -33.80
N SER D 215 103.54 57.35 -34.39
CA SER D 215 103.15 57.14 -35.77
C SER D 215 104.29 57.60 -36.67
N LEU D 216 105.02 58.63 -36.24
CA LEU D 216 106.18 59.13 -36.97
C LEU D 216 107.20 58.03 -37.29
N THR D 217 107.34 57.07 -36.38
CA THR D 217 108.19 55.90 -36.58
C THR D 217 107.64 54.99 -37.70
N ARG D 218 108.54 54.30 -38.39
CA ARG D 218 108.16 53.38 -39.47
C ARG D 218 107.47 52.11 -38.97
N PHE D 219 107.34 51.96 -37.65
CA PHE D 219 106.82 50.74 -37.07
C PHE D 219 105.38 50.91 -36.60
N PHE D 220 104.84 52.12 -36.74
CA PHE D 220 103.44 52.35 -36.36
C PHE D 220 102.77 53.34 -37.31
N SER D 221 101.45 53.18 -37.48
CA SER D 221 100.64 54.11 -38.25
C SER D 221 99.41 54.53 -37.42
N ARG D 222 98.89 55.72 -37.67
CA ARG D 222 97.57 56.09 -37.14
C ARG D 222 96.47 55.27 -37.82
N SER D 223 96.69 54.93 -39.08
CA SER D 223 95.67 54.30 -39.90
C SER D 223 95.61 52.77 -39.75
N SER D 224 96.64 52.21 -39.12
CA SER D 224 96.77 50.77 -38.96
C SER D 224 95.73 50.20 -37.98
N LYS D 225 95.19 49.04 -38.30
CA LYS D 225 94.26 48.34 -37.41
C LYS D 225 94.96 47.65 -36.24
N SER D 226 96.20 47.21 -36.45
CA SER D 226 97.09 46.86 -35.34
C SER D 226 97.61 48.11 -34.63
N ASP D 227 98.73 47.97 -33.91
CA ASP D 227 99.44 49.12 -33.34
C ASP D 227 98.73 49.82 -32.18
N TYR D 228 97.41 49.66 -32.03
CA TYR D 228 96.72 50.29 -30.92
C TYR D 228 97.17 49.67 -29.60
N ASP D 229 97.50 50.52 -28.65
CA ASP D 229 97.79 50.09 -27.28
C ASP D 229 96.71 50.56 -26.31
N SER D 230 95.50 50.03 -26.47
CA SER D 230 94.33 50.46 -25.71
C SER D 230 94.28 49.91 -24.28
N VAL D 231 93.50 50.57 -23.43
CA VAL D 231 93.37 50.17 -22.03
C VAL D 231 92.52 48.91 -21.92
N ILE D 232 92.96 47.98 -21.07
CA ILE D 232 92.28 46.70 -20.88
C ILE D 232 91.86 46.49 -19.43
N SER D 233 92.36 47.35 -18.55
CA SER D 233 91.97 47.34 -17.14
C SER D 233 92.30 48.67 -16.48
N CYS D 234 91.46 49.07 -15.53
CA CYS D 234 91.61 50.38 -14.91
C CYS D 234 91.04 50.45 -13.50
N LYS D 235 91.82 51.08 -12.61
CA LYS D 235 91.43 51.26 -11.22
C LYS D 235 91.69 52.68 -10.69
N LEU D 236 90.80 53.13 -9.80
CA LEU D 236 90.91 54.45 -9.19
C LEU D 236 91.61 54.39 -7.84
N PHE D 237 92.66 55.20 -7.66
CA PHE D 237 93.38 55.21 -6.39
C PHE D 237 93.28 56.56 -5.70
N HIS D 238 92.90 56.52 -4.44
CA HIS D 238 92.75 57.71 -3.60
C HIS D 238 91.97 58.80 -4.31
N GLU D 239 90.89 58.42 -4.99
CA GLU D 239 90.00 59.35 -5.68
C GLU D 239 90.65 60.15 -6.82
N ARG D 240 91.97 60.22 -6.85
CA ARG D 240 92.64 61.16 -7.75
C ARG D 240 93.45 60.44 -8.81
N TYR D 241 94.17 59.39 -8.44
CA TYR D 241 95.06 58.74 -9.40
C TYR D 241 94.37 57.61 -10.15
N LEU D 242 94.57 57.60 -11.46
CA LEU D 242 93.92 56.64 -12.33
C LEU D 242 94.95 55.72 -12.95
N ILE D 243 94.97 54.48 -12.50
CA ILE D 243 95.96 53.49 -12.94
C ILE D 243 95.43 52.66 -14.10
N VAL D 244 96.09 52.75 -15.25
CA VAL D 244 95.63 52.05 -16.44
C VAL D 244 96.65 51.01 -16.92
N LEU D 245 96.13 49.90 -17.40
CA LEU D 245 96.92 48.82 -18.00
C LEU D 245 96.61 48.73 -19.48
N THR D 246 97.63 48.73 -20.31
CA THR D 246 97.44 48.69 -21.75
C THR D 246 97.68 47.30 -22.36
N GLN D 247 97.33 47.14 -23.64
CA GLN D 247 97.40 45.84 -24.31
C GLN D 247 98.83 45.33 -24.43
N ASN D 248 99.80 46.25 -24.43
CA ASN D 248 101.21 45.85 -24.45
C ASN D 248 101.75 45.75 -23.04
N CYS D 249 100.83 45.70 -22.08
CA CYS D 249 101.15 45.59 -20.67
C CYS D 249 102.04 46.73 -20.21
N HIS D 250 101.67 47.95 -20.59
CA HIS D 250 102.23 49.13 -19.97
C HIS D 250 101.29 49.56 -18.85
N LEU D 251 101.88 49.87 -17.69
CA LEU D 251 101.13 50.52 -16.63
C LEU D 251 101.35 52.03 -16.71
N LYS D 252 100.35 52.73 -17.25
CA LYS D 252 100.40 54.18 -17.26
C LYS D 252 99.59 54.72 -16.08
N ILE D 253 100.00 55.87 -15.55
CA ILE D 253 99.31 56.44 -14.40
C ILE D 253 98.99 57.91 -14.65
N TRP D 254 97.68 58.20 -14.58
CA TRP D 254 97.13 59.53 -14.85
C TRP D 254 96.70 60.27 -13.58
N ASP D 255 97.20 61.49 -13.40
CA ASP D 255 96.74 62.33 -12.30
C ASP D 255 95.54 63.18 -12.72
N LEU D 256 94.39 62.92 -12.10
CA LEU D 256 93.14 63.57 -12.47
C LEU D 256 93.08 65.03 -12.00
N THR D 257 93.99 65.41 -11.11
CA THR D 257 94.11 66.80 -10.74
C THR D 257 94.76 67.57 -11.89
N SER D 258 95.91 67.10 -12.34
CA SER D 258 96.59 67.68 -13.50
C SER D 258 95.90 67.37 -14.84
N PHE D 259 95.27 66.20 -14.93
CA PHE D 259 94.88 65.61 -16.22
C PHE D 259 96.13 65.41 -17.09
N THR D 260 97.17 64.84 -16.48
CA THR D 260 98.45 64.69 -17.15
C THR D 260 99.01 63.29 -16.90
N LEU D 261 99.70 62.74 -17.89
CA LEU D 261 100.37 61.46 -17.71
C LEU D 261 101.55 61.62 -16.75
N ILE D 262 101.45 60.98 -15.60
CA ILE D 262 102.51 61.07 -14.61
C ILE D 262 103.46 59.92 -14.77
N GLN D 263 102.92 58.70 -14.85
CA GLN D 263 103.83 57.56 -14.95
C GLN D 263 103.62 56.71 -16.20
N ASP D 264 104.66 56.01 -16.59
CA ASP D 264 104.57 55.01 -17.65
C ASP D 264 105.63 53.92 -17.46
N TYR D 265 105.23 52.80 -16.87
CA TYR D 265 106.11 51.67 -16.65
C TYR D 265 105.88 50.59 -17.70
N ASP D 266 106.96 50.04 -18.22
CA ASP D 266 106.87 48.83 -19.03
C ASP D 266 107.00 47.62 -18.13
N MET D 267 105.88 46.94 -17.90
CA MET D 267 105.82 45.85 -16.93
C MET D 267 106.70 44.67 -17.35
N VAL D 268 106.91 44.51 -18.65
CA VAL D 268 107.54 43.29 -19.17
C VAL D 268 109.07 43.31 -19.16
N SER D 269 109.67 44.48 -19.14
CA SER D 269 111.13 44.56 -19.28
C SER D 269 111.84 44.24 -17.97
N GLN D 270 111.08 43.82 -16.97
CA GLN D 270 111.61 43.50 -15.66
C GLN D 270 112.02 42.03 -15.60
N SER D 271 111.04 41.14 -15.79
CA SER D 271 111.31 39.71 -15.90
C SER D 271 111.95 39.35 -17.24
N ASP D 272 112.20 38.05 -17.41
CA ASP D 272 112.90 37.52 -18.59
C ASP D 272 112.28 37.98 -19.90
N SER D 273 112.89 38.98 -20.53
CA SER D 273 112.34 39.52 -21.77
C SER D 273 112.30 38.57 -22.95
N ASP D 274 111.19 37.86 -23.07
CA ASP D 274 111.06 36.87 -24.07
C ASP D 274 110.87 37.53 -25.45
N PRO D 275 111.85 37.38 -26.35
CA PRO D 275 111.60 37.83 -27.71
C PRO D 275 110.67 36.91 -28.52
N SER D 276 110.47 35.66 -28.04
CA SER D 276 109.64 34.69 -28.79
C SER D 276 108.17 35.09 -28.89
N HIS D 277 107.46 35.14 -27.78
CA HIS D 277 106.07 35.61 -27.77
C HIS D 277 105.55 36.13 -26.42
N PHE D 278 105.27 37.43 -26.37
CA PHE D 278 104.44 37.98 -25.31
C PHE D 278 103.11 38.35 -25.96
N ARG D 279 102.04 37.75 -25.45
CA ARG D 279 100.70 37.94 -25.99
C ARG D 279 100.10 39.26 -25.56
N LYS D 280 100.16 40.25 -26.44
CA LYS D 280 99.50 41.52 -26.21
C LYS D 280 98.01 41.24 -26.05
N VAL D 281 97.46 41.70 -24.93
CA VAL D 281 96.10 41.35 -24.55
C VAL D 281 95.09 41.92 -25.55
N GLU D 282 94.26 41.03 -26.11
CA GLU D 282 93.42 41.38 -27.24
C GLU D 282 91.96 41.63 -26.84
N ALA D 283 91.74 42.00 -25.58
CA ALA D 283 90.38 42.28 -25.09
C ALA D 283 90.43 42.84 -23.67
N VAL D 284 89.36 43.55 -23.30
CA VAL D 284 89.24 44.08 -21.95
C VAL D 284 88.91 42.96 -20.97
N GLY D 285 89.63 42.91 -19.86
CA GLY D 285 89.39 41.91 -18.83
C GLY D 285 89.86 42.37 -17.46
N GLU D 286 89.70 41.50 -16.47
CA GLU D 286 90.10 41.84 -15.11
C GLU D 286 91.55 41.43 -14.89
N TYR D 287 92.48 42.33 -15.20
CA TYR D 287 93.90 42.01 -15.14
C TYR D 287 94.61 42.69 -13.97
N LEU D 288 93.88 43.47 -13.19
CA LEU D 288 94.41 44.02 -11.95
C LEU D 288 93.33 44.40 -10.95
N SER D 289 93.68 44.30 -9.67
CA SER D 289 92.88 44.83 -8.58
C SER D 289 93.79 45.25 -7.44
N LEU D 290 93.48 46.38 -6.82
CA LEU D 290 94.28 46.89 -5.72
C LEU D 290 93.51 46.76 -4.42
N TYR D 291 94.25 46.63 -3.32
CA TYR D 291 93.63 46.66 -1.99
C TYR D 291 93.95 48.02 -1.39
N ASN D 292 94.90 48.10 -0.46
CA ASN D 292 95.25 49.41 0.08
C ASN D 292 96.14 50.18 -0.89
N ASN D 293 97.44 50.07 -0.68
CA ASN D 293 98.42 50.64 -1.60
C ASN D 293 99.22 49.56 -2.34
N THR D 294 98.77 48.31 -2.22
CA THR D 294 99.34 47.22 -3.00
C THR D 294 98.67 47.16 -4.37
N LEU D 295 99.34 46.58 -5.35
CA LEU D 295 98.71 46.41 -6.65
C LEU D 295 99.26 45.21 -7.43
N VAL D 296 98.38 44.23 -7.63
CA VAL D 296 98.67 43.08 -8.47
C VAL D 296 98.23 43.33 -9.92
N THR D 297 99.03 42.84 -10.85
CA THR D 297 98.79 42.93 -12.29
C THR D 297 98.93 41.55 -12.94
N LEU D 298 98.05 41.22 -13.87
CA LEU D 298 98.15 39.93 -14.55
C LEU D 298 98.78 40.08 -15.94
N LEU D 299 99.98 39.53 -16.07
CA LEU D 299 100.71 39.53 -17.32
C LEU D 299 100.67 38.12 -17.92
N PRO D 300 100.52 38.07 -19.26
CA PRO D 300 100.44 36.81 -20.01
C PRO D 300 101.78 36.26 -20.48
N LEU D 301 102.29 35.26 -19.78
CA LEU D 301 103.44 34.49 -20.22
C LEU D 301 103.16 33.00 -19.99
N GLU D 302 102.58 32.33 -20.99
CA GLU D 302 101.88 31.06 -20.76
C GLU D 302 100.65 31.30 -19.89
N ASN D 303 100.06 32.49 -20.01
CA ASN D 303 98.97 32.94 -19.15
C ASN D 303 99.29 32.74 -17.67
N GLY D 304 100.49 33.16 -17.27
CA GLY D 304 100.94 32.91 -15.93
C GLY D 304 101.93 33.85 -15.27
N LEU D 305 101.52 35.10 -15.02
CA LEU D 305 102.37 35.99 -14.23
C LEU D 305 101.55 37.01 -13.44
N PHE D 306 101.66 36.92 -12.12
CA PHE D 306 101.07 37.91 -11.24
C PHE D 306 102.16 38.80 -10.69
N GLN D 307 102.34 39.96 -11.31
CA GLN D 307 103.24 40.96 -10.75
C GLN D 307 102.56 41.67 -9.63
N MET D 308 103.31 42.11 -8.62
CA MET D 308 102.65 42.92 -7.61
C MET D 308 103.64 43.84 -6.93
N GLY D 309 103.35 45.13 -7.05
CA GLY D 309 104.15 46.14 -6.40
C GLY D 309 103.35 46.96 -5.40
N THR D 310 103.89 48.14 -5.09
CA THR D 310 103.22 49.03 -4.16
C THR D 310 103.12 50.43 -4.73
N LEU D 311 102.01 51.09 -4.44
CA LEU D 311 101.79 52.49 -4.77
C LEU D 311 102.11 53.38 -3.58
N LEU D 312 102.74 54.53 -3.82
CA LEU D 312 103.18 55.37 -2.71
C LEU D 312 103.70 56.75 -3.12
N VAL D 313 103.38 57.74 -2.30
CA VAL D 313 104.01 59.06 -2.31
C VAL D 313 103.90 59.70 -0.93
N LEU D 319 103.45 60.40 -7.58
CA LEU D 319 103.01 59.05 -7.27
C LEU D 319 103.97 58.01 -7.85
N THR D 320 104.34 57.03 -7.05
CA THR D 320 105.35 56.07 -7.46
C THR D 320 104.86 54.63 -7.30
N TYR D 321 105.06 53.84 -8.35
CA TYR D 321 104.82 52.41 -8.31
C TYR D 321 106.17 51.73 -8.18
N THR D 322 106.28 50.79 -7.25
CA THR D 322 107.55 50.12 -7.03
C THR D 322 107.39 48.61 -6.96
N PHE D 323 108.00 47.96 -7.94
CA PHE D 323 107.98 46.51 -8.10
C PHE D 323 108.43 45.77 -6.84
N GLN D 324 107.89 44.58 -6.62
CA GLN D 324 108.31 43.74 -5.52
C GLN D 324 108.68 42.35 -5.99
N ASN D 325 107.81 41.76 -6.80
CA ASN D 325 108.00 40.41 -7.29
C ASN D 325 106.99 39.99 -8.37
N ASN D 326 107.44 39.07 -9.22
CA ASN D 326 106.57 38.35 -10.13
C ASN D 326 106.30 36.95 -9.60
N ILE D 327 105.02 36.66 -9.34
CA ILE D 327 104.62 35.36 -8.87
C ILE D 327 103.94 34.59 -10.00
N PRO D 328 104.57 33.51 -10.48
CA PRO D 328 103.95 32.76 -11.57
C PRO D 328 102.69 32.05 -11.11
N THR D 329 102.06 31.31 -12.00
CA THR D 329 100.87 30.55 -11.66
C THR D 329 101.21 29.08 -11.64
N ASN D 330 100.40 28.29 -10.95
CA ASN D 330 100.54 26.85 -11.06
C ASN D 330 99.37 26.35 -11.85
N LEU D 331 99.62 26.20 -13.15
CA LEU D 331 98.61 25.79 -14.10
C LEU D 331 99.27 24.95 -15.17
N SER D 332 98.62 23.85 -15.48
CA SER D 332 99.11 22.90 -16.45
C SER D 332 97.94 22.61 -17.37
N ALA D 333 97.96 21.44 -17.99
CA ALA D 333 97.08 21.13 -19.11
C ALA D 333 97.24 22.09 -20.27
N SER D 334 98.48 22.56 -20.46
CA SER D 334 98.93 23.51 -21.50
C SER D 334 98.88 24.96 -21.03
N ALA D 335 98.15 25.19 -19.93
CA ALA D 335 97.80 26.52 -19.45
C ALA D 335 96.81 27.13 -20.44
N ILE D 336 95.53 26.80 -20.26
CA ILE D 336 94.49 27.22 -21.19
C ILE D 336 93.30 27.73 -20.40
N TRP D 337 93.61 28.42 -19.32
CA TRP D 337 92.61 29.01 -18.45
C TRP D 337 92.62 30.50 -18.70
N SER D 338 91.45 31.10 -18.66
CA SER D 338 91.32 32.54 -18.85
C SER D 338 90.85 33.15 -17.54
N ILE D 339 91.38 34.33 -17.23
CA ILE D 339 90.96 35.03 -16.03
C ILE D 339 89.52 35.51 -16.19
N VAL D 340 88.74 35.33 -15.13
CA VAL D 340 87.36 35.77 -15.11
C VAL D 340 87.28 36.99 -14.22
N ASP D 341 87.86 36.84 -13.03
CA ASP D 341 87.88 37.91 -12.05
C ASP D 341 88.94 37.59 -11.01
N LEU D 342 89.53 38.64 -10.45
CA LEU D 342 90.43 38.51 -9.33
C LEU D 342 90.10 39.58 -8.31
N VAL D 343 90.38 39.31 -7.04
CA VAL D 343 90.12 40.26 -5.99
C VAL D 343 91.17 40.14 -4.89
N LEU D 344 92.01 41.17 -4.80
CA LEU D 344 93.00 41.27 -3.75
C LEU D 344 92.33 41.81 -2.49
N THR D 345 92.62 41.19 -1.36
CA THR D 345 91.96 41.56 -0.12
C THR D 345 92.66 41.04 1.14
N ARG D 346 92.09 41.40 2.28
CA ARG D 346 92.61 41.05 3.58
C ARG D 346 92.66 39.53 3.76
N PRO D 347 93.58 39.04 4.60
CA PRO D 347 93.84 37.61 4.61
C PRO D 347 92.68 36.79 5.18
N LEU D 348 92.64 35.52 4.79
CA LEU D 348 91.59 34.62 5.22
C LEU D 348 92.06 33.80 6.42
N GLU D 349 91.20 32.89 6.88
CA GLU D 349 91.55 31.97 7.94
C GLU D 349 91.90 30.62 7.31
N LEU D 350 93.14 30.52 6.84
CA LEU D 350 93.62 29.33 6.14
C LEU D 350 94.54 28.46 6.99
N ASN D 351 94.88 27.28 6.47
CA ASN D 351 95.65 26.29 7.21
C ASN D 351 97.13 26.63 7.37
N VAL D 352 97.54 27.79 6.90
CA VAL D 352 98.90 28.28 7.09
C VAL D 352 98.84 29.67 7.70
N GLU D 353 99.17 29.77 8.99
CA GLU D 353 99.07 31.05 9.68
C GLU D 353 99.96 32.13 9.06
N ALA D 354 101.10 31.75 8.51
CA ALA D 354 101.95 32.71 7.81
C ALA D 354 101.27 33.35 6.61
N SER D 355 100.53 34.42 6.90
CA SER D 355 99.76 35.15 5.89
C SER D 355 99.72 36.67 6.13
N TYR D 356 99.75 37.41 5.02
CA TYR D 356 99.77 38.86 5.02
C TYR D 356 98.64 39.38 4.14
N LEU D 357 98.56 38.85 2.92
CA LEU D 357 97.46 39.23 2.02
C LEU D 357 96.93 38.03 1.26
N ASN D 358 95.73 38.19 0.70
CA ASN D 358 95.13 37.12 -0.06
C ASN D 358 94.57 37.61 -1.37
N LEU D 359 94.99 36.96 -2.45
CA LEU D 359 94.44 37.19 -3.78
C LEU D 359 93.52 36.06 -4.19
N ILE D 360 92.24 36.39 -4.38
CA ILE D 360 91.29 35.40 -4.85
C ILE D 360 91.28 35.45 -6.37
N VAL D 361 91.37 34.29 -6.99
CA VAL D 361 91.53 34.21 -8.44
C VAL D 361 90.54 33.22 -9.03
N LEU D 362 89.91 33.62 -10.13
CA LEU D 362 88.92 32.80 -10.79
C LEU D 362 89.30 32.61 -12.27
N TRP D 363 89.67 31.38 -12.61
CA TRP D 363 89.96 31.04 -13.99
C TRP D 363 88.77 30.36 -14.64
N LYS D 364 88.79 30.32 -15.97
CA LYS D 364 87.79 29.59 -16.74
C LYS D 364 88.40 28.88 -17.95
N SER D 365 87.85 27.73 -18.27
CA SER D 365 88.19 26.98 -19.47
C SER D 365 86.93 26.27 -19.97
N GLY D 366 86.27 26.91 -20.93
CA GLY D 366 84.94 26.48 -21.31
C GLY D 366 84.02 26.79 -20.17
N THR D 367 83.14 25.85 -19.90
CA THR D 367 82.20 25.96 -18.80
C THR D 367 82.83 25.40 -17.52
N ALA D 368 84.07 24.89 -17.64
CA ALA D 368 84.78 24.49 -16.43
C ALA D 368 85.46 25.67 -15.77
N SER D 369 85.36 25.76 -14.45
CA SER D 369 85.95 26.87 -13.71
C SER D 369 87.04 26.42 -12.76
N LYS D 370 87.82 27.37 -12.26
CA LYS D 370 88.88 27.04 -11.31
C LYS D 370 89.04 28.18 -10.31
N LEU D 371 88.87 27.88 -9.03
CA LEU D 371 89.08 28.90 -8.01
C LEU D 371 90.35 28.63 -7.22
N GLN D 372 91.20 29.65 -7.14
CA GLN D 372 92.42 29.53 -6.34
C GLN D 372 92.59 30.73 -5.43
N ILE D 373 93.37 30.54 -4.37
CA ILE D 373 93.74 31.65 -3.50
C ILE D 373 95.25 31.69 -3.40
N LEU D 374 95.83 32.82 -3.77
CA LEU D 374 97.24 33.05 -3.50
C LEU D 374 97.38 33.70 -2.13
N ASN D 375 98.05 32.99 -1.22
CA ASN D 375 98.36 33.60 0.05
C ASN D 375 99.78 34.14 0.08
N VAL D 376 99.93 35.45 0.26
CA VAL D 376 101.26 35.99 0.48
C VAL D 376 101.50 36.12 1.99
N ASN D 377 102.64 35.54 2.39
CA ASN D 377 103.00 35.34 3.79
C ASN D 377 103.42 36.61 4.50
N ASP D 378 104.30 37.37 3.86
CA ASP D 378 104.93 38.52 4.48
C ASP D 378 104.92 39.74 3.55
N GLU D 379 105.46 40.85 4.04
CA GLU D 379 105.41 42.12 3.31
C GLU D 379 106.34 42.15 2.10
N SER D 380 107.37 41.30 2.14
CA SER D 380 108.02 40.86 0.92
C SER D 380 107.09 39.94 0.14
N PHE D 381 106.96 40.18 -1.15
CA PHE D 381 106.02 39.39 -1.94
C PHE D 381 106.74 38.21 -2.60
N LYS D 382 107.66 37.63 -1.85
CA LYS D 382 108.55 36.59 -2.37
C LYS D 382 108.24 35.24 -1.74
N ASN D 383 107.68 35.26 -0.54
CA ASN D 383 107.14 34.04 0.06
C ASN D 383 105.63 33.95 0.00
N TYR D 384 105.14 32.96 -0.72
CA TYR D 384 103.71 32.79 -0.98
C TYR D 384 103.34 31.32 -1.04
N GLU D 385 102.05 31.05 -1.21
CA GLU D 385 101.59 29.67 -1.36
C GLU D 385 100.23 29.61 -2.04
N TRP D 386 100.14 28.74 -3.06
CA TRP D 386 98.90 28.57 -3.81
C TRP D 386 97.99 27.57 -3.15
N ILE D 387 96.74 27.98 -2.93
CA ILE D 387 95.74 27.13 -2.31
C ILE D 387 94.62 26.84 -3.29
N GLU D 388 94.41 25.57 -3.60
CA GLU D 388 93.43 25.18 -4.61
C GLU D 388 92.11 24.88 -3.93
N SER D 389 91.09 24.64 -4.73
CA SER D 389 89.80 24.23 -4.19
C SER D 389 89.11 23.26 -5.12
N VAL D 390 88.05 22.63 -4.62
CA VAL D 390 87.26 21.72 -5.42
C VAL D 390 86.35 22.55 -6.32
N ASN D 391 86.38 22.26 -7.62
CA ASN D 391 85.67 23.08 -8.58
C ASN D 391 84.41 22.38 -9.09
N LYS D 392 83.96 21.39 -8.33
CA LYS D 392 82.67 20.77 -8.54
C LYS D 392 82.02 20.50 -7.18
N SER D 393 80.70 20.63 -7.10
CA SER D 393 80.01 20.38 -5.84
C SER D 393 79.99 18.89 -5.53
N LEU D 394 79.71 18.56 -4.27
CA LEU D 394 79.65 17.17 -3.83
C LEU D 394 78.60 16.38 -4.61
N VAL D 395 77.39 16.93 -4.71
CA VAL D 395 76.29 16.30 -5.44
C VAL D 395 76.69 15.91 -6.86
N ASP D 396 77.37 16.83 -7.54
CA ASP D 396 77.89 16.60 -8.88
C ASP D 396 78.99 15.55 -8.91
N LEU D 397 79.97 15.66 -8.02
CA LEU D 397 81.05 14.68 -7.97
C LEU D 397 80.51 13.27 -7.75
N GLN D 398 79.58 13.15 -6.80
CA GLN D 398 78.94 11.88 -6.47
C GLN D 398 78.19 11.32 -7.67
N SER D 399 77.48 12.18 -8.39
CA SER D 399 76.74 11.72 -9.55
C SER D 399 77.70 11.25 -10.66
N GLU D 400 78.73 12.04 -10.93
CA GLU D 400 79.77 11.68 -11.89
C GLU D 400 80.47 10.36 -11.56
N HIS D 401 80.90 10.19 -10.32
CA HIS D 401 81.76 9.06 -9.96
C HIS D 401 80.98 7.87 -9.42
N ASP D 402 79.64 7.94 -9.48
CA ASP D 402 78.76 6.86 -9.06
C ASP D 402 79.07 6.45 -7.62
N LEU D 403 79.11 7.45 -6.74
CA LEU D 403 79.43 7.29 -5.33
C LEU D 403 78.20 7.55 -4.46
N ASP D 404 77.04 7.64 -5.11
CA ASP D 404 75.79 7.98 -4.43
C ASP D 404 75.04 6.71 -4.06
N ILE D 405 74.97 6.47 -2.75
CA ILE D 405 74.37 5.26 -2.18
C ILE D 405 72.93 5.47 -1.69
N VAL D 406 72.55 6.73 -1.44
CA VAL D 406 71.28 7.02 -0.78
C VAL D 406 70.08 7.07 -1.74
N THR D 407 70.27 7.74 -2.88
CA THR D 407 69.20 7.97 -3.85
C THR D 407 68.47 6.68 -4.24
N LYS D 408 67.15 6.67 -4.09
CA LYS D 408 66.35 5.47 -4.33
C LYS D 408 66.43 4.99 -5.78
N THR D 409 66.55 3.69 -5.97
CA THR D 409 66.57 3.11 -7.32
C THR D 409 65.21 2.51 -7.66
N GLY D 410 65.07 2.04 -8.90
CA GLY D 410 63.93 1.25 -9.30
C GLY D 410 63.24 1.83 -10.51
N ASP D 411 62.05 2.38 -10.27
CA ASP D 411 61.14 2.77 -11.34
C ASP D 411 61.71 3.91 -12.19
N VAL D 412 61.25 4.01 -13.42
CA VAL D 412 61.58 5.12 -14.30
C VAL D 412 61.06 6.47 -13.81
N GLU D 413 59.85 6.47 -13.26
CA GLU D 413 59.24 7.66 -12.69
C GLU D 413 59.93 8.00 -11.36
N ARG D 414 60.45 6.97 -10.70
CA ARG D 414 61.28 7.15 -9.52
C ARG D 414 62.49 7.99 -9.92
N GLY D 415 63.12 7.63 -11.03
CA GLY D 415 64.25 8.38 -11.56
C GLY D 415 63.82 9.79 -11.96
N PHE D 416 62.58 9.91 -12.41
CA PHE D 416 62.03 11.22 -12.76
C PHE D 416 61.98 12.13 -11.53
N CYS D 417 61.35 11.65 -10.46
CA CYS D 417 61.32 12.39 -9.20
C CYS D 417 62.74 12.71 -8.76
N ASN D 418 63.63 11.71 -8.85
CA ASN D 418 65.01 11.87 -8.41
C ASN D 418 65.69 13.06 -9.07
N LEU D 419 65.57 13.13 -10.40
CA LEU D 419 66.26 14.18 -11.15
C LEU D 419 65.57 15.52 -10.96
N LYS D 420 64.24 15.53 -11.02
CA LYS D 420 63.45 16.72 -10.76
C LYS D 420 63.86 17.37 -9.44
N SER D 421 63.75 16.59 -8.36
CA SER D 421 64.16 17.02 -7.02
C SER D 421 65.62 17.44 -6.93
N ARG D 422 66.51 16.74 -7.66
CA ARG D 422 67.93 17.06 -7.59
C ARG D 422 68.27 18.40 -8.25
N TYR D 423 67.69 18.64 -9.41
CA TYR D 423 68.14 19.70 -10.31
C TYR D 423 67.39 21.02 -10.12
N GLY D 424 66.10 20.91 -9.80
CA GLY D 424 65.28 22.09 -9.60
C GLY D 424 64.50 22.32 -10.87
N THR D 425 63.40 23.04 -10.78
CA THR D 425 62.47 23.16 -11.90
C THR D 425 63.03 23.96 -13.08
N GLN D 426 63.86 24.96 -12.79
CA GLN D 426 64.40 25.84 -13.83
C GLN D 426 65.22 25.02 -14.83
N ILE D 427 66.09 24.19 -14.28
CA ILE D 427 66.95 23.35 -15.09
C ILE D 427 66.15 22.22 -15.70
N PHE D 428 65.33 21.54 -14.89
CA PHE D 428 64.61 20.36 -15.37
C PHE D 428 63.70 20.69 -16.56
N GLU D 429 63.06 21.86 -16.48
CA GLU D 429 62.20 22.33 -17.56
C GLU D 429 62.99 22.88 -18.74
N ARG D 430 64.13 23.53 -18.48
CA ARG D 430 64.96 23.94 -19.60
C ARG D 430 65.45 22.73 -20.40
N ALA D 431 65.76 21.66 -19.68
CA ALA D 431 66.16 20.40 -20.27
C ALA D 431 65.03 19.72 -21.04
N GLN D 432 63.82 19.80 -20.50
CA GLN D 432 62.68 19.21 -21.20
C GLN D 432 62.32 20.04 -22.42
N GLN D 433 62.70 21.32 -22.39
CA GLN D 433 62.53 22.19 -23.56
C GLN D 433 63.51 21.77 -24.67
N ILE D 434 64.77 21.59 -24.28
CA ILE D 434 65.80 21.24 -25.25
C ILE D 434 65.52 19.87 -25.85
N LEU D 435 64.91 18.99 -25.07
CA LEU D 435 64.56 17.66 -25.56
C LEU D 435 63.55 17.73 -26.70
N SER D 436 62.44 18.43 -26.48
CA SER D 436 61.35 18.52 -27.44
C SER D 436 61.75 19.32 -28.67
N GLU D 437 62.63 20.31 -28.49
CA GLU D 437 63.18 21.05 -29.63
C GLU D 437 63.95 20.13 -30.58
N ASN D 438 64.77 19.26 -30.00
CA ASN D 438 65.53 18.26 -30.75
C ASN D 438 64.72 17.00 -31.10
N LYS D 439 63.41 17.09 -30.90
CA LYS D 439 62.46 16.05 -31.30
C LYS D 439 62.63 14.75 -30.51
N ILE D 440 63.09 14.87 -29.27
CA ILE D 440 63.22 13.72 -28.39
C ILE D 440 62.00 13.68 -27.46
N ILE D 441 61.12 12.72 -27.72
CA ILE D 441 59.80 12.67 -27.08
C ILE D 441 59.58 11.35 -26.35
N MET D 442 59.11 11.42 -25.11
CA MET D 442 58.96 10.22 -24.28
C MET D 442 57.92 9.24 -24.83
N ALA D 443 58.38 8.04 -25.14
CA ALA D 443 57.54 7.03 -25.81
C ALA D 443 56.39 6.54 -24.92
N HIS D 444 56.75 6.12 -23.71
CA HIS D 444 55.79 5.60 -22.75
C HIS D 444 56.28 5.80 -21.32
N ASN D 445 55.48 5.36 -20.36
CA ASN D 445 55.82 5.44 -18.95
C ASN D 445 57.23 4.94 -18.61
N GLU D 446 57.71 3.94 -19.35
CA GLU D 446 58.93 3.24 -18.97
C GLU D 446 60.05 3.38 -20.01
N ASP D 447 60.06 4.50 -20.74
CA ASP D 447 61.11 4.74 -21.73
C ASP D 447 62.43 5.10 -21.05
N GLU D 448 63.27 4.10 -20.84
CA GLU D 448 64.55 4.27 -20.15
C GLU D 448 65.55 5.01 -21.05
N GLU D 449 65.36 4.83 -22.35
CA GLU D 449 66.18 5.46 -23.39
C GLU D 449 66.03 6.98 -23.36
N TYR D 450 64.85 7.44 -22.92
CA TYR D 450 64.57 8.86 -22.74
C TYR D 450 65.29 9.41 -21.52
N LEU D 451 65.03 8.78 -20.37
CA LEU D 451 65.65 9.13 -19.10
C LEU D 451 67.16 9.27 -19.26
N ALA D 452 67.79 8.30 -19.91
CA ALA D 452 69.22 8.39 -20.23
C ALA D 452 69.59 9.76 -20.83
N ASN D 453 68.81 10.23 -21.79
CA ASN D 453 69.05 11.52 -22.43
C ASN D 453 68.86 12.67 -21.45
N LEU D 454 67.81 12.55 -20.63
CA LEU D 454 67.57 13.51 -19.55
C LEU D 454 68.77 13.68 -18.64
N GLU D 455 69.42 12.60 -18.23
CA GLU D 455 70.57 12.72 -17.32
C GLU D 455 71.56 13.75 -17.85
N THR D 456 71.91 13.58 -19.11
CA THR D 456 72.93 14.40 -19.76
C THR D 456 72.47 15.82 -19.99
N ILE D 457 71.26 15.97 -20.52
CA ILE D 457 70.80 17.31 -20.83
C ILE D 457 70.74 18.07 -19.52
N LEU D 458 70.17 17.47 -18.48
CA LEU D 458 70.16 18.08 -17.15
C LEU D 458 71.56 18.51 -16.69
N ARG D 459 72.54 17.60 -16.77
CA ARG D 459 73.93 17.93 -16.42
C ARG D 459 74.52 19.11 -17.19
N ASP D 460 74.30 19.11 -18.50
CA ASP D 460 74.80 20.14 -19.40
C ASP D 460 74.15 21.48 -19.13
N VAL D 461 72.83 21.49 -19.05
CA VAL D 461 72.09 22.69 -18.70
C VAL D 461 72.61 23.26 -17.39
N LYS D 462 72.74 22.41 -16.38
CA LYS D 462 73.31 22.83 -15.09
C LYS D 462 74.69 23.46 -15.28
N THR D 463 75.55 22.76 -16.01
CA THR D 463 76.92 23.18 -16.23
C THR D 463 77.00 24.55 -16.90
N ALA D 464 76.20 24.71 -17.95
CA ALA D 464 76.02 25.98 -18.66
C ALA D 464 75.60 27.07 -17.68
N PHE D 465 74.44 26.87 -17.06
CA PHE D 465 73.89 27.77 -16.06
C PHE D 465 74.94 28.22 -15.06
N ASN D 466 75.82 27.29 -14.68
CA ASN D 466 76.88 27.56 -13.70
C ASN D 466 78.17 28.18 -14.23
N GLU D 467 78.24 28.48 -15.52
CA GLU D 467 79.43 29.13 -16.08
C GLU D 467 79.74 30.39 -15.25
N ALA D 468 81.00 30.55 -14.85
CA ALA D 468 81.36 31.63 -13.95
C ALA D 468 81.51 32.97 -14.68
N SER D 469 81.17 34.06 -13.99
CA SER D 469 81.13 35.38 -14.60
C SER D 469 81.92 36.40 -13.78
N SER D 470 81.85 36.30 -12.46
CA SER D 470 82.46 37.30 -11.59
C SER D 470 82.52 36.83 -10.13
N ILE D 471 83.29 37.56 -9.33
CA ILE D 471 83.40 37.29 -7.91
C ILE D 471 82.74 38.40 -7.09
N THR D 472 82.07 38.00 -6.02
CA THR D 472 81.53 38.90 -5.02
C THR D 472 82.02 38.45 -3.65
N LEU D 473 82.54 39.38 -2.85
CA LEU D 473 82.86 39.06 -1.46
C LEU D 473 81.64 39.31 -0.59
N TYR D 474 80.77 38.31 -0.51
CA TYR D 474 79.65 38.33 0.42
C TYR D 474 80.17 38.54 1.84
N GLY D 475 79.45 39.32 2.63
CA GLY D 475 79.86 39.59 3.99
C GLY D 475 81.20 40.30 4.03
N ASP D 476 82.03 39.90 4.98
CA ASP D 476 83.41 40.37 5.05
C ASP D 476 84.37 39.59 4.15
N GLU D 477 84.22 38.27 4.12
CA GLU D 477 85.27 37.40 3.57
C GLU D 477 84.73 36.21 2.77
N ILE D 478 83.42 36.16 2.56
CA ILE D 478 82.80 34.99 1.93
C ILE D 478 82.95 35.04 0.43
N ILE D 479 83.62 34.02 -0.12
CA ILE D 479 83.87 33.95 -1.56
C ILE D 479 82.65 33.45 -2.30
N LEU D 480 82.09 34.34 -3.13
CA LEU D 480 80.92 34.03 -3.93
C LEU D 480 81.22 34.21 -5.41
N VAL D 481 80.75 33.28 -6.22
CA VAL D 481 80.89 33.34 -7.67
C VAL D 481 79.50 33.48 -8.29
N ASN D 482 79.36 34.37 -9.26
CA ASN D 482 78.06 34.61 -9.87
C ASN D 482 78.00 33.98 -11.25
N CYS D 483 76.94 33.22 -11.55
CA CYS D 483 76.98 32.45 -12.79
C CYS D 483 76.22 33.14 -13.94
N PHE D 484 76.42 32.63 -15.15
CA PHE D 484 75.75 33.13 -16.34
C PHE D 484 74.23 33.14 -16.26
N GLN D 485 73.65 32.08 -15.72
CA GLN D 485 72.19 32.00 -15.63
C GLN D 485 71.71 32.65 -14.36
N PRO D 486 70.77 33.59 -14.48
CA PRO D 486 70.13 34.24 -13.34
C PRO D 486 69.61 33.23 -12.33
N TYR D 487 69.76 33.57 -11.05
CA TYR D 487 69.33 32.76 -9.90
C TYR D 487 70.32 31.64 -9.62
N ASN D 488 71.47 31.68 -10.29
CA ASN D 488 72.47 30.64 -10.10
C ASN D 488 73.79 31.23 -9.60
N HIS D 489 74.16 30.80 -8.40
CA HIS D 489 75.40 31.26 -7.80
C HIS D 489 76.16 30.07 -7.23
N SER D 490 77.47 30.20 -7.07
CA SER D 490 78.25 29.19 -6.37
C SER D 490 79.01 29.83 -5.23
N LEU D 491 78.78 29.34 -4.01
CA LEU D 491 79.59 29.77 -2.88
C LEU D 491 80.78 28.83 -2.75
N TYR D 492 81.95 29.40 -2.45
CA TYR D 492 83.12 28.59 -2.14
C TYR D 492 83.40 28.62 -0.64
N LYS D 493 83.23 27.46 -0.01
CA LYS D 493 83.24 27.36 1.45
C LYS D 493 84.52 26.77 2.01
N LEU D 494 85.10 27.45 2.99
CA LEU D 494 86.26 26.95 3.70
C LEU D 494 85.93 25.59 4.31
N ASN D 495 86.79 24.61 4.05
CA ASN D 495 86.55 23.26 4.56
C ASN D 495 86.88 23.12 6.02
N THR D 496 86.13 22.25 6.71
CA THR D 496 86.47 21.88 8.06
C THR D 496 87.56 20.82 7.97
N THR D 497 88.04 20.35 9.11
CA THR D 497 89.09 19.35 9.15
C THR D 497 88.67 18.08 8.38
N VAL D 498 87.50 17.56 8.74
CA VAL D 498 87.01 16.30 8.20
C VAL D 498 86.79 16.43 6.70
N GLU D 499 86.32 17.60 6.30
CA GLU D 499 86.08 17.88 4.89
C GLU D 499 87.38 17.88 4.11
N ASN D 500 88.42 18.44 4.71
CA ASN D 500 89.76 18.39 4.12
C ASN D 500 90.25 16.95 3.97
N TRP D 501 89.91 16.11 4.93
CA TRP D 501 90.32 14.70 4.84
C TRP D 501 89.58 14.01 3.70
N PHE D 502 88.29 14.29 3.60
CA PHE D 502 87.45 13.68 2.59
C PHE D 502 87.95 14.09 1.21
N TYR D 503 88.20 15.40 1.05
CA TYR D 503 88.56 15.98 -0.23
C TYR D 503 90.03 15.82 -0.58
N ASN D 504 90.81 15.23 0.32
CA ASN D 504 92.22 14.99 0.01
C ASN D 504 92.72 13.61 0.41
N MET D 505 91.89 12.59 0.25
CA MET D 505 92.33 11.21 0.45
C MET D 505 93.54 10.82 -0.41
N HIS D 506 93.44 11.07 -1.73
CA HIS D 506 94.49 10.69 -2.68
C HIS D 506 95.53 11.80 -2.87
N SER D 507 95.95 12.43 -1.77
CA SER D 507 96.83 13.57 -1.87
C SER D 507 97.70 13.69 -0.64
N GLU D 508 97.07 14.10 0.45
CA GLU D 508 97.73 14.52 1.69
C GLU D 508 98.97 13.65 1.93
N THR D 509 100.15 14.23 1.74
CA THR D 509 101.41 13.56 2.06
C THR D 509 101.50 13.12 3.51
N ASP D 510 101.25 14.06 4.41
CA ASP D 510 101.33 13.81 5.84
C ASP D 510 99.96 13.39 6.37
N GLY D 511 99.37 14.22 7.22
CA GLY D 511 98.11 13.88 7.84
C GLY D 511 98.32 13.25 9.21
N SER D 512 97.36 13.48 10.09
CA SER D 512 97.38 12.88 11.42
C SER D 512 97.05 11.40 11.34
N GLU D 513 97.11 10.72 12.49
CA GLU D 513 96.79 9.30 12.57
C GLU D 513 95.36 9.03 12.09
N LEU D 514 94.43 9.87 12.50
CA LEU D 514 93.02 9.70 12.14
C LEU D 514 92.84 9.76 10.63
N PHE D 515 93.46 10.75 9.99
CA PHE D 515 93.43 10.85 8.54
C PHE D 515 93.93 9.58 7.87
N LYS D 516 95.07 9.07 8.32
CA LYS D 516 95.66 7.88 7.73
C LYS D 516 94.75 6.66 7.90
N TYR D 517 94.14 6.57 9.07
CA TYR D 517 93.19 5.51 9.39
C TYR D 517 91.97 5.53 8.46
N LEU D 518 91.40 6.73 8.31
CA LEU D 518 90.24 6.91 7.45
C LEU D 518 90.61 6.60 6.02
N ARG D 519 91.81 7.04 5.66
CA ARG D 519 92.34 6.85 4.32
C ARG D 519 92.48 5.38 3.96
N THR D 520 92.89 4.58 4.93
CA THR D 520 93.06 3.14 4.72
C THR D 520 91.71 2.44 4.64
N LEU D 521 90.79 2.91 5.47
CA LEU D 521 89.41 2.44 5.41
C LEU D 521 88.79 2.71 4.04
N ASN D 522 89.05 3.89 3.50
CA ASN D 522 88.56 4.24 2.17
C ASN D 522 89.30 3.41 1.13
N GLY D 523 90.57 3.12 1.41
CA GLY D 523 91.38 2.30 0.55
C GLY D 523 90.77 0.93 0.35
N PHE D 524 90.18 0.39 1.40
CA PHE D 524 89.48 -0.90 1.28
C PHE D 524 88.07 -0.75 0.69
N ALA D 525 87.31 0.19 1.23
CA ALA D 525 85.90 0.37 0.88
C ALA D 525 85.67 0.80 -0.57
N SER D 526 86.65 1.47 -1.16
CA SER D 526 86.53 1.95 -2.53
C SER D 526 86.60 0.82 -3.55
N THR D 527 87.04 -0.36 -3.11
CA THR D 527 87.10 -1.52 -3.99
C THR D 527 85.77 -2.27 -4.06
N LEU D 528 84.92 -2.10 -3.05
CA LEU D 528 83.56 -2.64 -3.08
C LEU D 528 82.67 -1.88 -4.06
N SER D 529 81.57 -2.52 -4.48
CA SER D 529 80.66 -1.90 -5.43
C SER D 529 79.51 -1.23 -4.68
N ASN D 530 78.75 -0.42 -5.40
CA ASN D 530 77.61 0.28 -4.82
C ASN D 530 76.49 -0.59 -4.25
N ASP D 531 76.12 -1.66 -4.95
CA ASP D 531 75.07 -2.56 -4.49
C ASP D 531 75.38 -3.19 -3.12
N VAL D 532 76.62 -3.62 -2.97
CA VAL D 532 77.08 -4.25 -1.73
C VAL D 532 76.96 -3.23 -0.60
N LEU D 533 77.53 -2.06 -0.82
CA LEU D 533 77.53 -0.98 0.16
C LEU D 533 76.10 -0.61 0.56
N ARG D 534 75.18 -0.52 -0.41
CA ARG D 534 73.78 -0.25 -0.10
C ARG D 534 73.17 -1.34 0.76
N SER D 535 73.49 -2.59 0.46
CA SER D 535 72.87 -3.70 1.19
C SER D 535 73.37 -3.73 2.62
N ILE D 536 74.61 -3.28 2.80
CA ILE D 536 75.21 -3.17 4.12
C ILE D 536 74.58 -2.03 4.90
N SER D 537 74.40 -0.89 4.23
CA SER D 537 73.75 0.27 4.85
C SER D 537 72.37 -0.14 5.33
N LYS D 538 71.60 -0.75 4.42
CA LYS D 538 70.29 -1.30 4.75
C LYS D 538 70.36 -2.16 6.01
N LYS D 539 71.35 -3.06 6.07
CA LYS D 539 71.44 -3.94 7.23
C LYS D 539 71.69 -3.15 8.53
N PHE D 540 72.48 -2.08 8.43
CA PHE D 540 72.74 -1.24 9.61
C PHE D 540 71.48 -0.51 10.04
N LEU D 541 70.65 -0.14 9.08
CA LEU D 541 69.32 0.39 9.44
C LEU D 541 68.53 -0.71 10.13
N ASP D 542 68.61 -1.92 9.59
CA ASP D 542 67.86 -3.08 10.10
C ASP D 542 68.18 -3.41 11.57
N ILE D 543 69.42 -3.14 11.98
CA ILE D 543 69.80 -3.37 13.37
C ILE D 543 69.02 -2.44 14.30
N ILE D 544 68.80 -1.22 13.82
CA ILE D 544 68.05 -0.23 14.56
C ILE D 544 66.54 -0.45 14.49
N THR D 545 66.04 -0.81 13.30
CA THR D 545 64.61 -1.04 13.15
C THR D 545 64.08 -2.33 13.79
N GLY D 546 64.98 -3.26 14.05
CA GLY D 546 64.60 -4.47 14.75
C GLY D 546 64.29 -5.56 13.73
N GLU D 547 64.43 -5.22 12.46
CA GLU D 547 64.27 -6.20 11.40
C GLU D 547 65.35 -7.25 11.52
N LEU D 548 66.48 -6.82 12.09
CA LEU D 548 67.45 -7.71 12.70
C LEU D 548 67.10 -7.67 14.19
N PRO D 549 66.39 -8.69 14.68
CA PRO D 549 65.87 -8.71 16.06
C PRO D 549 66.87 -8.25 17.12
N ASP D 550 66.35 -7.48 18.08
CA ASP D 550 67.07 -7.11 19.29
C ASP D 550 67.51 -8.34 20.10
N SER D 551 66.86 -9.47 19.85
CA SER D 551 67.23 -10.73 20.50
C SER D 551 68.63 -11.20 20.15
N MET D 552 69.08 -10.90 18.94
CA MET D 552 70.42 -11.31 18.51
C MET D 552 71.51 -10.53 19.23
N THR D 553 72.67 -11.15 19.36
CA THR D 553 73.86 -10.45 19.85
C THR D 553 74.42 -9.63 18.70
N THR D 554 75.27 -8.66 19.04
CA THR D 554 75.94 -7.85 18.04
C THR D 554 76.73 -8.75 17.08
N VAL D 555 77.48 -9.70 17.63
CA VAL D 555 78.28 -10.61 16.83
C VAL D 555 77.43 -11.37 15.82
N GLU D 556 76.24 -11.83 16.25
CA GLU D 556 75.33 -12.54 15.36
C GLU D 556 74.79 -11.66 14.22
N LYS D 557 74.50 -10.41 14.52
CA LYS D 557 74.02 -9.48 13.51
C LYS D 557 75.12 -9.17 12.50
N PHE D 558 76.33 -8.96 13.00
CA PHE D 558 77.50 -8.75 12.15
C PHE D 558 77.78 -9.96 11.26
N THR D 559 77.59 -11.16 11.82
CA THR D 559 77.75 -12.40 11.06
C THR D 559 76.70 -12.53 9.96
N ASP D 560 75.46 -12.19 10.30
CA ASP D 560 74.37 -12.14 9.33
C ASP D 560 74.76 -11.22 8.19
N ILE D 561 75.09 -9.97 8.55
CA ILE D 561 75.48 -8.94 7.60
C ILE D 561 76.58 -9.46 6.67
N PHE D 562 77.62 -10.02 7.28
CA PHE D 562 78.77 -10.55 6.55
C PHE D 562 78.36 -11.59 5.52
N LYS D 563 77.67 -12.64 5.98
CA LYS D 563 77.27 -13.73 5.10
C LYS D 563 76.37 -13.26 3.96
N ASN D 564 75.41 -12.41 4.26
CA ASN D 564 74.42 -11.99 3.27
C ASN D 564 74.94 -10.94 2.27
N CYS D 565 75.85 -10.09 2.74
CA CYS D 565 76.25 -8.92 1.97
C CYS D 565 77.69 -8.94 1.45
N LEU D 566 78.62 -9.47 2.24
CA LEU D 566 80.05 -9.26 1.98
C LEU D 566 80.77 -10.51 1.49
N GLU D 567 80.36 -11.67 1.96
CA GLU D 567 81.04 -12.92 1.58
C GLU D 567 81.11 -13.03 0.06
N ASN D 568 82.26 -13.48 -0.44
CA ASN D 568 82.53 -13.61 -1.88
C ASN D 568 82.44 -12.30 -2.68
N GLN D 569 82.30 -11.17 -2.00
CA GLN D 569 82.08 -9.89 -2.66
C GLN D 569 83.28 -8.94 -2.56
N PHE D 570 84.44 -9.46 -2.20
CA PHE D 570 85.66 -8.66 -2.13
C PHE D 570 86.91 -9.51 -2.31
N GLU D 571 88.02 -8.86 -2.68
CA GLU D 571 89.28 -9.57 -2.87
C GLU D 571 90.01 -9.72 -1.54
N ILE D 572 90.30 -10.96 -1.16
CA ILE D 572 91.03 -11.28 0.08
C ILE D 572 92.37 -10.56 0.23
N THR D 573 92.98 -10.20 -0.90
CA THR D 573 94.23 -9.45 -0.88
C THR D 573 94.03 -8.08 -0.24
N ASN D 574 92.91 -7.43 -0.54
CA ASN D 574 92.63 -6.12 0.01
C ASN D 574 92.28 -6.24 1.49
N LEU D 575 91.68 -7.36 1.85
CA LEU D 575 91.38 -7.65 3.26
C LEU D 575 92.67 -7.74 4.06
N LYS D 576 93.64 -8.47 3.52
CA LYS D 576 94.93 -8.64 4.20
C LYS D 576 95.57 -7.28 4.36
N ILE D 577 95.59 -6.53 3.26
CA ILE D 577 96.04 -5.15 3.24
C ILE D 577 95.43 -4.24 4.30
N LEU D 578 94.10 -4.32 4.43
CA LEU D 578 93.36 -3.51 5.39
C LEU D 578 93.74 -3.90 6.79
N PHE D 579 93.86 -5.20 7.03
CA PHE D 579 94.20 -5.72 8.35
C PHE D 579 95.60 -5.24 8.76
N ASP D 580 96.55 -5.34 7.83
CA ASP D 580 97.91 -4.92 8.09
C ASP D 580 97.94 -3.46 8.44
N GLU D 581 97.43 -2.62 7.54
CA GLU D 581 97.40 -1.18 7.79
C GLU D 581 96.70 -0.86 9.12
N LEU D 582 95.60 -1.57 9.39
CA LEU D 582 94.83 -1.36 10.61
C LEU D 582 95.61 -1.67 11.89
N ASN D 583 96.59 -2.56 11.79
CA ASN D 583 97.30 -2.99 12.99
C ASN D 583 98.32 -1.95 13.47
N SER D 584 98.66 -1.00 12.59
CA SER D 584 99.52 0.11 12.97
C SER D 584 98.83 1.16 13.85
N PHE D 585 97.50 1.16 13.82
CA PHE D 585 96.74 2.21 14.51
C PHE D 585 96.33 1.80 15.92
N ASP D 586 96.29 2.79 16.81
CA ASP D 586 95.69 2.62 18.12
C ASP D 586 94.20 2.95 17.99
N ILE D 587 93.42 1.92 17.65
CA ILE D 587 92.02 2.09 17.26
C ILE D 587 91.14 2.82 18.28
N PRO D 588 91.14 2.42 19.57
CA PRO D 588 90.25 3.11 20.52
C PRO D 588 90.42 4.63 20.56
N VAL D 589 91.67 5.10 20.49
CA VAL D 589 91.99 6.52 20.55
C VAL D 589 91.51 7.27 19.31
N VAL D 590 91.85 6.73 18.14
CA VAL D 590 91.45 7.32 16.88
C VAL D 590 89.93 7.38 16.73
N LEU D 591 89.27 6.29 17.15
CA LEU D 591 87.82 6.25 17.10
C LEU D 591 87.22 7.24 18.09
N ASN D 592 87.85 7.37 19.26
CA ASN D 592 87.45 8.35 20.25
C ASN D 592 87.49 9.77 19.67
N ASP D 593 88.60 10.11 19.05
CA ASP D 593 88.80 11.45 18.50
C ASP D 593 87.83 11.72 17.36
N LEU D 594 87.58 10.68 16.56
CA LEU D 594 86.66 10.80 15.45
C LEU D 594 85.23 11.03 15.92
N ILE D 595 84.78 10.19 16.85
CA ILE D 595 83.40 10.24 17.32
C ILE D 595 83.10 11.41 18.25
N ASN D 596 83.92 11.60 19.28
CA ASN D 596 83.63 12.58 20.33
C ASN D 596 84.13 14.00 20.08
N ASN D 597 85.05 14.17 19.14
CA ASN D 597 85.51 15.51 18.77
C ASN D 597 85.08 15.92 17.37
N GLN D 598 85.52 15.17 16.37
CA GLN D 598 85.34 15.55 14.98
C GLN D 598 83.87 15.51 14.57
N MET D 599 83.22 14.37 14.80
CA MET D 599 81.88 14.16 14.28
C MET D 599 80.76 14.64 15.21
N LYS D 600 80.88 14.38 16.50
CA LYS D 600 79.86 14.84 17.44
C LYS D 600 80.12 16.30 17.83
N PRO D 601 79.25 17.20 17.36
CA PRO D 601 79.43 18.65 17.48
C PRO D 601 79.30 19.18 18.91
N GLY D 602 79.47 20.49 19.05
CA GLY D 602 79.60 21.14 20.35
C GLY D 602 78.29 21.57 20.99
N ILE D 603 78.28 21.60 22.32
CA ILE D 603 77.18 22.20 23.06
C ILE D 603 77.32 23.71 22.95
N PHE D 604 76.26 24.39 22.54
CA PHE D 604 76.33 25.84 22.35
C PHE D 604 75.71 26.59 23.50
N TRP D 605 76.35 27.69 23.90
CA TRP D 605 75.70 28.65 24.78
C TRP D 605 75.33 29.86 23.93
N LYS D 606 74.81 29.56 22.74
CA LYS D 606 74.58 30.54 21.68
C LYS D 606 75.86 31.27 21.29
N LYS D 607 76.40 30.98 20.11
CA LYS D 607 77.61 31.67 19.69
C LYS D 607 77.31 32.48 18.43
N ASP D 608 76.44 33.48 18.59
CA ASP D 608 76.09 34.45 17.56
C ASP D 608 75.98 33.94 16.12
N PHE D 609 74.86 33.30 15.84
CA PHE D 609 74.42 33.04 14.48
C PHE D 609 73.37 34.09 14.16
N ILE D 610 73.83 35.30 13.83
CA ILE D 610 72.99 36.49 13.64
C ILE D 610 71.58 36.13 13.19
N SER D 611 70.62 36.39 14.06
CA SER D 611 69.24 36.01 13.81
C SER D 611 68.62 36.86 12.72
N ALA D 612 68.00 36.20 11.76
CA ALA D 612 67.45 36.89 10.61
C ALA D 612 66.06 37.40 10.96
N ILE D 613 65.83 38.67 10.63
CA ILE D 613 64.53 39.30 10.81
C ILE D 613 63.54 38.85 9.74
N LYS D 614 64.07 38.46 8.59
CA LYS D 614 63.26 38.13 7.44
C LYS D 614 63.83 36.86 6.82
N PHE D 615 63.00 36.10 6.11
CA PHE D 615 63.49 34.89 5.48
C PHE D 615 64.55 35.24 4.43
N ASP D 616 65.68 34.55 4.51
CA ASP D 616 66.80 34.79 3.60
C ASP D 616 66.96 33.50 2.81
N GLY D 617 66.43 33.49 1.59
CA GLY D 617 66.44 32.29 0.78
C GLY D 617 67.85 31.83 0.44
N PHE D 618 68.75 32.79 0.30
CA PHE D 618 70.14 32.52 -0.05
C PHE D 618 70.85 31.75 1.06
N THR D 619 70.81 32.28 2.27
CA THR D 619 71.53 31.64 3.36
C THR D 619 70.84 30.33 3.68
N SER D 620 69.53 30.29 3.45
CA SER D 620 68.75 29.07 3.62
C SER D 620 69.26 27.90 2.76
N ILE D 621 69.32 28.12 1.45
CA ILE D 621 69.79 27.07 0.55
C ILE D 621 71.28 26.78 0.71
N ILE D 622 72.07 27.81 1.02
CA ILE D 622 73.50 27.60 1.26
C ILE D 622 73.74 26.76 2.51
N SER D 623 72.93 27.00 3.53
CA SER D 623 72.99 26.24 4.76
C SER D 623 72.59 24.80 4.51
N LEU D 624 71.49 24.61 3.79
CA LEU D 624 71.00 23.25 3.57
C LEU D 624 71.97 22.42 2.73
N GLU D 625 72.47 23.00 1.64
CA GLU D 625 73.48 22.33 0.83
C GLU D 625 74.78 22.03 1.59
N SER D 626 75.20 22.95 2.44
CA SER D 626 76.44 22.75 3.20
C SER D 626 76.27 21.63 4.21
N LEU D 627 75.14 21.65 4.90
CA LEU D 627 74.77 20.58 5.83
C LEU D 627 74.77 19.24 5.12
N HIS D 628 74.22 19.23 3.91
CA HIS D 628 74.11 18.01 3.13
C HIS D 628 75.48 17.46 2.78
N GLN D 629 76.40 18.36 2.46
CA GLN D 629 77.76 17.94 2.15
C GLN D 629 78.42 17.32 3.39
N LEU D 630 78.31 18.03 4.51
CA LEU D 630 78.93 17.58 5.76
C LEU D 630 78.43 16.19 6.16
N LEU D 631 77.11 16.02 6.10
CA LEU D 631 76.48 14.79 6.56
C LEU D 631 76.72 13.66 5.57
N SER D 632 76.91 13.99 4.30
CA SER D 632 77.22 12.96 3.31
C SER D 632 78.60 12.39 3.61
N ILE D 633 79.56 13.29 3.84
CA ILE D 633 80.92 12.90 4.21
C ILE D 633 80.92 12.03 5.47
N HIS D 634 80.20 12.52 6.48
CA HIS D 634 80.02 11.80 7.73
C HIS D 634 79.49 10.40 7.45
N TYR D 635 78.46 10.31 6.61
CA TYR D 635 77.83 9.05 6.24
C TYR D 635 78.83 8.04 5.68
N ARG D 636 79.71 8.52 4.81
CA ARG D 636 80.65 7.63 4.13
C ARG D 636 81.70 7.13 5.12
N ILE D 637 82.17 8.03 5.97
CA ILE D 637 83.13 7.66 7.00
C ILE D 637 82.52 6.61 7.94
N THR D 638 81.39 6.96 8.54
CA THR D 638 80.68 6.12 9.51
C THR D 638 80.44 4.73 8.96
N LEU D 639 80.05 4.67 7.69
CA LEU D 639 79.77 3.39 7.05
C LEU D 639 81.05 2.59 6.89
N GLN D 640 82.15 3.27 6.54
CA GLN D 640 83.42 2.57 6.38
C GLN D 640 83.92 1.97 7.70
N VAL D 641 83.75 2.73 8.78
CA VAL D 641 84.14 2.25 10.11
C VAL D 641 83.28 1.07 10.56
N LEU D 642 81.96 1.22 10.44
CA LEU D 642 81.06 0.13 10.79
C LEU D 642 81.45 -1.14 10.03
N LEU D 643 81.75 -0.96 8.74
CA LEU D 643 82.21 -2.05 7.90
C LEU D 643 83.40 -2.76 8.55
N THR D 644 84.35 -1.95 9.02
CA THR D 644 85.52 -2.56 9.66
C THR D 644 85.11 -3.30 10.93
N PHE D 645 84.02 -2.87 11.56
CA PHE D 645 83.55 -3.55 12.77
C PHE D 645 82.86 -4.87 12.47
N VAL D 646 82.28 -5.00 11.28
CA VAL D 646 81.66 -6.26 10.90
C VAL D 646 82.68 -7.26 10.36
N LEU D 647 83.75 -6.75 9.74
CA LEU D 647 84.74 -7.66 9.15
C LEU D 647 85.71 -8.30 10.13
N PHE D 648 86.05 -7.63 11.22
CA PHE D 648 87.12 -8.12 12.09
C PHE D 648 86.67 -8.37 13.53
N ASP D 649 87.42 -9.22 14.23
CA ASP D 649 87.02 -9.64 15.57
C ASP D 649 87.38 -8.57 16.60
N LEU D 650 86.66 -7.47 16.55
CA LEU D 650 86.89 -6.37 17.49
C LEU D 650 85.93 -6.58 18.63
N ASP D 651 86.46 -6.62 19.86
CA ASP D 651 85.69 -7.00 21.04
C ASP D 651 84.41 -6.18 21.11
N THR D 652 83.30 -6.87 20.96
CA THR D 652 81.98 -6.30 20.78
C THR D 652 81.48 -5.69 22.08
N GLU D 653 82.16 -6.03 23.18
CA GLU D 653 81.88 -5.40 24.46
C GLU D 653 82.67 -4.11 24.67
N ILE D 654 83.99 -4.18 24.49
CA ILE D 654 84.84 -2.97 24.57
C ILE D 654 84.31 -1.83 23.71
N PHE D 655 84.04 -2.14 22.44
CA PHE D 655 83.60 -1.14 21.47
C PHE D 655 82.09 -1.00 21.36
N GLY D 656 81.36 -1.60 22.30
CA GLY D 656 79.90 -1.61 22.25
C GLY D 656 79.35 -0.20 22.18
N GLN D 657 79.89 0.68 23.02
CA GLN D 657 79.46 2.07 23.07
C GLN D 657 79.64 2.70 21.70
N HIS D 658 80.87 2.60 21.17
CA HIS D 658 81.20 3.17 19.87
C HIS D 658 80.31 2.58 18.78
N ILE D 659 80.17 1.26 18.76
CA ILE D 659 79.33 0.57 17.76
C ILE D 659 77.90 1.11 17.73
N SER D 660 77.29 1.25 18.91
CA SER D 660 75.90 1.70 18.97
C SER D 660 75.75 3.19 18.67
N THR D 661 76.73 3.98 19.08
CA THR D 661 76.77 5.40 18.71
C THR D 661 76.86 5.54 17.19
N LEU D 662 77.72 4.74 16.58
CA LEU D 662 77.92 4.74 15.13
C LEU D 662 76.67 4.33 14.39
N LEU D 663 75.98 3.31 14.88
CA LEU D 663 74.77 2.85 14.21
C LEU D 663 73.67 3.90 14.33
N ASP D 664 73.59 4.55 15.48
CA ASP D 664 72.69 5.70 15.66
C ASP D 664 73.01 6.87 14.71
N LEU D 665 74.29 7.19 14.57
CA LEU D 665 74.70 8.31 13.72
C LEU D 665 74.49 7.99 12.25
N HIS D 666 74.70 6.73 11.88
CA HIS D 666 74.58 6.26 10.51
C HIS D 666 73.12 6.38 10.16
N TYR D 667 72.28 6.02 11.12
CA TYR D 667 70.85 5.96 10.94
C TYR D 667 70.33 7.38 10.70
N LYS D 668 70.72 8.30 11.58
CA LYS D 668 70.32 9.70 11.45
C LYS D 668 70.81 10.35 10.15
N GLN D 669 72.07 10.11 9.79
CA GLN D 669 72.63 10.55 8.51
C GLN D 669 71.78 10.08 7.32
N PHE D 670 71.51 8.78 7.27
CA PHE D 670 70.73 8.20 6.18
C PHE D 670 69.40 8.92 6.10
N LEU D 671 68.73 9.02 7.24
CA LEU D 671 67.43 9.65 7.28
C LEU D 671 67.48 11.05 6.67
N LEU D 672 68.33 11.90 7.23
CA LEU D 672 68.45 13.28 6.75
C LEU D 672 68.68 13.34 5.24
N LEU D 673 69.63 12.55 4.74
CA LEU D 673 69.99 12.60 3.32
C LEU D 673 68.83 12.18 2.42
N ASN D 674 68.05 11.23 2.94
CA ASN D 674 66.86 10.77 2.26
C ASN D 674 65.87 11.91 2.16
N LEU D 675 65.63 12.58 3.28
CA LEU D 675 64.66 13.66 3.28
C LEU D 675 65.13 14.79 2.37
N TYR D 676 66.44 15.04 2.38
CA TYR D 676 67.02 16.09 1.55
C TYR D 676 66.71 15.91 0.08
N ARG D 677 67.03 14.74 -0.46
CA ARG D 677 66.79 14.55 -1.89
C ARG D 677 65.33 14.28 -2.18
N GLN D 678 64.56 14.03 -1.14
CA GLN D 678 63.15 13.79 -1.32
C GLN D 678 62.33 15.07 -1.45
N ASP D 679 62.63 16.07 -0.61
CA ASP D 679 61.87 17.33 -0.62
C ASP D 679 62.66 18.37 0.16
N LYS D 680 63.56 19.05 -0.57
CA LYS D 680 64.43 20.07 -0.01
C LYS D 680 63.69 21.19 0.71
N CYS D 681 62.72 21.78 0.03
CA CYS D 681 61.91 22.86 0.60
C CYS D 681 61.36 22.49 1.97
N LEU D 682 60.64 21.37 2.03
CA LEU D 682 60.11 20.85 3.29
C LEU D 682 61.19 20.62 4.35
N LEU D 683 62.32 20.07 3.94
CA LEU D 683 63.41 19.81 4.89
C LEU D 683 63.90 21.12 5.49
N ALA D 684 64.20 22.09 4.63
CA ALA D 684 64.62 23.42 5.06
C ALA D 684 63.62 24.03 6.03
N GLU D 685 62.34 23.92 5.67
CA GLU D 685 61.26 24.50 6.45
C GLU D 685 61.19 23.92 7.86
N VAL D 686 61.31 22.61 7.96
CA VAL D 686 61.25 21.95 9.27
C VAL D 686 62.55 22.11 10.06
N LEU D 687 63.67 22.29 9.36
CA LEU D 687 64.99 22.37 9.96
C LEU D 687 65.30 23.77 10.47
N LEU D 688 64.59 24.76 9.94
CA LEU D 688 64.72 26.14 10.43
C LEU D 688 63.61 26.53 11.40
N LYS D 689 62.45 25.90 11.26
CA LYS D 689 61.41 25.98 12.29
C LYS D 689 61.73 25.06 13.48
N ASP D 690 62.83 24.35 13.39
CA ASP D 690 63.38 23.60 14.53
C ASP D 690 63.96 24.52 15.60
N SER D 691 64.89 25.38 15.20
CA SER D 691 65.42 26.41 16.08
C SER D 691 64.42 27.54 16.27
N SER D 692 64.01 27.76 17.51
CA SER D 692 63.01 28.77 17.84
C SER D 692 63.49 30.20 17.62
N GLU D 693 64.61 30.55 18.23
CA GLU D 693 65.11 31.93 18.14
C GLU D 693 65.58 32.23 16.72
N PHE D 694 65.90 31.18 15.98
CA PHE D 694 66.35 31.34 14.60
C PHE D 694 65.33 30.79 13.61
N SER D 695 64.05 31.04 13.88
CA SER D 695 62.99 30.45 13.08
C SER D 695 62.98 30.96 11.64
N PHE D 696 63.25 32.25 11.47
CA PHE D 696 63.24 32.88 10.15
C PHE D 696 64.49 32.53 9.34
N GLY D 697 65.61 32.35 10.03
CA GLY D 697 66.84 31.94 9.38
C GLY D 697 68.07 32.44 10.11
N VAL D 698 69.13 32.74 9.35
CA VAL D 698 70.36 33.29 9.91
C VAL D 698 71.05 34.28 8.95
N LYS D 699 71.98 35.08 9.47
CA LYS D 699 72.96 35.81 8.68
C LYS D 699 74.37 35.46 9.13
N PHE D 700 75.27 35.26 8.18
CA PHE D 700 76.67 35.06 8.49
C PHE D 700 77.55 35.94 7.62
N PHE D 701 78.53 36.58 8.24
CA PHE D 701 79.37 37.54 7.53
C PHE D 701 80.80 37.03 7.35
N ASN D 702 81.13 35.94 8.04
CA ASN D 702 82.44 35.30 7.87
C ASN D 702 82.34 33.78 7.92
N TYR D 703 83.45 33.12 7.62
CA TYR D 703 83.48 31.67 7.45
C TYR D 703 83.26 30.95 8.77
N GLY D 704 83.77 31.54 9.85
CA GLY D 704 83.57 31.00 11.19
C GLY D 704 82.11 30.94 11.60
N GLN D 705 81.38 32.01 11.36
CA GLN D 705 79.95 32.06 11.67
C GLN D 705 79.16 31.03 10.88
N LEU D 706 79.59 30.79 9.65
CA LEU D 706 78.91 29.87 8.75
C LEU D 706 79.17 28.43 9.18
N ILE D 707 80.45 28.10 9.33
CA ILE D 707 80.86 26.79 9.82
C ILE D 707 80.13 26.48 11.13
N ALA D 708 80.14 27.45 12.05
CA ALA D 708 79.49 27.27 13.33
C ALA D 708 77.98 27.02 13.20
N TYR D 709 77.34 27.73 12.27
CA TYR D 709 75.91 27.51 12.04
C TYR D 709 75.61 26.11 11.48
N ILE D 710 76.36 25.71 10.45
CA ILE D 710 76.21 24.37 9.89
C ILE D 710 76.41 23.31 10.96
N ASP D 711 77.46 23.48 11.77
CA ASP D 711 77.70 22.60 12.91
C ASP D 711 76.48 22.55 13.82
N SER D 712 75.92 23.72 14.09
CA SER D 712 74.72 23.85 14.92
C SER D 712 73.58 22.99 14.41
N LEU D 713 73.39 23.01 13.08
CA LEU D 713 72.34 22.21 12.47
C LEU D 713 72.69 20.73 12.58
N ASN D 714 73.98 20.42 12.46
CA ASN D 714 74.45 19.05 12.61
C ASN D 714 74.01 18.54 13.98
N SER D 715 74.26 19.37 15.00
CA SER D 715 73.89 19.07 16.37
C SER D 715 72.41 18.76 16.43
N ASN D 716 71.61 19.67 15.88
CA ASN D 716 70.16 19.47 15.79
C ASN D 716 69.82 18.06 15.28
N VAL D 717 70.46 17.67 14.18
CA VAL D 717 70.22 16.36 13.56
C VAL D 717 70.60 15.17 14.45
N TYR D 718 71.79 15.23 15.06
CA TYR D 718 72.25 14.12 15.88
C TYR D 718 71.57 14.01 17.25
N ASN D 719 70.95 15.11 17.69
CA ASN D 719 70.21 15.08 18.95
C ASN D 719 68.72 14.95 18.74
N THR D 723 62.07 16.18 16.58
CA THR D 723 61.39 17.46 16.43
C THR D 723 61.39 17.91 14.97
N GLU D 724 62.52 17.71 14.30
CA GLU D 724 62.59 17.86 12.85
C GLU D 724 61.78 16.80 12.09
N ASN D 725 62.07 15.53 12.36
CA ASN D 725 61.34 14.42 11.77
C ASN D 725 59.82 14.47 11.96
N SER D 726 59.40 14.99 13.11
CA SER D 726 57.97 15.12 13.38
C SER D 726 57.34 16.26 12.60
N PHE D 727 58.02 17.40 12.53
CA PHE D 727 57.47 18.57 11.84
C PHE D 727 57.45 18.28 10.35
N PHE D 728 58.42 17.49 9.90
CA PHE D 728 58.54 17.10 8.49
C PHE D 728 57.46 16.12 8.09
N MET D 729 57.31 15.05 8.86
CA MET D 729 56.24 14.09 8.60
C MET D 729 54.87 14.76 8.64
N THR D 730 54.69 15.65 9.62
CA THR D 730 53.43 16.35 9.81
C THR D 730 53.10 17.27 8.62
N PHE D 731 54.03 18.14 8.27
CA PHE D 731 53.82 19.07 7.17
C PHE D 731 53.66 18.33 5.84
N PHE D 732 54.38 17.21 5.70
CA PHE D 732 54.26 16.39 4.50
C PHE D 732 52.87 15.76 4.38
N ARG D 733 52.38 15.21 5.49
CA ARG D 733 51.08 14.54 5.50
C ARG D 733 49.92 15.51 5.25
N SER D 734 50.06 16.73 5.74
CA SER D 734 49.02 17.74 5.56
C SER D 734 48.98 18.26 4.13
N SER D 741 55.41 12.94 -2.13
CA SER D 741 56.53 12.17 -1.62
C SER D 741 56.05 10.85 -1.01
N HIS D 742 55.10 10.21 -1.67
CA HIS D 742 54.45 9.01 -1.13
C HIS D 742 55.37 7.80 -1.09
N LYS D 743 55.93 7.42 -2.25
CA LYS D 743 56.79 6.25 -2.36
C LYS D 743 57.96 6.29 -1.37
N ASN D 744 58.46 7.51 -1.17
CA ASN D 744 59.44 7.85 -0.15
C ASN D 744 59.26 7.21 1.21
N ILE D 745 58.25 7.71 1.90
CA ILE D 745 57.99 7.38 3.28
C ILE D 745 57.57 5.93 3.46
N ARG D 746 57.79 5.11 2.44
CA ARG D 746 57.64 3.67 2.56
C ARG D 746 58.94 3.12 3.11
N PHE D 747 60.04 3.44 2.44
CA PHE D 747 61.36 3.15 2.98
C PHE D 747 61.54 3.98 4.24
N PHE D 748 61.00 5.21 4.22
CA PHE D 748 61.13 6.09 5.37
C PHE D 748 60.04 5.87 6.44
N LEU D 749 59.23 4.82 6.29
CA LEU D 749 58.43 4.33 7.41
C LEU D 749 58.85 2.90 7.70
N GLU D 750 59.81 2.42 6.92
CA GLU D 750 60.52 1.20 7.25
C GLU D 750 61.79 1.61 7.99
N ASN D 751 62.40 2.69 7.53
CA ASN D 751 63.61 3.22 8.16
C ASN D 751 63.30 4.24 9.25
N VAL D 752 62.85 5.44 8.83
CA VAL D 752 62.67 6.57 9.75
C VAL D 752 61.58 6.35 10.80
N GLU D 753 60.87 5.24 10.69
CA GLU D 753 59.86 4.88 11.67
C GLU D 753 60.48 4.44 13.00
N CYS D 754 61.24 3.35 12.95
CA CYS D 754 61.96 2.87 14.13
C CYS D 754 62.99 3.86 14.63
N GLU D 762 54.90 3.16 18.07
CA GLU D 762 53.45 3.39 18.02
C GLU D 762 53.09 4.33 16.88
N VAL D 763 53.76 5.48 16.86
CA VAL D 763 53.47 6.54 15.90
C VAL D 763 53.83 6.03 14.51
N GLN D 764 54.89 5.25 14.47
CA GLN D 764 55.43 4.63 13.26
C GLN D 764 54.44 3.65 12.65
N GLU D 765 53.85 2.80 13.50
CA GLU D 765 52.79 1.91 13.06
C GLU D 765 51.68 2.73 12.41
N PHE D 766 51.16 3.72 13.14
CA PHE D 766 50.08 4.60 12.69
C PHE D 766 50.35 5.11 11.27
N MET D 767 51.52 5.73 11.13
CA MET D 767 51.93 6.37 9.88
C MET D 767 51.99 5.32 8.77
N PHE D 768 52.50 4.13 9.09
CA PHE D 768 52.64 3.08 8.09
C PHE D 768 51.24 2.64 7.63
N ALA D 769 50.35 2.51 8.59
CA ALA D 769 48.94 2.11 8.41
C ALA D 769 48.15 3.07 7.53
N MET D 770 48.53 4.35 7.57
CA MET D 770 47.78 5.36 6.83
C MET D 770 48.45 5.56 5.49
N THR D 771 49.77 5.55 5.43
CA THR D 771 50.44 5.81 4.17
C THR D 771 50.15 4.60 3.28
N LEU D 772 50.00 3.43 3.90
CA LEU D 772 49.66 2.20 3.19
C LEU D 772 48.17 2.10 2.88
N PHE D 773 47.33 2.76 3.68
CA PHE D 773 45.92 2.87 3.28
C PHE D 773 45.76 3.78 2.04
N SER D 774 46.48 4.89 2.02
CA SER D 774 46.35 5.88 0.94
C SER D 774 46.85 5.35 -0.40
N PHE D 778 46.25 -2.64 0.86
CA PHE D 778 45.27 -2.30 1.88
C PHE D 778 45.27 -3.33 3.01
N ASP D 779 45.66 -4.55 2.68
CA ASP D 779 45.71 -5.63 3.67
C ASP D 779 46.76 -5.34 4.74
N GLN D 780 47.93 -4.88 4.30
CA GLN D 780 49.02 -4.53 5.21
C GLN D 780 48.58 -3.42 6.18
N SER D 781 47.87 -2.44 5.64
CA SER D 781 47.36 -1.32 6.43
C SER D 781 46.44 -1.80 7.54
N TYR D 782 45.44 -2.59 7.17
CA TYR D 782 44.47 -3.11 8.12
C TYR D 782 45.12 -3.99 9.17
N GLU D 783 46.03 -4.86 8.73
CA GLU D 783 46.72 -5.78 9.64
C GLU D 783 47.56 -5.02 10.66
N ILE D 784 48.37 -4.08 10.18
CA ILE D 784 49.22 -3.28 11.05
C ILE D 784 48.37 -2.47 12.03
N PHE D 785 47.32 -1.83 11.52
CA PHE D 785 46.42 -1.03 12.34
C PHE D 785 45.79 -1.85 13.46
N GLN D 786 45.27 -3.02 13.09
CA GLN D 786 44.64 -3.91 14.05
C GLN D 786 45.63 -4.42 15.10
N LEU D 787 46.84 -4.73 14.64
CA LEU D 787 47.88 -5.22 15.54
C LEU D 787 48.30 -4.17 16.55
N HIS D 788 48.41 -2.93 16.10
CA HIS D 788 48.81 -1.82 16.98
C HIS D 788 47.77 -1.57 18.07
N ASP D 789 46.69 -0.88 17.72
CA ASP D 789 45.60 -0.60 18.65
C ASP D 789 44.35 -0.18 17.91
N ILE D 815 40.52 14.46 3.83
CA ILE D 815 41.22 13.31 4.39
C ILE D 815 41.92 13.68 5.70
N TRP D 816 42.58 14.83 5.70
CA TRP D 816 43.31 15.30 6.88
C TRP D 816 42.35 15.58 8.02
N LYS D 817 41.20 16.19 7.69
CA LYS D 817 40.19 16.52 8.69
C LYS D 817 39.61 15.27 9.34
N ASP D 818 39.28 14.28 8.51
CA ASP D 818 38.73 13.02 9.00
C ASP D 818 39.72 12.31 9.92
N LEU D 819 40.99 12.36 9.54
CA LEU D 819 42.06 11.79 10.35
C LEU D 819 42.14 12.51 11.69
N LEU D 820 42.02 13.83 11.67
CA LEU D 820 42.03 14.63 12.88
C LEU D 820 40.88 14.25 13.80
N CYS D 821 39.70 14.05 13.22
CA CYS D 821 38.52 13.64 13.97
C CYS D 821 38.72 12.28 14.62
N THR D 822 39.24 11.34 13.84
CA THR D 822 39.52 9.99 14.33
C THR D 822 40.51 10.04 15.49
N PHE D 823 41.53 10.88 15.36
CA PHE D 823 42.53 11.05 16.40
C PHE D 823 41.89 11.63 17.67
N THR D 824 40.97 12.57 17.48
CA THR D 824 40.26 13.17 18.61
C THR D 824 39.40 12.13 19.32
N VAL D 825 38.84 11.20 18.55
CA VAL D 825 37.97 10.16 19.09
C VAL D 825 38.74 9.17 19.98
N PRO D 826 39.96 8.83 19.56
CA PRO D 826 40.77 7.86 20.29
C PRO D 826 41.17 8.37 21.66
N HIS D 829 38.16 2.04 17.90
CA HIS D 829 38.39 1.25 16.70
C HIS D 829 37.28 1.47 15.67
N SER D 830 36.08 1.75 16.16
CA SER D 830 34.92 1.94 15.30
C SER D 830 35.08 3.13 14.36
N ALA D 831 35.52 4.25 14.91
CA ALA D 831 35.71 5.49 14.14
C ALA D 831 36.66 5.29 12.96
N PHE D 832 37.75 4.57 13.21
CA PHE D 832 38.76 4.32 12.18
C PHE D 832 38.18 3.53 11.01
N TYR D 833 37.51 2.43 11.32
CA TYR D 833 36.92 1.58 10.27
C TYR D 833 35.83 2.31 9.52
N TYR D 834 35.06 3.13 10.24
CA TYR D 834 34.05 3.97 9.61
C TYR D 834 34.68 4.93 8.60
N GLN D 835 35.77 5.57 9.03
CA GLN D 835 36.48 6.52 8.18
C GLN D 835 37.08 5.85 6.94
N LEU D 836 37.70 4.69 7.14
CA LEU D 836 38.29 3.94 6.04
C LEU D 836 37.21 3.52 5.04
N SER D 837 36.10 3.04 5.58
CA SER D 837 34.95 2.64 4.77
C SER D 837 34.45 3.81 3.93
N LEU D 838 34.29 4.97 4.56
CA LEU D 838 33.83 6.17 3.86
C LEU D 838 34.83 6.62 2.79
N LEU D 839 36.12 6.44 3.08
CA LEU D 839 37.18 6.88 2.18
C LEU D 839 37.25 6.01 0.93
N PHE D 840 37.13 4.71 1.09
CA PHE D 840 37.20 3.80 -0.05
C PHE D 840 35.84 3.68 -0.75
N ASP D 841 34.85 4.41 -0.25
CA ASP D 841 33.51 4.41 -0.86
C ASP D 841 33.34 5.63 -1.75
N GLN D 846 37.33 -0.91 -2.57
CA GLN D 846 36.09 -1.00 -1.79
C GLN D 846 36.09 -2.21 -0.87
N GLU D 847 36.84 -3.24 -1.25
CA GLU D 847 36.92 -4.48 -0.48
C GLU D 847 37.47 -4.24 0.92
N PHE D 848 38.55 -3.46 0.99
CA PHE D 848 39.18 -3.11 2.27
C PHE D 848 38.18 -2.39 3.18
N ALA D 849 37.47 -1.43 2.59
CA ALA D 849 36.44 -0.67 3.29
C ALA D 849 35.42 -1.58 3.94
N LEU D 850 34.80 -2.42 3.12
CA LEU D 850 33.77 -3.36 3.58
C LEU D 850 34.30 -4.29 4.66
N LYS D 851 35.49 -4.84 4.44
CA LYS D 851 36.11 -5.74 5.41
C LYS D 851 36.30 -5.07 6.77
N CYS D 852 36.91 -3.89 6.76
CA CYS D 852 37.18 -3.14 7.98
C CYS D 852 35.88 -2.79 8.72
N ILE D 853 34.92 -2.25 7.98
CA ILE D 853 33.63 -1.87 8.54
C ILE D 853 32.94 -3.07 9.20
N SER D 854 32.92 -4.19 8.50
CA SER D 854 32.32 -5.41 9.02
C SER D 854 33.01 -5.88 10.30
N LYS D 855 34.34 -5.86 10.27
CA LYS D 855 35.14 -6.28 11.43
C LYS D 855 34.83 -5.43 12.65
N SER D 856 34.84 -4.12 12.47
CA SER D 856 34.56 -3.19 13.57
C SER D 856 33.15 -3.38 14.11
N ALA D 857 32.19 -3.49 13.19
CA ALA D 857 30.79 -3.70 13.57
C ALA D 857 30.64 -4.97 14.40
N GLU D 858 31.37 -6.01 14.01
CA GLU D 858 31.35 -7.26 14.74
C GLU D 858 31.98 -7.11 16.13
N TYR D 859 33.08 -6.37 16.20
CA TYR D 859 33.79 -6.17 17.47
C TYR D 859 32.97 -5.34 18.46
N SER D 860 32.14 -4.44 17.94
CA SER D 860 31.33 -3.58 18.79
C SER D 860 30.14 -4.33 19.39
N LEU D 861 29.45 -5.09 18.55
CA LEU D 861 28.28 -5.85 19.00
C LEU D 861 28.69 -7.01 19.91
N GLN D 870 22.48 4.97 19.75
CA GLN D 870 21.43 4.51 18.85
C GLN D 870 21.81 4.74 17.38
N ASP D 871 22.45 5.86 17.12
CA ASP D 871 22.84 6.23 15.76
C ASP D 871 23.92 5.33 15.19
N PHE D 872 24.95 5.07 16.00
CA PHE D 872 26.10 4.27 15.60
C PHE D 872 25.69 2.87 15.13
N LYS D 873 24.86 2.21 15.93
CA LYS D 873 24.39 0.87 15.61
C LYS D 873 23.71 0.83 14.25
N GLU D 874 22.78 1.76 14.04
CA GLU D 874 22.03 1.85 12.80
C GLU D 874 22.95 2.08 11.60
N LYS D 875 23.86 3.04 11.73
CA LYS D 875 24.82 3.34 10.66
C LYS D 875 25.62 2.10 10.28
N GLN D 876 26.20 1.46 11.30
CA GLN D 876 26.99 0.25 11.10
C GLN D 876 26.20 -0.84 10.39
N HIS D 877 24.98 -1.09 10.87
CA HIS D 877 24.11 -2.11 10.29
C HIS D 877 23.81 -1.84 8.82
N ILE D 878 23.42 -0.60 8.51
CA ILE D 878 23.12 -0.20 7.14
C ILE D 878 24.33 -0.41 6.23
N HIS D 879 25.49 0.04 6.70
CA HIS D 879 26.74 -0.14 5.96
C HIS D 879 27.00 -1.62 5.66
N TYR D 880 26.93 -2.45 6.69
CA TYR D 880 27.18 -3.88 6.54
C TYR D 880 26.22 -4.54 5.55
N LEU D 881 24.93 -4.25 5.71
CA LEU D 881 23.92 -4.81 4.82
C LEU D 881 24.15 -4.41 3.37
N ASN D 882 24.41 -3.12 3.15
CA ASN D 882 24.70 -2.63 1.80
C ASN D 882 25.91 -3.32 1.19
N LEU D 883 26.97 -3.46 1.99
CA LEU D 883 28.20 -4.10 1.53
C LEU D 883 27.98 -5.57 1.16
N LEU D 884 27.21 -6.28 1.98
CA LEU D 884 26.94 -7.69 1.73
C LEU D 884 26.06 -7.88 0.51
N ILE D 885 25.08 -6.99 0.34
CA ILE D 885 24.19 -7.03 -0.82
C ILE D 885 24.97 -6.68 -2.09
N HIS D 886 26.01 -5.88 -1.94
CA HIS D 886 26.86 -5.51 -3.07
C HIS D 886 27.81 -6.63 -3.44
N PHE D 887 28.29 -7.36 -2.43
CA PHE D 887 29.23 -8.45 -2.64
C PHE D 887 28.50 -9.74 -3.04
N GLU D 892 21.81 -13.85 4.58
CA GLU D 892 22.65 -14.03 5.75
C GLU D 892 22.77 -12.75 6.55
N VAL D 893 23.35 -11.72 5.94
CA VAL D 893 23.55 -10.44 6.59
C VAL D 893 22.23 -9.78 6.99
N LEU D 894 21.23 -9.93 6.13
CA LEU D 894 19.91 -9.35 6.36
C LEU D 894 19.30 -9.87 7.66
N ASP D 895 19.19 -11.19 7.78
CA ASP D 895 18.63 -11.83 8.96
C ASP D 895 19.40 -11.45 10.22
N VAL D 896 20.73 -11.44 10.11
CA VAL D 896 21.59 -11.07 11.23
C VAL D 896 21.29 -9.66 11.73
N LEU D 897 21.33 -8.70 10.81
CA LEU D 897 21.07 -7.30 11.14
C LEU D 897 19.67 -7.10 11.73
N ARG D 898 18.69 -7.77 11.12
CA ARG D 898 17.31 -7.68 11.58
C ARG D 898 17.16 -8.17 13.02
N LEU D 899 17.62 -9.40 13.26
CA LEU D 899 17.55 -10.00 14.60
C LEU D 899 18.32 -9.17 15.60
N GLY D 900 19.40 -8.54 15.14
CA GLY D 900 20.20 -7.67 16.00
C GLY D 900 19.44 -6.43 16.44
N HIS D 901 18.89 -5.71 15.46
CA HIS D 901 18.18 -4.46 15.74
C HIS D 901 16.89 -4.71 16.53
N GLU D 902 16.25 -5.85 16.28
CA GLU D 902 15.02 -6.20 16.97
C GLU D 902 15.27 -6.41 18.46
N CYS D 903 16.32 -7.17 18.78
CA CYS D 903 16.66 -7.47 20.16
C CYS D 903 17.16 -6.22 20.89
N ARG D 909 14.09 2.54 15.76
CA ARG D 909 14.09 2.92 14.35
C ARG D 909 13.40 1.87 13.50
N THR D 910 12.07 1.95 13.45
CA THR D 910 11.27 0.96 12.72
C THR D 910 11.08 1.34 11.25
N ASN D 911 10.75 2.61 11.01
CA ASN D 911 10.55 3.10 9.66
C ASN D 911 11.80 2.94 8.80
N PHE D 912 12.97 3.07 9.44
CA PHE D 912 14.24 2.83 8.78
C PHE D 912 14.32 1.40 8.27
N LEU D 913 13.93 0.46 9.13
CA LEU D 913 13.90 -0.96 8.77
C LEU D 913 12.89 -1.20 7.65
N GLN D 914 11.79 -0.44 7.67
CA GLN D 914 10.79 -0.53 6.60
C GLN D 914 11.38 -0.11 5.26
N LEU D 915 12.18 0.95 5.27
CA LEU D 915 12.84 1.42 4.07
C LEU D 915 13.89 0.42 3.58
N LEU D 916 14.64 -0.15 4.53
CA LEU D 916 15.65 -1.15 4.22
C LEU D 916 15.02 -2.37 3.55
N LEU D 917 13.95 -2.88 4.15
CA LEU D 917 13.20 -4.00 3.58
C LEU D 917 12.58 -3.62 2.24
N GLN D 918 12.24 -2.35 2.09
CA GLN D 918 11.71 -1.85 0.82
C GLN D 918 12.76 -1.96 -0.26
N GLU D 919 14.01 -1.65 0.09
CA GLU D 919 15.13 -1.80 -0.84
C GLU D 919 15.41 -3.27 -1.13
N ASP D 920 15.25 -4.10 -0.11
CA ASP D 920 15.49 -5.54 -0.23
C ASP D 920 14.58 -6.17 -1.28
N ILE D 921 13.30 -5.81 -1.26
CA ILE D 921 12.34 -6.32 -2.23
C ILE D 921 12.61 -5.78 -3.62
N ASP D 925 14.29 -10.67 -4.88
CA ASP D 925 14.36 -12.12 -4.96
C ASP D 925 15.29 -12.69 -3.90
N PHE D 926 16.47 -12.08 -3.75
CA PHE D 926 17.44 -12.50 -2.75
C PHE D 926 16.87 -12.33 -1.34
N PHE D 927 16.16 -11.23 -1.12
CA PHE D 927 15.50 -10.96 0.15
C PHE D 927 14.51 -12.06 0.48
N SER D 928 13.72 -12.46 -0.51
CA SER D 928 12.74 -13.52 -0.35
C SER D 928 13.41 -14.83 0.06
N THR D 929 14.50 -15.17 -0.62
CA THR D 929 15.26 -16.38 -0.31
C THR D 929 15.77 -16.36 1.12
N LEU D 930 16.35 -15.22 1.52
CA LEU D 930 16.84 -15.05 2.88
C LEU D 930 15.74 -15.25 3.91
N LEU D 931 14.59 -14.63 3.65
CA LEU D 931 13.43 -14.77 4.51
C LEU D 931 13.01 -16.23 4.64
N ARG D 932 13.00 -16.94 3.52
CA ARG D 932 12.68 -18.36 3.49
C ARG D 932 13.65 -19.15 4.37
N LEU D 933 14.93 -18.83 4.26
CA LEU D 933 15.95 -19.48 5.09
C LEU D 933 15.70 -19.23 6.57
N CYS D 934 15.39 -17.99 6.93
CA CYS D 934 15.12 -17.64 8.32
C CYS D 934 13.92 -18.41 8.87
N ASN D 935 12.85 -18.47 8.07
CA ASN D 935 11.65 -19.20 8.45
C ASN D 935 11.95 -20.68 8.64
N ALA D 936 12.78 -21.24 7.77
CA ALA D 936 13.18 -22.64 7.87
C ALA D 936 13.98 -22.87 9.15
N HIS D 937 14.79 -21.89 9.52
CA HIS D 937 15.59 -21.97 10.74
C HIS D 937 14.71 -21.94 11.98
N SER D 938 13.68 -21.09 11.96
CA SER D 938 12.77 -20.97 13.10
C SER D 938 12.00 -22.27 13.35
N ASP D 939 11.67 -22.97 12.26
CA ASP D 939 10.94 -24.23 12.36
C ASP D 939 11.81 -25.33 12.96
N LYS D 951 7.65 -10.53 16.82
CA LYS D 951 6.55 -9.61 17.05
C LYS D 951 6.57 -8.46 16.06
N ILE D 952 7.36 -7.42 16.37
CA ILE D 952 7.48 -6.25 15.52
C ILE D 952 7.97 -6.62 14.13
N VAL D 953 8.94 -7.54 14.08
CA VAL D 953 9.48 -8.03 12.82
C VAL D 953 8.39 -8.64 11.95
N ASP D 954 7.61 -9.54 12.55
CA ASP D 954 6.51 -10.20 11.84
C ASP D 954 5.50 -9.20 11.27
N SER D 955 5.13 -8.22 12.09
CA SER D 955 4.15 -7.21 11.69
C SER D 955 4.67 -6.37 10.52
N ILE D 956 5.90 -5.87 10.66
CA ILE D 956 6.53 -5.08 9.59
C ILE D 956 6.60 -5.88 8.30
N LEU D 957 6.98 -7.16 8.42
CA LEU D 957 7.08 -8.05 7.28
C LEU D 957 5.74 -8.23 6.58
N SER D 958 4.70 -8.51 7.36
CA SER D 958 3.35 -8.66 6.82
C SER D 958 2.91 -7.39 6.11
N GLN D 959 3.16 -6.25 6.73
CA GLN D 959 2.80 -4.95 6.16
C GLN D 959 3.49 -4.71 4.83
N ASN D 960 4.78 -5.05 4.76
CA ASN D 960 5.55 -4.89 3.53
C ASN D 960 5.10 -5.82 2.42
N LEU D 961 4.78 -7.06 2.78
CA LEU D 961 4.33 -8.05 1.80
C LEU D 961 2.96 -7.68 1.25
N ARG D 962 2.11 -7.12 2.11
CA ARG D 962 0.78 -6.71 1.70
C ARG D 962 0.82 -5.48 0.80
N SER D 963 1.90 -4.72 0.89
CA SER D 963 2.06 -3.50 0.10
C SER D 963 2.18 -3.83 -1.39
N CYS D 968 -0.71 -14.52 -7.05
CA CYS D 968 0.49 -15.22 -7.49
C CYS D 968 1.66 -14.95 -6.55
N PHE D 969 2.44 -13.93 -6.87
CA PHE D 969 3.64 -13.59 -6.10
C PHE D 969 3.30 -13.10 -4.70
N LYS D 970 2.47 -12.06 -4.62
CA LYS D 970 2.09 -11.46 -3.36
C LYS D 970 1.47 -12.48 -2.40
N LYS D 971 0.51 -13.24 -2.90
CA LYS D 971 -0.17 -14.27 -2.12
C LYS D 971 0.80 -15.34 -1.61
N LEU D 972 1.67 -15.80 -2.50
CA LEU D 972 2.66 -16.82 -2.14
C LEU D 972 3.58 -16.32 -1.03
N TYR D 973 4.06 -15.09 -1.19
CA TYR D 973 4.93 -14.48 -0.19
C TYR D 973 4.24 -14.38 1.17
N CYS D 974 3.02 -13.85 1.15
CA CYS D 974 2.23 -13.71 2.37
C CYS D 974 2.03 -15.05 3.08
N PHE D 975 1.62 -16.06 2.30
CA PHE D 975 1.37 -17.40 2.83
C PHE D 975 2.63 -18.00 3.44
N ARG D 976 3.75 -17.89 2.72
CA ARG D 976 5.02 -18.40 3.21
C ARG D 976 5.43 -17.71 4.51
N MET D 977 5.18 -16.40 4.59
CA MET D 977 5.50 -15.63 5.78
C MET D 977 4.68 -16.04 6.99
N LEU D 978 3.36 -16.15 6.80
CA LEU D 978 2.45 -16.48 7.90
C LEU D 978 2.71 -17.86 8.51
N ASN D 979 3.38 -18.73 7.75
CA ASN D 979 3.71 -20.06 8.23
C ASN D 979 4.98 -20.07 9.07
N ALA D 984 -4.38 -17.61 7.40
CA ALA D 984 -5.77 -17.23 7.16
C ALA D 984 -5.87 -16.11 6.12
N ALA D 985 -4.93 -15.18 6.19
CA ALA D 985 -4.92 -14.03 5.28
C ALA D 985 -4.86 -14.45 3.82
N ALA D 986 -4.09 -15.51 3.56
CA ALA D 986 -3.94 -16.07 2.22
C ALA D 986 -5.28 -16.47 1.63
N GLU D 987 -6.03 -17.26 2.39
CA GLU D 987 -7.34 -17.74 1.96
C GLU D 987 -8.28 -16.57 1.64
N VAL D 988 -8.29 -15.57 2.51
CA VAL D 988 -9.12 -14.39 2.32
C VAL D 988 -8.77 -13.65 1.04
N LEU D 989 -7.47 -13.43 0.84
CA LEU D 989 -7.01 -12.76 -0.37
C LEU D 989 -7.41 -13.53 -1.64
N TYR D 990 -7.20 -14.84 -1.61
CA TYR D 990 -7.54 -15.70 -2.74
C TYR D 990 -9.02 -15.65 -3.06
N GLN D 991 -9.85 -15.79 -2.03
CA GLN D 991 -11.30 -15.75 -2.19
C GLN D 991 -11.76 -14.39 -2.73
N TYR D 992 -11.12 -13.32 -2.26
CA TYR D 992 -11.45 -11.98 -2.73
C TYR D 992 -11.11 -11.82 -4.20
N ILE D 993 -9.95 -12.36 -4.60
CA ILE D 993 -9.51 -12.28 -6.00
C ILE D 993 -10.40 -13.10 -6.91
N LEU D 994 -10.89 -14.22 -6.41
CA LEU D 994 -11.76 -15.11 -7.18
C LEU D 994 -13.16 -14.52 -7.34
N MET D 995 -13.53 -13.63 -6.42
CA MET D 995 -14.86 -13.01 -6.44
C MET D 995 -14.90 -11.84 -7.42
N ILE D 1002 -9.48 -21.91 -15.60
CA ILE D 1002 -8.19 -22.35 -15.11
C ILE D 1002 -7.86 -21.69 -13.76
N ARG D 1003 -8.02 -20.37 -13.70
CA ARG D 1003 -7.74 -19.62 -12.49
C ARG D 1003 -8.60 -20.08 -11.32
N LYS D 1004 -9.89 -20.29 -11.59
CA LYS D 1004 -10.84 -20.76 -10.58
C LYS D 1004 -10.42 -22.10 -10.00
N ARG D 1005 -10.11 -23.05 -10.89
CA ARG D 1005 -9.69 -24.38 -10.49
C ARG D 1005 -8.44 -24.35 -9.61
N LYS D 1006 -7.45 -23.58 -10.04
CA LYS D 1006 -6.19 -23.44 -9.30
C LYS D 1006 -6.43 -22.85 -7.91
N CYS D 1007 -7.20 -21.77 -7.84
CA CYS D 1007 -7.51 -21.12 -6.58
C CYS D 1007 -8.21 -22.08 -5.61
N TYR D 1008 -9.28 -22.72 -6.09
CA TYR D 1008 -10.04 -23.67 -5.30
C TYR D 1008 -9.15 -24.80 -4.78
N LEU D 1009 -8.32 -25.34 -5.67
CA LEU D 1009 -7.39 -26.42 -5.32
C LEU D 1009 -6.43 -25.99 -4.21
N MET D 1010 -5.83 -24.81 -4.39
CA MET D 1010 -4.90 -24.27 -3.40
C MET D 1010 -5.58 -24.13 -2.04
N VAL D 1011 -6.77 -23.54 -2.03
CA VAL D 1011 -7.53 -23.37 -0.79
C VAL D 1011 -7.78 -24.73 -0.12
N ILE D 1012 -8.25 -25.70 -0.90
CA ILE D 1012 -8.54 -27.04 -0.39
C ILE D 1012 -7.31 -27.70 0.23
N ASN D 1013 -6.18 -27.57 -0.44
CA ASN D 1013 -4.92 -28.10 0.09
C ASN D 1013 -4.52 -27.42 1.39
N VAL D 1014 -4.69 -26.09 1.43
CA VAL D 1014 -4.34 -25.31 2.62
C VAL D 1014 -5.18 -25.70 3.84
N LEU D 1015 -6.48 -25.91 3.62
CA LEU D 1015 -7.38 -26.27 4.72
C LEU D 1015 -7.06 -27.66 5.28
N SER D 1016 -6.58 -28.55 4.43
CA SER D 1016 -6.26 -29.91 4.84
C SER D 1016 -4.91 -29.97 5.54
N VAL D 1033 -16.46 -27.56 6.01
CA VAL D 1033 -17.48 -26.70 5.42
C VAL D 1033 -16.99 -26.05 4.13
N THR D 1034 -15.81 -25.43 4.20
CA THR D 1034 -15.24 -24.73 3.07
C THR D 1034 -14.95 -25.66 1.88
N LEU D 1035 -14.40 -26.82 2.19
CA LEU D 1035 -14.03 -27.81 1.17
C LEU D 1035 -15.23 -28.26 0.35
N THR D 1036 -16.34 -28.55 1.04
CA THR D 1036 -17.57 -28.97 0.39
C THR D 1036 -18.09 -27.88 -0.55
N ASP D 1037 -18.05 -26.64 -0.07
CA ASP D 1037 -18.50 -25.50 -0.85
C ASP D 1037 -17.67 -25.32 -2.11
N LEU D 1038 -16.34 -25.41 -1.95
CA LEU D 1038 -15.43 -25.28 -3.08
C LEU D 1038 -15.65 -26.39 -4.10
N ARG D 1039 -15.82 -27.61 -3.62
CA ARG D 1039 -16.07 -28.76 -4.50
C ARG D 1039 -17.37 -28.59 -5.28
N ASP D 1040 -18.41 -28.15 -4.57
CA ASP D 1040 -19.72 -27.93 -5.20
C ASP D 1040 -19.63 -26.84 -6.24
N GLU D 1041 -18.84 -25.80 -5.96
CA GLU D 1041 -18.68 -24.69 -6.88
C GLU D 1041 -17.92 -25.10 -8.12
N LEU D 1042 -16.89 -25.93 -7.94
CA LEU D 1042 -16.09 -26.42 -9.06
C LEU D 1042 -16.90 -27.40 -9.91
N ARG D 1043 -17.82 -28.10 -9.26
CA ARG D 1043 -18.67 -29.07 -9.96
C ARG D 1043 -19.84 -28.37 -10.67
N GLY D 1044 -20.10 -27.12 -10.28
CA GLY D 1044 -21.19 -26.35 -10.86
C GLY D 1044 -20.71 -25.34 -11.87
N ILE E 494 0.34 -70.27 -8.34
CA ILE E 494 0.86 -69.04 -8.90
C ILE E 494 1.15 -69.19 -10.40
N GLU E 495 1.69 -70.35 -10.77
CA GLU E 495 2.02 -70.63 -12.16
C GLU E 495 0.76 -70.73 -13.02
N SER E 496 -0.27 -71.37 -12.46
CA SER E 496 -1.55 -71.52 -13.16
C SER E 496 -2.20 -70.16 -13.41
N ILE E 497 -2.17 -69.31 -12.40
CA ILE E 497 -2.73 -67.97 -12.50
C ILE E 497 -1.98 -67.16 -13.55
N ALA E 498 -0.66 -67.34 -13.59
CA ALA E 498 0.17 -66.67 -14.57
C ALA E 498 -0.17 -67.16 -15.98
N ASN E 499 -0.49 -68.44 -16.10
CA ASN E 499 -0.88 -69.03 -17.38
C ASN E 499 -2.23 -68.51 -17.84
N PHE E 500 -3.13 -68.27 -16.88
CA PHE E 500 -4.48 -67.82 -17.19
C PHE E 500 -4.50 -66.38 -17.72
N SER E 501 -3.63 -65.54 -17.15
CA SER E 501 -3.56 -64.14 -17.55
C SER E 501 -3.07 -63.97 -18.98
N LEU E 508 -15.14 -63.20 -15.13
CA LEU E 508 -13.84 -63.15 -15.78
C LEU E 508 -13.15 -61.82 -15.54
N VAL E 509 -13.92 -60.73 -15.60
CA VAL E 509 -13.37 -59.40 -15.39
C VAL E 509 -12.89 -59.21 -13.96
N LYS E 510 -13.68 -59.71 -13.00
CA LYS E 510 -13.32 -59.62 -11.59
C LYS E 510 -12.02 -60.38 -11.30
N SER E 511 -11.90 -61.54 -11.93
CA SER E 511 -10.70 -62.36 -11.77
C SER E 511 -9.47 -61.64 -12.32
N TYR E 512 -9.62 -61.01 -13.48
CA TYR E 512 -8.54 -60.24 -14.09
C TYR E 512 -8.13 -59.07 -13.20
N SER E 513 -9.13 -58.41 -12.62
CA SER E 513 -8.87 -57.30 -11.71
C SER E 513 -8.09 -57.78 -10.49
N TRP E 514 -8.50 -58.92 -9.94
CA TRP E 514 -7.82 -59.51 -8.80
C TRP E 514 -6.37 -59.84 -9.13
N LEU E 515 -6.16 -60.40 -10.32
CA LEU E 515 -4.83 -60.72 -10.80
C LEU E 515 -3.98 -59.47 -10.89
N LEU E 516 -4.58 -58.39 -11.39
CA LEU E 516 -3.90 -57.10 -11.50
C LEU E 516 -3.47 -56.60 -10.13
N PHE E 517 -4.39 -56.68 -9.16
CA PHE E 517 -4.11 -56.25 -7.80
C PHE E 517 -2.96 -57.06 -7.19
N GLU E 518 -2.99 -58.37 -7.41
CA GLU E 518 -1.94 -59.25 -6.92
C GLU E 518 -0.58 -58.88 -7.51
N ALA E 519 -0.57 -58.64 -8.82
CA ALA E 519 0.65 -58.24 -9.52
C ALA E 519 1.19 -56.93 -8.96
N SER E 520 0.28 -55.99 -8.68
CA SER E 520 0.66 -54.71 -8.11
C SER E 520 1.29 -54.90 -6.73
N CYS E 521 0.69 -55.75 -5.91
CA CYS E 521 1.22 -56.05 -4.58
C CYS E 521 2.62 -56.65 -4.68
N MSE E 522 2.78 -57.57 -5.63
CA MSE E 522 4.07 -58.22 -5.85
C MSE E 522 5.14 -57.22 -6.27
O MSE E 522 6.28 -57.27 -5.80
CB MSE E 522 3.94 -59.32 -6.90
N GLU E 523 4.76 -56.29 -7.15
CA GLU E 523 5.68 -55.26 -7.61
C GLU E 523 6.08 -54.34 -6.46
N GLY E 524 5.10 -54.01 -5.62
CA GLY E 524 5.34 -53.18 -4.46
C GLY E 524 6.28 -53.85 -3.47
N GLN E 525 6.16 -55.17 -3.37
CA GLN E 525 7.03 -55.94 -2.48
C GLN E 525 8.48 -55.95 -2.98
N LYS E 526 8.64 -56.01 -4.30
CA LYS E 526 9.96 -56.04 -4.91
C LYS E 526 10.71 -54.73 -4.72
N VAL E 531 10.08 -64.52 -13.09
CA VAL E 531 10.94 -63.47 -13.63
C VAL E 531 10.83 -63.40 -15.16
N LEU E 532 10.83 -64.57 -15.79
CA LEU E 532 10.79 -64.65 -17.25
C LEU E 532 9.47 -64.11 -17.81
N ASN E 533 8.37 -64.43 -17.14
CA ASN E 533 7.06 -63.95 -17.54
C ASN E 533 6.99 -62.44 -17.52
N ALA E 534 7.58 -61.84 -16.48
CA ALA E 534 7.64 -60.39 -16.35
C ALA E 534 8.40 -59.76 -17.50
N ILE E 535 9.48 -60.41 -17.92
CA ILE E 535 10.28 -59.93 -19.04
C ILE E 535 9.51 -60.03 -20.34
N VAL E 536 8.79 -61.13 -20.51
CA VAL E 536 7.98 -61.35 -21.70
C VAL E 536 6.87 -60.31 -21.79
N SER E 537 6.36 -59.90 -20.62
CA SER E 537 5.31 -58.89 -20.57
C SER E 537 5.81 -57.51 -20.98
N LYS E 538 7.04 -57.19 -20.59
CA LYS E 538 7.63 -55.88 -20.88
C LYS E 538 7.87 -55.70 -22.37
N ASP E 544 3.37 -46.68 -26.38
CA ASP E 544 2.08 -47.35 -26.34
C ASP E 544 1.69 -47.72 -24.91
N ASP E 545 2.65 -48.25 -24.15
CA ASP E 545 2.41 -48.62 -22.77
C ASP E 545 2.12 -47.39 -21.92
N VAL E 546 2.76 -46.29 -22.25
CA VAL E 546 2.58 -45.04 -21.53
C VAL E 546 1.20 -44.44 -21.80
N ILE E 547 0.73 -44.57 -23.04
CA ILE E 547 -0.56 -44.04 -23.43
C ILE E 547 -1.71 -44.81 -22.79
N ILE E 548 -1.54 -46.13 -22.70
CA ILE E 548 -2.55 -46.99 -22.09
C ILE E 548 -2.71 -46.66 -20.60
N PRO E 549 -1.58 -46.36 -19.93
CA PRO E 549 -1.56 -45.98 -18.52
C PRO E 549 -2.31 -44.69 -18.25
N GLN E 550 -2.16 -43.71 -19.15
CA GLN E 550 -2.84 -42.43 -19.02
C GLN E 550 -4.36 -42.59 -19.17
N ASP E 551 -4.77 -43.53 -20.02
CA ASP E 551 -6.18 -43.79 -20.25
C ASP E 551 -6.82 -44.41 -19.01
N VAL E 557 -7.60 -56.72 -20.54
CA VAL E 557 -6.66 -55.87 -21.25
C VAL E 557 -6.30 -54.63 -20.44
N THR E 558 -7.30 -54.04 -19.80
CA THR E 558 -7.08 -52.85 -18.97
C THR E 558 -6.21 -53.19 -17.76
N ASN E 559 -6.49 -54.33 -17.14
CA ASN E 559 -5.69 -54.81 -16.02
C ASN E 559 -4.24 -55.03 -16.44
N SER E 560 -4.06 -55.58 -17.63
CA SER E 560 -2.74 -55.81 -18.19
C SER E 560 -1.99 -54.50 -18.38
N MSE E 561 -2.68 -53.51 -18.93
CA MSE E 561 -2.10 -52.18 -19.16
C MSE E 561 -1.70 -51.53 -17.84
O MSE E 561 -0.63 -50.91 -17.74
CB MSE E 561 -3.07 -51.28 -19.92
N ARG E 562 -2.54 -51.69 -16.82
CA ARG E 562 -2.26 -51.16 -15.50
C ARG E 562 -1.00 -51.80 -14.91
N GLN E 563 -0.93 -53.13 -15.02
CA GLN E 563 0.23 -53.87 -14.53
C GLN E 563 1.50 -53.45 -15.25
N THR E 564 1.39 -53.21 -16.56
CA THR E 564 2.52 -52.77 -17.37
C THR E 564 2.98 -51.39 -16.94
N LEU E 565 2.02 -50.53 -16.60
CA LEU E 565 2.33 -49.20 -16.11
C LEU E 565 3.05 -49.27 -14.78
N ALA E 566 2.60 -50.16 -13.90
CA ALA E 566 3.21 -50.35 -12.59
C ALA E 566 4.67 -50.77 -12.71
N PRO E 567 4.94 -51.75 -13.60
CA PRO E 567 6.28 -52.26 -13.86
C PRO E 567 7.23 -51.17 -14.36
N TYR E 568 6.74 -50.34 -15.28
CA TYR E 568 7.53 -49.23 -15.80
C TYR E 568 7.88 -48.24 -14.69
N ALA E 569 6.91 -48.02 -13.79
CA ALA E 569 7.12 -47.13 -12.65
C ALA E 569 8.19 -47.68 -11.72
N VAL E 570 8.11 -48.97 -11.42
CA VAL E 570 9.10 -49.62 -10.58
C VAL E 570 10.49 -49.55 -11.23
N LEU E 571 10.53 -49.72 -12.54
CA LEU E 571 11.76 -49.65 -13.30
C LEU E 571 12.38 -48.26 -13.22
N SER E 572 11.54 -47.24 -13.35
CA SER E 572 11.99 -45.85 -13.25
C SER E 572 12.50 -45.57 -11.84
N GLN E 573 11.82 -46.14 -10.85
CA GLN E 573 12.21 -45.97 -9.45
C GLN E 573 13.59 -46.57 -9.19
N PHE E 574 13.83 -47.75 -9.76
CA PHE E 574 15.13 -48.40 -9.63
C PHE E 574 16.23 -47.56 -10.27
N TYR E 575 15.91 -46.95 -11.40
CA TYR E 575 16.86 -46.12 -12.13
C TYR E 575 17.20 -44.86 -11.33
N ASP E 579 15.97 -37.55 -10.44
CA ASP E 579 14.92 -36.87 -9.70
C ASP E 579 13.68 -36.68 -10.56
N ARG E 580 13.87 -36.26 -11.79
CA ARG E 580 12.77 -36.04 -12.72
C ARG E 580 12.04 -37.32 -13.07
N GLU E 581 12.80 -38.39 -13.22
CA GLU E 581 12.22 -39.71 -13.49
C GLU E 581 11.32 -40.14 -12.34
N ASP E 582 11.81 -39.91 -11.12
CA ASP E 582 11.06 -40.22 -9.91
C ASP E 582 9.75 -39.44 -9.87
N TRP E 583 9.83 -38.16 -10.25
CA TRP E 583 8.65 -37.30 -10.29
C TRP E 583 7.63 -37.79 -11.30
N GLY E 584 8.11 -38.17 -12.48
CA GLY E 584 7.24 -38.72 -13.52
C GLY E 584 6.55 -39.99 -13.03
N GLN E 585 7.32 -40.85 -12.36
CA GLN E 585 6.79 -42.08 -11.80
C GLN E 585 5.70 -41.80 -10.77
N ALA E 586 5.96 -40.85 -9.89
CA ALA E 586 5.00 -40.46 -8.86
C ALA E 586 3.72 -39.92 -9.49
N LEU E 587 3.87 -39.12 -10.53
CA LEU E 587 2.73 -38.58 -11.26
C LEU E 587 1.89 -39.70 -11.86
N ARG E 588 2.56 -40.68 -12.45
CA ARG E 588 1.89 -41.85 -12.99
C ARG E 588 1.11 -42.59 -11.90
N LEU E 589 1.74 -42.74 -10.74
CA LEU E 589 1.12 -43.41 -9.60
C LEU E 589 -0.14 -42.68 -9.14
N LEU E 590 -0.06 -41.35 -9.08
CA LEU E 590 -1.21 -40.54 -8.67
C LEU E 590 -2.33 -40.66 -9.70
N LEU E 591 -1.97 -40.71 -10.98
CA LEU E 591 -2.94 -40.85 -12.04
C LEU E 591 -3.65 -42.20 -11.96
N LEU E 592 -2.90 -43.23 -11.59
CA LEU E 592 -3.45 -44.58 -11.47
C LEU E 592 -4.46 -44.67 -10.32
N LEU E 593 -4.11 -44.06 -9.17
CA LEU E 593 -4.97 -44.04 -7.99
C LEU E 593 -6.29 -43.34 -8.25
N ILE E 594 -6.25 -42.29 -9.07
CA ILE E 594 -7.46 -41.55 -9.44
C ILE E 594 -8.37 -42.41 -10.30
N GLU E 595 -7.77 -43.21 -11.17
CA GLU E 595 -8.52 -44.11 -12.05
C GLU E 595 -9.23 -45.19 -11.24
N PHE E 596 -8.55 -45.70 -10.21
CA PHE E 596 -9.09 -46.75 -9.33
C PHE E 596 -10.25 -46.24 -8.48
N HIS E 602 -8.49 -48.75 -1.95
CA HIS E 602 -8.07 -48.19 -0.66
C HIS E 602 -6.64 -48.59 -0.32
N TYR E 603 -6.31 -49.85 -0.57
CA TYR E 603 -4.96 -50.36 -0.32
C TYR E 603 -3.94 -49.66 -1.22
N LEU E 604 -4.34 -49.43 -2.47
CA LEU E 604 -3.49 -48.74 -3.44
C LEU E 604 -3.14 -47.33 -2.97
N VAL E 605 -4.15 -46.62 -2.47
CA VAL E 605 -3.95 -45.27 -1.97
C VAL E 605 -2.99 -45.26 -0.79
N LEU E 606 -3.13 -46.24 0.09
CA LEU E 606 -2.25 -46.37 1.25
C LEU E 606 -0.81 -46.62 0.83
N LEU E 607 -0.63 -47.52 -0.14
CA LEU E 607 0.70 -47.80 -0.67
C LEU E 607 1.32 -46.55 -1.28
N VAL E 608 0.51 -45.79 -2.02
CA VAL E 608 0.96 -44.55 -2.63
C VAL E 608 1.43 -43.56 -1.56
N ALA E 609 0.63 -43.41 -0.50
CA ALA E 609 0.98 -42.53 0.60
C ALA E 609 2.29 -42.96 1.25
N LYS E 610 2.45 -44.27 1.43
CA LYS E 610 3.68 -44.83 1.99
C LYS E 610 4.88 -44.47 1.12
N PHE E 611 4.70 -44.57 -0.20
CA PHE E 611 5.76 -44.24 -1.15
C PHE E 611 6.10 -42.75 -1.07
N LEU E 612 5.09 -41.91 -0.89
CA LEU E 612 5.28 -40.47 -0.83
C LEU E 612 6.03 -40.06 0.44
N TYR E 613 5.70 -40.70 1.55
CA TYR E 613 6.37 -40.41 2.82
C TYR E 613 7.86 -40.72 2.74
N PRO E 614 8.21 -41.82 2.05
CA PRO E 614 9.59 -42.27 1.87
C PRO E 614 10.42 -41.27 1.04
N ILE E 615 9.79 -40.66 0.05
CA ILE E 615 10.47 -39.69 -0.81
C ILE E 615 10.76 -38.40 -0.04
N PHE E 616 9.86 -38.02 0.85
CA PHE E 616 10.02 -36.82 1.64
C PHE E 616 11.19 -36.94 2.62
N GLU E 626 6.34 -28.78 -9.76
CA GLU E 626 6.00 -28.63 -8.34
C GLU E 626 4.52 -28.37 -8.16
N ASP E 627 3.94 -27.57 -9.05
CA ASP E 627 2.53 -27.22 -8.97
C ASP E 627 1.64 -28.43 -9.27
N SER E 628 1.99 -29.17 -10.32
CA SER E 628 1.25 -30.36 -10.70
C SER E 628 1.26 -31.39 -9.57
N VAL E 629 2.40 -31.52 -8.91
CA VAL E 629 2.54 -32.42 -7.77
C VAL E 629 1.57 -32.03 -6.66
N ALA E 630 1.51 -30.74 -6.36
CA ALA E 630 0.61 -30.21 -5.35
C ALA E 630 -0.85 -30.51 -5.71
N THR E 631 -1.18 -30.31 -6.98
CA THR E 631 -2.53 -30.60 -7.46
C THR E 631 -2.89 -32.07 -7.27
N VAL E 632 -1.96 -32.95 -7.61
CA VAL E 632 -2.16 -34.39 -7.45
C VAL E 632 -2.37 -34.75 -5.98
N ILE E 633 -1.52 -34.20 -5.12
CA ILE E 633 -1.63 -34.44 -3.69
C ILE E 633 -2.99 -33.97 -3.16
N GLU E 634 -3.46 -32.83 -3.65
CA GLU E 634 -4.76 -32.31 -3.28
C GLU E 634 -5.88 -33.25 -3.70
N VAL E 635 -5.81 -33.73 -4.94
CA VAL E 635 -6.80 -34.67 -5.46
C VAL E 635 -6.84 -35.94 -4.62
N ILE E 636 -5.65 -36.40 -4.22
CA ILE E 636 -5.54 -37.59 -3.38
C ILE E 636 -6.18 -37.37 -2.01
N GLU E 637 -5.92 -36.20 -1.44
CA GLU E 637 -6.51 -35.84 -0.15
C GLU E 637 -8.03 -35.78 -0.25
N THR E 638 -8.52 -35.33 -1.41
CA THR E 638 -9.95 -35.26 -1.65
C THR E 638 -10.56 -36.66 -1.76
N LYS E 639 -9.82 -37.56 -2.41
CA LYS E 639 -10.27 -38.93 -2.59
C LYS E 639 -10.31 -39.68 -1.25
N TRP E 640 -9.35 -39.37 -0.38
CA TRP E 640 -9.25 -40.02 0.92
C TRP E 640 -10.43 -39.65 1.82
N SER E 648 -11.38 -52.29 4.39
CA SER E 648 -10.84 -51.35 5.36
C SER E 648 -9.83 -52.03 6.29
N ASN E 649 -10.18 -53.23 6.76
CA ASN E 649 -9.32 -53.99 7.65
C ASN E 649 -8.00 -54.37 6.97
N LEU E 650 -8.09 -54.77 5.71
CA LEU E 650 -6.92 -55.13 4.94
C LEU E 650 -6.00 -53.93 4.74
N TYR E 651 -6.60 -52.76 4.56
CA TYR E 651 -5.85 -51.52 4.38
C TYR E 651 -5.10 -51.17 5.66
N GLU E 652 -5.76 -51.33 6.80
CA GLU E 652 -5.16 -51.04 8.09
C GLU E 652 -4.04 -52.04 8.40
N THR E 653 -4.24 -53.29 8.00
CA THR E 653 -3.22 -54.31 8.17
C THR E 653 -1.99 -54.00 7.32
N ILE E 654 -2.25 -53.52 6.11
CA ILE E 654 -1.18 -53.12 5.19
C ILE E 654 -0.41 -51.93 5.76
N ILE E 655 -1.14 -51.00 6.36
CA ILE E 655 -0.52 -49.83 6.99
C ILE E 655 0.34 -50.25 8.17
N GLU E 656 -0.16 -51.18 8.97
CA GLU E 656 0.57 -51.69 10.12
C GLU E 656 1.83 -52.42 9.68
N ALA E 657 1.73 -53.15 8.58
CA ALA E 657 2.88 -53.85 8.01
C ALA E 657 3.91 -52.86 7.50
N ASP E 658 3.44 -51.76 6.94
CA ASP E 658 4.31 -50.71 6.41
C ASP E 658 5.05 -50.00 7.52
N LYS E 659 4.35 -49.75 8.63
CA LYS E 659 4.94 -49.06 9.77
C LYS E 659 6.05 -49.89 10.41
N SER E 660 5.86 -51.21 10.41
CA SER E 660 6.84 -52.12 11.01
C SER E 660 8.12 -52.16 10.19
N ALA E 666 -4.37 -43.24 12.69
CA ALA E 666 -2.94 -42.93 12.72
C ALA E 666 -2.39 -42.77 11.31
N THR E 667 -2.88 -43.58 10.38
CA THR E 667 -2.44 -43.52 8.99
C THR E 667 -2.86 -42.22 8.33
N LEU E 668 -4.12 -41.85 8.53
CA LEU E 668 -4.68 -40.63 7.95
C LEU E 668 -3.96 -39.40 8.47
N LEU E 669 -3.61 -39.43 9.76
CA LEU E 669 -2.90 -38.31 10.39
C LEU E 669 -1.51 -38.14 9.77
N LYS E 670 -0.81 -39.26 9.61
CA LYS E 670 0.50 -39.26 8.97
C LYS E 670 0.40 -38.72 7.55
N ASN E 671 -0.67 -39.11 6.86
CA ASN E 671 -0.94 -38.62 5.51
C ASN E 671 -1.09 -37.10 5.50
N LEU E 672 -1.90 -36.58 6.42
CA LEU E 672 -2.12 -35.14 6.52
C LEU E 672 -0.82 -34.40 6.82
N ARG E 673 -0.01 -34.97 7.70
CA ARG E 673 1.28 -34.38 8.04
C ARG E 673 2.19 -34.31 6.82
N LYS E 674 2.24 -35.41 6.08
CA LYS E 674 3.03 -35.47 4.85
C LYS E 674 2.57 -34.42 3.84
N LYS E 675 1.25 -34.27 3.71
CA LYS E 675 0.67 -33.28 2.82
C LYS E 675 1.09 -31.87 3.23
N LEU E 676 1.05 -31.61 4.53
CA LEU E 676 1.48 -30.31 5.06
C LEU E 676 2.94 -30.05 4.72
N ASN E 677 3.78 -31.07 4.91
CA ASN E 677 5.20 -30.97 4.58
C ASN E 677 5.42 -30.63 3.11
N PHE E 678 4.70 -31.33 2.23
CA PHE E 678 4.81 -31.11 0.80
C PHE E 678 4.39 -29.69 0.43
N LYS E 679 3.32 -29.22 1.06
CA LYS E 679 2.83 -27.85 0.84
C LYS E 679 3.89 -26.84 1.24
N LEU E 680 4.51 -27.08 2.39
CA LEU E 680 5.60 -26.21 2.86
C LEU E 680 6.75 -26.20 1.87
N CYS E 681 7.08 -27.37 1.35
CA CYS E 681 8.16 -27.51 0.37
C CYS E 681 7.86 -26.72 -0.91
N GLN E 682 6.61 -26.80 -1.35
CA GLN E 682 6.18 -26.07 -2.55
C GLN E 682 6.23 -24.57 -2.31
N ALA E 683 5.86 -24.16 -1.10
CA ALA E 683 5.89 -22.74 -0.73
C ALA E 683 7.32 -22.21 -0.72
N PHE E 684 8.25 -23.03 -0.23
CA PHE E 684 9.66 -22.64 -0.16
C PHE E 684 10.27 -22.50 -1.54
N MSE E 685 9.82 -23.31 -2.48
CA MSE E 685 10.33 -23.27 -3.84
C MSE E 685 9.92 -22.00 -4.55
O MSE E 685 10.73 -21.36 -5.23
CB MSE E 685 9.86 -24.50 -4.63
N ASP F 4 80.68 -7.76 -16.71
CA ASP F 4 81.66 -6.85 -17.29
C ASP F 4 81.02 -5.91 -18.30
N ILE F 5 81.32 -4.63 -18.16
CA ILE F 5 80.90 -3.60 -19.10
C ILE F 5 81.45 -3.76 -20.52
N GLN F 6 80.60 -3.51 -21.52
CA GLN F 6 80.96 -3.61 -22.93
C GLN F 6 80.87 -2.27 -23.62
N MET F 7 81.97 -1.80 -24.18
CA MET F 7 81.95 -0.50 -24.85
C MET F 7 81.95 -0.78 -26.34
N THR F 8 80.85 -0.40 -26.99
CA THR F 8 80.70 -0.51 -28.44
C THR F 8 81.21 0.76 -29.08
N GLN F 9 81.87 0.67 -30.22
CA GLN F 9 82.15 1.89 -30.98
C GLN F 9 81.62 1.86 -32.39
N SER F 10 81.26 3.04 -32.88
CA SER F 10 80.68 3.19 -34.19
C SER F 10 81.21 4.45 -34.86
N PRO F 11 81.63 4.33 -36.13
CA PRO F 11 81.76 3.04 -36.81
C PRO F 11 83.05 2.32 -36.42
N SER F 12 83.24 1.09 -36.88
CA SER F 12 84.40 0.31 -36.48
C SER F 12 85.58 0.72 -37.35
N SER F 13 85.27 1.25 -38.52
CA SER F 13 86.27 1.79 -39.43
C SER F 13 85.66 2.91 -40.28
N LEU F 14 86.23 4.11 -40.20
CA LEU F 14 85.74 5.21 -40.99
C LEU F 14 86.87 5.75 -41.88
N SER F 15 86.50 6.62 -42.80
CA SER F 15 87.46 7.26 -43.69
C SER F 15 87.02 8.69 -43.98
N ALA F 16 87.97 9.64 -43.97
CA ALA F 16 87.57 11.03 -44.20
C ALA F 16 88.67 11.90 -44.81
N SER F 17 88.24 12.95 -45.51
CA SER F 17 89.12 13.99 -46.05
C SER F 17 89.94 14.70 -44.99
N VAL F 18 91.01 15.36 -45.43
CA VAL F 18 91.68 16.34 -44.60
C VAL F 18 90.80 17.58 -44.54
N GLY F 19 90.52 18.06 -43.32
CA GLY F 19 89.68 19.22 -43.16
C GLY F 19 88.25 18.84 -42.81
N ASP F 20 87.90 17.58 -43.03
CA ASP F 20 86.60 17.08 -42.62
C ASP F 20 86.43 17.02 -41.10
N ARG F 21 85.18 17.07 -40.68
CA ARG F 21 84.82 16.93 -39.29
C ARG F 21 84.50 15.45 -39.08
N VAL F 22 85.09 14.85 -38.05
CA VAL F 22 84.95 13.42 -37.82
C VAL F 22 84.31 13.14 -36.48
N THR F 23 83.30 12.27 -36.48
CA THR F 23 82.62 11.87 -35.26
C THR F 23 82.68 10.37 -34.97
N ILE F 24 83.21 10.03 -33.80
CA ILE F 24 83.30 8.63 -33.36
C ILE F 24 82.45 8.47 -32.11
N THR F 25 81.60 7.45 -32.09
CA THR F 25 80.69 7.28 -30.96
C THR F 25 80.97 5.99 -30.21
N CYS F 26 80.67 6.00 -28.91
CA CYS F 26 80.92 4.86 -28.05
C CYS F 26 79.74 4.68 -27.10
N ARG F 27 79.16 3.47 -27.09
CA ARG F 27 77.98 3.15 -26.30
C ARG F 27 78.27 2.12 -25.22
N ALA F 28 77.97 2.46 -23.97
CA ALA F 28 78.29 1.61 -22.84
C ALA F 28 77.21 0.53 -22.70
N SER F 29 77.62 -0.68 -22.35
CA SER F 29 76.66 -1.78 -22.17
C SER F 29 75.68 -1.46 -21.05
N GLN F 30 76.20 -0.93 -19.95
CA GLN F 30 75.37 -0.50 -18.84
C GLN F 30 75.32 1.00 -18.82
N SER F 31 75.25 1.58 -17.63
CA SER F 31 75.36 3.02 -17.62
C SER F 31 76.45 3.49 -16.66
N VAL F 32 77.57 3.70 -17.31
CA VAL F 32 78.76 4.15 -16.69
C VAL F 32 78.47 5.63 -16.58
N SER F 33 79.04 6.25 -15.56
CA SER F 33 78.96 7.68 -15.50
C SER F 33 80.12 8.29 -16.29
N SER F 34 80.31 9.60 -16.17
CA SER F 34 81.23 10.33 -17.05
C SER F 34 82.70 9.87 -16.98
N ALA F 35 82.94 8.72 -16.34
CA ALA F 35 84.27 8.17 -16.16
C ALA F 35 84.76 7.52 -17.45
N VAL F 36 84.95 8.32 -18.50
CA VAL F 36 85.24 7.79 -19.82
C VAL F 36 86.37 8.58 -20.48
N ALA F 37 87.36 7.85 -20.98
CA ALA F 37 88.52 8.45 -21.61
C ALA F 37 88.68 8.02 -23.05
N TRP F 38 89.30 8.88 -23.85
CA TRP F 38 89.54 8.58 -25.26
C TRP F 38 91.03 8.63 -25.49
N TYR F 39 91.49 7.66 -26.28
CA TYR F 39 92.89 7.50 -26.62
C TYR F 39 93.09 7.41 -28.13
N GLN F 40 94.30 7.74 -28.57
CA GLN F 40 94.69 7.60 -29.95
C GLN F 40 95.89 6.66 -30.00
N GLN F 41 95.82 5.65 -30.85
CA GLN F 41 96.97 4.76 -31.00
C GLN F 41 97.41 4.65 -32.44
N LYS F 42 98.64 5.09 -32.66
CA LYS F 42 99.35 4.89 -33.91
C LYS F 42 99.81 3.44 -33.93
N PRO F 43 99.97 2.84 -35.13
CA PRO F 43 100.35 1.43 -35.12
C PRO F 43 101.82 1.25 -34.73
N GLY F 44 102.07 0.34 -33.78
CA GLY F 44 103.42 0.08 -33.31
C GLY F 44 103.83 0.95 -32.14
N LYS F 45 102.86 1.63 -31.53
CA LYS F 45 103.17 2.55 -30.43
C LYS F 45 102.12 2.52 -29.33
N ALA F 46 102.49 3.03 -28.16
CA ALA F 46 101.58 3.09 -27.02
C ALA F 46 100.47 4.09 -27.25
N PRO F 47 99.26 3.80 -26.74
CA PRO F 47 98.16 4.75 -26.82
C PRO F 47 98.47 6.04 -26.08
N LYS F 48 98.03 7.16 -26.63
CA LYS F 48 98.19 8.46 -25.97
C LYS F 48 96.83 8.93 -25.49
N LEU F 49 96.75 9.41 -24.26
CA LEU F 49 95.48 9.89 -23.76
C LEU F 49 95.09 11.15 -24.52
N LEU F 50 93.82 11.24 -24.88
CA LEU F 50 93.31 12.42 -25.54
C LEU F 50 92.36 13.14 -24.61
N ILE F 51 91.39 12.37 -24.08
CA ILE F 51 90.30 12.98 -23.33
C ILE F 51 90.05 12.19 -22.05
N TYR F 52 89.78 12.87 -20.94
CA TYR F 52 89.44 12.15 -19.72
C TYR F 52 88.16 12.77 -19.17
N SER F 53 87.47 12.05 -18.30
CA SER F 53 86.21 12.52 -17.72
C SER F 53 85.23 12.98 -18.79
N ALA F 54 85.21 12.24 -19.90
CA ALA F 54 84.30 12.45 -21.04
C ALA F 54 84.58 13.70 -21.87
N SER F 55 84.91 14.82 -21.24
CA SER F 55 85.02 16.08 -21.98
C SER F 55 86.24 16.94 -21.64
N SER F 56 87.06 16.50 -20.69
CA SER F 56 88.28 17.24 -20.37
C SER F 56 89.36 16.94 -21.40
N LEU F 57 90.00 17.99 -21.91
CA LEU F 57 91.12 17.83 -22.83
C LEU F 57 92.44 17.63 -22.09
N TYR F 58 93.07 16.49 -22.33
CA TYR F 58 94.35 16.14 -21.72
C TYR F 58 95.47 17.08 -22.20
N SER F 59 96.41 17.35 -21.30
CA SER F 59 97.44 18.36 -21.50
C SER F 59 98.28 18.21 -22.76
N GLY F 60 98.33 19.26 -23.57
CA GLY F 60 99.15 19.28 -24.77
C GLY F 60 98.43 18.90 -26.05
N VAL F 61 97.33 18.16 -25.89
CA VAL F 61 96.52 17.72 -27.03
C VAL F 61 95.86 18.88 -27.77
N PRO F 62 96.01 18.91 -29.10
CA PRO F 62 95.41 19.90 -30.01
C PRO F 62 93.91 20.08 -29.77
N SER F 63 93.43 21.32 -29.90
CA SER F 63 92.06 21.66 -29.56
C SER F 63 91.04 21.17 -30.58
N ARG F 64 91.50 20.64 -31.70
CA ARG F 64 90.60 20.06 -32.69
C ARG F 64 89.96 18.77 -32.16
N PHE F 65 90.57 18.19 -31.12
CA PHE F 65 90.00 17.01 -30.47
C PHE F 65 89.09 17.50 -29.36
N SER F 66 87.86 16.99 -29.32
CA SER F 66 86.99 17.25 -28.18
C SER F 66 86.09 16.06 -27.85
N GLY F 67 85.61 16.00 -26.61
CA GLY F 67 84.77 14.91 -26.17
C GLY F 67 83.46 15.46 -25.63
N SER F 68 82.38 14.69 -25.80
CA SER F 68 81.09 15.07 -25.25
C SER F 68 80.24 13.86 -24.89
N ARG F 69 79.21 14.06 -24.08
CA ARG F 69 78.34 12.96 -23.67
C ARG F 69 76.87 13.34 -23.91
N SER F 70 76.08 12.36 -24.40
CA SER F 70 74.62 12.42 -24.40
C SER F 70 74.00 11.11 -23.88
N GLY F 71 73.69 11.08 -22.59
CA GLY F 71 73.22 9.89 -21.93
C GLY F 71 74.29 8.83 -21.80
N THR F 72 74.05 7.73 -22.49
CA THR F 72 75.00 6.62 -22.53
C THR F 72 75.79 6.67 -23.82
N ASP F 73 75.62 7.74 -24.61
CA ASP F 73 76.43 7.88 -25.81
C ASP F 73 77.59 8.87 -25.63
N PHE F 74 78.81 8.38 -25.82
CA PHE F 74 80.01 9.24 -25.77
C PHE F 74 80.58 9.55 -27.14
N THR F 75 80.96 10.80 -27.36
CA THR F 75 81.38 11.27 -28.67
C THR F 75 82.80 11.84 -28.62
N LEU F 76 83.67 11.30 -29.48
CA LEU F 76 84.92 11.97 -29.80
C LEU F 76 84.84 12.67 -31.16
N THR F 77 85.08 13.96 -31.17
CA THR F 77 85.02 14.75 -32.38
C THR F 77 86.38 15.33 -32.75
N ILE F 78 86.72 15.24 -34.03
CA ILE F 78 87.89 15.89 -34.57
C ILE F 78 87.37 16.95 -35.53
N SER F 79 87.55 18.22 -35.19
CA SER F 79 86.79 19.28 -35.84
C SER F 79 87.30 19.48 -37.26
N SER F 80 88.57 19.15 -37.48
CA SER F 80 89.21 19.38 -38.76
C SER F 80 90.34 18.38 -38.95
N LEU F 81 90.06 17.32 -39.70
CA LEU F 81 90.94 16.16 -39.73
C LEU F 81 92.26 16.51 -40.41
N GLN F 82 93.37 16.12 -39.79
CA GLN F 82 94.70 16.36 -40.35
C GLN F 82 95.30 15.03 -40.84
N PRO F 83 96.24 15.11 -41.80
CA PRO F 83 96.84 13.89 -42.34
C PRO F 83 97.67 13.07 -41.36
N GLU F 84 98.00 13.64 -40.20
CA GLU F 84 98.73 12.89 -39.19
C GLU F 84 97.77 12.24 -38.19
N ASP F 85 96.47 12.34 -38.45
CA ASP F 85 95.47 11.87 -37.50
C ASP F 85 95.00 10.44 -37.74
N PHE F 86 95.54 9.77 -38.76
CA PHE F 86 95.16 8.39 -39.02
C PHE F 86 95.62 7.52 -37.86
N ALA F 87 94.71 6.70 -37.32
CA ALA F 87 95.05 5.88 -36.15
C ALA F 87 93.89 5.01 -35.75
N THR F 88 94.06 4.18 -34.72
CA THR F 88 92.91 3.60 -34.05
C THR F 88 92.59 4.38 -32.77
N TYR F 89 91.35 4.82 -32.63
CA TYR F 89 90.91 5.54 -31.46
C TYR F 89 90.09 4.62 -30.56
N TYR F 90 90.34 4.71 -29.26
CA TYR F 90 89.66 3.85 -28.28
C TYR F 90 88.94 4.64 -27.19
N CYS F 91 87.70 4.25 -26.88
CA CYS F 91 87.06 4.76 -25.67
C CYS F 91 87.38 3.78 -24.54
N GLN F 92 87.23 4.23 -23.30
CA GLN F 92 87.58 3.45 -22.13
C GLN F 92 86.74 3.88 -20.93
N GLN F 93 86.26 2.93 -20.14
CA GLN F 93 85.49 3.29 -18.94
C GLN F 93 86.27 2.95 -17.68
N ILE F 99 88.33 -2.18 -15.63
CA ILE F 99 88.36 -1.28 -16.77
C ILE F 99 88.16 -2.04 -18.07
N THR F 100 87.30 -1.52 -18.94
CA THR F 100 87.16 -2.04 -20.29
C THR F 100 87.33 -1.00 -21.41
N PHE F 101 87.92 -1.43 -22.51
CA PHE F 101 88.11 -0.58 -23.68
C PHE F 101 87.08 -0.85 -24.77
N GLY F 102 86.92 0.10 -25.68
CA GLY F 102 86.12 -0.12 -26.88
C GLY F 102 86.87 -1.05 -27.81
N GLN F 103 86.18 -1.56 -28.83
CA GLN F 103 86.83 -2.43 -29.82
C GLN F 103 87.77 -1.65 -30.74
N GLY F 104 87.55 -0.36 -30.86
CA GLY F 104 88.45 0.51 -31.60
C GLY F 104 88.04 0.93 -33.00
N THR F 105 87.86 2.25 -33.12
CA THR F 105 87.55 2.96 -34.36
C THR F 105 88.82 3.21 -35.16
N LYS F 106 88.88 2.73 -36.40
CA LYS F 106 90.09 2.92 -37.18
C LYS F 106 89.75 3.98 -38.19
N VAL F 107 90.55 5.06 -38.15
CA VAL F 107 90.45 6.04 -39.20
C VAL F 107 91.71 6.06 -40.04
N GLU F 108 91.49 6.55 -41.24
CA GLU F 108 92.48 6.80 -42.27
C GLU F 108 92.05 8.00 -43.10
N ILE F 109 92.92 8.41 -44.01
CA ILE F 109 92.62 9.60 -44.79
C ILE F 109 92.05 9.26 -46.16
N LYS F 110 90.73 9.03 -46.17
CA LYS F 110 89.91 8.80 -47.37
C LYS F 110 90.39 9.41 -48.68
N ARG F 111 90.35 8.59 -49.72
CA ARG F 111 90.73 9.01 -51.07
C ARG F 111 89.82 8.31 -52.06
N THR F 112 90.03 8.57 -53.34
CA THR F 112 89.21 8.01 -54.40
C THR F 112 89.41 6.51 -54.53
N VAL F 113 88.38 5.84 -55.06
CA VAL F 113 88.45 4.42 -55.34
C VAL F 113 89.64 4.21 -56.28
N ALA F 114 90.40 3.16 -56.05
CA ALA F 114 91.50 2.83 -56.95
C ALA F 114 91.45 1.34 -57.19
N ALA F 115 91.44 0.94 -58.45
CA ALA F 115 91.31 -0.45 -58.78
C ALA F 115 92.64 -1.14 -58.56
N PRO F 116 92.61 -2.42 -58.17
CA PRO F 116 93.86 -3.17 -57.99
C PRO F 116 94.45 -3.59 -59.32
N SER F 117 95.75 -3.87 -59.34
CA SER F 117 96.35 -4.63 -60.43
C SER F 117 96.51 -6.07 -59.96
N VAL F 118 96.16 -7.03 -60.79
CA VAL F 118 96.13 -8.41 -60.32
C VAL F 118 97.16 -9.30 -61.00
N PHE F 119 97.82 -10.13 -60.19
CA PHE F 119 98.89 -10.99 -60.65
C PHE F 119 98.74 -12.37 -60.00
N ILE F 120 98.87 -13.43 -60.77
CA ILE F 120 98.90 -14.76 -60.16
C ILE F 120 100.30 -15.37 -60.31
N PHE F 121 100.71 -16.10 -59.28
CA PHE F 121 101.97 -16.83 -59.29
C PHE F 121 101.76 -18.30 -58.97
N PRO F 122 102.22 -19.19 -59.87
CA PRO F 122 102.22 -20.63 -59.65
C PRO F 122 103.25 -21.00 -58.57
N PRO F 123 103.15 -22.21 -58.01
CA PRO F 123 104.20 -22.66 -57.10
C PRO F 123 105.52 -22.80 -57.86
N SER F 124 106.64 -22.47 -57.23
CA SER F 124 107.93 -22.73 -57.85
C SER F 124 108.19 -24.24 -57.87
N ASP F 125 109.13 -24.64 -58.72
CA ASP F 125 109.59 -26.02 -58.77
C ASP F 125 110.16 -26.44 -57.42
N SER F 126 110.94 -25.54 -56.82
CA SER F 126 111.57 -25.79 -55.52
C SER F 126 110.56 -26.09 -54.41
N GLN F 127 109.40 -25.45 -54.46
CA GLN F 127 108.38 -25.71 -53.44
C GLN F 127 107.78 -27.11 -53.58
N LEU F 128 107.46 -27.50 -54.82
CA LEU F 128 106.82 -28.78 -55.14
C LEU F 128 107.81 -29.83 -54.69
N LYS F 129 109.07 -29.57 -55.02
CA LYS F 129 110.19 -30.33 -54.51
C LYS F 129 110.13 -30.81 -53.05
N SER F 130 109.30 -30.16 -52.24
CA SER F 130 109.13 -30.58 -50.85
C SER F 130 107.74 -31.10 -50.45
N GLY F 131 106.79 -31.21 -51.37
CA GLY F 131 105.56 -31.89 -51.01
C GLY F 131 104.33 -30.99 -50.92
N THR F 132 104.55 -29.69 -51.00
CA THR F 132 103.47 -28.72 -50.90
C THR F 132 103.48 -27.71 -52.05
N ALA F 133 102.31 -27.15 -52.32
CA ALA F 133 102.12 -26.20 -53.40
C ALA F 133 101.34 -24.96 -52.96
N SER F 134 101.99 -23.81 -53.02
CA SER F 134 101.35 -22.56 -52.66
C SER F 134 101.17 -21.72 -53.91
N VAL F 135 99.95 -21.27 -54.14
CA VAL F 135 99.61 -20.41 -55.26
C VAL F 135 99.26 -19.02 -54.74
N VAL F 136 99.80 -17.99 -55.37
CA VAL F 136 99.70 -16.66 -54.76
C VAL F 136 99.02 -15.66 -55.68
N CYS F 137 98.07 -14.91 -55.14
CA CYS F 137 97.37 -13.90 -55.92
C CYS F 137 97.69 -12.56 -55.26
N LEU F 138 98.25 -11.66 -56.06
CA LEU F 138 98.54 -10.30 -55.66
C LEU F 138 97.58 -9.26 -56.22
N LEU F 139 97.08 -8.43 -55.31
CA LEU F 139 96.26 -7.27 -55.66
C LEU F 139 97.04 -6.03 -55.27
N ASN F 140 97.44 -5.23 -56.24
CA ASN F 140 98.34 -4.12 -55.98
C ASN F 140 97.65 -2.76 -56.07
N ASN F 141 97.86 -1.95 -55.04
CA ASN F 141 97.61 -0.51 -55.06
C ASN F 141 96.15 -0.15 -55.30
N PHE F 142 95.27 -0.51 -54.36
CA PHE F 142 93.85 -0.27 -54.54
C PHE F 142 93.24 0.45 -53.34
N TYR F 143 92.03 0.97 -53.54
CA TYR F 143 91.26 1.59 -52.47
C TYR F 143 89.78 1.45 -52.85
N PRO F 144 88.89 1.31 -51.86
CA PRO F 144 89.12 0.98 -50.45
C PRO F 144 89.67 -0.40 -50.14
N ARG F 145 89.81 -0.67 -48.84
CA ARG F 145 90.47 -1.85 -48.33
C ARG F 145 89.69 -3.14 -48.61
N GLU F 146 88.37 -3.03 -48.71
CA GLU F 146 87.52 -4.19 -48.87
C GLU F 146 87.59 -4.77 -50.29
N ALA F 147 88.53 -5.69 -50.49
CA ALA F 147 88.63 -6.43 -51.73
C ALA F 147 88.25 -7.88 -51.46
N LYS F 148 87.70 -8.57 -52.45
CA LYS F 148 87.30 -9.96 -52.24
C LYS F 148 88.01 -10.88 -53.22
N VAL F 149 88.73 -11.84 -52.67
CA VAL F 149 89.44 -12.83 -53.47
C VAL F 149 88.67 -14.15 -53.44
N GLN F 150 88.51 -14.78 -54.60
CA GLN F 150 87.84 -16.07 -54.69
C GLN F 150 88.73 -16.99 -55.50
N TRP F 151 89.24 -18.03 -54.86
CA TRP F 151 90.03 -19.03 -55.57
C TRP F 151 89.14 -20.04 -56.29
N LYS F 152 89.52 -20.39 -57.51
CA LYS F 152 88.85 -21.45 -58.23
C LYS F 152 89.86 -22.45 -58.80
N VAL F 153 89.55 -23.73 -58.63
CA VAL F 153 90.42 -24.79 -59.13
C VAL F 153 89.58 -25.64 -60.06
N ASP F 154 89.92 -25.65 -61.35
CA ASP F 154 89.06 -26.23 -62.38
C ASP F 154 87.61 -25.75 -62.21
N ASN F 155 87.47 -24.45 -61.94
CA ASN F 155 86.20 -23.72 -61.77
C ASN F 155 85.47 -23.98 -60.43
N ALA F 156 85.83 -25.07 -59.76
CA ALA F 156 85.32 -25.43 -58.44
C ALA F 156 85.66 -24.33 -57.45
N LEU F 157 84.81 -24.08 -56.45
CA LEU F 157 85.08 -22.97 -55.55
C LEU F 157 85.86 -23.54 -54.37
N GLN F 158 86.77 -22.74 -53.83
CA GLN F 158 87.54 -23.14 -52.65
C GLN F 158 87.12 -22.45 -51.37
N SER F 159 87.30 -23.15 -50.26
CA SER F 159 87.01 -22.60 -48.94
C SER F 159 87.84 -23.30 -47.86
N GLY F 160 88.42 -22.50 -46.97
CA GLY F 160 89.15 -23.05 -45.83
C GLY F 160 90.61 -23.35 -46.07
N ASN F 161 91.05 -23.24 -47.33
CA ASN F 161 92.43 -23.60 -47.67
C ASN F 161 93.22 -22.42 -48.21
N SER F 162 92.79 -21.21 -47.86
CA SER F 162 93.51 -20.00 -48.26
C SER F 162 93.63 -19.00 -47.12
N GLN F 163 94.63 -18.14 -47.19
CA GLN F 163 94.79 -17.07 -46.20
C GLN F 163 95.22 -15.80 -46.90
N GLU F 164 94.97 -14.64 -46.29
CA GLU F 164 95.40 -13.40 -46.92
C GLU F 164 95.91 -12.38 -45.91
N SER F 165 96.71 -11.43 -46.38
CA SER F 165 97.06 -10.28 -45.56
C SER F 165 97.18 -9.01 -46.38
N VAL F 166 97.13 -7.87 -45.70
CA VAL F 166 97.04 -6.57 -46.37
C VAL F 166 98.13 -5.63 -45.83
N THR F 167 98.73 -4.83 -46.70
CA THR F 167 99.70 -3.83 -46.26
C THR F 167 99.02 -2.69 -45.50
N GLU F 168 99.82 -1.90 -44.80
CA GLU F 168 99.33 -0.65 -44.25
C GLU F 168 99.16 0.32 -45.40
N GLN F 169 98.34 1.35 -45.19
CA GLN F 169 98.15 2.38 -46.21
C GLN F 169 99.46 3.03 -46.62
N ASP F 170 99.65 3.16 -47.93
CA ASP F 170 100.78 3.87 -48.50
C ASP F 170 100.82 5.33 -48.05
N SER F 171 102.01 5.82 -47.71
CA SER F 171 102.14 7.13 -47.08
C SER F 171 101.94 8.25 -48.10
N LYS F 172 102.06 7.92 -49.39
CA LYS F 172 101.92 8.94 -50.43
C LYS F 172 100.60 8.88 -51.21
N ASP F 173 100.20 7.71 -51.70
CA ASP F 173 98.97 7.63 -52.49
C ASP F 173 97.81 6.97 -51.75
N SER F 174 98.05 6.59 -50.50
CA SER F 174 97.01 6.08 -49.61
C SER F 174 96.28 4.82 -50.10
N THR F 175 96.99 3.97 -50.85
CA THR F 175 96.38 2.74 -51.35
C THR F 175 96.76 1.55 -50.47
N TYR F 176 96.05 0.43 -50.66
CA TYR F 176 96.41 -0.82 -50.02
C TYR F 176 96.91 -1.82 -51.05
N SER F 177 97.68 -2.81 -50.60
CA SER F 177 97.87 -4.02 -51.40
C SER F 177 97.50 -5.25 -50.58
N LEU F 178 97.20 -6.34 -51.27
CA LEU F 178 96.70 -7.55 -50.63
C LEU F 178 97.35 -8.79 -51.24
N SER F 179 97.76 -9.73 -50.40
CA SER F 179 98.29 -10.98 -50.91
C SER F 179 97.43 -12.13 -50.39
N SER F 180 97.13 -13.07 -51.28
CA SER F 180 96.40 -14.28 -50.90
C SER F 180 97.13 -15.56 -51.29
N THR F 181 97.21 -16.49 -50.35
CA THR F 181 97.89 -17.76 -50.59
C THR F 181 96.92 -18.93 -50.50
N LEU F 182 96.79 -19.66 -51.59
CA LEU F 182 96.06 -20.92 -51.63
C LEU F 182 97.05 -22.06 -51.42
N THR F 183 96.84 -22.88 -50.40
CA THR F 183 97.78 -23.96 -50.10
C THR F 183 97.19 -25.35 -50.34
N LEU F 184 97.92 -26.17 -51.09
CA LEU F 184 97.49 -27.54 -51.36
C LEU F 184 98.67 -28.51 -51.20
N SER F 185 98.35 -29.81 -51.12
CA SER F 185 99.39 -30.82 -51.16
C SER F 185 99.90 -30.86 -52.60
N LYS F 186 101.12 -31.32 -52.82
CA LYS F 186 101.60 -31.55 -54.18
C LYS F 186 100.65 -32.47 -54.96
N ALA F 187 100.12 -33.48 -54.29
CA ALA F 187 99.26 -34.48 -54.93
C ALA F 187 97.95 -33.86 -55.42
N ASP F 188 97.33 -33.07 -54.55
CA ASP F 188 96.11 -32.36 -54.90
C ASP F 188 96.41 -31.34 -55.98
N TYR F 189 97.52 -30.62 -55.85
CA TYR F 189 97.91 -29.69 -56.91
C TYR F 189 98.00 -30.37 -58.28
N GLU F 190 98.57 -31.57 -58.28
CA GLU F 190 98.76 -32.32 -59.51
C GLU F 190 97.48 -32.99 -60.02
N LYS F 191 96.45 -33.03 -59.18
CA LYS F 191 95.16 -33.57 -59.64
C LYS F 191 94.35 -32.60 -60.48
N HIS F 192 94.83 -31.36 -60.64
CA HIS F 192 94.03 -30.35 -61.32
C HIS F 192 94.80 -29.54 -62.36
N LYS F 193 94.05 -28.85 -63.21
CA LYS F 193 94.62 -28.14 -64.36
C LYS F 193 94.59 -26.62 -64.22
N VAL F 194 93.39 -26.05 -64.15
CA VAL F 194 93.24 -24.60 -64.20
C VAL F 194 93.17 -23.96 -62.82
N TYR F 195 94.14 -23.11 -62.52
CA TYR F 195 94.19 -22.43 -61.23
C TYR F 195 93.88 -20.96 -61.45
N ALA F 196 92.91 -20.42 -60.72
CA ALA F 196 92.46 -19.07 -60.98
C ALA F 196 92.09 -18.28 -59.73
N CYS F 197 92.42 -16.99 -59.74
CA CYS F 197 92.06 -16.11 -58.63
C CYS F 197 91.19 -15.00 -59.22
N GLU F 198 90.01 -14.84 -58.62
CA GLU F 198 88.99 -13.90 -59.06
C GLU F 198 88.81 -12.78 -58.04
N VAL F 199 88.96 -11.54 -58.50
CA VAL F 199 88.97 -10.38 -57.63
C VAL F 199 87.77 -9.48 -57.86
N THR F 200 87.08 -9.16 -56.77
CA THR F 200 85.90 -8.30 -56.82
C THR F 200 86.21 -7.09 -55.96
N HIS F 201 85.94 -5.90 -56.50
CA HIS F 201 86.30 -4.66 -55.82
C HIS F 201 85.52 -3.52 -56.44
N GLN F 202 85.29 -2.46 -55.66
CA GLN F 202 84.55 -1.30 -56.12
C GLN F 202 85.13 -0.69 -57.40
N GLY F 203 86.45 -0.71 -57.53
CA GLY F 203 87.08 -0.01 -58.63
C GLY F 203 86.97 -0.81 -59.91
N LEU F 204 86.55 -2.07 -59.76
CA LEU F 204 86.47 -2.96 -60.90
C LEU F 204 85.03 -3.04 -61.34
N SER F 205 84.79 -2.79 -62.62
CA SER F 205 83.42 -2.70 -63.11
C SER F 205 82.80 -4.09 -63.21
N SER F 206 83.68 -5.10 -63.32
CA SER F 206 83.29 -6.50 -63.19
C SER F 206 84.46 -7.28 -62.63
N PRO F 207 84.22 -8.50 -62.10
CA PRO F 207 85.31 -9.20 -61.40
C PRO F 207 86.45 -9.55 -62.36
N VAL F 208 87.69 -9.52 -61.87
CA VAL F 208 88.85 -9.85 -62.70
C VAL F 208 89.41 -11.22 -62.39
N THR F 209 89.68 -12.02 -63.42
CA THR F 209 90.24 -13.33 -63.15
C THR F 209 91.62 -13.47 -63.78
N LYS F 210 92.59 -13.85 -62.97
CA LYS F 210 93.89 -14.25 -63.52
C LYS F 210 94.04 -15.73 -63.29
N SER F 211 94.63 -16.43 -64.25
CA SER F 211 94.73 -17.87 -64.14
C SER F 211 95.95 -18.42 -64.86
N PHE F 212 96.40 -19.59 -64.43
CA PHE F 212 97.33 -20.37 -65.23
C PHE F 212 96.85 -21.81 -65.37
N ASN F 213 97.41 -22.51 -66.35
CA ASN F 213 97.26 -23.96 -66.46
C ASN F 213 98.52 -24.63 -65.93
N ARG F 214 98.35 -25.59 -65.03
CA ARG F 214 99.50 -26.26 -64.42
C ARG F 214 100.47 -26.87 -65.44
N GLY F 215 101.75 -26.54 -65.30
CA GLY F 215 102.82 -27.18 -66.04
C GLY F 215 102.99 -26.75 -67.50
N GLU F 216 102.59 -25.53 -67.83
CA GLU F 216 102.56 -25.11 -69.24
C GLU F 216 103.63 -24.12 -69.74
N CYS F 217 104.08 -23.23 -68.85
CA CYS F 217 105.08 -22.13 -69.03
C CYS F 217 104.56 -20.82 -68.48
N VAL G 28 110.52 11.78 -17.06
CA VAL G 28 109.37 10.89 -16.89
C VAL G 28 109.46 9.69 -17.81
N GLN G 29 109.41 8.48 -17.24
CA GLN G 29 109.56 7.29 -18.08
C GLN G 29 109.35 5.94 -17.38
N LEU G 30 108.55 5.09 -18.02
CA LEU G 30 108.33 3.76 -17.46
C LEU G 30 109.31 2.95 -18.31
N VAL G 31 109.86 1.88 -17.73
CA VAL G 31 110.70 0.88 -18.44
C VAL G 31 110.24 -0.58 -18.24
N GLU G 32 110.00 -1.32 -19.34
CA GLU G 32 109.53 -2.70 -19.19
C GLU G 32 110.47 -3.78 -19.72
N SER G 33 111.02 -4.53 -18.77
CA SER G 33 111.90 -5.66 -19.08
C SER G 33 111.37 -7.00 -18.63
N GLY G 34 111.69 -8.07 -19.36
CA GLY G 34 111.47 -9.42 -18.87
C GLY G 34 110.47 -10.31 -19.61
N GLY G 35 110.05 -9.90 -20.81
CA GLY G 35 109.21 -10.76 -21.63
C GLY G 35 110.04 -11.65 -22.55
N GLY G 36 109.54 -11.92 -23.75
CA GLY G 36 110.24 -12.79 -24.67
C GLY G 36 109.48 -14.03 -25.09
N LEU G 37 110.21 -15.13 -25.30
CA LEU G 37 109.59 -16.42 -25.58
C LEU G 37 109.51 -17.35 -24.36
N VAL G 38 108.35 -17.98 -24.17
CA VAL G 38 108.13 -18.84 -23.01
C VAL G 38 107.26 -20.03 -23.41
N GLN G 39 107.72 -21.24 -23.07
CA GLN G 39 106.91 -22.44 -23.17
C GLN G 39 105.59 -22.33 -22.41
N PRO G 40 104.52 -22.92 -22.97
CA PRO G 40 103.21 -22.85 -22.31
C PRO G 40 103.21 -23.60 -20.98
N GLY G 41 102.36 -23.15 -20.06
CA GLY G 41 102.43 -23.61 -18.68
C GLY G 41 103.58 -23.00 -17.90
N GLY G 42 104.50 -22.34 -18.62
CA GLY G 42 105.65 -21.72 -18.01
C GLY G 42 105.39 -20.40 -17.31
N SER G 43 106.47 -19.69 -16.96
CA SER G 43 106.37 -18.51 -16.11
C SER G 43 107.31 -17.40 -16.52
N LEU G 44 106.90 -16.15 -16.28
CA LEU G 44 107.72 -14.97 -16.58
C LEU G 44 107.44 -13.87 -15.56
N ARG G 45 108.47 -13.17 -15.10
CA ARG G 45 108.24 -11.98 -14.29
C ARG G 45 108.55 -10.72 -15.10
N LEU G 46 107.54 -9.89 -15.33
CA LEU G 46 107.77 -8.59 -15.94
C LEU G 46 108.06 -7.48 -14.94
N SER G 47 109.07 -6.67 -15.25
CA SER G 47 109.37 -5.49 -14.46
C SER G 47 108.96 -4.23 -15.21
N CYS G 48 108.54 -3.23 -14.43
CA CYS G 48 108.29 -1.87 -14.89
C CYS G 48 108.97 -0.89 -13.92
N ALA G 49 110.15 -0.40 -14.31
CA ALA G 49 110.91 0.57 -13.54
C ALA G 49 110.45 1.99 -13.87
N ALA G 50 109.99 2.71 -12.86
CA ALA G 50 109.40 4.03 -13.05
C ALA G 50 110.37 5.15 -12.74
N SER G 51 110.15 6.31 -13.34
CA SER G 51 110.79 7.53 -12.85
C SER G 51 110.11 8.81 -13.34
N GLY G 52 110.45 9.90 -12.69
CA GLY G 52 109.90 11.22 -12.96
C GLY G 52 108.47 11.46 -12.48
N PHE G 53 107.98 10.64 -11.56
CA PHE G 53 106.73 10.96 -10.86
C PHE G 53 106.69 10.34 -9.47
N ASN G 54 105.68 10.70 -8.69
CA ASN G 54 105.49 10.16 -7.35
C ASN G 54 104.97 8.73 -7.41
N PHE G 55 105.88 7.77 -7.34
CA PHE G 55 105.52 6.36 -7.47
C PHE G 55 104.62 5.93 -6.31
N SER G 56 104.96 6.40 -5.11
CA SER G 56 104.29 5.97 -3.88
C SER G 56 102.80 6.32 -3.75
N SER G 57 102.32 7.30 -4.51
CA SER G 57 100.87 7.59 -4.52
C SER G 57 100.17 7.30 -5.85
N SER G 58 100.91 6.71 -6.79
CA SER G 58 100.34 6.37 -8.09
C SER G 58 99.72 4.97 -8.08
N SER G 59 99.01 4.66 -9.15
CA SER G 59 98.51 3.30 -9.35
C SER G 59 99.21 2.76 -10.58
N ILE G 60 99.70 1.52 -10.50
CA ILE G 60 100.29 0.88 -11.67
C ILE G 60 99.35 -0.14 -12.27
N HIS G 61 99.11 0.02 -13.57
CA HIS G 61 98.26 -0.88 -14.32
C HIS G 61 99.07 -1.65 -15.36
N TRP G 62 98.63 -2.86 -15.66
CA TRP G 62 99.19 -3.61 -16.78
C TRP G 62 98.12 -3.82 -17.82
N VAL G 63 98.42 -3.43 -19.05
CA VAL G 63 97.44 -3.50 -20.12
C VAL G 63 98.03 -4.27 -21.29
N ARG G 64 97.29 -5.23 -21.83
CA ARG G 64 97.86 -5.99 -22.93
C ARG G 64 97.10 -5.91 -24.25
N GLN G 65 97.84 -6.17 -25.31
CA GLN G 65 97.31 -6.11 -26.67
C GLN G 65 97.73 -7.31 -27.49
N ALA G 66 96.77 -8.18 -27.81
CA ALA G 66 97.07 -9.37 -28.59
C ALA G 66 97.17 -8.96 -30.04
N PRO G 67 98.05 -9.64 -30.82
CA PRO G 67 98.24 -9.36 -32.25
C PRO G 67 96.94 -9.02 -32.97
N GLY G 68 96.85 -7.83 -33.53
CA GLY G 68 95.66 -7.42 -34.26
C GLY G 68 94.39 -7.21 -33.46
N LYS G 69 94.48 -7.19 -32.13
CA LYS G 69 93.29 -7.01 -31.30
C LYS G 69 93.37 -5.72 -30.50
N GLY G 70 92.32 -5.44 -29.72
CA GLY G 70 92.28 -4.24 -28.89
C GLY G 70 93.00 -4.35 -27.55
N LEU G 71 92.85 -3.32 -26.73
CA LEU G 71 93.52 -3.27 -25.44
C LEU G 71 92.73 -4.02 -24.38
N GLU G 72 93.43 -4.81 -23.57
CA GLU G 72 92.80 -5.51 -22.45
C GLU G 72 93.45 -5.20 -21.11
N TRP G 73 92.72 -4.54 -20.22
CA TRP G 73 93.25 -4.28 -18.89
C TRP G 73 93.22 -5.59 -18.12
N VAL G 74 94.37 -5.99 -17.56
CA VAL G 74 94.43 -7.21 -16.76
C VAL G 74 94.55 -7.04 -15.25
N ALA G 75 95.26 -6.00 -14.81
CA ALA G 75 95.55 -5.85 -13.38
C ALA G 75 95.97 -4.44 -13.00
N SER G 76 95.77 -4.10 -11.73
CA SER G 76 96.35 -2.88 -11.18
C SER G 76 96.71 -3.02 -9.70
N ILE G 77 97.64 -2.18 -9.26
CA ILE G 77 98.00 -2.09 -7.86
C ILE G 77 98.12 -0.64 -7.40
N SER G 78 97.55 -0.36 -6.23
CA SER G 78 97.76 0.91 -5.57
C SER G 78 99.07 0.83 -4.78
N SER G 79 100.09 1.55 -5.23
CA SER G 79 101.30 1.74 -4.43
C SER G 79 100.91 2.14 -3.02
N TYR G 80 99.97 3.08 -2.97
CA TYR G 80 99.58 3.81 -1.78
C TYR G 80 98.97 2.96 -0.65
N TYR G 81 98.53 1.76 -0.99
CA TYR G 81 97.90 0.89 0.00
C TYR G 81 98.10 -0.57 -0.36
N GLY G 82 98.81 -0.83 -1.46
CA GLY G 82 99.08 -2.19 -1.86
C GLY G 82 97.91 -2.85 -2.57
N TYR G 83 96.75 -2.19 -2.57
CA TYR G 83 95.52 -2.79 -3.09
C TYR G 83 95.67 -3.25 -4.53
N THR G 84 95.38 -4.52 -4.78
CA THR G 84 95.53 -5.07 -6.12
C THR G 84 94.22 -5.63 -6.65
N SER G 85 94.06 -5.63 -7.97
CA SER G 85 92.91 -6.29 -8.58
C SER G 85 93.21 -6.78 -9.99
N TYR G 86 92.37 -7.69 -10.48
CA TYR G 86 92.69 -8.50 -11.64
C TYR G 86 91.49 -8.69 -12.57
N ALA G 87 91.73 -8.71 -13.88
CA ALA G 87 90.70 -9.15 -14.83
C ALA G 87 90.42 -10.64 -14.63
N ASP G 88 89.16 -11.04 -14.81
CA ASP G 88 88.77 -12.45 -14.74
C ASP G 88 89.63 -13.42 -15.56
N SER G 89 90.16 -12.94 -16.68
CA SER G 89 90.89 -13.80 -17.61
C SER G 89 92.26 -14.25 -17.10
N VAL G 90 92.76 -13.57 -16.06
CA VAL G 90 94.10 -13.86 -15.55
C VAL G 90 94.10 -14.19 -14.06
N LYS G 91 92.93 -14.12 -13.43
CA LYS G 91 92.85 -14.27 -11.98
C LYS G 91 93.30 -15.66 -11.57
N GLY G 92 94.17 -15.71 -10.56
CA GLY G 92 94.64 -16.97 -10.02
C GLY G 92 95.94 -17.43 -10.66
N ARG G 93 96.28 -16.82 -11.81
CA ARG G 93 97.55 -17.14 -12.46
C ARG G 93 98.54 -15.97 -12.43
N PHE G 94 98.03 -14.74 -12.40
CA PHE G 94 98.90 -13.57 -12.42
C PHE G 94 98.94 -12.89 -11.04
N THR G 95 100.14 -12.54 -10.59
CA THR G 95 100.29 -11.71 -9.39
C THR G 95 100.98 -10.37 -9.64
N ILE G 96 100.27 -9.27 -9.37
CA ILE G 96 100.88 -7.95 -9.51
C ILE G 96 101.48 -7.53 -8.16
N SER G 97 102.71 -7.02 -8.16
CA SER G 97 103.29 -6.46 -6.93
C SER G 97 104.10 -5.19 -7.19
N ALA G 98 104.58 -4.56 -6.12
CA ALA G 98 105.30 -3.29 -6.28
C ALA G 98 106.25 -3.00 -5.13
N ASP G 99 107.43 -2.49 -5.48
CA ASP G 99 108.45 -2.12 -4.51
C ASP G 99 108.69 -0.62 -4.66
N THR G 100 108.05 0.14 -3.77
CA THR G 100 108.15 1.59 -3.72
C THR G 100 109.58 2.10 -3.52
N SER G 101 110.38 1.30 -2.82
CA SER G 101 111.76 1.70 -2.50
C SER G 101 112.72 1.63 -3.69
N LYS G 102 112.31 0.96 -4.76
CA LYS G 102 113.07 1.03 -6.01
C LYS G 102 112.21 1.52 -7.16
N ASN G 103 111.03 2.06 -6.83
CA ASN G 103 110.13 2.64 -7.83
C ASN G 103 109.85 1.63 -8.93
N THR G 104 109.66 0.37 -8.55
CA THR G 104 109.54 -0.69 -9.56
C THR G 104 108.32 -1.55 -9.31
N ALA G 105 107.57 -1.86 -10.35
CA ALA G 105 106.43 -2.76 -10.17
C ALA G 105 106.64 -4.03 -10.98
N TYR G 106 105.88 -5.07 -10.64
CA TYR G 106 106.09 -6.37 -11.20
C TYR G 106 104.78 -7.06 -11.56
N LEU G 107 104.87 -7.94 -12.55
CA LEU G 107 103.76 -8.82 -12.87
C LEU G 107 104.32 -10.23 -13.04
N GLN G 108 104.02 -11.09 -12.07
CA GLN G 108 104.45 -12.47 -12.14
C GLN G 108 103.38 -13.28 -12.85
N MET G 109 103.76 -13.91 -13.95
CA MET G 109 102.83 -14.62 -14.81
C MET G 109 103.12 -16.11 -14.78
N ASN G 110 102.20 -16.87 -14.21
CA ASN G 110 102.34 -18.32 -14.12
C ASN G 110 101.29 -19.03 -14.98
N SER G 111 101.55 -20.30 -15.28
CA SER G 111 100.64 -21.13 -16.08
C SER G 111 100.25 -20.44 -17.38
N LEU G 112 101.25 -19.94 -18.10
CA LEU G 112 101.02 -19.14 -19.29
C LEU G 112 100.40 -19.95 -20.43
N ARG G 113 99.53 -19.30 -21.19
CA ARG G 113 98.76 -19.94 -22.24
C ARG G 113 98.91 -19.20 -23.57
N ALA G 114 98.59 -19.88 -24.67
CA ALA G 114 98.61 -19.26 -26.00
C ALA G 114 97.75 -18.00 -25.99
N GLU G 115 96.61 -18.08 -25.30
CA GLU G 115 95.72 -16.95 -25.09
C GLU G 115 96.40 -15.77 -24.41
N ASP G 116 97.56 -16.01 -23.81
CA ASP G 116 98.31 -14.96 -23.13
C ASP G 116 99.41 -14.35 -23.96
N THR G 117 99.57 -14.78 -25.22
CA THR G 117 100.56 -14.10 -26.05
C THR G 117 100.06 -12.69 -26.05
N ALA G 118 100.94 -11.71 -26.25
CA ALA G 118 100.62 -10.36 -26.73
C ALA G 118 101.70 -9.40 -26.28
N VAL G 119 101.42 -8.12 -26.47
CA VAL G 119 102.35 -7.08 -26.06
C VAL G 119 101.82 -6.52 -24.74
N TYR G 120 102.61 -6.53 -23.67
CA TYR G 120 102.12 -5.87 -22.47
C TYR G 120 102.81 -4.57 -22.23
N TYR G 121 101.96 -3.58 -22.00
CA TYR G 121 102.26 -2.30 -21.39
C TYR G 121 102.11 -2.25 -19.87
N CYS G 122 102.56 -1.12 -19.33
CA CYS G 122 102.50 -0.82 -17.91
C CYS G 122 102.25 0.67 -18.03
N ALA G 123 101.21 1.09 -17.34
CA ALA G 123 100.74 2.46 -17.31
C ALA G 123 100.63 2.91 -15.87
N ARG G 124 100.72 4.20 -15.62
CA ARG G 124 100.27 4.68 -14.32
C ARG G 124 99.15 5.70 -14.36
N TYR G 125 98.34 5.64 -13.31
CA TYR G 125 97.27 6.60 -13.09
C TYR G 125 97.53 7.37 -11.80
N MET G 137 95.18 7.22 -17.75
CA MET G 137 96.48 6.57 -17.84
C MET G 137 97.47 7.42 -18.63
N ASP G 138 98.22 8.26 -17.94
CA ASP G 138 98.98 9.32 -18.57
C ASP G 138 100.34 8.84 -19.07
N TYR G 139 100.95 7.93 -18.32
CA TYR G 139 102.31 7.50 -18.61
C TYR G 139 102.40 6.04 -19.02
N TRP G 140 102.72 5.80 -20.28
CA TRP G 140 102.84 4.44 -20.83
C TRP G 140 104.20 3.85 -21.18
N GLY G 141 104.33 2.60 -20.74
CA GLY G 141 105.48 1.75 -20.95
C GLY G 141 105.65 1.61 -22.46
N GLN G 142 106.88 1.53 -22.95
CA GLN G 142 107.10 1.16 -24.34
C GLN G 142 106.67 -0.27 -24.68
N GLY G 143 106.33 -1.06 -23.67
CA GLY G 143 105.74 -2.36 -23.90
C GLY G 143 106.74 -3.44 -24.27
N THR G 144 106.46 -4.66 -23.82
CA THR G 144 107.32 -5.80 -24.13
C THR G 144 106.48 -6.97 -24.61
N LEU G 145 106.96 -7.68 -25.62
CA LEU G 145 106.16 -8.73 -26.24
C LEU G 145 106.42 -10.11 -25.66
N VAL G 146 105.33 -10.83 -25.43
CA VAL G 146 105.41 -12.13 -24.79
C VAL G 146 104.78 -13.09 -25.79
N THR G 147 105.59 -14.04 -26.21
CA THR G 147 105.20 -15.16 -27.05
C THR G 147 105.08 -16.44 -26.23
N VAL G 148 103.88 -17.01 -26.17
CA VAL G 148 103.76 -18.29 -25.51
C VAL G 148 103.53 -19.30 -26.62
N SER G 149 104.44 -20.28 -26.68
CA SER G 149 104.45 -21.34 -27.69
C SER G 149 105.71 -22.19 -27.53
N SER G 150 106.08 -22.86 -28.60
CA SER G 150 107.26 -23.72 -28.57
C SER G 150 108.08 -23.68 -29.85
N ALA G 151 108.62 -24.85 -30.20
CA ALA G 151 109.50 -25.09 -31.34
C ALA G 151 110.83 -24.33 -31.24
N SER G 152 111.85 -24.90 -31.89
CA SER G 152 113.17 -24.28 -32.06
C SER G 152 113.24 -23.06 -32.97
N THR G 153 114.47 -22.59 -33.16
CA THR G 153 114.75 -21.48 -34.06
C THR G 153 114.94 -22.11 -35.43
N LYS G 154 114.21 -21.63 -36.43
CA LYS G 154 114.44 -22.09 -37.79
C LYS G 154 114.70 -20.95 -38.77
N GLY G 155 115.75 -21.11 -39.58
CA GLY G 155 116.06 -20.14 -40.62
C GLY G 155 115.12 -20.32 -41.80
N PRO G 156 114.87 -19.24 -42.54
CA PRO G 156 113.91 -19.33 -43.65
C PRO G 156 114.51 -19.96 -44.90
N SER G 157 113.64 -20.48 -45.77
CA SER G 157 114.00 -20.69 -47.17
C SER G 157 113.50 -19.52 -48.00
N VAL G 158 114.19 -19.24 -49.10
CA VAL G 158 113.88 -18.06 -49.90
C VAL G 158 113.66 -18.51 -51.33
N PHE G 159 112.44 -18.29 -51.83
CA PHE G 159 112.12 -18.65 -53.20
C PHE G 159 111.79 -17.41 -54.04
N PRO G 160 112.14 -17.45 -55.34
CA PRO G 160 111.78 -16.33 -56.21
C PRO G 160 110.29 -16.28 -56.56
N LEU G 161 109.74 -15.07 -56.59
CA LEU G 161 108.46 -14.84 -57.24
C LEU G 161 108.77 -14.16 -58.57
N ALA G 162 108.80 -14.96 -59.63
CA ALA G 162 109.31 -14.50 -60.92
C ALA G 162 108.29 -13.69 -61.71
N PRO G 163 108.76 -12.63 -62.38
CA PRO G 163 107.93 -11.75 -63.21
C PRO G 163 107.29 -12.51 -64.37
N SER G 164 105.99 -12.35 -64.54
CA SER G 164 105.24 -13.08 -65.56
C SER G 164 105.87 -12.87 -66.94
N SER G 165 105.98 -13.96 -67.71
CA SER G 165 106.41 -13.86 -69.10
C SER G 165 105.42 -13.05 -69.94
N LYS G 166 104.20 -12.91 -69.43
CA LYS G 166 103.17 -12.12 -70.11
C LYS G 166 103.12 -10.66 -69.66
N SER G 167 104.13 -10.24 -68.90
CA SER G 167 104.24 -8.85 -68.46
C SER G 167 103.98 -7.89 -69.62
N THR G 168 103.13 -6.88 -69.36
CA THR G 168 102.66 -6.00 -70.42
C THR G 168 103.81 -5.23 -71.03
N SER G 169 103.86 -5.21 -72.36
CA SER G 169 104.88 -4.43 -73.06
C SER G 169 104.74 -2.96 -72.73
N GLY G 170 105.85 -2.33 -72.35
CA GLY G 170 105.80 -0.98 -71.85
C GLY G 170 104.98 -0.82 -70.58
N GLY G 171 104.68 -1.91 -69.89
CA GLY G 171 103.83 -1.74 -68.73
C GLY G 171 104.62 -1.98 -67.48
N THR G 172 103.94 -2.34 -66.41
CA THR G 172 104.65 -2.54 -65.17
C THR G 172 104.59 -4.02 -64.85
N ALA G 173 105.70 -4.54 -64.35
CA ALA G 173 105.75 -5.91 -63.91
C ALA G 173 105.94 -5.92 -62.41
N ALA G 174 105.49 -6.99 -61.79
CA ALA G 174 105.77 -7.24 -60.39
C ALA G 174 106.70 -8.42 -60.26
N LEU G 175 107.57 -8.37 -59.26
CA LEU G 175 108.44 -9.49 -58.95
C LEU G 175 108.64 -9.49 -57.45
N GLY G 176 109.21 -10.57 -56.92
CA GLY G 176 109.37 -10.64 -55.48
C GLY G 176 110.21 -11.78 -54.95
N CYS G 177 110.23 -11.89 -53.62
CA CYS G 177 110.72 -13.09 -52.96
C CYS G 177 109.79 -13.54 -51.84
N LEU G 178 109.66 -14.86 -51.73
CA LEU G 178 108.86 -15.50 -50.71
C LEU G 178 109.80 -16.07 -49.66
N VAL G 179 109.58 -15.68 -48.41
CA VAL G 179 110.47 -16.00 -47.31
C VAL G 179 109.70 -16.90 -46.36
N LYS G 180 109.91 -18.21 -46.55
CA LYS G 180 109.03 -19.23 -45.99
C LYS G 180 109.67 -20.04 -44.87
N ASP G 181 108.85 -20.34 -43.85
CA ASP G 181 109.15 -21.32 -42.82
C ASP G 181 110.32 -20.93 -41.90
N TYR G 182 110.16 -19.84 -41.16
CA TYR G 182 111.15 -19.44 -40.17
C TYR G 182 110.50 -19.27 -38.80
N PHE G 183 111.31 -19.30 -37.75
CA PHE G 183 110.85 -19.07 -36.39
C PHE G 183 112.05 -18.66 -35.54
N PRO G 184 111.79 -17.88 -34.47
CA PRO G 184 110.70 -16.93 -34.35
C PRO G 184 110.83 -15.74 -35.31
N GLU G 185 110.02 -14.70 -35.12
CA GLU G 185 110.24 -13.48 -35.90
C GLU G 185 111.55 -12.88 -35.41
N PRO G 186 112.10 -11.88 -36.10
CA PRO G 186 111.71 -11.01 -37.21
C PRO G 186 112.68 -11.20 -38.39
N VAL G 187 112.13 -11.04 -39.59
CA VAL G 187 112.90 -11.02 -40.83
C VAL G 187 112.81 -9.64 -41.47
N THR G 188 113.88 -9.26 -42.15
CA THR G 188 113.92 -8.00 -42.88
C THR G 188 114.32 -8.33 -44.31
N VAL G 189 113.61 -7.74 -45.26
CA VAL G 189 114.05 -7.78 -46.64
C VAL G 189 114.27 -6.44 -47.33
N SER G 190 115.43 -6.34 -47.98
CA SER G 190 115.75 -5.19 -48.80
C SER G 190 115.95 -5.62 -50.25
N TRP G 191 116.15 -4.64 -51.13
CA TRP G 191 116.36 -4.90 -52.56
C TRP G 191 117.55 -4.11 -53.05
N ASN G 192 118.47 -4.81 -53.71
CA ASN G 192 119.68 -4.22 -54.27
C ASN G 192 120.45 -3.48 -53.17
N SER G 193 120.51 -4.13 -52.01
CA SER G 193 121.22 -3.62 -50.84
C SER G 193 120.72 -2.26 -50.38
N GLY G 194 119.44 -1.99 -50.61
CA GLY G 194 118.81 -0.77 -50.13
C GLY G 194 118.75 0.36 -51.13
N ALA G 195 119.28 0.11 -52.33
CA ALA G 195 119.29 1.14 -53.37
C ALA G 195 117.95 1.20 -54.10
N LEU G 196 117.07 0.26 -53.80
CA LEU G 196 115.77 0.18 -54.46
C LEU G 196 114.69 0.15 -53.39
N THR G 197 114.10 1.32 -53.14
CA THR G 197 113.02 1.42 -52.16
C THR G 197 111.68 1.75 -52.80
N SER G 198 111.72 2.37 -53.97
CA SER G 198 110.50 2.81 -54.65
C SER G 198 109.73 1.64 -55.27
N GLY G 199 108.44 1.56 -54.96
CA GLY G 199 107.59 0.47 -55.41
C GLY G 199 107.72 -0.82 -54.62
N VAL G 200 108.53 -0.79 -53.57
CA VAL G 200 108.70 -1.93 -52.67
C VAL G 200 107.55 -2.06 -51.67
N HIS G 201 106.97 -3.25 -51.57
CA HIS G 201 106.13 -3.60 -50.44
C HIS G 201 106.55 -4.91 -49.78
N THR G 202 106.86 -4.83 -48.49
CA THR G 202 107.16 -6.02 -47.70
C THR G 202 105.97 -6.27 -46.76
N PHE G 203 105.34 -7.43 -46.91
CA PHE G 203 104.08 -7.72 -46.21
C PHE G 203 104.31 -8.21 -44.80
N PRO G 204 103.32 -8.00 -43.92
CA PRO G 204 103.31 -8.60 -42.58
C PRO G 204 103.37 -10.12 -42.63
N ALA G 205 104.08 -10.70 -41.67
CA ALA G 205 104.19 -12.15 -41.61
C ALA G 205 102.90 -12.78 -41.15
N VAL G 206 102.44 -13.75 -41.93
CA VAL G 206 101.41 -14.70 -41.54
C VAL G 206 102.09 -15.79 -40.74
N LEU G 207 101.36 -16.40 -39.81
CA LEU G 207 101.93 -17.60 -39.24
C LEU G 207 101.06 -18.72 -39.78
N GLN G 208 101.73 -19.84 -40.04
CA GLN G 208 101.09 -21.04 -40.54
C GLN G 208 100.59 -21.95 -39.44
N SER G 209 99.92 -23.03 -39.85
CA SER G 209 99.45 -24.02 -38.88
C SER G 209 100.65 -24.80 -38.39
N SER G 210 101.70 -24.86 -39.22
CA SER G 210 102.96 -25.50 -38.86
C SER G 210 103.59 -24.89 -37.62
N GLY G 211 103.35 -23.60 -37.40
CA GLY G 211 103.96 -22.89 -36.29
C GLY G 211 105.13 -22.07 -36.78
N LEU G 212 105.36 -22.11 -38.09
CA LEU G 212 106.41 -21.33 -38.73
C LEU G 212 105.81 -20.15 -39.49
N TYR G 213 106.56 -19.06 -39.58
CA TYR G 213 106.08 -17.87 -40.26
C TYR G 213 106.43 -17.89 -41.74
N SER G 214 105.64 -17.18 -42.54
CA SER G 214 105.98 -16.93 -43.94
C SER G 214 105.66 -15.47 -44.24
N LEU G 215 106.49 -14.85 -45.07
CA LEU G 215 106.15 -13.51 -45.57
C LEU G 215 106.57 -13.34 -47.02
N SER G 216 106.00 -12.34 -47.68
CA SER G 216 106.36 -12.05 -49.06
C SER G 216 106.85 -10.62 -49.15
N SER G 217 107.78 -10.37 -50.07
CA SER G 217 108.16 -9.01 -50.40
C SER G 217 108.22 -8.85 -51.91
N VAL G 218 107.69 -7.74 -52.39
CA VAL G 218 107.54 -7.54 -53.83
C VAL G 218 107.95 -6.13 -54.21
N VAL G 219 108.20 -5.94 -55.50
CA VAL G 219 108.47 -4.62 -56.03
C VAL G 219 107.99 -4.60 -57.47
N THR G 220 107.53 -3.43 -57.91
CA THR G 220 107.10 -3.26 -59.28
C THR G 220 108.17 -2.47 -60.02
N VAL G 221 108.44 -2.88 -61.26
CA VAL G 221 109.50 -2.31 -62.08
C VAL G 221 108.98 -2.18 -63.51
N PRO G 222 109.65 -1.39 -64.35
CA PRO G 222 109.13 -1.36 -65.71
C PRO G 222 109.38 -2.70 -66.40
N SER G 223 108.43 -3.14 -67.22
CA SER G 223 108.57 -4.38 -67.98
C SER G 223 109.82 -4.43 -68.87
N SER G 224 110.12 -3.32 -69.53
CA SER G 224 111.30 -3.23 -70.38
C SER G 224 112.63 -3.33 -69.64
N SER G 225 112.60 -3.27 -68.30
CA SER G 225 113.82 -3.44 -67.52
C SER G 225 114.07 -4.87 -67.05
N LEU G 226 113.19 -5.80 -67.40
CA LEU G 226 113.33 -7.18 -66.97
C LEU G 226 114.53 -7.87 -67.63
N GLY G 227 114.88 -7.41 -68.83
CA GLY G 227 115.98 -7.99 -69.55
C GLY G 227 117.28 -7.25 -69.35
N THR G 228 117.21 -6.02 -68.85
CA THR G 228 118.41 -5.18 -68.77
C THR G 228 118.95 -5.00 -67.36
N GLN G 229 118.12 -5.21 -66.34
CA GLN G 229 118.39 -4.68 -65.01
C GLN G 229 118.46 -5.84 -64.04
N THR G 230 119.15 -5.66 -62.92
CA THR G 230 119.32 -6.75 -61.95
C THR G 230 118.66 -6.49 -60.60
N TYR G 231 117.59 -7.22 -60.29
CA TYR G 231 117.01 -7.06 -58.96
C TYR G 231 117.46 -8.20 -58.08
N ILE G 232 117.93 -7.85 -56.89
CA ILE G 232 118.36 -8.79 -55.86
C ILE G 232 117.74 -8.61 -54.47
N CYS G 233 117.02 -9.59 -53.95
CA CYS G 233 116.33 -9.35 -52.70
C CYS G 233 117.26 -9.93 -51.65
N ASN G 234 117.60 -9.11 -50.65
CA ASN G 234 118.34 -9.61 -49.50
C ASN G 234 117.42 -9.93 -48.32
N VAL G 235 117.69 -11.07 -47.69
CA VAL G 235 116.87 -11.65 -46.63
C VAL G 235 117.62 -11.81 -45.31
N ASN G 236 117.24 -11.08 -44.27
CA ASN G 236 117.98 -11.11 -43.01
C ASN G 236 117.16 -11.69 -41.87
N HIS G 237 117.66 -12.80 -41.32
CA HIS G 237 117.08 -13.47 -40.15
C HIS G 237 118.19 -13.59 -39.11
N LYS G 238 118.27 -12.56 -38.27
CA LYS G 238 119.17 -12.52 -37.13
C LYS G 238 119.07 -13.64 -36.09
N PRO G 239 117.85 -14.12 -35.75
CA PRO G 239 117.83 -15.13 -34.68
C PRO G 239 118.52 -16.45 -35.05
N SER G 240 119.04 -16.53 -36.26
CA SER G 240 119.65 -17.75 -36.78
C SER G 240 120.67 -17.36 -37.82
N ASN G 241 121.29 -16.18 -37.58
CA ASN G 241 122.42 -15.65 -38.35
C ASN G 241 122.35 -16.20 -39.77
N THR G 242 121.19 -16.00 -40.39
CA THR G 242 121.02 -16.30 -41.79
C THR G 242 120.78 -15.10 -42.67
N LYS G 243 121.58 -15.02 -43.73
CA LYS G 243 121.36 -13.94 -44.67
C LYS G 243 121.32 -14.70 -45.98
N VAL G 244 120.35 -14.30 -46.78
CA VAL G 244 120.07 -14.71 -48.15
C VAL G 244 120.13 -13.68 -49.27
N ASP G 245 120.83 -13.94 -50.36
CA ASP G 245 120.86 -12.93 -51.39
C ASP G 245 120.41 -13.81 -52.53
N LYS G 246 119.21 -13.44 -53.01
CA LYS G 246 118.52 -14.07 -54.13
C LYS G 246 118.27 -13.16 -55.30
N LYS G 247 118.63 -13.58 -56.50
CA LYS G 247 118.40 -12.73 -57.64
C LYS G 247 117.23 -13.31 -58.43
N VAL G 248 116.21 -12.48 -58.53
CA VAL G 248 114.97 -12.81 -59.22
C VAL G 248 115.05 -12.39 -60.66
N GLU G 249 114.60 -13.29 -61.53
CA GLU G 249 114.56 -13.02 -62.96
C GLU G 249 113.44 -13.81 -63.60
N PRO G 250 113.26 -13.66 -64.92
CA PRO G 250 112.21 -14.35 -65.67
C PRO G 250 112.64 -15.79 -65.81
N LYS G 251 111.72 -16.74 -65.77
CA LYS G 251 112.14 -18.13 -65.92
C LYS G 251 112.23 -18.51 -67.39
N SER G 252 113.19 -19.38 -67.66
CA SER G 252 113.38 -19.99 -68.96
C SER G 252 112.57 -21.27 -69.18
N CYS G 253 111.99 -21.38 -70.38
CA CYS G 253 111.34 -22.61 -70.82
C CYS G 253 112.18 -23.28 -71.90
#